data_3IT8
#
_entry.id   3IT8
#
_cell.length_a   101.656
_cell.length_b   170.295
_cell.length_c   122.002
_cell.angle_alpha   90.00
_cell.angle_beta   92.04
_cell.angle_gamma   90.00
#
_symmetry.space_group_name_H-M   'P 1 21 1'
#
loop_
_entity.id
_entity.type
_entity.pdbx_description
1 polymer 'Tumor necrosis factor'
2 polymer '2L protein'
3 non-polymer 2-acetamido-2-deoxy-beta-D-glucopyranose
4 water water
#
loop_
_entity_poly.entity_id
_entity_poly.type
_entity_poly.pdbx_seq_one_letter_code
_entity_poly.pdbx_strand_id
1 'polypeptide(L)'
;MGSHHHHHHRTPSDKPVAHVVANPQAEGQLQWLNRRANALLANGVELRDNQLVVPSEGLYLIYSQVLFKGQGCPSTHVLL
THTISRIAVSYQTKVNLLSAIKSPCQRETPEGAEAKPWYEPIYLGGVFQLEKGDRLSAEINRPDYLLFAESGQVYFGIIA
L
;
A,B,C,G,H,I
2 'polypeptide(L)'
;ITLKYNYTVTLKDDGLYDGVFYDHYNDQLVTKISYNHETRHGNVNFRADWFNISRSPHTPGNDYNFNFWYSLMKETLEEI
NKNDSTKTTSLSLITGCYETGLLFGSYGYVETANGPLARYHTGDKRFTKMTHKGFPKVGMLTVKNTLWKDVKAYLGGFEY
MGCSLAILDYQKMAKGKIPKDTTPTVKVTGNELEDGNMTLECTVNSFYPPDVITKWIESEHFKGEYKYVNGRYYPEWGRK
SNYEPGEPGFPWNIKKDKDANTYSLTDLVRTTSKMSSQPVCVVFHDTLEAQVYTCSEGCNGELYDHLYRKTEEGEGGSHH
HHHH
;
D,E,F,J,K,L
#
# COMPACT_ATOMS: atom_id res chain seq x y z
N ARG A 10 -9.51 -2.29 -63.71
CA ARG A 10 -10.48 -2.94 -62.79
C ARG A 10 -10.65 -2.13 -61.49
N THR A 11 -11.89 -1.80 -61.15
CA THR A 11 -12.17 -1.03 -59.95
C THR A 11 -11.97 -1.87 -58.69
N PRO A 12 -10.94 -1.58 -57.88
CA PRO A 12 -10.80 -2.41 -56.69
C PRO A 12 -12.17 -2.50 -56.01
N SER A 13 -12.95 -1.41 -56.13
CA SER A 13 -14.31 -1.32 -55.59
C SER A 13 -14.81 0.11 -55.42
N ASP A 14 -13.91 1.01 -55.03
CA ASP A 14 -14.23 2.44 -54.78
C ASP A 14 -14.10 2.72 -53.26
N LYS A 15 -14.17 1.66 -52.46
CA LYS A 15 -14.08 1.75 -51.00
C LYS A 15 -12.67 1.95 -50.52
N PRO A 16 -12.45 2.88 -49.59
CA PRO A 16 -11.05 3.00 -49.13
C PRO A 16 -10.69 1.66 -48.48
N VAL A 17 -9.52 1.15 -48.82
CA VAL A 17 -9.08 -0.13 -48.28
C VAL A 17 -7.58 -0.22 -48.24
N ALA A 18 -7.07 -1.14 -47.42
CA ALA A 18 -5.64 -1.32 -47.32
C ALA A 18 -5.30 -2.59 -46.59
N HIS A 19 -4.33 -3.32 -47.12
CA HIS A 19 -3.86 -4.54 -46.50
C HIS A 19 -2.36 -4.46 -46.69
N VAL A 20 -1.66 -4.00 -45.67
CA VAL A 20 -0.22 -3.88 -45.76
C VAL A 20 0.43 -5.04 -45.04
N VAL A 21 1.64 -5.37 -45.46
CA VAL A 21 2.32 -6.50 -44.90
C VAL A 21 3.70 -6.07 -44.37
N ALA A 22 4.28 -6.87 -43.49
CA ALA A 22 5.58 -6.56 -42.91
C ALA A 22 6.76 -6.73 -43.86
N ASN A 23 7.70 -5.80 -43.79
CA ASN A 23 8.88 -5.82 -44.64
C ASN A 23 9.92 -6.74 -44.01
N PRO A 24 10.27 -7.85 -44.70
CA PRO A 24 11.26 -8.79 -44.16
C PRO A 24 12.68 -8.25 -44.25
N GLN A 25 12.89 -7.29 -45.14
CA GLN A 25 14.21 -6.70 -45.35
C GLN A 25 14.56 -5.67 -44.28
N ALA A 26 13.70 -5.51 -43.27
CA ALA A 26 13.95 -4.56 -42.20
C ALA A 26 14.02 -5.27 -40.86
N GLU A 27 15.00 -6.14 -40.71
CA GLU A 27 15.20 -6.90 -39.49
C GLU A 27 15.16 -6.03 -38.24
N GLY A 28 14.69 -6.63 -37.14
CA GLY A 28 14.62 -5.94 -35.88
C GLY A 28 13.46 -4.98 -35.70
N GLN A 29 12.73 -4.67 -36.76
CA GLN A 29 11.61 -3.74 -36.67
C GLN A 29 10.38 -4.19 -37.46
N LEU A 30 9.27 -3.51 -37.26
CA LEU A 30 8.03 -3.83 -37.95
C LEU A 30 7.62 -2.69 -38.86
N GLN A 31 8.05 -2.77 -40.11
CA GLN A 31 7.74 -1.74 -41.09
C GLN A 31 6.72 -2.26 -42.11
N TRP A 32 5.62 -1.53 -42.30
CA TRP A 32 4.58 -1.97 -43.23
C TRP A 32 4.78 -1.49 -44.66
N LEU A 33 4.53 -2.38 -45.62
CA LEU A 33 4.64 -2.01 -47.03
C LEU A 33 3.42 -2.47 -47.77
N ASN A 34 3.15 -1.84 -48.89
CA ASN A 34 2.02 -2.17 -49.72
C ASN A 34 2.48 -2.55 -51.13
N ARG A 35 3.79 -2.47 -51.37
CA ARG A 35 4.32 -2.79 -52.69
C ARG A 35 4.65 -4.26 -52.87
N ARG A 36 3.73 -5.14 -52.49
CA ARG A 36 3.96 -6.57 -52.63
C ARG A 36 2.80 -7.34 -53.26
N ALA A 37 3.07 -8.62 -53.50
CA ALA A 37 2.14 -9.55 -54.12
C ALA A 37 0.66 -9.25 -53.90
N ASN A 38 0.12 -9.74 -52.80
CA ASN A 38 -1.29 -9.53 -52.55
C ASN A 38 -1.56 -8.53 -51.43
N ALA A 39 -1.10 -7.30 -51.63
CA ALA A 39 -1.27 -6.24 -50.65
C ALA A 39 -2.15 -5.15 -51.26
N LEU A 40 -2.60 -4.22 -50.41
CA LEU A 40 -3.46 -3.15 -50.90
C LEU A 40 -3.27 -1.83 -50.19
N LEU A 41 -3.50 -0.75 -50.92
CA LEU A 41 -3.42 0.60 -50.40
C LEU A 41 -4.13 1.44 -51.44
N ALA A 42 -5.46 1.51 -51.36
CA ALA A 42 -6.20 2.25 -52.36
C ALA A 42 -7.35 3.12 -51.91
N ASN A 43 -7.87 3.87 -52.88
CA ASN A 43 -8.99 4.76 -52.69
C ASN A 43 -8.87 5.76 -51.57
N GLY A 44 -7.70 6.35 -51.42
CA GLY A 44 -7.57 7.37 -50.40
C GLY A 44 -6.76 7.07 -49.16
N VAL A 45 -6.77 5.83 -48.67
CA VAL A 45 -6.00 5.61 -47.45
C VAL A 45 -4.52 5.71 -47.77
N GLU A 46 -3.79 6.36 -46.88
CA GLU A 46 -2.36 6.56 -47.05
C GLU A 46 -1.57 5.84 -45.98
N LEU A 47 -0.34 5.49 -46.31
CA LEU A 47 0.54 4.84 -45.38
C LEU A 47 1.58 5.92 -45.11
N ARG A 48 1.44 6.57 -43.95
CA ARG A 48 2.31 7.67 -43.57
C ARG A 48 2.97 7.42 -42.21
N ASP A 49 4.28 7.57 -42.15
CA ASP A 49 5.03 7.36 -40.91
C ASP A 49 4.67 6.01 -40.28
N ASN A 50 4.46 5.00 -41.13
CA ASN A 50 4.13 3.65 -40.69
C ASN A 50 2.75 3.49 -40.09
N GLN A 51 1.83 4.36 -40.47
CA GLN A 51 0.48 4.31 -39.96
C GLN A 51 -0.49 4.49 -41.13
N LEU A 52 -1.65 3.86 -41.03
CA LEU A 52 -2.63 4.00 -42.08
C LEU A 52 -3.46 5.24 -41.76
N VAL A 53 -3.78 6.04 -42.76
CA VAL A 53 -4.55 7.25 -42.54
C VAL A 53 -5.88 7.21 -43.30
N VAL A 54 -6.96 7.25 -42.53
CA VAL A 54 -8.30 7.21 -43.08
C VAL A 54 -8.65 8.48 -43.86
N PRO A 55 -9.22 8.33 -45.06
CA PRO A 55 -9.58 9.45 -45.91
C PRO A 55 -11.00 9.99 -45.76
N SER A 56 -11.85 9.34 -44.97
CA SER A 56 -13.20 9.82 -44.81
C SER A 56 -13.94 9.29 -43.59
N GLU A 57 -14.98 10.02 -43.17
CA GLU A 57 -15.82 9.63 -42.02
C GLU A 57 -16.37 8.25 -42.36
N GLY A 58 -16.60 7.43 -41.35
CA GLY A 58 -17.15 6.13 -41.63
C GLY A 58 -16.83 4.99 -40.69
N LEU A 59 -17.52 3.89 -40.92
CA LEU A 59 -17.37 2.67 -40.15
C LEU A 59 -16.26 1.88 -40.85
N TYR A 60 -15.27 1.42 -40.09
CA TYR A 60 -14.17 0.65 -40.68
C TYR A 60 -13.88 -0.66 -39.97
N LEU A 61 -13.53 -1.67 -40.75
CA LEU A 61 -13.16 -2.95 -40.18
C LEU A 61 -11.64 -2.85 -40.13
N ILE A 62 -11.08 -2.98 -38.93
CA ILE A 62 -9.65 -2.90 -38.73
C ILE A 62 -9.15 -4.24 -38.24
N TYR A 63 -8.00 -4.68 -38.74
CA TYR A 63 -7.48 -5.96 -38.30
C TYR A 63 -5.96 -6.06 -38.48
N SER A 64 -5.35 -6.99 -37.76
CA SER A 64 -3.92 -7.18 -37.84
C SER A 64 -3.48 -8.49 -37.23
N GLN A 65 -2.40 -9.04 -37.78
CA GLN A 65 -1.85 -10.27 -37.24
C GLN A 65 -0.35 -10.24 -37.23
N VAL A 66 0.23 -10.68 -36.13
CA VAL A 66 1.67 -10.75 -36.01
C VAL A 66 2.01 -12.17 -35.59
N LEU A 67 3.19 -12.64 -35.99
CA LEU A 67 3.63 -13.97 -35.65
C LEU A 67 4.97 -13.86 -34.93
N PHE A 68 4.99 -14.26 -33.67
CA PHE A 68 6.22 -14.21 -32.89
C PHE A 68 6.91 -15.57 -32.93
N LYS A 69 8.23 -15.55 -32.93
CA LYS A 69 9.03 -16.77 -32.94
C LYS A 69 10.28 -16.57 -32.12
N GLY A 70 10.63 -17.59 -31.34
CA GLY A 70 11.81 -17.48 -30.51
C GLY A 70 12.52 -18.81 -30.41
N GLN A 71 13.85 -18.77 -30.37
CA GLN A 71 14.65 -19.97 -30.25
C GLN A 71 14.82 -20.23 -28.77
N GLY A 72 14.38 -21.40 -28.31
CA GLY A 72 14.50 -21.73 -26.90
C GLY A 72 13.88 -20.64 -26.03
N CYS A 73 14.14 -20.67 -24.72
CA CYS A 73 13.56 -19.68 -23.81
C CYS A 73 14.51 -18.72 -23.13
N PRO A 74 14.10 -17.46 -23.00
CA PRO A 74 14.89 -16.41 -22.35
C PRO A 74 14.93 -16.61 -20.84
N SER A 75 15.07 -15.49 -20.12
CA SER A 75 15.12 -15.52 -18.67
C SER A 75 13.78 -15.10 -18.10
N THR A 76 13.67 -15.14 -16.78
CA THR A 76 12.46 -14.77 -16.05
C THR A 76 11.18 -15.02 -16.82
N HIS A 77 10.62 -13.96 -17.41
CA HIS A 77 9.38 -14.08 -18.15
C HIS A 77 9.33 -13.02 -19.26
N VAL A 78 8.83 -13.42 -20.43
CA VAL A 78 8.72 -12.53 -21.57
C VAL A 78 7.26 -12.35 -21.97
N LEU A 79 6.86 -11.10 -22.18
CA LEU A 79 5.49 -10.80 -22.57
C LEU A 79 5.44 -10.25 -23.99
N LEU A 80 4.49 -10.75 -24.76
CA LEU A 80 4.32 -10.31 -26.14
C LEU A 80 3.00 -9.57 -26.23
N THR A 81 3.04 -8.35 -26.75
CA THR A 81 1.82 -7.56 -26.90
C THR A 81 1.65 -7.05 -28.32
N HIS A 82 0.40 -7.05 -28.77
CA HIS A 82 0.05 -6.59 -30.11
C HIS A 82 -1.10 -5.65 -29.85
N THR A 83 -1.08 -4.49 -30.47
CA THR A 83 -2.15 -3.54 -30.24
C THR A 83 -2.35 -2.54 -31.36
N ILE A 84 -3.61 -2.25 -31.67
CA ILE A 84 -3.94 -1.29 -32.71
C ILE A 84 -4.45 -0.03 -32.04
N SER A 85 -3.79 1.09 -32.30
CA SER A 85 -4.17 2.35 -31.70
C SER A 85 -4.77 3.32 -32.70
N ARG A 86 -5.56 4.24 -32.17
CA ARG A 86 -6.15 5.28 -32.98
C ARG A 86 -5.68 6.60 -32.41
N ILE A 87 -5.22 7.50 -33.28
CA ILE A 87 -4.83 8.82 -32.84
C ILE A 87 -5.79 9.66 -33.70
N ALA A 88 -6.88 10.11 -33.06
CA ALA A 88 -7.92 10.87 -33.73
C ALA A 88 -7.55 12.30 -34.09
N VAL A 89 -8.15 12.81 -35.16
CA VAL A 89 -7.87 14.17 -35.59
C VAL A 89 -8.35 15.14 -34.51
N SER A 90 -9.41 14.77 -33.81
CA SER A 90 -9.96 15.61 -32.77
C SER A 90 -9.41 15.34 -31.38
N TYR A 91 -8.39 14.49 -31.28
CA TYR A 91 -7.78 14.15 -29.99
C TYR A 91 -6.46 13.42 -30.21
N GLN A 92 -5.44 14.17 -30.66
CA GLN A 92 -4.11 13.64 -30.95
C GLN A 92 -3.43 12.81 -29.86
N THR A 93 -3.92 11.62 -29.60
CA THR A 93 -3.28 10.77 -28.60
C THR A 93 -3.59 9.33 -28.89
N LYS A 94 -2.59 8.48 -28.76
CA LYS A 94 -2.80 7.07 -28.99
C LYS A 94 -3.80 6.55 -27.97
N VAL A 95 -4.90 5.96 -28.44
CA VAL A 95 -5.89 5.34 -27.55
C VAL A 95 -6.04 3.95 -28.15
N ASN A 96 -5.92 2.91 -27.32
CA ASN A 96 -6.03 1.55 -27.82
C ASN A 96 -7.43 1.12 -28.25
N LEU A 97 -7.54 0.53 -29.45
CA LEU A 97 -8.83 0.05 -29.93
C LEU A 97 -8.90 -1.45 -29.74
N LEU A 98 -7.81 -2.13 -30.05
CA LEU A 98 -7.74 -3.57 -29.92
C LEU A 98 -6.35 -3.92 -29.38
N SER A 99 -6.30 -4.88 -28.47
CA SER A 99 -5.04 -5.27 -27.87
C SER A 99 -5.08 -6.66 -27.24
N ALA A 100 -3.96 -7.37 -27.32
CA ALA A 100 -3.88 -8.69 -26.73
C ALA A 100 -2.47 -8.93 -26.20
N ILE A 101 -2.35 -9.86 -25.26
CA ILE A 101 -1.07 -10.18 -24.65
C ILE A 101 -0.90 -11.68 -24.68
N LYS A 102 0.34 -12.15 -24.80
CA LYS A 102 0.61 -13.58 -24.84
C LYS A 102 1.94 -13.87 -24.15
N SER A 103 1.96 -14.91 -23.31
CA SER A 103 3.16 -15.32 -22.57
C SER A 103 3.73 -16.61 -23.14
N PRO A 104 4.73 -16.51 -24.03
CA PRO A 104 5.36 -17.66 -24.66
C PRO A 104 6.06 -18.57 -23.67
N CYS A 105 7.23 -18.14 -23.23
CA CYS A 105 8.00 -18.91 -22.27
C CYS A 105 7.46 -18.71 -20.87
N GLN A 106 6.83 -19.74 -20.34
CA GLN A 106 6.25 -19.71 -19.00
C GLN A 106 7.39 -19.91 -17.99
N ARG A 107 8.50 -19.21 -18.23
CA ARG A 107 9.68 -19.28 -17.37
C ARG A 107 10.46 -20.60 -17.50
N GLU A 108 9.97 -21.49 -18.36
CA GLU A 108 10.63 -22.78 -18.58
C GLU A 108 12.15 -22.66 -18.63
N THR A 109 12.64 -21.71 -19.43
CA THR A 109 14.07 -21.48 -19.59
C THR A 109 14.87 -22.76 -19.84
N PRO A 110 15.52 -22.86 -21.01
CA PRO A 110 16.32 -24.05 -21.38
C PRO A 110 17.18 -24.59 -20.24
N GLU A 111 16.80 -25.77 -19.75
CA GLU A 111 17.51 -26.43 -18.67
C GLU A 111 19.03 -26.39 -18.89
N GLY A 112 19.45 -26.61 -20.13
CA GLY A 112 20.87 -26.61 -20.45
C GLY A 112 21.18 -27.49 -21.64
N ALA A 113 20.20 -28.31 -22.03
CA ALA A 113 20.35 -29.21 -23.16
C ALA A 113 19.08 -29.18 -24.02
N GLU A 114 19.24 -28.73 -25.26
CA GLU A 114 18.15 -28.62 -26.25
C GLU A 114 17.57 -27.22 -26.40
N ALA A 115 16.26 -27.10 -26.16
CA ALA A 115 15.51 -25.84 -26.25
C ALA A 115 15.02 -25.58 -27.67
N LYS A 116 13.89 -26.21 -28.02
CA LYS A 116 13.28 -26.06 -29.34
C LYS A 116 12.73 -24.65 -29.55
N PRO A 117 12.35 -24.32 -30.80
CA PRO A 117 11.81 -23.00 -31.11
C PRO A 117 10.32 -22.95 -30.80
N TRP A 118 9.79 -21.74 -30.60
CA TRP A 118 8.37 -21.57 -30.32
C TRP A 118 7.74 -20.51 -31.21
N TYR A 119 6.48 -20.76 -31.57
CA TYR A 119 5.73 -19.85 -32.41
C TYR A 119 4.46 -19.43 -31.68
N GLU A 120 4.16 -18.13 -31.75
CA GLU A 120 2.98 -17.59 -31.10
C GLU A 120 2.33 -16.49 -31.93
N PRO A 121 1.15 -16.78 -32.53
CA PRO A 121 0.45 -15.79 -33.35
C PRO A 121 -0.60 -15.04 -32.54
N ILE A 122 -0.95 -13.83 -33.00
CA ILE A 122 -1.96 -13.02 -32.34
C ILE A 122 -2.79 -12.30 -33.38
N TYR A 123 -4.12 -12.45 -33.31
CA TYR A 123 -4.99 -11.79 -34.26
C TYR A 123 -5.83 -10.72 -33.55
N LEU A 124 -6.08 -9.63 -34.25
CA LEU A 124 -6.85 -8.52 -33.68
C LEU A 124 -7.80 -8.00 -34.75
N GLY A 125 -9.03 -7.69 -34.36
CA GLY A 125 -9.98 -7.17 -35.34
C GLY A 125 -11.29 -6.69 -34.79
N GLY A 126 -11.82 -5.60 -35.33
CA GLY A 126 -13.08 -5.05 -34.89
C GLY A 126 -13.55 -3.90 -35.76
N VAL A 127 -14.80 -3.48 -35.57
CA VAL A 127 -15.35 -2.38 -36.36
C VAL A 127 -15.34 -1.09 -35.55
N PHE A 128 -14.96 0.03 -36.19
CA PHE A 128 -14.87 1.32 -35.51
C PHE A 128 -15.32 2.52 -36.32
N GLN A 129 -15.81 3.54 -35.62
CA GLN A 129 -16.26 4.80 -36.24
C GLN A 129 -15.00 5.65 -36.32
N LEU A 130 -14.61 6.05 -37.52
CA LEU A 130 -13.41 6.87 -37.71
C LEU A 130 -13.66 8.20 -38.41
N GLU A 131 -12.84 9.20 -38.08
CA GLU A 131 -12.95 10.55 -38.67
C GLU A 131 -11.95 10.69 -39.81
N LYS A 132 -12.27 11.53 -40.79
CA LYS A 132 -11.34 11.76 -41.88
C LYS A 132 -10.07 12.31 -41.23
N GLY A 133 -8.93 11.69 -41.50
CA GLY A 133 -7.67 12.16 -40.95
C GLY A 133 -7.12 11.31 -39.82
N ASP A 134 -7.93 10.41 -39.27
CA ASP A 134 -7.44 9.55 -38.18
C ASP A 134 -6.25 8.70 -38.60
N ARG A 135 -5.37 8.42 -37.65
CA ARG A 135 -4.18 7.62 -37.90
C ARG A 135 -4.28 6.32 -37.12
N LEU A 136 -4.08 5.19 -37.80
CA LEU A 136 -4.16 3.90 -37.12
C LEU A 136 -2.77 3.28 -37.06
N SER A 137 -2.43 2.71 -35.91
CA SER A 137 -1.13 2.08 -35.70
C SER A 137 -1.30 0.63 -35.28
N ALA A 138 -0.42 -0.23 -35.78
CA ALA A 138 -0.44 -1.64 -35.42
C ALA A 138 0.99 -1.89 -34.92
N GLU A 139 1.16 -1.88 -33.61
CA GLU A 139 2.48 -2.06 -33.02
C GLU A 139 2.65 -3.28 -32.12
N ILE A 140 3.91 -3.66 -31.88
CA ILE A 140 4.24 -4.78 -31.01
C ILE A 140 5.35 -4.31 -30.09
N ASN A 141 5.56 -5.02 -28.98
CA ASN A 141 6.57 -4.63 -28.02
C ASN A 141 7.92 -5.33 -28.22
N ARG A 142 7.92 -6.52 -28.81
CA ARG A 142 9.16 -7.26 -29.03
C ARG A 142 9.46 -7.56 -30.51
N PRO A 143 9.73 -6.52 -31.32
CA PRO A 143 10.02 -6.71 -32.74
C PRO A 143 11.19 -7.63 -33.02
N ASP A 144 11.96 -7.95 -31.99
CA ASP A 144 13.09 -8.84 -32.17
C ASP A 144 12.64 -10.30 -32.29
N TYR A 145 11.36 -10.56 -32.01
CA TYR A 145 10.80 -11.90 -32.11
C TYR A 145 9.87 -12.03 -33.30
N LEU A 146 9.82 -10.97 -34.10
CA LEU A 146 8.96 -10.95 -35.27
C LEU A 146 9.34 -11.95 -36.36
N LEU A 147 8.47 -12.91 -36.64
CA LEU A 147 8.73 -13.89 -37.69
C LEU A 147 8.00 -13.51 -38.98
N PHE A 148 8.69 -12.82 -39.87
CA PHE A 148 8.11 -12.42 -41.13
C PHE A 148 8.86 -13.11 -42.26
N ALA A 149 9.25 -14.36 -42.01
CA ALA A 149 10.00 -15.14 -42.98
C ALA A 149 9.14 -15.71 -44.10
N GLU A 150 7.97 -16.22 -43.74
CA GLU A 150 7.10 -16.83 -44.73
C GLU A 150 6.44 -15.84 -45.67
N SER A 151 5.34 -15.21 -45.24
CA SER A 151 4.65 -14.30 -46.13
C SER A 151 3.39 -13.67 -45.54
N GLY A 152 2.32 -14.46 -45.48
CA GLY A 152 1.09 -13.93 -44.93
C GLY A 152 1.03 -14.14 -43.42
N GLN A 153 2.16 -13.96 -42.74
CA GLN A 153 2.26 -14.16 -41.30
C GLN A 153 2.12 -12.87 -40.50
N VAL A 154 2.39 -11.75 -41.14
CA VAL A 154 2.29 -10.47 -40.47
C VAL A 154 1.61 -9.47 -41.40
N TYR A 155 0.42 -9.01 -41.01
CA TYR A 155 -0.31 -8.05 -41.82
C TYR A 155 -1.17 -7.10 -40.97
N PHE A 156 -1.63 -6.04 -41.62
CA PHE A 156 -2.41 -5.00 -40.98
C PHE A 156 -3.25 -4.38 -42.10
N GLY A 157 -4.56 -4.31 -41.87
CA GLY A 157 -5.43 -3.74 -42.89
C GLY A 157 -6.72 -3.15 -42.36
N ILE A 158 -7.41 -2.44 -43.24
CA ILE A 158 -8.68 -1.81 -42.91
C ILE A 158 -9.49 -1.69 -44.19
N ILE A 159 -10.80 -1.80 -44.05
CA ILE A 159 -11.71 -1.71 -45.18
C ILE A 159 -12.90 -0.88 -44.69
N ALA A 160 -13.32 0.08 -45.51
CA ALA A 160 -14.45 0.91 -45.15
C ALA A 160 -15.75 0.13 -45.44
N LEU A 161 -16.54 -0.11 -44.41
CA LEU A 161 -17.77 -0.83 -44.61
C LEU A 161 -18.92 0.11 -44.89
N ARG B 10 -36.23 -15.18 -48.96
CA ARG B 10 -35.38 -14.11 -48.35
C ARG B 10 -34.03 -14.00 -49.06
N THR B 11 -33.69 -12.79 -49.50
CA THR B 11 -32.43 -12.56 -50.19
C THR B 11 -31.24 -12.62 -49.24
N PRO B 12 -30.39 -13.67 -49.34
CA PRO B 12 -29.26 -13.66 -48.41
C PRO B 12 -28.63 -12.27 -48.43
N SER B 13 -28.68 -11.62 -49.60
CA SER B 13 -28.16 -10.27 -49.80
C SER B 13 -27.89 -9.92 -51.26
N ASP B 14 -27.40 -10.90 -52.02
CA ASP B 14 -27.04 -10.74 -53.44
C ASP B 14 -25.50 -10.85 -53.58
N LYS B 15 -24.79 -10.61 -52.49
CA LYS B 15 -23.33 -10.67 -52.45
C LYS B 15 -22.81 -12.09 -52.43
N PRO B 16 -21.79 -12.40 -53.26
CA PRO B 16 -21.29 -13.77 -53.19
C PRO B 16 -20.74 -13.95 -51.78
N VAL B 17 -21.08 -15.07 -51.16
CA VAL B 17 -20.64 -15.34 -49.80
C VAL B 17 -20.57 -16.85 -49.54
N ALA B 18 -19.82 -17.22 -48.52
CA ALA B 18 -19.71 -18.61 -48.17
C ALA B 18 -19.09 -18.77 -46.81
N HIS B 19 -19.66 -19.67 -46.01
CA HIS B 19 -19.13 -19.98 -44.70
C HIS B 19 -19.28 -21.49 -44.62
N VAL B 20 -18.20 -22.20 -44.91
CA VAL B 20 -18.24 -23.66 -44.87
C VAL B 20 -17.62 -24.14 -43.58
N VAL B 21 -18.05 -25.31 -43.16
CA VAL B 21 -17.56 -25.86 -41.91
C VAL B 21 -16.97 -27.25 -42.14
N ALA B 22 -16.14 -27.71 -41.20
CA ALA B 22 -15.51 -29.03 -41.31
C ALA B 22 -16.45 -30.20 -41.11
N ASN B 23 -16.28 -31.24 -41.92
CA ASN B 23 -17.10 -32.45 -41.83
C ASN B 23 -16.54 -33.35 -40.75
N PRO B 24 -17.32 -33.61 -39.68
CA PRO B 24 -16.82 -34.47 -38.59
C PRO B 24 -16.84 -35.95 -38.96
N GLN B 25 -17.63 -36.29 -39.97
CA GLN B 25 -17.77 -37.67 -40.42
C GLN B 25 -16.60 -38.10 -41.32
N ALA B 26 -15.61 -37.22 -41.47
CA ALA B 26 -14.44 -37.53 -42.30
C ALA B 26 -13.16 -37.48 -41.48
N GLU B 27 -13.07 -38.36 -40.49
CA GLU B 27 -11.92 -38.43 -39.62
C GLU B 27 -10.60 -38.44 -40.39
N GLY B 28 -9.58 -37.88 -39.77
CA GLY B 28 -8.26 -37.85 -40.37
C GLY B 28 -8.01 -36.80 -41.44
N GLN B 29 -9.07 -36.14 -41.90
CA GLN B 29 -8.91 -35.12 -42.94
C GLN B 29 -9.76 -33.89 -42.70
N LEU B 30 -9.53 -32.85 -43.49
CA LEU B 30 -10.27 -31.60 -43.36
C LEU B 30 -11.10 -31.36 -44.61
N GLN B 31 -12.35 -31.81 -44.59
CA GLN B 31 -13.24 -31.65 -45.73
C GLN B 31 -14.32 -30.61 -45.40
N TRP B 32 -14.49 -29.61 -46.25
CA TRP B 32 -15.47 -28.55 -46.02
C TRP B 32 -16.84 -28.85 -46.58
N LEU B 33 -17.88 -28.52 -45.81
CA LEU B 33 -19.25 -28.73 -46.28
C LEU B 33 -20.06 -27.47 -46.03
N ASN B 34 -21.14 -27.33 -46.78
CA ASN B 34 -22.01 -26.19 -46.66
C ASN B 34 -23.43 -26.65 -46.34
N ARG B 35 -23.63 -27.96 -46.30
CA ARG B 35 -24.96 -28.51 -46.00
C ARG B 35 -25.27 -28.68 -44.51
N ARG B 36 -24.99 -27.67 -43.71
CA ARG B 36 -25.25 -27.73 -42.29
C ARG B 36 -25.96 -26.52 -41.72
N ALA B 37 -26.29 -26.65 -40.44
CA ALA B 37 -26.99 -25.64 -39.67
C ALA B 37 -26.79 -24.21 -40.10
N ASN B 38 -25.74 -23.57 -39.60
CA ASN B 38 -25.52 -22.17 -39.95
C ASN B 38 -24.35 -21.98 -40.89
N ALA B 39 -24.44 -22.59 -42.07
CA ALA B 39 -23.38 -22.48 -43.05
C ALA B 39 -23.91 -21.77 -44.29
N LEU B 40 -23.01 -21.38 -45.19
CA LEU B 40 -23.41 -20.67 -46.40
C LEU B 40 -22.57 -21.00 -47.62
N LEU B 41 -23.21 -20.91 -48.78
CA LEU B 41 -22.57 -21.13 -50.08
C LEU B 41 -23.56 -20.55 -51.09
N ALA B 42 -23.52 -19.25 -51.28
CA ALA B 42 -24.46 -18.61 -52.17
C ALA B 42 -23.96 -17.55 -53.12
N ASN B 43 -24.87 -17.14 -53.99
CA ASN B 43 -24.63 -16.11 -54.98
C ASN B 43 -23.43 -16.29 -55.88
N GLY B 44 -23.19 -17.52 -56.32
CA GLY B 44 -22.10 -17.73 -57.22
C GLY B 44 -20.88 -18.46 -56.73
N VAL B 45 -20.49 -18.29 -55.47
CA VAL B 45 -19.29 -19.01 -55.07
C VAL B 45 -19.57 -20.51 -55.04
N GLU B 46 -18.60 -21.28 -55.51
CA GLU B 46 -18.73 -22.72 -55.57
C GLU B 46 -17.69 -23.39 -54.69
N LEU B 47 -18.03 -24.59 -54.22
CA LEU B 47 -17.13 -25.38 -53.40
C LEU B 47 -16.75 -26.52 -54.33
N ARG B 48 -15.55 -26.40 -54.89
CA ARG B 48 -15.04 -27.38 -55.86
C ARG B 48 -13.70 -27.96 -55.41
N ASP B 49 -13.60 -29.28 -55.43
CA ASP B 49 -12.37 -29.96 -55.02
C ASP B 49 -11.86 -29.45 -53.68
N ASN B 50 -12.79 -29.14 -52.78
CA ASN B 50 -12.50 -28.65 -51.43
C ASN B 50 -11.93 -27.24 -51.38
N GLN B 51 -12.25 -26.44 -52.39
CA GLN B 51 -11.78 -25.07 -52.45
C GLN B 51 -12.94 -24.18 -52.83
N LEU B 52 -12.91 -22.93 -52.33
CA LEU B 52 -13.98 -21.99 -52.65
C LEU B 52 -13.57 -21.30 -53.94
N VAL B 53 -14.52 -21.11 -54.84
CA VAL B 53 -14.20 -20.47 -56.11
C VAL B 53 -14.98 -19.19 -56.28
N VAL B 54 -14.24 -18.09 -56.41
CA VAL B 54 -14.83 -16.77 -56.56
C VAL B 54 -15.52 -16.58 -57.92
N PRO B 55 -16.74 -16.05 -57.92
CA PRO B 55 -17.50 -15.83 -59.15
C PRO B 55 -17.33 -14.48 -59.84
N SER B 56 -16.62 -13.55 -59.22
CA SER B 56 -16.46 -12.24 -59.83
C SER B 56 -15.31 -11.39 -59.28
N GLU B 57 -14.85 -10.44 -60.09
CA GLU B 57 -13.76 -9.54 -59.71
C GLU B 57 -14.23 -8.86 -58.43
N GLY B 58 -13.29 -8.50 -57.56
CA GLY B 58 -13.70 -7.82 -56.35
C GLY B 58 -12.82 -7.95 -55.13
N LEU B 59 -13.18 -7.15 -54.12
CA LEU B 59 -12.52 -7.15 -52.84
C LEU B 59 -13.25 -8.18 -51.98
N TYR B 60 -12.52 -9.09 -51.35
CA TYR B 60 -13.16 -10.12 -50.52
C TYR B 60 -12.54 -10.23 -49.15
N LEU B 61 -13.40 -10.49 -48.16
CA LEU B 61 -12.93 -10.71 -46.80
C LEU B 61 -12.83 -12.25 -46.73
N ILE B 62 -11.64 -12.75 -46.43
CA ILE B 62 -11.41 -14.18 -46.34
C ILE B 62 -11.00 -14.51 -44.93
N TYR B 63 -11.52 -15.60 -44.40
CA TYR B 63 -11.17 -15.98 -43.03
C TYR B 63 -11.33 -17.47 -42.77
N SER B 64 -10.69 -17.94 -41.72
CA SER B 64 -10.76 -19.35 -41.37
C SER B 64 -10.25 -19.61 -39.98
N GLN B 65 -10.78 -20.64 -39.35
CA GLN B 65 -10.33 -21.04 -38.02
C GLN B 65 -10.29 -22.54 -37.89
N VAL B 66 -9.21 -23.03 -37.29
CA VAL B 66 -9.07 -24.46 -37.06
C VAL B 66 -8.78 -24.63 -35.60
N LEU B 67 -9.19 -25.76 -35.03
CA LEU B 67 -8.93 -26.02 -33.62
C LEU B 67 -8.19 -27.34 -33.53
N PHE B 68 -6.96 -27.29 -33.04
CA PHE B 68 -6.16 -28.50 -32.89
C PHE B 68 -6.30 -29.02 -31.46
N LYS B 69 -6.26 -30.35 -31.32
CA LYS B 69 -6.37 -31.00 -30.02
C LYS B 69 -5.48 -32.23 -30.02
N GLY B 70 -4.78 -32.44 -28.91
CA GLY B 70 -3.92 -33.60 -28.82
C GLY B 70 -3.91 -34.16 -27.41
N GLN B 71 -3.84 -35.48 -27.31
CA GLN B 71 -3.82 -36.15 -26.01
C GLN B 71 -2.35 -36.23 -25.62
N GLY B 72 -2.00 -35.66 -24.47
CA GLY B 72 -0.62 -35.70 -24.02
C GLY B 72 0.31 -35.17 -25.08
N CYS B 73 1.61 -35.38 -24.91
CA CYS B 73 2.57 -34.89 -25.88
C CYS B 73 3.38 -35.91 -26.67
N PRO B 74 3.60 -35.64 -27.97
CA PRO B 74 4.35 -36.52 -28.86
C PRO B 74 5.84 -36.48 -28.54
N SER B 75 6.66 -36.73 -29.56
CA SER B 75 8.10 -36.73 -29.41
C SER B 75 8.68 -35.42 -29.93
N THR B 76 9.99 -35.27 -29.80
CA THR B 76 10.72 -34.08 -30.25
C THR B 76 9.89 -32.80 -30.20
N HIS B 77 9.38 -32.39 -31.37
CA HIS B 77 8.60 -31.16 -31.46
C HIS B 77 7.59 -31.26 -32.59
N VAL B 78 6.38 -30.77 -32.34
CA VAL B 78 5.31 -30.79 -33.33
C VAL B 78 4.90 -29.36 -33.70
N LEU B 79 4.79 -29.11 -35.01
CA LEU B 79 4.39 -27.80 -35.51
C LEU B 79 3.03 -27.86 -36.15
N LEU B 80 2.19 -26.89 -35.83
CA LEU B 80 0.85 -26.82 -36.39
C LEU B 80 0.78 -25.58 -37.29
N THR B 81 0.35 -25.77 -38.54
CA THR B 81 0.25 -24.65 -39.45
C THR B 81 -1.12 -24.58 -40.09
N HIS B 82 -1.59 -23.36 -40.26
CA HIS B 82 -2.89 -23.10 -40.87
C HIS B 82 -2.59 -22.06 -41.93
N THR B 83 -3.11 -22.25 -43.13
CA THR B 83 -2.81 -21.28 -44.16
C THR B 83 -3.85 -21.23 -45.28
N ILE B 84 -4.18 -20.01 -45.72
CA ILE B 84 -5.13 -19.83 -46.80
C ILE B 84 -4.36 -19.44 -48.05
N SER B 85 -4.51 -20.22 -49.11
CA SER B 85 -3.81 -19.98 -50.36
C SER B 85 -4.73 -19.51 -51.45
N ARG B 86 -4.15 -18.81 -52.41
CA ARG B 86 -4.91 -18.36 -53.57
C ARG B 86 -4.23 -18.96 -54.79
N ILE B 87 -5.01 -19.53 -55.69
CA ILE B 87 -4.45 -20.05 -56.91
C ILE B 87 -5.25 -19.21 -57.93
N ALA B 88 -4.60 -18.17 -58.44
CA ALA B 88 -5.22 -17.25 -59.38
C ALA B 88 -5.44 -17.81 -60.77
N VAL B 89 -6.48 -17.31 -61.44
CA VAL B 89 -6.78 -17.74 -62.80
C VAL B 89 -5.64 -17.33 -63.73
N SER B 90 -5.01 -16.21 -63.43
CA SER B 90 -3.90 -15.74 -64.26
C SER B 90 -2.52 -16.21 -63.79
N TYR B 91 -2.48 -17.12 -62.82
CA TYR B 91 -1.21 -17.65 -62.30
C TYR B 91 -1.48 -18.88 -61.44
N GLN B 92 -1.83 -19.98 -62.09
CA GLN B 92 -2.16 -21.25 -61.44
C GLN B 92 -1.14 -21.81 -60.47
N THR B 93 -0.97 -21.21 -59.31
CA THR B 93 -0.03 -21.73 -58.34
C THR B 93 -0.43 -21.25 -56.97
N LYS B 94 -0.35 -22.13 -56.00
CA LYS B 94 -0.71 -21.76 -54.64
C LYS B 94 0.24 -20.66 -54.16
N VAL B 95 -0.30 -19.53 -53.73
CA VAL B 95 0.52 -18.47 -53.16
C VAL B 95 -0.20 -18.19 -51.84
N ASN B 96 0.55 -18.14 -50.75
CA ASN B 96 -0.05 -17.90 -49.45
C ASN B 96 -0.55 -16.49 -49.22
N LEU B 97 -1.80 -16.36 -48.77
CA LEU B 97 -2.38 -15.04 -48.47
C LEU B 97 -2.31 -14.78 -46.98
N LEU B 98 -2.67 -15.81 -46.20
CA LEU B 98 -2.67 -15.74 -44.75
C LEU B 98 -2.10 -17.04 -44.20
N SER B 99 -1.29 -16.94 -43.16
CA SER B 99 -0.67 -18.14 -42.58
C SER B 99 -0.18 -17.91 -41.17
N ALA B 100 -0.28 -18.95 -40.35
CA ALA B 100 0.19 -18.87 -38.98
C ALA B 100 0.75 -20.22 -38.54
N ILE B 101 1.60 -20.20 -37.53
CA ILE B 101 2.23 -21.42 -37.01
C ILE B 101 2.07 -21.43 -35.51
N LYS B 102 1.94 -22.62 -34.94
CA LYS B 102 1.79 -22.74 -33.48
C LYS B 102 2.47 -24.01 -32.99
N SER B 103 3.22 -23.87 -31.89
CA SER B 103 3.95 -24.98 -31.30
C SER B 103 3.30 -25.42 -30.00
N PRO B 104 2.44 -26.47 -30.06
CA PRO B 104 1.74 -26.99 -28.90
C PRO B 104 2.66 -27.55 -27.83
N CYS B 105 3.16 -28.76 -28.08
CA CYS B 105 4.07 -29.40 -27.15
C CYS B 105 5.46 -28.84 -27.31
N GLN B 106 5.89 -28.08 -26.30
CA GLN B 106 7.21 -27.48 -26.30
C GLN B 106 8.23 -28.54 -25.89
N ARG B 107 8.07 -29.74 -26.47
CA ARG B 107 8.96 -30.87 -26.20
C ARG B 107 8.73 -31.49 -24.82
N GLU B 108 7.79 -30.94 -24.06
CA GLU B 108 7.48 -31.45 -22.72
C GLU B 108 7.48 -32.98 -22.68
N THR B 109 6.77 -33.60 -23.62
CA THR B 109 6.66 -35.05 -23.70
C THR B 109 6.31 -35.70 -22.36
N PRO B 110 5.16 -36.39 -22.28
CA PRO B 110 4.71 -37.05 -21.06
C PRO B 110 5.81 -37.80 -20.33
N GLU B 111 6.20 -37.29 -19.17
CA GLU B 111 7.23 -37.90 -18.34
C GLU B 111 7.06 -39.41 -18.22
N GLY B 112 5.81 -39.85 -18.07
CA GLY B 112 5.52 -41.27 -17.93
C GLY B 112 4.26 -41.51 -17.13
N ALA B 113 3.80 -40.47 -16.46
CA ALA B 113 2.59 -40.55 -15.63
C ALA B 113 1.71 -39.32 -15.88
N GLU B 114 0.51 -39.57 -16.40
CA GLU B 114 -0.49 -38.53 -16.71
C GLU B 114 -0.52 -38.11 -18.18
N ALA B 115 -0.30 -36.82 -18.42
CA ALA B 115 -0.31 -36.21 -19.76
C ALA B 115 -1.71 -35.79 -20.19
N LYS B 116 -2.15 -34.63 -19.72
CA LYS B 116 -3.46 -34.08 -20.05
C LYS B 116 -3.58 -33.70 -21.52
N PRO B 117 -4.79 -33.40 -21.99
CA PRO B 117 -5.00 -33.02 -23.40
C PRO B 117 -4.72 -31.53 -23.59
N TRP B 118 -4.43 -31.14 -24.83
CA TRP B 118 -4.15 -29.73 -25.14
C TRP B 118 -4.98 -29.26 -26.32
N TYR B 119 -5.39 -27.99 -26.25
CA TYR B 119 -6.17 -27.37 -27.30
C TYR B 119 -5.43 -26.14 -27.80
N GLU B 120 -5.41 -25.97 -29.12
CA GLU B 120 -4.73 -24.83 -29.73
C GLU B 120 -5.50 -24.34 -30.96
N PRO B 121 -6.15 -23.16 -30.87
CA PRO B 121 -6.90 -22.61 -31.99
C PRO B 121 -6.05 -21.62 -32.80
N ILE B 122 -6.42 -21.43 -34.07
CA ILE B 122 -5.71 -20.48 -34.93
C ILE B 122 -6.71 -19.76 -35.81
N TYR B 123 -6.68 -18.42 -35.81
CA TYR B 123 -7.58 -17.66 -36.65
C TYR B 123 -6.79 -16.92 -37.73
N LEU B 124 -7.38 -16.83 -38.92
CA LEU B 124 -6.76 -16.17 -40.06
C LEU B 124 -7.81 -15.31 -40.76
N GLY B 125 -7.42 -14.10 -41.19
CA GLY B 125 -8.39 -13.27 -41.88
C GLY B 125 -7.81 -11.99 -42.44
N GLY B 126 -8.29 -11.58 -43.61
CA GLY B 126 -7.82 -10.36 -44.25
C GLY B 126 -8.61 -10.08 -45.51
N VAL B 127 -8.40 -8.89 -46.09
CA VAL B 127 -9.11 -8.47 -47.30
C VAL B 127 -8.20 -8.59 -48.52
N PHE B 128 -8.73 -9.12 -49.62
CA PHE B 128 -7.94 -9.33 -50.84
C PHE B 128 -8.66 -9.04 -52.16
N GLN B 129 -7.90 -8.63 -53.16
CA GLN B 129 -8.41 -8.36 -54.51
C GLN B 129 -8.39 -9.71 -55.22
N LEU B 130 -9.55 -10.18 -55.70
CA LEU B 130 -9.62 -11.48 -56.37
C LEU B 130 -10.21 -11.39 -57.77
N GLU B 131 -9.79 -12.32 -58.64
CA GLU B 131 -10.27 -12.39 -60.02
C GLU B 131 -11.37 -13.43 -60.13
N LYS B 132 -12.28 -13.25 -61.08
CA LYS B 132 -13.33 -14.23 -61.30
C LYS B 132 -12.62 -15.52 -61.65
N GLY B 133 -12.92 -16.59 -60.93
CA GLY B 133 -12.28 -17.86 -61.20
C GLY B 133 -11.21 -18.28 -60.21
N ASP B 134 -10.77 -17.37 -59.35
CA ASP B 134 -9.74 -17.71 -58.37
C ASP B 134 -10.20 -18.82 -57.42
N ARG B 135 -9.26 -19.64 -56.98
CA ARG B 135 -9.55 -20.75 -56.07
C ARG B 135 -8.88 -20.49 -54.73
N LEU B 136 -9.64 -20.55 -53.65
CA LEU B 136 -9.08 -20.31 -52.32
C LEU B 136 -9.04 -21.62 -51.54
N SER B 137 -7.92 -21.86 -50.85
CA SER B 137 -7.73 -23.09 -50.07
C SER B 137 -7.42 -22.76 -48.62
N ALA B 138 -8.00 -23.54 -47.72
CA ALA B 138 -7.78 -23.36 -46.30
C ALA B 138 -7.27 -24.73 -45.84
N GLU B 139 -5.96 -24.86 -45.71
CA GLU B 139 -5.36 -26.13 -45.34
C GLU B 139 -4.56 -26.13 -44.04
N ILE B 140 -4.32 -27.33 -43.51
CA ILE B 140 -3.54 -27.50 -42.29
C ILE B 140 -2.54 -28.61 -42.57
N ASN B 141 -1.51 -28.71 -41.74
CA ASN B 141 -0.49 -29.74 -41.93
C ASN B 141 -0.73 -31.02 -41.11
N ARG B 142 -1.41 -30.90 -39.97
CA ARG B 142 -1.67 -32.07 -39.12
C ARG B 142 -3.15 -32.36 -38.90
N PRO B 143 -3.86 -32.78 -39.95
CA PRO B 143 -5.29 -33.09 -39.87
C PRO B 143 -5.61 -34.15 -38.83
N ASP B 144 -4.60 -34.84 -38.35
CA ASP B 144 -4.81 -35.88 -37.35
C ASP B 144 -5.08 -35.28 -35.97
N TYR B 145 -4.84 -33.97 -35.84
CA TYR B 145 -5.06 -33.27 -34.58
C TYR B 145 -6.29 -32.37 -34.69
N LEU B 146 -7.02 -32.48 -35.79
CA LEU B 146 -8.19 -31.65 -36.00
C LEU B 146 -9.35 -31.95 -35.04
N LEU B 147 -9.72 -30.99 -34.21
CA LEU B 147 -10.86 -31.19 -33.30
C LEU B 147 -12.11 -30.54 -33.87
N PHE B 148 -12.94 -31.34 -34.53
CA PHE B 148 -14.17 -30.82 -35.10
C PHE B 148 -15.34 -31.54 -34.44
N ALA B 149 -15.20 -31.76 -33.14
CA ALA B 149 -16.21 -32.47 -32.35
C ALA B 149 -17.39 -31.60 -31.97
N GLU B 150 -17.11 -30.36 -31.56
CA GLU B 150 -18.17 -29.46 -31.13
C GLU B 150 -19.03 -28.94 -32.27
N SER B 151 -18.57 -27.91 -32.97
CA SER B 151 -19.40 -27.36 -34.03
C SER B 151 -18.79 -26.14 -34.75
N GLY B 152 -18.82 -24.99 -34.10
CA GLY B 152 -18.25 -23.82 -34.71
C GLY B 152 -16.77 -23.68 -34.39
N GLN B 153 -16.05 -24.80 -34.36
CA GLN B 153 -14.63 -24.82 -34.04
C GLN B 153 -13.73 -24.81 -35.27
N VAL B 154 -14.26 -25.23 -36.41
CA VAL B 154 -13.49 -25.25 -37.65
C VAL B 154 -14.34 -24.72 -38.80
N TYR B 155 -13.93 -23.59 -39.35
CA TYR B 155 -14.67 -22.98 -40.44
C TYR B 155 -13.78 -22.21 -41.41
N PHE B 156 -14.35 -21.90 -42.57
CA PHE B 156 -13.65 -21.22 -43.63
C PHE B 156 -14.72 -20.47 -44.40
N GLY B 157 -14.51 -19.18 -44.63
CA GLY B 157 -15.50 -18.41 -45.36
C GLY B 157 -14.97 -17.18 -46.05
N ILE B 158 -15.80 -16.60 -46.92
CA ILE B 158 -15.45 -15.39 -47.65
C ILE B 158 -16.73 -14.64 -47.95
N ILE B 159 -16.61 -13.33 -48.00
CA ILE B 159 -17.74 -12.47 -48.28
C ILE B 159 -17.24 -11.36 -49.21
N ALA B 160 -17.99 -11.06 -50.24
CA ALA B 160 -17.59 -10.02 -51.17
C ALA B 160 -17.98 -8.67 -50.58
N LEU B 161 -16.99 -7.83 -50.34
CA LEU B 161 -17.27 -6.53 -49.78
C LEU B 161 -17.51 -5.50 -50.88
N ARG C 10 -23.12 13.32 -37.85
CA ARG C 10 -22.41 12.39 -38.77
C ARG C 10 -23.08 11.01 -38.81
N THR C 11 -23.39 10.53 -40.01
CA THR C 11 -24.05 9.24 -40.17
C THR C 11 -23.07 8.09 -39.90
N PRO C 12 -23.26 7.34 -38.80
CA PRO C 12 -22.30 6.25 -38.59
C PRO C 12 -22.17 5.48 -39.91
N SER C 13 -23.27 5.43 -40.65
CA SER C 13 -23.34 4.78 -41.96
C SER C 13 -24.75 4.42 -42.41
N ASP C 14 -25.60 4.00 -41.46
CA ASP C 14 -26.98 3.58 -41.71
C ASP C 14 -27.12 2.05 -41.46
N LYS C 15 -25.99 1.35 -41.52
CA LYS C 15 -25.93 -0.10 -41.30
C LYS C 15 -26.02 -0.48 -39.84
N PRO C 16 -26.84 -1.47 -39.50
CA PRO C 16 -26.89 -1.82 -38.07
C PRO C 16 -25.50 -2.30 -37.70
N VAL C 17 -24.99 -1.84 -36.57
CA VAL C 17 -23.65 -2.20 -36.15
C VAL C 17 -23.54 -2.13 -34.63
N ALA C 18 -22.52 -2.79 -34.09
CA ALA C 18 -22.29 -2.74 -32.66
C ALA C 18 -20.94 -3.30 -32.32
N HIS C 19 -20.26 -2.60 -31.42
CA HIS C 19 -18.96 -3.05 -30.92
C HIS C 19 -19.01 -2.75 -29.44
N VAL C 20 -19.35 -3.75 -28.65
CA VAL C 20 -19.45 -3.56 -27.22
C VAL C 20 -18.21 -4.11 -26.56
N VAL C 21 -17.89 -3.54 -25.41
CA VAL C 21 -16.70 -3.93 -24.70
C VAL C 21 -17.06 -4.39 -23.27
N ALA C 22 -16.15 -5.12 -22.64
CA ALA C 22 -16.36 -5.64 -21.29
C ALA C 22 -16.26 -4.58 -20.21
N ASN C 23 -17.18 -4.65 -19.24
CA ASN C 23 -17.22 -3.73 -18.11
C ASN C 23 -16.21 -4.17 -17.05
N PRO C 24 -15.19 -3.35 -16.80
CA PRO C 24 -14.17 -3.70 -15.79
C PRO C 24 -14.69 -3.56 -14.37
N GLN C 25 -15.73 -2.75 -14.20
CA GLN C 25 -16.30 -2.50 -12.88
C GLN C 25 -17.20 -3.64 -12.43
N ALA C 26 -17.26 -4.72 -13.21
CA ALA C 26 -18.10 -5.86 -12.85
C ALA C 26 -17.26 -7.11 -12.69
N GLU C 27 -16.35 -7.08 -11.72
CA GLU C 27 -15.47 -8.20 -11.46
C GLU C 27 -16.20 -9.53 -11.37
N GLY C 28 -15.51 -10.60 -11.77
CA GLY C 28 -16.08 -11.93 -11.72
C GLY C 28 -17.03 -12.30 -12.83
N GLN C 29 -17.46 -11.33 -13.63
CA GLN C 29 -18.39 -11.62 -14.71
C GLN C 29 -18.06 -10.89 -16.01
N LEU C 30 -18.75 -11.26 -17.08
CA LEU C 30 -18.52 -10.64 -18.39
C LEU C 30 -19.76 -9.89 -18.82
N GLN C 31 -19.81 -8.61 -18.50
CA GLN C 31 -20.95 -7.76 -18.86
C GLN C 31 -20.55 -6.79 -19.96
N TRP C 32 -21.31 -6.76 -21.05
CA TRP C 32 -21.01 -5.88 -22.18
C TRP C 32 -21.62 -4.49 -22.07
N LEU C 33 -20.84 -3.47 -22.43
CA LEU C 33 -21.36 -2.13 -22.43
C LEU C 33 -21.02 -1.44 -23.72
N ASN C 34 -21.77 -0.39 -24.04
CA ASN C 34 -21.54 0.36 -25.25
C ASN C 34 -21.29 1.82 -24.91
N ARG C 35 -21.37 2.17 -23.63
CA ARG C 35 -21.18 3.55 -23.21
C ARG C 35 -19.73 3.92 -22.94
N ARG C 36 -18.84 3.54 -23.86
CA ARG C 36 -17.43 3.86 -23.68
C ARG C 36 -16.78 4.47 -24.90
N ALA C 37 -15.51 4.87 -24.70
CA ALA C 37 -14.67 5.49 -25.69
C ALA C 37 -14.96 5.14 -27.14
N ASN C 38 -14.40 4.03 -27.61
CA ASN C 38 -14.60 3.67 -29.00
C ASN C 38 -15.48 2.45 -29.16
N ALA C 39 -16.70 2.55 -28.66
CA ALA C 39 -17.66 1.46 -28.73
C ALA C 39 -18.84 1.88 -29.60
N LEU C 40 -19.67 0.91 -29.98
CA LEU C 40 -20.80 1.19 -30.84
C LEU C 40 -22.03 0.35 -30.55
N LEU C 41 -23.19 0.95 -30.81
CA LEU C 41 -24.48 0.30 -30.65
C LEU C 41 -25.44 1.20 -31.40
N ALA C 42 -25.52 1.01 -32.72
CA ALA C 42 -26.37 1.87 -33.53
C ALA C 42 -27.23 1.23 -34.61
N ASN C 43 -28.07 2.09 -35.18
CA ASN C 43 -28.96 1.71 -36.25
C ASN C 43 -29.84 0.49 -36.03
N GLY C 44 -30.39 0.38 -34.82
CA GLY C 44 -31.28 -0.72 -34.56
C GLY C 44 -30.84 -1.86 -33.67
N VAL C 45 -29.58 -2.24 -33.71
CA VAL C 45 -29.20 -3.36 -32.85
C VAL C 45 -29.31 -2.92 -31.39
N GLU C 46 -29.83 -3.82 -30.57
CA GLU C 46 -30.03 -3.53 -29.17
C GLU C 46 -29.19 -4.46 -28.30
N LEU C 47 -28.84 -3.98 -27.11
CA LEU C 47 -28.07 -4.78 -26.17
C LEU C 47 -29.10 -5.07 -25.10
N ARG C 48 -29.63 -6.29 -25.12
CA ARG C 48 -30.66 -6.73 -24.19
C ARG C 48 -30.24 -7.99 -23.44
N ASP C 49 -30.39 -7.97 -22.13
CA ASP C 49 -30.01 -9.11 -21.29
C ASP C 49 -28.62 -9.61 -21.64
N ASN C 50 -27.71 -8.68 -21.94
CA ASN C 50 -26.31 -9.00 -22.26
C ASN C 50 -26.13 -9.69 -23.60
N GLN C 51 -27.07 -9.49 -24.51
CA GLN C 51 -26.99 -10.10 -25.83
C GLN C 51 -27.31 -9.05 -26.87
N LEU C 52 -26.70 -9.17 -28.04
CA LEU C 52 -26.95 -8.24 -29.11
C LEU C 52 -28.19 -8.74 -29.86
N VAL C 53 -29.10 -7.85 -30.22
CA VAL C 53 -30.29 -8.26 -30.94
C VAL C 53 -30.35 -7.62 -32.33
N VAL C 54 -30.37 -8.47 -33.35
CA VAL C 54 -30.39 -8.03 -34.73
C VAL C 54 -31.73 -7.42 -35.10
N PRO C 55 -31.71 -6.25 -35.77
CA PRO C 55 -32.93 -5.55 -36.18
C PRO C 55 -33.48 -5.87 -37.56
N SER C 56 -32.77 -6.66 -38.36
CA SER C 56 -33.26 -6.97 -39.70
C SER C 56 -32.61 -8.19 -40.36
N GLU C 57 -33.32 -8.77 -41.32
CA GLU C 57 -32.84 -9.93 -42.09
C GLU C 57 -31.51 -9.50 -42.70
N GLY C 58 -30.58 -10.44 -42.90
CA GLY C 58 -29.33 -10.06 -43.51
C GLY C 58 -28.11 -10.88 -43.15
N LEU C 59 -27.04 -10.56 -43.86
CA LEU C 59 -25.75 -11.20 -43.68
C LEU C 59 -25.00 -10.32 -42.66
N TYR C 60 -24.44 -10.93 -41.63
CA TYR C 60 -23.72 -10.19 -40.60
C TYR C 60 -22.34 -10.75 -40.30
N LEU C 61 -21.41 -9.85 -40.02
CA LEU C 61 -20.06 -10.25 -39.65
C LEU C 61 -20.13 -10.19 -38.14
N ILE C 62 -19.86 -11.31 -37.49
CA ILE C 62 -19.90 -11.40 -36.03
C ILE C 62 -18.51 -11.73 -35.53
N TYR C 63 -18.09 -11.06 -34.46
CA TYR C 63 -16.75 -11.32 -33.92
C TYR C 63 -16.66 -11.02 -32.42
N SER C 64 -15.62 -11.58 -31.80
CA SER C 64 -15.42 -11.36 -30.39
C SER C 64 -14.04 -11.80 -29.95
N GLN C 65 -13.52 -11.13 -28.92
CA GLN C 65 -12.22 -11.48 -28.38
C GLN C 65 -12.23 -11.37 -26.87
N VAL C 66 -11.67 -12.37 -26.21
CA VAL C 66 -11.56 -12.36 -24.77
C VAL C 66 -10.11 -12.61 -24.44
N LEU C 67 -9.65 -12.06 -23.32
CA LEU C 67 -8.28 -12.24 -22.90
C LEU C 67 -8.29 -12.85 -21.51
N PHE C 68 -7.77 -14.07 -21.40
CA PHE C 68 -7.70 -14.74 -20.10
C PHE C 68 -6.34 -14.50 -19.46
N LYS C 69 -6.32 -14.39 -18.13
CA LYS C 69 -5.10 -14.18 -17.38
C LYS C 69 -5.19 -14.91 -16.06
N GLY C 70 -4.09 -15.56 -15.68
CA GLY C 70 -4.09 -16.30 -14.44
C GLY C 70 -2.74 -16.20 -13.76
N GLN C 71 -2.75 -16.13 -12.44
CA GLN C 71 -1.52 -16.06 -11.66
C GLN C 71 -1.10 -17.50 -11.38
N GLY C 72 0.10 -17.86 -11.82
CA GLY C 72 0.58 -19.21 -11.61
C GLY C 72 -0.42 -20.23 -12.13
N CYS C 73 -0.25 -21.50 -11.76
CA CYS C 73 -1.15 -22.55 -12.23
C CYS C 73 -2.00 -23.26 -11.19
N PRO C 74 -3.26 -23.55 -11.55
CA PRO C 74 -4.21 -24.24 -10.69
C PRO C 74 -3.86 -25.71 -10.53
N SER C 75 -4.88 -26.52 -10.31
CA SER C 75 -4.70 -27.96 -10.14
C SER C 75 -5.09 -28.67 -11.42
N THR C 76 -4.91 -29.99 -11.43
CA THR C 76 -5.23 -30.85 -12.56
C THR C 76 -5.10 -30.16 -13.92
N HIS C 77 -6.22 -29.73 -14.48
CA HIS C 77 -6.22 -29.09 -15.78
C HIS C 77 -7.38 -28.09 -15.89
N VAL C 78 -7.09 -26.94 -16.49
CA VAL C 78 -8.12 -25.91 -16.67
C VAL C 78 -8.37 -25.67 -18.16
N LEU C 79 -9.64 -25.61 -18.53
CA LEU C 79 -10.01 -25.37 -19.92
C LEU C 79 -10.70 -24.02 -20.05
N LEU C 80 -10.31 -23.28 -21.08
CA LEU C 80 -10.91 -21.97 -21.35
C LEU C 80 -11.68 -22.07 -22.64
N THR C 81 -12.94 -21.65 -22.62
CA THR C 81 -13.76 -21.70 -23.82
C THR C 81 -14.41 -20.36 -24.09
N HIS C 82 -14.48 -20.02 -25.37
CA HIS C 82 -15.10 -18.78 -25.80
C HIS C 82 -16.03 -19.21 -26.90
N THR C 83 -17.27 -18.72 -26.88
CA THR C 83 -18.20 -19.15 -27.91
C THR C 83 -19.32 -18.15 -28.18
N ILE C 84 -19.65 -17.97 -29.45
CA ILE C 84 -20.73 -17.06 -29.83
C ILE C 84 -21.93 -17.91 -30.25
N SER C 85 -23.05 -17.69 -29.58
CA SER C 85 -24.26 -18.45 -29.85
C SER C 85 -25.33 -17.61 -30.51
N ARG C 86 -26.22 -18.28 -31.22
CA ARG C 86 -27.34 -17.63 -31.84
C ARG C 86 -28.59 -18.29 -31.30
N ILE C 87 -29.55 -17.49 -30.90
CA ILE C 87 -30.82 -18.03 -30.45
C ILE C 87 -31.74 -17.35 -31.44
N ALA C 88 -32.15 -18.12 -32.45
CA ALA C 88 -33.01 -17.63 -33.52
C ALA C 88 -34.45 -17.40 -33.13
N VAL C 89 -35.10 -16.44 -33.78
CA VAL C 89 -36.49 -16.13 -33.50
C VAL C 89 -37.35 -17.32 -33.88
N SER C 90 -36.93 -18.08 -34.89
CA SER C 90 -37.69 -19.24 -35.32
C SER C 90 -37.26 -20.54 -34.67
N TYR C 91 -36.38 -20.47 -33.67
CA TYR C 91 -35.88 -21.66 -32.97
C TYR C 91 -35.14 -21.24 -31.70
N GLN C 92 -35.89 -20.80 -30.70
CA GLN C 92 -35.36 -20.33 -29.42
C GLN C 92 -34.43 -21.26 -28.66
N THR C 93 -33.22 -21.46 -29.16
CA THR C 93 -32.28 -22.32 -28.46
C THR C 93 -30.89 -21.92 -28.85
N LYS C 94 -30.01 -21.88 -27.87
CA LYS C 94 -28.64 -21.52 -28.15
C LYS C 94 -28.05 -22.56 -29.08
N VAL C 95 -27.51 -22.12 -30.23
CA VAL C 95 -26.83 -23.01 -31.16
C VAL C 95 -25.51 -22.29 -31.40
N ASN C 96 -24.40 -23.01 -31.24
CA ASN C 96 -23.10 -22.39 -31.44
C ASN C 96 -22.75 -22.03 -32.88
N LEU C 97 -22.29 -20.80 -33.09
CA LEU C 97 -21.87 -20.34 -34.41
C LEU C 97 -20.37 -20.38 -34.52
N LEU C 98 -19.71 -19.92 -33.48
CA LEU C 98 -18.26 -19.88 -33.44
C LEU C 98 -17.83 -20.29 -32.04
N SER C 99 -16.78 -21.09 -31.95
CA SER C 99 -16.30 -21.55 -30.67
C SER C 99 -14.85 -22.03 -30.69
N ALA C 100 -14.13 -21.76 -29.60
CA ALA C 100 -12.76 -22.21 -29.50
C ALA C 100 -12.44 -22.62 -28.06
N ILE C 101 -11.40 -23.42 -27.91
CA ILE C 101 -10.98 -23.91 -26.61
C ILE C 101 -9.47 -23.70 -26.47
N LYS C 102 -9.01 -23.44 -25.26
CA LYS C 102 -7.59 -23.23 -25.05
C LYS C 102 -7.20 -23.77 -23.68
N SER C 103 -6.08 -24.49 -23.62
CA SER C 103 -5.57 -25.08 -22.38
C SER C 103 -4.33 -24.34 -21.91
N PRO C 104 -4.51 -23.40 -20.96
CA PRO C 104 -3.41 -22.59 -20.42
C PRO C 104 -2.39 -23.42 -19.66
N CYS C 105 -2.74 -23.82 -18.45
CA CYS C 105 -1.85 -24.62 -17.63
C CYS C 105 -1.93 -26.08 -18.05
N GLN C 106 -0.85 -26.55 -18.68
CA GLN C 106 -0.76 -27.92 -19.13
C GLN C 106 -0.44 -28.81 -17.93
N ARG C 107 -1.13 -28.55 -16.82
CA ARG C 107 -0.95 -29.31 -15.58
C ARG C 107 0.36 -28.98 -14.86
N GLU C 108 1.15 -28.06 -15.43
CA GLU C 108 2.43 -27.67 -14.83
C GLU C 108 2.34 -27.50 -13.32
N THR C 109 1.33 -26.76 -12.86
CA THR C 109 1.11 -26.51 -11.43
C THR C 109 2.37 -26.07 -10.71
N PRO C 110 2.36 -24.85 -10.15
CA PRO C 110 3.51 -24.29 -9.42
C PRO C 110 4.19 -25.29 -8.50
N GLU C 111 5.40 -25.68 -8.86
CA GLU C 111 6.19 -26.63 -8.08
C GLU C 111 6.17 -26.30 -6.59
N GLY C 112 6.26 -25.01 -6.27
CA GLY C 112 6.24 -24.58 -4.88
C GLY C 112 7.01 -23.28 -4.70
N ALA C 113 7.75 -22.89 -5.73
CA ALA C 113 8.54 -21.67 -5.70
C ALA C 113 8.38 -20.92 -7.02
N GLU C 114 7.82 -19.71 -6.96
CA GLU C 114 7.59 -18.84 -8.12
C GLU C 114 6.16 -18.89 -8.67
N ALA C 115 6.05 -19.25 -9.95
CA ALA C 115 4.77 -19.34 -10.66
C ALA C 115 4.34 -18.00 -11.27
N LYS C 116 4.92 -17.68 -12.43
CA LYS C 116 4.61 -16.43 -13.14
C LYS C 116 3.17 -16.41 -13.66
N PRO C 117 2.71 -15.24 -14.12
CA PRO C 117 1.35 -15.12 -14.65
C PRO C 117 1.29 -15.55 -16.11
N TRP C 118 0.11 -15.91 -16.59
CA TRP C 118 -0.06 -16.33 -17.97
C TRP C 118 -1.21 -15.60 -18.64
N TYR C 119 -1.04 -15.32 -19.93
CA TYR C 119 -2.05 -14.64 -20.73
C TYR C 119 -2.41 -15.51 -21.92
N GLU C 120 -3.71 -15.62 -22.20
CA GLU C 120 -4.20 -16.43 -23.30
C GLU C 120 -5.40 -15.77 -23.99
N PRO C 121 -5.21 -15.22 -25.20
CA PRO C 121 -6.30 -14.57 -25.93
C PRO C 121 -7.00 -15.54 -26.88
N ILE C 122 -8.24 -15.23 -27.23
CA ILE C 122 -8.99 -16.06 -28.17
C ILE C 122 -9.84 -15.16 -29.06
N TYR C 123 -9.72 -15.34 -30.37
CA TYR C 123 -10.50 -14.53 -31.31
C TYR C 123 -11.48 -15.43 -32.04
N LEU C 124 -12.66 -14.89 -32.32
CA LEU C 124 -13.72 -15.60 -33.00
C LEU C 124 -14.38 -14.68 -34.02
N GLY C 125 -14.69 -15.20 -35.21
CA GLY C 125 -15.33 -14.36 -36.21
C GLY C 125 -15.75 -15.08 -37.47
N GLY C 126 -16.90 -14.68 -37.99
CA GLY C 126 -17.41 -15.28 -39.22
C GLY C 126 -18.66 -14.58 -39.72
N VAL C 127 -19.09 -14.91 -40.93
CA VAL C 127 -20.28 -14.29 -41.51
C VAL C 127 -21.48 -15.21 -41.40
N PHE C 128 -22.63 -14.65 -41.05
CA PHE C 128 -23.85 -15.45 -40.85
C PHE C 128 -25.15 -14.79 -41.34
N GLN C 129 -26.11 -15.63 -41.74
CA GLN C 129 -27.42 -15.20 -42.20
C GLN C 129 -28.25 -15.11 -40.92
N LEU C 130 -28.80 -13.94 -40.62
CA LEU C 130 -29.60 -13.73 -39.41
C LEU C 130 -30.98 -13.19 -39.70
N GLU C 131 -31.93 -13.54 -38.83
CA GLU C 131 -33.32 -13.11 -38.94
C GLU C 131 -33.55 -11.90 -38.02
N LYS C 132 -34.50 -11.05 -38.37
CA LYS C 132 -34.84 -9.92 -37.53
C LYS C 132 -35.30 -10.51 -36.19
N GLY C 133 -34.68 -10.08 -35.10
CA GLY C 133 -35.06 -10.59 -33.80
C GLY C 133 -34.08 -11.57 -33.18
N ASP C 134 -33.13 -12.09 -33.96
CA ASP C 134 -32.15 -13.04 -33.43
C ASP C 134 -31.33 -12.44 -32.29
N ARG C 135 -30.94 -13.28 -31.35
CA ARG C 135 -30.14 -12.86 -30.20
C ARG C 135 -28.76 -13.51 -30.27
N LEU C 136 -27.71 -12.71 -30.20
CA LEU C 136 -26.36 -13.26 -30.25
C LEU C 136 -25.70 -13.13 -28.87
N SER C 137 -25.02 -14.19 -28.45
CA SER C 137 -24.35 -14.21 -27.16
C SER C 137 -22.86 -14.51 -27.33
N ALA C 138 -22.04 -13.83 -26.54
CA ALA C 138 -20.61 -14.05 -26.56
C ALA C 138 -20.27 -14.40 -25.12
N GLU C 139 -20.15 -15.69 -24.83
CA GLU C 139 -19.88 -16.15 -23.48
C GLU C 139 -18.56 -16.89 -23.28
N ILE C 140 -18.13 -16.99 -22.02
CA ILE C 140 -16.91 -17.71 -21.64
C ILE C 140 -17.28 -18.60 -20.45
N ASN C 141 -16.45 -19.60 -20.17
CA ASN C 141 -16.71 -20.51 -19.08
C ASN C 141 -16.02 -20.14 -17.77
N ARG C 142 -14.89 -19.44 -17.85
CA ARG C 142 -14.14 -19.02 -16.65
C ARG C 142 -13.99 -17.51 -16.49
N PRO C 143 -15.09 -16.80 -16.24
CA PRO C 143 -15.06 -15.34 -16.08
C PRO C 143 -14.15 -14.88 -14.96
N ASP C 144 -13.71 -15.80 -14.12
CA ASP C 144 -12.82 -15.44 -13.03
C ASP C 144 -11.39 -15.21 -13.54
N TYR C 145 -11.13 -15.56 -14.80
CA TYR C 145 -9.80 -15.37 -15.39
C TYR C 145 -9.83 -14.23 -16.40
N LEU C 146 -10.97 -13.56 -16.51
CA LEU C 146 -11.14 -12.47 -17.45
C LEU C 146 -10.24 -11.27 -17.19
N LEU C 147 -9.33 -10.97 -18.11
CA LEU C 147 -8.48 -9.79 -17.96
C LEU C 147 -9.01 -8.63 -18.79
N PHE C 148 -9.76 -7.75 -18.15
CA PHE C 148 -10.30 -6.60 -18.83
C PHE C 148 -9.73 -5.34 -18.16
N ALA C 149 -8.45 -5.42 -17.80
CA ALA C 149 -7.78 -4.32 -17.14
C ALA C 149 -7.34 -3.22 -18.10
N GLU C 150 -6.79 -3.61 -19.25
CA GLU C 150 -6.32 -2.65 -20.23
C GLU C 150 -7.44 -1.87 -20.94
N SER C 151 -8.02 -2.44 -21.99
CA SER C 151 -9.04 -1.70 -22.72
C SER C 151 -9.63 -2.46 -23.91
N GLY C 152 -8.87 -2.52 -25.00
CA GLY C 152 -9.36 -3.23 -26.17
C GLY C 152 -9.01 -4.71 -26.12
N GLN C 153 -9.07 -5.31 -24.92
CA GLN C 153 -8.72 -6.71 -24.72
C GLN C 153 -9.92 -7.65 -24.75
N VAL C 154 -11.10 -7.11 -24.51
CA VAL C 154 -12.30 -7.92 -24.51
C VAL C 154 -13.41 -7.16 -25.23
N TYR C 155 -13.85 -7.69 -26.37
CA TYR C 155 -14.91 -7.05 -27.14
C TYR C 155 -15.78 -8.05 -27.89
N PHE C 156 -16.91 -7.56 -28.37
CA PHE C 156 -17.89 -8.36 -29.06
C PHE C 156 -18.63 -7.39 -29.98
N GLY C 157 -18.72 -7.73 -31.26
CA GLY C 157 -19.41 -6.85 -32.18
C GLY C 157 -19.98 -7.54 -33.41
N ILE C 158 -20.80 -6.79 -34.13
CA ILE C 158 -21.40 -7.28 -35.36
C ILE C 158 -21.66 -6.08 -36.28
N ILE C 159 -21.57 -6.33 -37.57
CA ILE C 159 -21.80 -5.30 -38.56
C ILE C 159 -22.60 -5.96 -39.69
N ALA C 160 -23.65 -5.28 -40.14
CA ALA C 160 -24.46 -5.83 -41.22
C ALA C 160 -23.75 -5.55 -42.55
N LEU C 161 -23.41 -6.61 -43.26
CA LEU C 161 -22.74 -6.44 -44.53
C LEU C 161 -23.74 -6.35 -45.67
N ILE D 1 15.18 -2.29 -56.44
CA ILE D 1 15.65 -3.56 -57.05
C ILE D 1 14.95 -3.87 -58.37
N THR D 2 15.61 -4.70 -59.18
CA THR D 2 15.10 -5.05 -60.49
C THR D 2 15.33 -6.48 -60.90
N LEU D 3 14.37 -7.04 -61.62
CA LEU D 3 14.50 -8.40 -62.17
C LEU D 3 14.12 -8.34 -63.66
N LYS D 4 15.07 -8.62 -64.54
CA LYS D 4 14.79 -8.56 -65.97
C LYS D 4 15.13 -9.83 -66.74
N TYR D 5 14.20 -10.29 -67.57
CA TYR D 5 14.38 -11.47 -68.42
C TYR D 5 14.42 -11.01 -69.88
N ASN D 6 15.42 -11.44 -70.62
CA ASN D 6 15.58 -11.03 -72.02
C ASN D 6 15.79 -12.26 -72.89
N TYR D 7 14.83 -12.53 -73.77
CA TYR D 7 14.96 -13.65 -74.70
C TYR D 7 15.18 -13.04 -76.08
N THR D 8 16.20 -13.50 -76.80
CA THR D 8 16.44 -12.94 -78.11
C THR D 8 16.86 -13.93 -79.20
N VAL D 9 16.14 -13.96 -80.31
CA VAL D 9 16.54 -14.81 -81.43
C VAL D 9 16.99 -13.83 -82.55
N THR D 10 18.09 -14.16 -83.21
CA THR D 10 18.62 -13.32 -84.28
C THR D 10 18.85 -14.11 -85.56
N LEU D 11 18.70 -13.45 -86.70
CA LEU D 11 18.92 -14.13 -87.97
C LEU D 11 20.41 -14.23 -88.26
N LYS D 12 21.21 -13.59 -87.42
CA LYS D 12 22.67 -13.63 -87.59
C LYS D 12 23.00 -13.37 -89.04
N ASP D 13 24.23 -13.67 -89.46
CA ASP D 13 24.62 -13.46 -90.84
C ASP D 13 23.67 -14.23 -91.74
N ASP D 14 24.19 -15.19 -92.49
CA ASP D 14 23.31 -15.96 -93.33
C ASP D 14 23.13 -17.37 -92.82
N GLY D 15 21.87 -17.71 -92.52
CA GLY D 15 21.57 -19.05 -92.05
C GLY D 15 20.59 -19.30 -90.97
N LEU D 16 21.17 -19.84 -89.92
CA LEU D 16 20.44 -20.21 -88.73
C LEU D 16 20.00 -19.01 -87.91
N TYR D 17 19.17 -19.29 -86.91
CA TYR D 17 18.66 -18.28 -86.01
C TYR D 17 19.29 -18.54 -84.67
N ASP D 18 20.01 -17.57 -84.15
CA ASP D 18 20.63 -17.73 -82.84
C ASP D 18 19.69 -17.35 -81.73
N GLY D 19 19.88 -17.92 -80.55
CA GLY D 19 19.02 -17.61 -79.44
C GLY D 19 19.78 -17.46 -78.15
N VAL D 20 19.44 -16.43 -77.39
CA VAL D 20 20.07 -16.20 -76.10
C VAL D 20 19.03 -15.74 -75.12
N PHE D 21 19.36 -15.96 -73.86
CA PHE D 21 18.50 -15.56 -72.77
C PHE D 21 19.37 -15.02 -71.65
N TYR D 22 18.94 -13.90 -71.06
CA TYR D 22 19.68 -13.31 -69.95
C TYR D 22 18.74 -13.05 -68.80
N ASP D 23 19.22 -13.38 -67.60
CA ASP D 23 18.47 -13.16 -66.36
C ASP D 23 19.32 -12.15 -65.56
N HIS D 24 18.80 -10.95 -65.37
CA HIS D 24 19.53 -9.92 -64.63
C HIS D 24 18.81 -9.43 -63.38
N TYR D 25 19.50 -9.50 -62.24
CA TYR D 25 18.96 -8.98 -60.98
C TYR D 25 19.74 -7.68 -60.81
N ASN D 26 19.05 -6.54 -60.89
CA ASN D 26 19.74 -5.24 -60.83
C ASN D 26 20.66 -5.31 -62.03
N ASP D 27 21.92 -4.93 -61.87
CA ASP D 27 22.85 -5.00 -63.00
C ASP D 27 23.69 -6.29 -62.94
N GLN D 28 23.27 -7.24 -62.11
CA GLN D 28 23.99 -8.50 -61.94
C GLN D 28 23.51 -9.67 -62.82
N LEU D 29 24.37 -10.18 -63.69
CA LEU D 29 23.98 -11.29 -64.52
C LEU D 29 23.74 -12.51 -63.62
N VAL D 30 22.62 -13.18 -63.78
CA VAL D 30 22.32 -14.34 -62.96
C VAL D 30 22.37 -15.63 -63.79
N THR D 31 21.87 -15.56 -65.02
CA THR D 31 21.85 -16.72 -65.90
C THR D 31 21.95 -16.34 -67.36
N LYS D 32 22.72 -17.13 -68.11
CA LYS D 32 22.83 -16.91 -69.54
C LYS D 32 22.56 -18.26 -70.17
N ILE D 33 21.72 -18.25 -71.19
CA ILE D 33 21.39 -19.47 -71.91
C ILE D 33 21.44 -19.19 -73.41
N SER D 34 21.98 -20.12 -74.17
CA SER D 34 22.05 -19.94 -75.62
C SER D 34 21.66 -21.23 -76.33
N TYR D 35 21.11 -21.09 -77.52
CA TYR D 35 20.66 -22.22 -78.31
C TYR D 35 21.82 -22.95 -78.94
N ASN D 36 21.97 -24.23 -78.61
CA ASN D 36 23.03 -25.08 -79.15
C ASN D 36 22.58 -25.68 -80.49
N HIS D 37 23.20 -25.28 -81.59
CA HIS D 37 22.81 -25.77 -82.91
C HIS D 37 23.08 -27.23 -83.20
N GLU D 38 24.10 -27.76 -82.54
CA GLU D 38 24.44 -29.17 -82.69
C GLU D 38 23.33 -29.97 -82.00
N THR D 39 23.10 -29.70 -80.71
CA THR D 39 22.11 -30.39 -79.91
C THR D 39 20.66 -30.05 -80.20
N ARG D 40 20.41 -28.80 -80.61
CA ARG D 40 19.06 -28.33 -80.93
C ARG D 40 18.21 -27.98 -79.70
N HIS D 41 18.86 -27.52 -78.64
CA HIS D 41 18.17 -27.10 -77.42
C HIS D 41 19.09 -26.12 -76.69
N GLY D 42 18.61 -25.45 -75.65
CA GLY D 42 19.45 -24.49 -74.96
C GLY D 42 20.42 -25.09 -73.95
N ASN D 43 21.44 -24.32 -73.60
CA ASN D 43 22.45 -24.74 -72.61
C ASN D 43 22.73 -23.57 -71.69
N VAL D 44 22.90 -23.84 -70.41
CA VAL D 44 23.20 -22.75 -69.48
C VAL D 44 24.67 -22.48 -69.61
N ASN D 45 25.02 -21.27 -70.01
CA ASN D 45 26.43 -20.91 -70.19
C ASN D 45 26.97 -20.28 -68.92
N PHE D 46 26.11 -19.58 -68.21
CA PHE D 46 26.52 -18.89 -67.01
C PHE D 46 25.48 -18.98 -65.93
N ARG D 47 25.96 -19.07 -64.69
CA ARG D 47 25.07 -19.08 -63.53
C ARG D 47 25.80 -18.42 -62.37
N ALA D 48 25.26 -17.31 -61.87
CA ALA D 48 25.90 -16.62 -60.75
C ALA D 48 26.05 -17.59 -59.57
N ASP D 49 27.23 -17.53 -58.94
CA ASP D 49 27.56 -18.40 -57.81
C ASP D 49 26.62 -18.22 -56.61
N TRP D 50 26.07 -17.01 -56.43
CA TRP D 50 25.20 -16.75 -55.30
C TRP D 50 23.74 -17.15 -55.46
N PHE D 51 23.36 -17.53 -56.68
CA PHE D 51 21.98 -17.88 -56.95
C PHE D 51 21.71 -19.38 -56.95
N ASN D 52 21.04 -19.88 -55.92
CA ASN D 52 20.68 -21.30 -55.86
C ASN D 52 19.26 -21.34 -56.43
N ILE D 53 19.13 -21.73 -57.69
CA ILE D 53 17.83 -21.76 -58.34
C ILE D 53 16.78 -22.60 -57.63
N SER D 54 17.21 -23.48 -56.74
CA SER D 54 16.28 -24.32 -55.99
C SER D 54 15.60 -23.51 -54.91
N ARG D 55 16.20 -22.40 -54.52
CA ARG D 55 15.62 -21.57 -53.49
C ARG D 55 14.74 -20.48 -54.11
N SER D 56 14.50 -20.56 -55.41
CA SER D 56 13.66 -19.57 -56.10
C SER D 56 12.54 -20.25 -56.87
N PRO D 57 11.58 -20.79 -56.14
CA PRO D 57 10.39 -21.51 -56.64
C PRO D 57 9.66 -20.81 -57.76
N HIS D 58 9.75 -19.49 -57.84
CA HIS D 58 9.04 -18.75 -58.85
C HIS D 58 9.83 -18.37 -60.09
N THR D 59 11.05 -18.88 -60.18
CA THR D 59 11.85 -18.64 -61.37
C THR D 59 11.40 -19.78 -62.25
N PRO D 60 10.95 -19.49 -63.49
CA PRO D 60 10.47 -20.50 -64.44
C PRO D 60 11.37 -21.75 -64.58
N GLY D 61 10.73 -22.91 -64.68
CA GLY D 61 11.48 -24.16 -64.83
C GLY D 61 11.84 -24.43 -66.28
N ASN D 62 12.51 -25.55 -66.54
CA ASN D 62 12.93 -25.90 -67.90
C ASN D 62 13.86 -24.81 -68.41
N ASP D 63 14.82 -24.42 -67.59
CA ASP D 63 15.74 -23.37 -67.96
C ASP D 63 14.93 -22.23 -68.54
N TYR D 64 14.06 -21.68 -67.70
CA TYR D 64 13.23 -20.53 -68.08
C TYR D 64 12.39 -20.76 -69.33
N ASN D 65 11.91 -21.99 -69.52
CA ASN D 65 11.11 -22.32 -70.69
C ASN D 65 11.83 -21.86 -71.95
N PHE D 66 13.16 -21.95 -71.96
CA PHE D 66 13.94 -21.50 -73.11
C PHE D 66 13.60 -22.17 -74.44
N ASN D 67 13.60 -23.50 -74.47
CA ASN D 67 13.29 -24.20 -75.70
C ASN D 67 11.95 -23.73 -76.22
N PHE D 68 10.97 -23.59 -75.32
CA PHE D 68 9.64 -23.14 -75.75
C PHE D 68 9.71 -21.79 -76.44
N TRP D 69 10.29 -20.81 -75.77
CA TRP D 69 10.39 -19.47 -76.31
C TRP D 69 11.27 -19.39 -77.56
N TYR D 70 12.44 -20.00 -77.52
CA TYR D 70 13.31 -19.96 -78.68
C TYR D 70 12.54 -20.39 -79.93
N SER D 71 11.92 -21.56 -79.83
CA SER D 71 11.17 -22.09 -80.94
C SER D 71 10.01 -21.18 -81.39
N LEU D 72 9.18 -20.75 -80.46
CA LEU D 72 8.05 -19.93 -80.79
C LEU D 72 8.48 -18.56 -81.30
N MET D 73 9.60 -18.07 -80.82
CA MET D 73 10.09 -16.76 -81.26
C MET D 73 10.70 -16.91 -82.64
N LYS D 74 11.34 -18.04 -82.88
CA LYS D 74 11.92 -18.29 -84.18
C LYS D 74 10.76 -18.28 -85.18
N GLU D 75 9.66 -18.96 -84.83
CA GLU D 75 8.49 -19.02 -85.71
C GLU D 75 7.99 -17.61 -85.98
N THR D 76 7.87 -16.81 -84.91
CA THR D 76 7.38 -15.46 -85.03
C THR D 76 8.27 -14.58 -85.89
N LEU D 77 9.58 -14.74 -85.74
CA LEU D 77 10.49 -13.94 -86.53
C LEU D 77 10.36 -14.28 -88.02
N GLU D 78 10.20 -15.57 -88.34
CA GLU D 78 10.06 -15.98 -89.73
C GLU D 78 8.82 -15.35 -90.37
N GLU D 79 7.69 -15.41 -89.66
CA GLU D 79 6.44 -14.84 -90.16
C GLU D 79 6.60 -13.34 -90.36
N ILE D 80 7.22 -12.69 -89.38
CA ILE D 80 7.44 -11.26 -89.45
C ILE D 80 8.26 -10.86 -90.66
N ASN D 81 9.19 -11.71 -91.06
CA ASN D 81 10.03 -11.40 -92.21
C ASN D 81 9.39 -11.65 -93.58
N LYS D 82 8.23 -12.28 -93.62
CA LYS D 82 7.58 -12.52 -94.91
C LYS D 82 7.10 -11.21 -95.55
N ASN D 83 6.45 -10.34 -94.77
CA ASN D 83 6.01 -9.04 -95.30
C ASN D 83 7.32 -8.25 -95.28
N ASP D 84 7.93 -8.10 -96.45
CA ASP D 84 9.22 -7.42 -96.58
C ASP D 84 9.29 -5.99 -96.02
N SER D 85 8.16 -5.46 -95.57
CA SER D 85 8.14 -4.11 -94.99
C SER D 85 8.32 -4.18 -93.47
N THR D 86 8.53 -5.39 -92.96
CA THR D 86 8.72 -5.60 -91.52
C THR D 86 10.06 -6.29 -91.25
N LYS D 87 10.55 -7.04 -92.24
CA LYS D 87 11.81 -7.77 -92.14
C LYS D 87 12.74 -7.20 -91.07
N THR D 88 13.13 -8.04 -90.12
CA THR D 88 14.00 -7.61 -89.04
C THR D 88 15.12 -8.60 -88.78
N THR D 89 16.19 -8.09 -88.18
CA THR D 89 17.36 -8.88 -87.84
C THR D 89 17.09 -9.81 -86.68
N SER D 90 16.40 -9.30 -85.66
CA SER D 90 16.09 -10.07 -84.46
C SER D 90 14.79 -9.70 -83.79
N LEU D 91 14.42 -10.53 -82.81
CA LEU D 91 13.20 -10.38 -82.03
C LEU D 91 13.55 -10.61 -80.55
N SER D 92 12.97 -9.81 -79.68
CA SER D 92 13.24 -9.93 -78.25
C SER D 92 11.98 -9.93 -77.38
N LEU D 93 12.00 -10.78 -76.35
CA LEU D 93 10.89 -10.84 -75.41
C LEU D 93 11.41 -10.28 -74.09
N ILE D 94 11.01 -9.06 -73.76
CA ILE D 94 11.46 -8.40 -72.54
C ILE D 94 10.38 -8.49 -71.48
N THR D 95 10.69 -9.13 -70.36
CA THR D 95 9.71 -9.26 -69.29
C THR D 95 10.44 -9.20 -67.96
N GLY D 96 9.77 -8.67 -66.94
CA GLY D 96 10.41 -8.54 -65.64
C GLY D 96 9.62 -7.62 -64.73
N CYS D 97 10.19 -7.27 -63.57
CA CYS D 97 9.49 -6.40 -62.64
C CYS D 97 10.45 -5.51 -61.87
N TYR D 98 9.90 -4.64 -61.03
CA TYR D 98 10.73 -3.71 -60.27
C TYR D 98 10.06 -3.21 -59.00
N GLU D 99 10.90 -2.84 -58.05
CA GLU D 99 10.51 -2.27 -56.78
C GLU D 99 11.49 -1.12 -56.61
N THR D 100 11.21 -0.01 -57.29
CA THR D 100 12.03 1.21 -57.25
C THR D 100 11.45 2.16 -56.20
N GLY D 101 11.99 2.11 -54.98
CA GLY D 101 11.44 2.96 -53.93
C GLY D 101 10.00 2.55 -53.68
N LEU D 102 9.09 3.52 -53.67
CA LEU D 102 7.69 3.24 -53.45
C LEU D 102 7.03 2.64 -54.67
N LEU D 103 7.52 2.99 -55.86
CA LEU D 103 6.96 2.47 -57.10
C LEU D 103 7.24 0.99 -57.30
N PHE D 104 6.33 0.31 -57.98
CA PHE D 104 6.50 -1.11 -58.26
C PHE D 104 5.59 -1.52 -59.40
N GLY D 105 6.06 -2.45 -60.24
CA GLY D 105 5.26 -2.91 -61.35
C GLY D 105 5.93 -4.02 -62.12
N SER D 106 5.29 -4.51 -63.18
CA SER D 106 5.86 -5.57 -63.99
C SER D 106 5.60 -5.28 -65.46
N TYR D 107 6.33 -5.94 -66.35
CA TYR D 107 6.15 -5.69 -67.76
C TYR D 107 6.43 -6.93 -68.58
N GLY D 108 6.00 -6.91 -69.83
CA GLY D 108 6.23 -8.01 -70.73
C GLY D 108 5.88 -7.49 -72.10
N TYR D 109 6.89 -7.25 -72.92
CA TYR D 109 6.66 -6.75 -74.26
C TYR D 109 7.62 -7.37 -75.26
N VAL D 110 7.30 -7.21 -76.53
CA VAL D 110 8.12 -7.76 -77.60
C VAL D 110 8.66 -6.61 -78.41
N GLU D 111 9.97 -6.55 -78.58
CA GLU D 111 10.57 -5.50 -79.41
C GLU D 111 11.35 -6.13 -80.55
N THR D 112 11.56 -5.33 -81.58
CA THR D 112 12.25 -5.73 -82.80
C THR D 112 13.51 -4.91 -82.93
N ALA D 113 14.41 -5.30 -83.83
CA ALA D 113 15.64 -4.53 -84.02
C ALA D 113 15.25 -3.11 -84.47
N ASN D 114 14.04 -2.98 -85.01
CA ASN D 114 13.53 -1.71 -85.50
C ASN D 114 12.84 -0.90 -84.41
N GLY D 115 12.62 -1.51 -83.26
CA GLY D 115 11.99 -0.81 -82.15
C GLY D 115 10.83 -1.56 -81.51
N PRO D 116 10.26 -1.04 -80.41
CA PRO D 116 9.14 -1.67 -79.70
C PRO D 116 8.04 -2.10 -80.63
N LEU D 117 7.50 -3.29 -80.38
CA LEU D 117 6.45 -3.85 -81.23
C LEU D 117 5.10 -3.95 -80.48
N ALA D 118 4.99 -4.90 -79.55
CA ALA D 118 3.75 -5.09 -78.80
C ALA D 118 3.97 -5.34 -77.32
N ARG D 119 3.05 -4.83 -76.53
CA ARG D 119 3.07 -4.95 -75.07
C ARG D 119 1.94 -5.86 -74.60
N TYR D 120 2.24 -6.76 -73.67
CA TYR D 120 1.24 -7.70 -73.19
C TYR D 120 0.52 -7.15 -71.97
N HIS D 121 -0.81 -7.06 -72.06
CA HIS D 121 -1.60 -6.55 -70.94
C HIS D 121 -2.27 -7.64 -70.15
N THR D 122 -1.91 -7.69 -68.88
CA THR D 122 -2.45 -8.67 -67.93
C THR D 122 -3.97 -8.64 -67.85
N GLY D 123 -4.53 -7.44 -67.95
CA GLY D 123 -5.98 -7.30 -67.89
C GLY D 123 -6.70 -7.90 -69.07
N ASP D 124 -6.46 -7.36 -70.27
CA ASP D 124 -7.09 -7.83 -71.49
C ASP D 124 -6.64 -9.23 -71.92
N LYS D 125 -5.49 -9.69 -71.40
CA LYS D 125 -4.96 -11.00 -71.76
C LYS D 125 -4.69 -11.07 -73.27
N ARG D 126 -3.99 -10.07 -73.79
CA ARG D 126 -3.66 -10.00 -75.21
C ARG D 126 -2.57 -8.93 -75.40
N PHE D 127 -1.97 -8.89 -76.59
CA PHE D 127 -0.95 -7.90 -76.85
C PHE D 127 -1.58 -6.61 -77.37
N THR D 128 -0.90 -5.49 -77.16
CA THR D 128 -1.38 -4.20 -77.63
C THR D 128 -0.23 -3.43 -78.27
N LYS D 129 -0.51 -2.77 -79.39
CA LYS D 129 0.49 -1.99 -80.11
C LYS D 129 1.23 -1.03 -79.17
N MET D 130 2.53 -0.86 -79.41
CA MET D 130 3.34 0.05 -78.60
C MET D 130 3.64 1.27 -79.43
N THR D 131 3.32 1.19 -80.73
CA THR D 131 3.56 2.26 -81.68
C THR D 131 2.32 2.43 -82.52
N HIS D 132 2.17 3.62 -83.14
CA HIS D 132 1.03 3.90 -84.03
C HIS D 132 1.04 2.87 -85.16
N LYS D 133 2.26 2.51 -85.58
CA LYS D 133 2.51 1.55 -86.67
C LYS D 133 1.73 0.24 -86.56
N GLY D 134 1.45 -0.19 -85.33
CA GLY D 134 0.74 -1.44 -85.13
C GLY D 134 1.72 -2.61 -85.15
N PHE D 135 1.22 -3.84 -85.03
CA PHE D 135 2.09 -5.01 -85.05
C PHE D 135 1.42 -6.17 -85.78
N PRO D 136 2.20 -6.93 -86.54
CA PRO D 136 1.68 -8.08 -87.31
C PRO D 136 1.16 -9.19 -86.40
N LYS D 137 -0.09 -9.58 -86.60
CA LYS D 137 -0.69 -10.64 -85.79
C LYS D 137 -0.27 -12.01 -86.29
N VAL D 138 0.96 -12.39 -85.94
CA VAL D 138 1.54 -13.65 -86.34
C VAL D 138 2.30 -14.26 -85.17
N GLY D 139 2.69 -15.52 -85.31
CA GLY D 139 3.42 -16.21 -84.26
C GLY D 139 2.83 -16.09 -82.86
N MET D 140 3.70 -15.78 -81.90
CA MET D 140 3.32 -15.64 -80.51
C MET D 140 2.49 -14.41 -80.26
N LEU D 141 2.22 -13.64 -81.31
CA LEU D 141 1.46 -12.42 -81.15
C LEU D 141 -0.05 -12.48 -81.38
N THR D 142 -0.59 -13.62 -81.79
CA THR D 142 -2.04 -13.72 -82.02
C THR D 142 -2.68 -14.83 -81.25
N VAL D 143 -3.94 -14.63 -80.89
CA VAL D 143 -4.67 -15.64 -80.16
C VAL D 143 -4.88 -16.82 -81.12
N LYS D 144 -4.77 -16.54 -82.42
CA LYS D 144 -4.93 -17.56 -83.46
C LYS D 144 -3.94 -18.70 -83.29
N ASN D 145 -2.74 -18.39 -82.79
CA ASN D 145 -1.69 -19.38 -82.60
C ASN D 145 -2.06 -20.53 -81.68
N THR D 146 -1.70 -21.73 -82.11
CA THR D 146 -1.98 -22.93 -81.35
C THR D 146 -1.34 -22.95 -79.96
N LEU D 147 -0.26 -22.21 -79.79
CA LEU D 147 0.44 -22.18 -78.49
C LEU D 147 0.08 -20.99 -77.62
N TRP D 148 -0.89 -20.19 -78.06
CA TRP D 148 -1.32 -19.01 -77.32
C TRP D 148 -1.55 -19.31 -75.82
N LYS D 149 -2.18 -20.45 -75.54
CA LYS D 149 -2.46 -20.81 -74.17
C LYS D 149 -1.18 -20.85 -73.34
N ASP D 150 -0.09 -21.29 -73.96
CA ASP D 150 1.18 -21.35 -73.25
C ASP D 150 1.75 -19.95 -73.06
N VAL D 151 1.55 -19.09 -74.05
CA VAL D 151 2.05 -17.72 -73.96
C VAL D 151 1.37 -17.08 -72.77
N LYS D 152 0.04 -17.16 -72.72
CA LYS D 152 -0.73 -16.59 -71.61
C LYS D 152 -0.19 -17.05 -70.27
N ALA D 153 0.02 -18.35 -70.17
CA ALA D 153 0.52 -18.94 -68.94
C ALA D 153 1.94 -18.55 -68.56
N TYR D 154 2.88 -18.69 -69.50
CA TYR D 154 4.27 -18.37 -69.23
C TYR D 154 4.54 -16.88 -69.10
N LEU D 155 4.10 -16.11 -70.09
CA LEU D 155 4.33 -14.68 -70.08
C LEU D 155 3.32 -13.96 -69.20
N GLY D 156 2.05 -14.22 -69.44
CA GLY D 156 1.04 -13.57 -68.64
C GLY D 156 1.18 -13.89 -67.17
N GLY D 157 1.39 -15.16 -66.84
CA GLY D 157 1.52 -15.53 -65.45
C GLY D 157 2.66 -14.84 -64.72
N PHE D 158 3.84 -14.86 -65.36
CA PHE D 158 5.02 -14.26 -64.79
C PHE D 158 4.77 -12.78 -64.54
N GLU D 159 4.16 -12.13 -65.52
CA GLU D 159 3.88 -10.71 -65.43
C GLU D 159 2.78 -10.41 -64.42
N TYR D 160 1.84 -11.31 -64.30
CA TYR D 160 0.74 -11.10 -63.36
C TYR D 160 1.16 -11.19 -61.91
N MET D 161 2.08 -12.09 -61.58
CA MET D 161 2.47 -12.24 -60.19
C MET D 161 3.77 -12.99 -59.99
N GLY D 162 4.02 -13.97 -60.85
CA GLY D 162 5.24 -14.76 -60.74
C GLY D 162 6.51 -13.97 -60.49
N CYS D 163 6.76 -12.99 -61.34
CA CYS D 163 7.94 -12.18 -61.22
C CYS D 163 8.03 -11.45 -59.88
N SER D 164 6.98 -10.73 -59.51
CA SER D 164 7.00 -10.00 -58.25
C SER D 164 7.30 -10.89 -57.05
N LEU D 165 6.94 -12.17 -57.14
CA LEU D 165 7.23 -13.10 -56.07
C LEU D 165 8.69 -13.56 -56.14
N ALA D 166 9.13 -13.89 -57.35
CA ALA D 166 10.49 -14.35 -57.56
C ALA D 166 11.54 -13.31 -57.16
N ILE D 167 11.34 -12.06 -57.59
CA ILE D 167 12.31 -11.01 -57.29
C ILE D 167 12.72 -11.00 -55.83
N LEU D 168 11.81 -11.39 -54.94
CA LEU D 168 12.10 -11.41 -53.51
C LEU D 168 13.09 -12.52 -53.14
N ASP D 169 13.05 -13.63 -53.87
CA ASP D 169 13.98 -14.73 -53.60
C ASP D 169 15.38 -14.32 -54.06
N TYR D 170 15.46 -13.60 -55.18
CA TYR D 170 16.76 -13.17 -55.68
C TYR D 170 17.38 -12.25 -54.65
N GLN D 171 16.58 -11.30 -54.17
CA GLN D 171 17.05 -10.34 -53.19
C GLN D 171 17.67 -11.04 -51.99
N LYS D 172 16.99 -12.05 -51.46
CA LYS D 172 17.50 -12.80 -50.30
C LYS D 172 18.89 -13.38 -50.57
N MET D 173 19.03 -14.08 -51.68
CA MET D 173 20.31 -14.70 -52.02
C MET D 173 21.35 -13.72 -52.49
N ALA D 174 20.95 -12.50 -52.81
CA ALA D 174 21.92 -11.53 -53.28
C ALA D 174 22.46 -10.66 -52.15
N LYS D 175 21.67 -10.52 -51.08
CA LYS D 175 22.02 -9.68 -49.95
C LYS D 175 23.50 -9.33 -49.79
N GLY D 176 24.32 -10.32 -49.46
CA GLY D 176 25.73 -10.02 -49.28
C GLY D 176 26.62 -10.04 -50.50
N LYS D 177 26.26 -10.75 -51.55
CA LYS D 177 27.12 -10.84 -52.72
C LYS D 177 27.09 -9.81 -53.84
N ILE D 178 26.48 -8.64 -53.63
CA ILE D 178 26.47 -7.62 -54.70
C ILE D 178 26.70 -6.24 -54.13
N PRO D 179 26.90 -5.22 -55.00
CA PRO D 179 27.12 -3.85 -54.53
C PRO D 179 26.14 -3.44 -53.46
N LYS D 180 26.63 -2.79 -52.41
CA LYS D 180 25.78 -2.34 -51.32
C LYS D 180 24.93 -1.14 -51.78
N ASP D 181 23.80 -0.92 -51.11
CA ASP D 181 22.95 0.20 -51.47
C ASP D 181 23.73 1.50 -51.24
N THR D 182 23.51 2.46 -52.13
CA THR D 182 24.18 3.75 -52.01
C THR D 182 23.22 4.90 -52.31
N THR D 183 23.04 5.77 -51.33
CA THR D 183 22.13 6.90 -51.47
C THR D 183 22.71 8.01 -52.33
N PRO D 184 21.91 8.50 -53.27
CA PRO D 184 22.36 9.57 -54.16
C PRO D 184 22.27 10.97 -53.58
N THR D 185 22.80 11.93 -54.35
CA THR D 185 22.80 13.33 -54.03
C THR D 185 21.93 13.94 -55.10
N VAL D 186 20.97 14.78 -54.71
CA VAL D 186 20.10 15.36 -55.71
C VAL D 186 20.17 16.87 -55.69
N LYS D 187 20.01 17.45 -56.88
CA LYS D 187 20.02 18.90 -57.05
C LYS D 187 19.19 19.18 -58.30
N VAL D 188 18.28 20.16 -58.20
CA VAL D 188 17.46 20.52 -59.34
C VAL D 188 17.92 21.89 -59.83
N THR D 189 18.25 22.00 -61.11
CA THR D 189 18.71 23.28 -61.62
C THR D 189 17.75 23.92 -62.62
N GLY D 190 17.64 25.24 -62.54
CA GLY D 190 16.74 25.94 -63.44
C GLY D 190 17.47 26.68 -64.54
N ASN D 191 18.12 25.94 -65.44
CA ASN D 191 18.83 26.55 -66.56
C ASN D 191 17.81 27.09 -67.53
N GLU D 192 18.23 27.39 -68.75
CA GLU D 192 17.32 27.90 -69.76
C GLU D 192 17.91 27.77 -71.16
N LEU D 193 17.33 26.83 -71.92
CA LEU D 193 17.78 26.52 -73.28
C LEU D 193 17.52 27.57 -74.38
N GLU D 194 17.61 28.85 -74.01
CA GLU D 194 17.45 29.96 -74.95
C GLU D 194 16.12 30.19 -75.67
N ASP D 195 15.81 29.38 -76.67
CA ASP D 195 14.57 29.56 -77.43
C ASP D 195 13.33 29.44 -76.53
N GLY D 196 13.35 28.47 -75.63
CA GLY D 196 12.23 28.28 -74.72
C GLY D 196 12.41 29.09 -73.46
N ASN D 197 11.32 29.33 -72.73
CA ASN D 197 11.42 30.11 -71.51
C ASN D 197 12.33 29.49 -70.45
N MET D 198 11.83 28.51 -69.69
CA MET D 198 12.63 27.88 -68.64
C MET D 198 12.80 26.36 -68.78
N THR D 199 13.89 25.85 -68.22
CA THR D 199 14.20 24.42 -68.26
C THR D 199 14.64 23.93 -66.88
N LEU D 200 14.08 22.81 -66.44
CA LEU D 200 14.43 22.26 -65.14
C LEU D 200 15.24 20.98 -65.33
N GLU D 201 16.29 20.84 -64.54
CA GLU D 201 17.16 19.68 -64.62
C GLU D 201 17.37 19.05 -63.27
N CYS D 202 16.85 17.83 -63.11
CA CYS D 202 16.98 17.07 -61.87
C CYS D 202 18.17 16.14 -62.06
N THR D 203 19.18 16.25 -61.21
CA THR D 203 20.33 15.37 -61.35
C THR D 203 20.55 14.58 -60.06
N VAL D 204 20.58 13.27 -60.22
CA VAL D 204 20.77 12.35 -59.11
C VAL D 204 22.19 11.77 -59.22
N ASN D 205 22.99 11.97 -58.19
CA ASN D 205 24.38 11.53 -58.21
C ASN D 205 24.76 10.30 -57.42
N SER D 206 25.40 9.40 -58.14
CA SER D 206 25.92 8.13 -57.64
C SER D 206 25.05 7.41 -56.60
N PHE D 207 24.14 6.58 -57.13
CA PHE D 207 23.21 5.76 -56.33
C PHE D 207 23.45 4.30 -56.73
N TYR D 208 23.34 3.34 -55.80
CA TYR D 208 23.63 2.00 -56.28
C TYR D 208 22.57 1.28 -57.06
N PRO D 209 21.60 0.64 -56.40
CA PRO D 209 20.63 -0.05 -57.28
C PRO D 209 20.35 0.95 -58.40
N PRO D 210 20.77 0.61 -59.63
CA PRO D 210 20.63 1.42 -60.85
C PRO D 210 19.27 1.88 -61.30
N ASP D 211 18.22 1.26 -60.76
CA ASP D 211 16.86 1.64 -61.11
C ASP D 211 16.47 2.91 -60.36
N VAL D 212 16.07 3.92 -61.12
CA VAL D 212 15.66 5.19 -60.54
C VAL D 212 14.54 5.71 -61.39
N ILE D 213 13.54 6.29 -60.75
CA ILE D 213 12.44 6.87 -61.47
C ILE D 213 12.21 8.25 -60.92
N THR D 214 11.82 9.13 -61.83
CA THR D 214 11.61 10.51 -61.50
C THR D 214 10.23 10.99 -61.93
N LYS D 215 9.60 11.75 -61.04
CA LYS D 215 8.27 12.33 -61.31
C LYS D 215 8.29 13.84 -61.13
N TRP D 216 7.78 14.55 -62.12
CA TRP D 216 7.70 16.01 -62.04
C TRP D 216 6.26 16.39 -61.71
N ILE D 217 6.09 17.03 -60.55
CA ILE D 217 4.78 17.44 -60.08
C ILE D 217 4.73 18.93 -59.72
N GLU D 218 3.68 19.61 -60.18
CA GLU D 218 3.55 21.03 -59.87
C GLU D 218 3.50 21.19 -58.36
N SER D 219 4.30 22.11 -57.83
CA SER D 219 4.38 22.33 -56.37
C SER D 219 3.06 22.64 -55.65
N GLU D 220 2.09 23.16 -56.38
CA GLU D 220 0.80 23.48 -55.77
C GLU D 220 0.21 22.25 -55.09
N HIS D 221 0.38 21.10 -55.73
CA HIS D 221 -0.14 19.84 -55.22
C HIS D 221 0.44 19.37 -53.90
N PHE D 222 1.50 20.02 -53.42
CA PHE D 222 2.07 19.61 -52.15
C PHE D 222 1.55 20.47 -51.00
N LYS D 223 0.53 21.27 -51.29
CA LYS D 223 -0.07 22.15 -50.29
C LYS D 223 0.86 22.58 -49.15
N GLY D 224 2.02 23.15 -49.49
CA GLY D 224 2.94 23.59 -48.45
C GLY D 224 3.91 22.59 -47.85
N GLU D 225 3.52 21.32 -47.76
CA GLU D 225 4.40 20.30 -47.20
C GLU D 225 5.02 19.50 -48.34
N TYR D 226 6.34 19.57 -48.46
CA TYR D 226 7.05 18.84 -49.53
C TYR D 226 7.47 17.40 -49.21
N LYS D 227 6.47 16.55 -49.05
CA LYS D 227 6.63 15.12 -48.77
C LYS D 227 5.67 14.43 -49.72
N TYR D 228 6.12 13.34 -50.33
CA TYR D 228 5.27 12.59 -51.24
C TYR D 228 4.52 11.55 -50.39
N VAL D 229 3.20 11.72 -50.23
CA VAL D 229 2.41 10.80 -49.42
C VAL D 229 2.05 9.55 -50.24
N ASN D 230 2.44 8.39 -49.73
CA ASN D 230 2.22 7.13 -50.41
C ASN D 230 0.93 6.98 -51.18
N GLY D 231 -0.16 6.69 -50.49
CA GLY D 231 -1.41 6.49 -51.21
C GLY D 231 -2.09 7.70 -51.83
N ARG D 232 -1.49 8.88 -51.74
CA ARG D 232 -2.12 10.07 -52.29
C ARG D 232 -2.04 10.20 -53.80
N TYR D 233 -3.07 10.81 -54.39
CA TYR D 233 -3.09 11.01 -55.83
C TYR D 233 -2.33 12.28 -56.24
N TYR D 234 -1.62 12.23 -57.37
CA TYR D 234 -0.88 13.40 -57.86
C TYR D 234 -0.84 13.49 -59.38
N PRO D 235 -1.29 14.61 -59.96
CA PRO D 235 -1.24 14.74 -61.43
C PRO D 235 0.27 14.79 -61.67
N GLU D 236 0.79 14.26 -62.78
CA GLU D 236 2.24 14.29 -62.87
C GLU D 236 3.07 14.69 -64.08
N TRP D 237 2.54 15.43 -65.04
CA TRP D 237 3.38 15.82 -66.17
C TRP D 237 4.08 14.61 -66.80
N GLY D 238 3.34 13.75 -67.50
CA GLY D 238 3.94 12.59 -68.11
C GLY D 238 4.98 12.89 -69.18
N ARG D 239 5.90 11.97 -69.41
CA ARG D 239 6.94 12.14 -70.42
C ARG D 239 6.40 11.51 -71.70
N LYS D 240 7.06 11.72 -72.83
CA LYS D 240 6.58 11.15 -74.09
C LYS D 240 7.54 10.08 -74.59
N SER D 241 7.05 8.84 -74.64
CA SER D 241 7.87 7.71 -75.09
C SER D 241 6.97 6.53 -75.42
N ASN D 242 7.44 5.63 -76.27
CA ASN D 242 6.64 4.45 -76.61
C ASN D 242 6.67 3.47 -75.45
N TYR D 243 7.64 3.66 -74.57
CA TYR D 243 7.80 2.83 -73.41
C TYR D 243 7.18 3.53 -72.20
N GLU D 244 6.77 2.75 -71.20
CA GLU D 244 6.20 3.30 -69.97
C GLU D 244 7.31 3.22 -68.92
N PRO D 245 7.46 4.24 -68.07
CA PRO D 245 8.51 4.16 -67.06
C PRO D 245 8.42 2.85 -66.27
N GLY D 246 9.55 2.18 -66.09
CA GLY D 246 9.55 0.90 -65.42
C GLY D 246 10.05 -0.17 -66.39
N GLU D 247 9.65 -0.05 -67.66
CA GLU D 247 10.10 -0.98 -68.70
C GLU D 247 11.56 -0.60 -68.99
N PRO D 248 12.46 -1.59 -69.13
CA PRO D 248 13.85 -1.21 -69.41
C PRO D 248 14.02 -0.32 -70.64
N GLY D 249 13.03 -0.31 -71.52
CA GLY D 249 13.11 0.52 -72.71
C GLY D 249 12.92 2.01 -72.50
N PHE D 250 12.51 2.42 -71.31
CA PHE D 250 12.31 3.84 -71.05
C PHE D 250 13.64 4.59 -71.02
N PRO D 251 13.73 5.69 -71.78
CA PRO D 251 14.93 6.54 -71.89
C PRO D 251 15.28 7.32 -70.63
N TRP D 252 16.25 6.84 -69.87
CA TRP D 252 16.68 7.54 -68.67
C TRP D 252 18.15 7.87 -68.93
N ASN D 253 18.54 9.11 -68.72
CA ASN D 253 19.92 9.48 -68.95
C ASN D 253 20.77 9.02 -67.76
N ILE D 254 21.04 7.71 -67.75
CA ILE D 254 21.84 7.12 -66.69
C ILE D 254 23.18 6.64 -67.26
N LYS D 255 24.25 6.83 -66.51
CA LYS D 255 25.57 6.39 -66.93
C LYS D 255 26.22 5.86 -65.67
N LYS D 256 26.98 4.78 -65.80
CA LYS D 256 27.67 4.24 -64.63
C LYS D 256 28.83 5.19 -64.40
N ASP D 257 28.80 5.97 -63.33
CA ASP D 257 29.89 6.90 -63.12
C ASP D 257 31.25 6.24 -62.91
N LYS D 258 32.28 7.07 -63.07
CA LYS D 258 33.69 6.69 -62.92
C LYS D 258 33.94 5.47 -62.04
N ASP D 259 35.02 4.74 -62.33
CA ASP D 259 35.43 3.55 -61.59
C ASP D 259 34.74 3.35 -60.25
N ALA D 260 33.52 2.83 -60.31
CA ALA D 260 32.72 2.56 -59.12
C ALA D 260 31.52 1.70 -59.49
N ASN D 261 30.79 1.23 -58.47
CA ASN D 261 29.62 0.40 -58.70
C ASN D 261 28.35 1.24 -58.84
N THR D 262 28.46 2.50 -58.46
CA THR D 262 27.34 3.42 -58.46
C THR D 262 26.99 3.99 -59.84
N TYR D 263 25.81 4.61 -59.94
CA TYR D 263 25.31 5.21 -61.20
C TYR D 263 24.85 6.64 -60.98
N SER D 264 24.72 7.39 -62.07
CA SER D 264 24.26 8.77 -62.01
C SER D 264 23.22 9.03 -63.09
N LEU D 265 22.31 9.95 -62.80
CA LEU D 265 21.23 10.28 -63.72
C LEU D 265 20.99 11.78 -63.88
N THR D 266 20.50 12.16 -65.06
CA THR D 266 20.19 13.56 -65.33
C THR D 266 18.88 13.62 -66.07
N ASP D 267 17.86 14.20 -65.44
CA ASP D 267 16.55 14.30 -66.09
C ASP D 267 16.17 15.75 -66.34
N LEU D 268 15.90 16.07 -67.60
CA LEU D 268 15.55 17.43 -67.99
C LEU D 268 14.05 17.61 -68.26
N VAL D 269 13.54 18.83 -68.11
CA VAL D 269 12.13 19.11 -68.34
C VAL D 269 11.90 20.48 -68.94
N ARG D 270 11.04 20.54 -69.95
CA ARG D 270 10.70 21.78 -70.64
C ARG D 270 9.63 22.54 -69.85
N THR D 271 10.06 23.54 -69.09
CA THR D 271 9.12 24.33 -68.28
C THR D 271 8.25 25.24 -69.14
N THR D 272 7.41 24.65 -69.99
CA THR D 272 6.51 25.44 -70.82
C THR D 272 5.54 26.20 -69.93
N SER D 273 4.96 27.28 -70.45
CA SER D 273 4.04 28.10 -69.69
C SER D 273 2.67 27.46 -69.47
N LYS D 274 2.47 26.27 -70.02
CA LYS D 274 1.20 25.56 -69.88
C LYS D 274 0.83 25.37 -68.41
N MET D 275 1.83 25.03 -67.60
CA MET D 275 1.64 24.78 -66.18
C MET D 275 1.21 26.01 -65.40
N SER D 276 1.38 25.96 -64.07
CA SER D 276 1.01 27.07 -63.21
C SER D 276 1.51 26.91 -61.78
N SER D 277 2.67 26.27 -61.60
CA SER D 277 3.23 26.07 -60.26
C SER D 277 4.71 25.73 -60.28
N GLN D 278 5.24 25.48 -61.46
CA GLN D 278 6.64 25.11 -61.59
C GLN D 278 6.82 23.76 -60.91
N PRO D 279 7.10 22.71 -61.70
CA PRO D 279 7.28 21.39 -61.12
C PRO D 279 8.40 21.30 -60.11
N VAL D 280 8.28 20.29 -59.27
CA VAL D 280 9.24 19.96 -58.24
C VAL D 280 9.66 18.54 -58.62
N CYS D 281 10.90 18.16 -58.35
CA CYS D 281 11.36 16.84 -58.72
C CYS D 281 11.19 15.81 -57.61
N VAL D 282 10.45 14.74 -57.90
CA VAL D 282 10.26 13.66 -56.93
C VAL D 282 11.09 12.47 -57.40
N VAL D 283 12.05 12.06 -56.59
CA VAL D 283 12.95 10.96 -56.92
C VAL D 283 12.63 9.65 -56.20
N PHE D 284 12.37 8.60 -56.97
CA PHE D 284 12.06 7.29 -56.40
C PHE D 284 13.26 6.37 -56.52
N HIS D 285 13.78 5.93 -55.38
CA HIS D 285 14.92 5.04 -55.34
C HIS D 285 14.86 4.17 -54.08
N ASP D 286 15.58 3.05 -54.07
CA ASP D 286 15.58 2.16 -52.91
C ASP D 286 15.95 2.88 -51.63
N THR D 287 17.01 3.68 -51.69
CA THR D 287 17.39 4.48 -50.53
C THR D 287 16.42 5.63 -50.68
N LEU D 288 15.93 6.21 -49.58
CA LEU D 288 14.93 7.29 -49.67
C LEU D 288 13.71 6.91 -50.51
N GLU D 289 12.82 6.09 -49.95
CA GLU D 289 11.61 5.63 -50.66
C GLU D 289 11.08 6.61 -51.72
N ALA D 290 11.00 7.88 -51.37
CA ALA D 290 10.55 8.89 -52.32
C ALA D 290 10.74 10.28 -51.73
N GLN D 291 11.73 11.02 -52.24
CA GLN D 291 12.01 12.37 -51.75
C GLN D 291 11.70 13.46 -52.76
N VAL D 292 11.29 14.63 -52.27
CA VAL D 292 10.96 15.74 -53.14
C VAL D 292 12.10 16.76 -53.14
N TYR D 293 12.38 17.32 -54.30
CA TYR D 293 13.46 18.31 -54.44
C TYR D 293 12.99 19.51 -55.27
N THR D 294 13.37 20.70 -54.83
CA THR D 294 12.91 21.91 -55.51
C THR D 294 13.94 22.84 -56.15
N CYS D 295 13.51 24.09 -56.26
CA CYS D 295 14.24 25.25 -56.80
C CYS D 295 14.70 25.30 -58.26
N SER D 296 14.56 26.50 -58.82
CA SER D 296 14.93 26.79 -60.20
C SER D 296 15.85 28.02 -60.21
N GLU D 297 15.88 28.73 -61.34
CA GLU D 297 16.75 29.89 -61.49
C GLU D 297 18.19 29.38 -61.47
N GLY D 298 18.39 28.27 -60.78
CA GLY D 298 19.69 27.64 -60.64
C GLY D 298 19.84 27.28 -59.18
N CYS D 299 18.72 27.35 -58.46
CA CYS D 299 18.69 27.06 -57.03
C CYS D 299 19.62 27.99 -56.34
N ILE E 1 -28.71 -39.43 -45.67
CA ILE E 1 -29.45 -39.76 -44.41
C ILE E 1 -30.78 -39.03 -44.33
N THR E 2 -31.68 -39.58 -43.53
CA THR E 2 -33.03 -39.06 -43.38
C THR E 2 -33.58 -39.13 -41.96
N LEU E 3 -34.38 -38.12 -41.59
CA LEU E 3 -35.05 -38.08 -40.30
C LEU E 3 -36.50 -37.69 -40.56
N LYS E 4 -37.44 -38.59 -40.25
CA LYS E 4 -38.84 -38.33 -40.50
C LYS E 4 -39.73 -38.52 -39.27
N TYR E 5 -40.60 -37.55 -39.02
CA TYR E 5 -41.55 -37.60 -37.91
C TYR E 5 -42.95 -37.68 -38.53
N ASN E 6 -43.75 -38.63 -38.06
CA ASN E 6 -45.11 -38.82 -38.57
C ASN E 6 -46.11 -38.89 -37.43
N TYR E 7 -46.99 -37.89 -37.35
CA TYR E 7 -48.04 -37.87 -36.34
C TYR E 7 -49.35 -38.17 -37.04
N THR E 8 -50.10 -39.14 -36.54
CA THR E 8 -51.38 -39.46 -37.20
C THR E 8 -52.55 -39.76 -36.26
N VAL E 9 -53.67 -39.04 -36.45
CA VAL E 9 -54.88 -39.33 -35.67
C VAL E 9 -55.91 -39.87 -36.67
N THR E 10 -56.60 -40.94 -36.29
CA THR E 10 -57.57 -41.57 -37.17
C THR E 10 -58.92 -41.69 -36.49
N LEU E 11 -60.00 -41.67 -37.28
CA LEU E 11 -61.33 -41.82 -36.71
C LEU E 11 -61.63 -43.30 -36.46
N LYS E 12 -60.73 -44.16 -36.92
CA LYS E 12 -60.92 -45.58 -36.71
C LYS E 12 -62.34 -45.95 -37.10
N ASP E 13 -62.80 -47.13 -36.68
CA ASP E 13 -64.16 -47.55 -36.99
C ASP E 13 -65.12 -46.52 -36.42
N ASP E 14 -65.96 -46.94 -35.48
CA ASP E 14 -66.88 -45.97 -34.90
C ASP E 14 -66.56 -45.60 -33.45
N GLY E 15 -66.33 -44.30 -33.25
CA GLY E 15 -66.05 -43.82 -31.92
C GLY E 15 -64.91 -42.83 -31.72
N LEU E 16 -63.91 -43.32 -31.01
CA LEU E 16 -62.74 -42.56 -30.63
C LEU E 16 -61.78 -42.24 -31.77
N TYR E 17 -60.83 -41.37 -31.48
CA TYR E 17 -59.80 -40.99 -32.43
C TYR E 17 -58.49 -41.59 -31.94
N ASP E 18 -57.86 -42.42 -32.77
CA ASP E 18 -56.60 -43.02 -32.40
C ASP E 18 -55.48 -42.08 -32.76
N GLY E 19 -54.37 -42.20 -32.06
CA GLY E 19 -53.22 -41.36 -32.36
C GLY E 19 -51.93 -42.16 -32.30
N VAL E 20 -51.06 -41.98 -33.30
CA VAL E 20 -49.77 -42.63 -33.33
C VAL E 20 -48.72 -41.66 -33.81
N PHE E 21 -47.49 -41.95 -33.44
CA PHE E 21 -46.34 -41.16 -33.83
C PHE E 21 -45.17 -42.10 -34.15
N TYR E 22 -44.48 -41.82 -35.25
CA TYR E 22 -43.34 -42.62 -35.62
C TYR E 22 -42.15 -41.73 -35.88
N ASP E 23 -40.98 -42.14 -35.38
CA ASP E 23 -39.71 -41.43 -35.56
C ASP E 23 -38.84 -42.39 -36.36
N HIS E 24 -38.51 -42.01 -37.58
CA HIS E 24 -37.69 -42.87 -38.44
C HIS E 24 -36.38 -42.19 -38.87
N TYR E 25 -35.27 -42.88 -38.63
CA TYR E 25 -33.96 -42.39 -39.06
C TYR E 25 -33.69 -43.31 -40.25
N ASN E 26 -33.60 -42.77 -41.45
CA ASN E 26 -33.43 -43.63 -42.63
C ASN E 26 -34.64 -44.55 -42.57
N ASP E 27 -34.45 -45.84 -42.80
CA ASP E 27 -35.59 -46.75 -42.72
C ASP E 27 -35.67 -47.43 -41.36
N GLN E 28 -34.94 -46.90 -40.37
CA GLN E 28 -34.91 -47.46 -39.03
C GLN E 28 -35.91 -46.82 -38.05
N LEU E 29 -36.81 -47.62 -37.50
CA LEU E 29 -37.77 -47.11 -36.53
C LEU E 29 -37.00 -46.74 -35.26
N VAL E 30 -37.21 -45.54 -34.76
CA VAL E 30 -36.51 -45.09 -33.57
C VAL E 30 -37.47 -45.00 -32.38
N THR E 31 -38.67 -44.50 -32.64
CA THR E 31 -39.66 -44.35 -31.59
C THR E 31 -41.08 -44.50 -32.09
N LYS E 32 -41.92 -45.16 -31.29
CA LYS E 32 -43.32 -45.30 -31.62
C LYS E 32 -44.09 -44.88 -30.38
N ILE E 33 -45.10 -44.04 -30.60
CA ILE E 33 -45.93 -43.56 -29.50
C ILE E 33 -47.37 -43.67 -29.93
N SER E 34 -48.24 -44.09 -29.01
CA SER E 34 -49.66 -44.19 -29.33
C SER E 34 -50.49 -43.65 -28.18
N TYR E 35 -51.66 -43.12 -28.53
CA TYR E 35 -52.56 -42.54 -27.55
C TYR E 35 -53.28 -43.62 -26.75
N ASN E 36 -53.08 -43.58 -25.44
CA ASN E 36 -53.72 -44.53 -24.53
C ASN E 36 -55.09 -43.97 -24.13
N HIS E 37 -56.16 -44.63 -24.58
CA HIS E 37 -57.53 -44.18 -24.27
C HIS E 37 -57.94 -44.29 -22.79
N GLU E 38 -57.34 -45.24 -22.06
CA GLU E 38 -57.64 -45.42 -20.65
C GLU E 38 -57.03 -44.23 -19.89
N THR E 39 -55.73 -44.03 -20.09
CA THR E 39 -54.99 -42.96 -19.44
C THR E 39 -55.21 -41.55 -20.00
N ARG E 40 -55.51 -41.45 -21.28
CA ARG E 40 -55.75 -40.17 -21.93
C ARG E 40 -54.48 -39.39 -22.26
N HIS E 41 -53.39 -40.09 -22.52
CA HIS E 41 -52.13 -39.45 -22.90
C HIS E 41 -51.31 -40.49 -23.68
N GLY E 42 -50.20 -40.07 -24.29
CA GLY E 42 -49.43 -41.01 -25.08
C GLY E 42 -48.50 -41.91 -24.31
N ASN E 43 -48.08 -43.01 -24.92
CA ASN E 43 -47.16 -43.97 -24.28
C ASN E 43 -46.14 -44.37 -25.32
N VAL E 44 -44.88 -44.51 -24.90
CA VAL E 44 -43.86 -44.93 -25.83
C VAL E 44 -43.97 -46.44 -25.92
N ASN E 45 -44.26 -46.96 -27.11
CA ASN E 45 -44.40 -48.39 -27.29
C ASN E 45 -43.08 -49.00 -27.75
N PHE E 46 -42.30 -48.23 -28.49
CA PHE E 46 -41.04 -48.72 -29.00
C PHE E 46 -39.94 -47.68 -28.94
N ARG E 47 -38.73 -48.14 -28.69
CA ARG E 47 -37.57 -47.26 -28.65
C ARG E 47 -36.37 -48.06 -29.07
N ALA E 48 -35.74 -47.65 -30.17
CA ALA E 48 -34.57 -48.36 -30.66
C ALA E 48 -33.49 -48.42 -29.57
N ASP E 49 -32.88 -49.58 -29.42
CA ASP E 49 -31.84 -49.79 -28.41
C ASP E 49 -30.62 -48.89 -28.58
N TRP E 50 -30.32 -48.48 -29.81
CA TRP E 50 -29.15 -47.64 -30.06
C TRP E 50 -29.34 -46.15 -29.87
N PHE E 51 -30.59 -45.72 -29.66
CA PHE E 51 -30.88 -44.30 -29.50
C PHE E 51 -31.03 -43.87 -28.06
N ASN E 52 -30.06 -43.12 -27.56
CA ASN E 52 -30.11 -42.59 -26.19
C ASN E 52 -30.67 -41.19 -26.38
N ILE E 53 -31.97 -41.02 -26.14
CA ILE E 53 -32.60 -39.73 -26.33
C ILE E 53 -31.96 -38.58 -25.55
N SER E 54 -31.17 -38.90 -24.53
CA SER E 54 -30.52 -37.87 -23.74
C SER E 54 -29.37 -37.28 -24.51
N ARG E 55 -28.86 -38.02 -25.48
CA ARG E 55 -27.76 -37.54 -26.29
C ARG E 55 -28.24 -36.82 -27.53
N SER E 56 -29.56 -36.56 -27.61
CA SER E 56 -30.12 -35.86 -28.75
C SER E 56 -30.95 -34.66 -28.30
N PRO E 57 -30.26 -33.62 -27.81
CA PRO E 57 -30.82 -32.36 -27.31
C PRO E 57 -31.87 -31.72 -28.19
N HIS E 58 -31.80 -31.99 -29.49
CA HIS E 58 -32.72 -31.38 -30.41
C HIS E 58 -33.92 -32.23 -30.82
N THR E 59 -34.08 -33.37 -30.18
CA THR E 59 -35.24 -34.20 -30.44
C THR E 59 -36.24 -33.62 -29.43
N PRO E 60 -37.42 -33.20 -29.91
CA PRO E 60 -38.47 -32.60 -29.06
C PRO E 60 -38.74 -33.33 -27.74
N GLY E 61 -38.97 -32.58 -26.67
CA GLY E 61 -39.24 -33.17 -25.37
C GLY E 61 -40.71 -33.50 -25.20
N ASN E 62 -41.10 -34.01 -24.03
CA ASN E 62 -42.50 -34.38 -23.76
C ASN E 62 -42.89 -35.42 -24.80
N ASP E 63 -42.06 -36.45 -24.96
CA ASP E 63 -42.34 -37.47 -25.94
C ASP E 63 -42.80 -36.81 -27.24
N TYR E 64 -41.90 -36.03 -27.82
CA TYR E 64 -42.16 -35.34 -29.07
C TYR E 64 -43.42 -34.48 -29.07
N ASN E 65 -43.72 -33.87 -27.92
CA ASN E 65 -44.89 -33.03 -27.81
C ASN E 65 -46.11 -33.80 -28.32
N PHE E 66 -46.14 -35.10 -28.04
CA PHE E 66 -47.25 -35.92 -28.52
C PHE E 66 -48.64 -35.52 -28.04
N ASN E 67 -48.79 -35.34 -26.73
CA ASN E 67 -50.09 -34.95 -26.22
C ASN E 67 -50.55 -33.67 -26.89
N PHE E 68 -49.63 -32.70 -27.04
CA PHE E 68 -49.98 -31.44 -27.69
C PHE E 68 -50.54 -31.69 -29.08
N TRP E 69 -49.76 -32.37 -29.92
CA TRP E 69 -50.18 -32.64 -31.29
C TRP E 69 -51.42 -33.52 -31.38
N TYR E 70 -51.46 -34.61 -30.63
CA TYR E 70 -52.62 -35.48 -30.69
C TYR E 70 -53.90 -34.68 -30.49
N SER E 71 -53.92 -33.91 -29.41
CA SER E 71 -55.05 -33.09 -29.09
C SER E 71 -55.42 -32.05 -30.14
N LEU E 72 -54.43 -31.28 -30.60
CA LEU E 72 -54.66 -30.25 -31.59
C LEU E 72 -55.05 -30.84 -32.94
N MET E 73 -54.51 -32.02 -33.26
CA MET E 73 -54.83 -32.66 -34.52
C MET E 73 -56.22 -33.25 -34.44
N LYS E 74 -56.57 -33.72 -33.25
CA LYS E 74 -57.89 -34.30 -33.05
C LYS E 74 -58.89 -33.19 -33.31
N GLU E 75 -58.60 -32.00 -32.75
CA GLU E 75 -59.46 -30.83 -32.93
C GLU E 75 -59.58 -30.50 -34.41
N THR E 76 -58.43 -30.46 -35.09
CA THR E 76 -58.41 -30.15 -36.51
C THR E 76 -59.20 -31.16 -37.34
N LEU E 77 -59.10 -32.43 -37.00
CA LEU E 77 -59.80 -33.45 -37.76
C LEU E 77 -61.30 -33.29 -37.60
N GLU E 78 -61.74 -32.95 -36.39
CA GLU E 78 -63.17 -32.76 -36.14
C GLU E 78 -63.73 -31.61 -36.97
N GLU E 79 -63.03 -30.48 -36.98
CA GLU E 79 -63.47 -29.33 -37.76
C GLU E 79 -63.50 -29.68 -39.25
N ILE E 80 -62.47 -30.37 -39.72
CA ILE E 80 -62.39 -30.75 -41.12
C ILE E 80 -63.57 -31.62 -41.52
N ASN E 81 -64.07 -32.43 -40.60
CA ASN E 81 -65.18 -33.31 -40.92
C ASN E 81 -66.56 -32.68 -40.89
N LYS E 82 -66.66 -31.43 -40.43
CA LYS E 82 -67.96 -30.76 -40.41
C LYS E 82 -68.45 -30.44 -41.82
N ASN E 83 -67.57 -29.92 -42.68
CA ASN E 83 -67.96 -29.66 -44.07
C ASN E 83 -67.88 -31.04 -44.69
N ASP E 84 -69.04 -31.67 -44.87
CA ASP E 84 -69.11 -33.02 -45.42
C ASP E 84 -68.40 -33.25 -46.75
N SER E 85 -67.89 -32.19 -47.37
CA SER E 85 -67.18 -32.35 -48.65
C SER E 85 -65.68 -32.52 -48.41
N THR E 86 -65.29 -32.58 -47.14
CA THR E 86 -63.89 -32.74 -46.76
C THR E 86 -63.70 -33.98 -45.88
N LYS E 87 -64.77 -34.36 -45.19
CA LYS E 87 -64.75 -35.52 -44.29
C LYS E 87 -63.64 -36.51 -44.63
N THR E 88 -62.79 -36.79 -43.66
CA THR E 88 -61.66 -37.71 -43.84
C THR E 88 -61.51 -38.70 -42.69
N THR E 89 -60.92 -39.84 -43.00
CA THR E 89 -60.67 -40.89 -42.05
C THR E 89 -59.61 -40.46 -41.04
N SER E 90 -58.53 -39.87 -41.54
CA SER E 90 -57.43 -39.47 -40.69
C SER E 90 -56.69 -38.20 -41.14
N LEU E 91 -55.80 -37.75 -40.27
CA LEU E 91 -55.00 -36.56 -40.50
C LEU E 91 -53.55 -36.86 -40.08
N SER E 92 -52.59 -36.40 -40.87
CA SER E 92 -51.18 -36.65 -40.57
C SER E 92 -50.32 -35.39 -40.62
N LEU E 93 -49.37 -35.31 -39.70
CA LEU E 93 -48.42 -34.20 -39.67
C LEU E 93 -47.06 -34.81 -40.04
N ILE E 94 -46.58 -34.52 -41.25
CA ILE E 94 -45.32 -35.05 -41.73
C ILE E 94 -44.26 -33.97 -41.68
N THR E 95 -43.21 -34.19 -40.90
CA THR E 95 -42.16 -33.21 -40.80
C THR E 95 -40.83 -33.93 -40.61
N GLY E 96 -39.76 -33.33 -41.11
CA GLY E 96 -38.45 -33.96 -41.01
C GLY E 96 -37.44 -33.29 -41.93
N CYS E 97 -36.27 -33.90 -42.10
CA CYS E 97 -35.25 -33.30 -42.95
C CYS E 97 -34.42 -34.36 -43.63
N TYR E 98 -33.47 -33.92 -44.46
CA TYR E 98 -32.63 -34.87 -45.18
C TYR E 98 -31.31 -34.27 -45.62
N GLU E 99 -30.34 -35.17 -45.80
CA GLU E 99 -29.01 -34.83 -46.28
C GLU E 99 -28.71 -35.94 -47.27
N THR E 100 -29.27 -35.80 -48.47
CA THR E 100 -29.11 -36.76 -49.55
C THR E 100 -27.97 -36.27 -50.45
N GLY E 101 -26.77 -36.81 -50.24
CA GLY E 101 -25.65 -36.36 -51.04
C GLY E 101 -25.42 -34.88 -50.79
N LEU E 102 -25.30 -34.10 -51.84
CA LEU E 102 -25.10 -32.67 -51.70
C LEU E 102 -26.37 -31.95 -51.31
N LEU E 103 -27.51 -32.51 -51.71
CA LEU E 103 -28.80 -31.88 -51.42
C LEU E 103 -29.16 -31.98 -49.94
N PHE E 104 -29.91 -31.00 -49.45
CA PHE E 104 -30.32 -31.00 -48.07
C PHE E 104 -31.49 -30.03 -47.88
N GLY E 105 -32.43 -30.40 -47.01
CA GLY E 105 -33.57 -29.53 -46.76
C GLY E 105 -34.45 -30.09 -45.66
N SER E 106 -35.54 -29.40 -45.36
CA SER E 106 -36.47 -29.84 -44.33
C SER E 106 -37.90 -29.63 -44.80
N TYR E 107 -38.85 -30.28 -44.15
CA TYR E 107 -40.23 -30.14 -44.55
C TYR E 107 -41.19 -30.28 -43.38
N GLY E 108 -42.42 -29.84 -43.61
CA GLY E 108 -43.44 -29.90 -42.59
C GLY E 108 -44.76 -29.62 -43.28
N TYR E 109 -45.55 -30.67 -43.48
CA TYR E 109 -46.83 -30.51 -44.13
C TYR E 109 -47.88 -31.40 -43.50
N VAL E 110 -49.14 -31.09 -43.79
CA VAL E 110 -50.27 -31.83 -43.28
C VAL E 110 -51.00 -32.51 -44.41
N GLU E 111 -51.13 -33.83 -44.35
CA GLU E 111 -51.85 -34.55 -45.40
C GLU E 111 -53.06 -35.24 -44.81
N THR E 112 -53.99 -35.57 -45.68
CA THR E 112 -55.25 -36.19 -45.32
C THR E 112 -55.32 -37.56 -45.98
N ALA E 113 -56.27 -38.38 -45.58
CA ALA E 113 -56.40 -39.70 -46.20
C ALA E 113 -56.71 -39.50 -47.68
N ASN E 114 -57.21 -38.31 -48.02
CA ASN E 114 -57.55 -37.97 -49.40
C ASN E 114 -56.37 -37.38 -50.16
N GLY E 115 -55.28 -37.09 -49.46
CA GLY E 115 -54.10 -36.55 -50.11
C GLY E 115 -53.53 -35.31 -49.46
N PRO E 116 -52.39 -34.81 -49.94
CA PRO E 116 -51.74 -33.61 -49.37
C PRO E 116 -52.71 -32.46 -49.18
N LEU E 117 -52.57 -31.78 -48.04
CA LEU E 117 -53.44 -30.68 -47.72
C LEU E 117 -52.69 -29.33 -47.70
N ALA E 118 -51.87 -29.11 -46.68
CA ALA E 118 -51.13 -27.85 -46.57
C ALA E 118 -49.67 -28.02 -46.13
N ARG E 119 -48.83 -27.16 -46.68
CA ARG E 119 -47.39 -27.17 -46.43
C ARG E 119 -47.02 -25.94 -45.61
N TYR E 120 -46.19 -26.12 -44.59
CA TYR E 120 -45.79 -25.00 -43.73
C TYR E 120 -44.53 -24.34 -44.24
N HIS E 121 -44.59 -23.04 -44.50
CA HIS E 121 -43.42 -22.33 -44.98
C HIS E 121 -42.73 -21.54 -43.90
N THR E 122 -41.47 -21.89 -43.65
CA THR E 122 -40.63 -21.23 -42.66
C THR E 122 -40.54 -19.73 -42.88
N GLY E 123 -40.48 -19.31 -44.14
CA GLY E 123 -40.40 -17.89 -44.45
C GLY E 123 -41.64 -17.11 -44.05
N ASP E 124 -42.78 -17.42 -44.69
CA ASP E 124 -44.03 -16.73 -44.43
C ASP E 124 -44.62 -17.01 -43.04
N LYS E 125 -44.14 -18.06 -42.39
CA LYS E 125 -44.65 -18.44 -41.05
C LYS E 125 -46.16 -18.71 -41.09
N ARG E 126 -46.57 -19.52 -42.06
CA ARG E 126 -47.98 -19.87 -42.25
C ARG E 126 -48.08 -21.08 -43.19
N PHE E 127 -49.27 -21.67 -43.29
CA PHE E 127 -49.44 -22.81 -44.17
C PHE E 127 -49.82 -22.35 -45.58
N THR E 128 -49.50 -23.17 -46.57
CA THR E 128 -49.83 -22.86 -47.95
C THR E 128 -50.39 -24.10 -48.64
N LYS E 129 -51.43 -23.89 -49.43
CA LYS E 129 -52.07 -24.98 -50.17
C LYS E 129 -51.05 -25.83 -50.94
N MET E 130 -51.28 -27.14 -50.95
CA MET E 130 -50.39 -28.05 -51.68
C MET E 130 -51.11 -28.52 -52.93
N THR E 131 -52.39 -28.19 -53.02
CA THR E 131 -53.24 -28.55 -54.15
C THR E 131 -54.08 -27.34 -54.55
N HIS E 132 -54.56 -27.34 -55.80
CA HIS E 132 -55.39 -26.25 -56.29
C HIS E 132 -56.62 -26.15 -55.40
N LYS E 133 -57.10 -27.31 -54.95
CA LYS E 133 -58.26 -27.44 -54.09
C LYS E 133 -58.27 -26.51 -52.88
N GLY E 134 -57.10 -26.19 -52.35
CA GLY E 134 -57.02 -25.33 -51.18
C GLY E 134 -57.16 -26.16 -49.91
N PHE E 135 -57.17 -25.51 -48.76
CA PHE E 135 -57.33 -26.21 -47.48
C PHE E 135 -58.15 -25.41 -46.49
N PRO E 136 -59.01 -26.09 -45.71
CA PRO E 136 -59.87 -25.43 -44.71
C PRO E 136 -59.08 -24.77 -43.60
N LYS E 137 -59.31 -23.49 -43.39
CA LYS E 137 -58.59 -22.76 -42.34
C LYS E 137 -59.25 -23.01 -40.99
N VAL E 138 -58.95 -24.18 -40.43
CA VAL E 138 -59.48 -24.60 -39.14
C VAL E 138 -58.38 -25.27 -38.32
N GLY E 139 -58.65 -25.48 -37.03
CA GLY E 139 -57.68 -26.12 -36.16
C GLY E 139 -56.26 -25.57 -36.20
N MET E 140 -55.30 -26.48 -36.33
CA MET E 140 -53.89 -26.10 -36.36
C MET E 140 -53.50 -25.44 -37.67
N LEU E 141 -54.46 -25.26 -38.57
CA LEU E 141 -54.16 -24.67 -39.86
C LEU E 141 -54.38 -23.16 -40.00
N THR E 142 -54.91 -22.50 -38.99
CA THR E 142 -55.13 -21.05 -39.09
C THR E 142 -54.48 -20.27 -37.98
N VAL E 143 -54.10 -19.04 -38.29
CA VAL E 143 -53.48 -18.17 -37.30
C VAL E 143 -54.55 -17.83 -36.27
N LYS E 144 -55.80 -17.99 -36.66
CA LYS E 144 -56.94 -17.70 -35.79
C LYS E 144 -56.90 -18.55 -34.52
N ASN E 145 -56.36 -19.76 -34.63
CA ASN E 145 -56.31 -20.69 -33.51
C ASN E 145 -55.51 -20.20 -32.32
N THR E 146 -56.06 -20.40 -31.14
CA THR E 146 -55.43 -19.97 -29.91
C THR E 146 -54.04 -20.58 -29.67
N LEU E 147 -53.80 -21.77 -30.24
CA LEU E 147 -52.51 -22.44 -30.05
C LEU E 147 -51.53 -22.25 -31.20
N TRP E 148 -51.87 -21.38 -32.14
CA TRP E 148 -51.02 -21.10 -33.29
C TRP E 148 -49.58 -20.83 -32.88
N LYS E 149 -49.40 -20.07 -31.81
CA LYS E 149 -48.05 -19.74 -31.33
C LYS E 149 -47.25 -21.00 -31.05
N ASP E 150 -47.91 -22.04 -30.55
CA ASP E 150 -47.22 -23.30 -30.26
C ASP E 150 -46.91 -24.02 -31.56
N VAL E 151 -47.81 -23.93 -32.53
CA VAL E 151 -47.58 -24.56 -33.81
C VAL E 151 -46.32 -23.97 -34.42
N LYS E 152 -46.26 -22.65 -34.49
CA LYS E 152 -45.09 -21.96 -35.04
C LYS E 152 -43.81 -22.44 -34.37
N ALA E 153 -43.85 -22.52 -33.05
CA ALA E 153 -42.69 -22.94 -32.28
C ALA E 153 -42.29 -24.39 -32.43
N TYR E 154 -43.25 -25.29 -32.28
CA TYR E 154 -42.95 -26.72 -32.40
C TYR E 154 -42.69 -27.17 -33.84
N LEU E 155 -43.60 -26.86 -34.75
CA LEU E 155 -43.44 -27.26 -36.14
C LEU E 155 -42.47 -26.35 -36.88
N GLY E 156 -42.72 -25.04 -36.81
CA GLY E 156 -41.86 -24.10 -37.49
C GLY E 156 -40.43 -24.19 -37.02
N GLY E 157 -40.22 -24.23 -35.71
CA GLY E 157 -38.87 -24.31 -35.18
C GLY E 157 -38.08 -25.53 -35.63
N PHE E 158 -38.73 -26.69 -35.55
CA PHE E 158 -38.12 -27.95 -35.93
C PHE E 158 -37.72 -27.90 -37.39
N GLU E 159 -38.62 -27.37 -38.21
CA GLU E 159 -38.38 -27.28 -39.64
C GLU E 159 -37.35 -26.21 -39.95
N TYR E 160 -37.33 -25.14 -39.16
CA TYR E 160 -36.38 -24.07 -39.41
C TYR E 160 -34.94 -24.47 -39.14
N MET E 161 -34.71 -25.28 -38.11
CA MET E 161 -33.34 -25.66 -37.78
C MET E 161 -33.24 -26.86 -36.86
N GLY E 162 -34.20 -26.98 -35.95
CA GLY E 162 -34.19 -28.08 -35.01
C GLY E 162 -33.85 -29.42 -35.61
N CYS E 163 -34.62 -29.80 -36.61
CA CYS E 163 -34.41 -31.07 -37.26
C CYS E 163 -33.00 -31.25 -37.83
N SER E 164 -32.55 -30.31 -38.65
CA SER E 164 -31.21 -30.40 -39.24
C SER E 164 -30.11 -30.60 -38.20
N LEU E 165 -30.31 -30.08 -36.98
CA LEU E 165 -29.33 -30.27 -35.92
C LEU E 165 -29.50 -31.65 -35.30
N ALA E 166 -30.74 -32.06 -35.07
CA ALA E 166 -31.02 -33.34 -34.46
C ALA E 166 -30.54 -34.51 -35.31
N ILE E 167 -30.84 -34.47 -36.60
CA ILE E 167 -30.44 -35.55 -37.49
C ILE E 167 -28.98 -35.97 -37.31
N LEU E 168 -28.11 -35.01 -36.96
CA LEU E 168 -26.70 -35.31 -36.76
C LEU E 168 -26.45 -36.15 -35.50
N ASP E 169 -27.28 -35.97 -34.47
CA ASP E 169 -27.12 -36.74 -33.25
C ASP E 169 -27.56 -38.18 -33.53
N TYR E 170 -28.61 -38.35 -34.34
CA TYR E 170 -29.08 -39.69 -34.67
C TYR E 170 -27.97 -40.43 -35.40
N GLN E 171 -27.39 -39.76 -36.38
CA GLN E 171 -26.32 -40.34 -37.16
C GLN E 171 -25.19 -40.86 -36.27
N LYS E 172 -24.75 -40.06 -35.32
CA LYS E 172 -23.69 -40.48 -34.40
C LYS E 172 -24.04 -41.79 -33.69
N MET E 173 -25.21 -41.84 -33.07
CA MET E 173 -25.62 -43.02 -32.34
C MET E 173 -25.99 -44.19 -33.22
N ALA E 174 -26.19 -43.93 -34.50
CA ALA E 174 -26.57 -45.01 -35.40
C ALA E 174 -25.36 -45.65 -36.07
N LYS E 175 -24.29 -44.87 -36.21
CA LYS E 175 -23.07 -45.33 -36.87
C LYS E 175 -22.89 -46.83 -37.00
N GLY E 176 -22.68 -47.52 -35.89
CA GLY E 176 -22.48 -48.95 -36.02
C GLY E 176 -23.69 -49.88 -36.02
N LYS E 177 -24.83 -49.44 -35.47
CA LYS E 177 -25.99 -50.29 -35.39
C LYS E 177 -27.00 -50.37 -36.52
N ILE E 178 -26.67 -49.91 -37.72
CA ILE E 178 -27.63 -50.02 -38.83
C ILE E 178 -26.92 -50.41 -40.13
N PRO E 179 -27.68 -50.75 -41.19
CA PRO E 179 -27.08 -51.14 -42.48
C PRO E 179 -25.97 -50.19 -42.89
N LYS E 180 -24.86 -50.75 -43.34
CA LYS E 180 -23.72 -49.95 -43.79
C LYS E 180 -24.05 -49.27 -45.11
N ASP E 181 -23.37 -48.17 -45.40
CA ASP E 181 -23.57 -47.46 -46.66
C ASP E 181 -23.22 -48.37 -47.83
N THR E 182 -24.00 -48.27 -48.90
CA THR E 182 -23.75 -49.10 -50.07
C THR E 182 -23.92 -48.29 -51.33
N THR E 183 -22.85 -48.21 -52.12
CA THR E 183 -22.86 -47.46 -53.37
C THR E 183 -23.62 -48.16 -54.49
N PRO E 184 -24.50 -47.43 -55.18
CA PRO E 184 -25.27 -48.02 -56.26
C PRO E 184 -24.54 -48.11 -57.61
N THR E 185 -25.23 -48.74 -58.55
CA THR E 185 -24.76 -48.91 -59.91
C THR E 185 -25.76 -48.10 -60.72
N VAL E 186 -25.27 -47.26 -61.63
CA VAL E 186 -26.20 -46.46 -62.43
C VAL E 186 -26.02 -46.72 -63.92
N LYS E 187 -27.13 -46.60 -64.63
CA LYS E 187 -27.16 -46.82 -66.07
C LYS E 187 -28.36 -46.03 -66.58
N VAL E 188 -28.16 -45.26 -67.64
CA VAL E 188 -29.26 -44.48 -68.21
C VAL E 188 -29.62 -45.12 -69.54
N THR E 189 -30.89 -45.47 -69.75
CA THR E 189 -31.28 -46.08 -71.00
C THR E 189 -32.19 -45.20 -71.84
N GLY E 190 -32.00 -45.27 -73.16
CA GLY E 190 -32.81 -44.47 -74.06
C GLY E 190 -33.83 -45.29 -74.81
N ASN E 191 -34.81 -45.84 -74.08
CA ASN E 191 -35.86 -46.63 -74.71
C ASN E 191 -36.78 -45.67 -75.46
N GLU E 192 -37.96 -46.14 -75.84
CA GLU E 192 -38.91 -45.30 -76.56
C GLU E 192 -40.33 -45.87 -76.50
N LEU E 193 -41.18 -45.19 -75.73
CA LEU E 193 -42.55 -45.58 -75.51
C LEU E 193 -43.54 -45.47 -76.69
N GLU E 194 -43.04 -45.71 -77.89
CA GLU E 194 -43.86 -45.70 -79.11
C GLU E 194 -44.54 -44.41 -79.57
N ASP E 195 -45.63 -44.00 -78.91
CA ASP E 195 -46.34 -42.79 -79.30
C ASP E 195 -45.45 -41.55 -79.24
N GLY E 196 -44.66 -41.45 -78.18
CA GLY E 196 -43.76 -40.31 -78.03
C GLY E 196 -42.43 -40.59 -78.68
N ASN E 197 -41.67 -39.54 -78.99
CA ASN E 197 -40.37 -39.73 -79.63
C ASN E 197 -39.38 -40.55 -78.80
N MET E 198 -38.73 -39.93 -77.82
CA MET E 198 -37.77 -40.65 -77.00
C MET E 198 -38.06 -40.65 -75.50
N THR E 199 -37.56 -41.66 -74.81
CA THR E 199 -37.74 -41.78 -73.36
C THR E 199 -36.42 -42.15 -72.68
N LEU E 200 -36.10 -41.45 -71.60
CA LEU E 200 -34.86 -41.74 -70.86
C LEU E 200 -35.17 -42.38 -69.52
N GLU E 201 -34.41 -43.40 -69.19
CA GLU E 201 -34.61 -44.12 -67.94
C GLU E 201 -33.31 -44.25 -67.16
N CYS E 202 -33.28 -43.60 -66.01
CA CYS E 202 -32.12 -43.63 -65.12
C CYS E 202 -32.43 -44.68 -64.07
N THR E 203 -31.58 -45.69 -63.97
CA THR E 203 -31.82 -46.72 -62.97
C THR E 203 -30.63 -46.84 -62.04
N VAL E 204 -30.92 -46.72 -60.74
CA VAL E 204 -29.90 -46.80 -59.71
C VAL E 204 -30.09 -48.11 -58.99
N ASN E 205 -29.05 -48.94 -58.98
CA ASN E 205 -29.13 -50.26 -58.37
C ASN E 205 -28.47 -50.50 -57.04
N SER E 206 -29.29 -51.03 -56.14
CA SER E 206 -28.93 -51.37 -54.77
C SER E 206 -27.95 -50.43 -54.05
N PHE E 207 -28.53 -49.41 -53.40
CA PHE E 207 -27.81 -48.40 -52.62
C PHE E 207 -28.36 -48.47 -51.19
N TYR E 208 -27.56 -48.25 -50.15
CA TYR E 208 -28.19 -48.37 -48.85
C TYR E 208 -29.04 -47.23 -48.35
N PRO E 209 -28.42 -46.18 -47.76
CA PRO E 209 -29.37 -45.14 -47.30
C PRO E 209 -30.39 -44.98 -48.44
N PRO E 210 -31.64 -45.40 -48.17
CA PRO E 210 -32.76 -45.35 -49.11
C PRO E 210 -33.14 -44.05 -49.77
N ASP E 211 -32.65 -42.94 -49.23
CA ASP E 211 -32.95 -41.63 -49.82
C ASP E 211 -32.08 -41.40 -51.04
N VAL E 212 -32.73 -41.13 -52.17
CA VAL E 212 -32.03 -40.87 -53.41
C VAL E 212 -32.81 -39.82 -54.16
N ILE E 213 -32.11 -38.90 -54.78
CA ILE E 213 -32.75 -37.87 -55.54
C ILE E 213 -32.07 -37.80 -56.87
N THR E 214 -32.86 -37.52 -57.90
CA THR E 214 -32.39 -37.49 -59.25
C THR E 214 -32.74 -36.19 -59.94
N LYS E 215 -31.79 -35.63 -60.68
CA LYS E 215 -32.00 -34.39 -61.42
C LYS E 215 -31.66 -34.59 -62.88
N TRP E 216 -32.56 -34.18 -63.77
CA TRP E 216 -32.33 -34.29 -65.21
C TRP E 216 -31.96 -32.91 -65.73
N ILE E 217 -30.74 -32.81 -66.26
CA ILE E 217 -30.24 -31.54 -66.77
C ILE E 217 -29.74 -31.68 -68.21
N GLU E 218 -30.10 -30.74 -69.07
CA GLU E 218 -29.64 -30.77 -70.45
C GLU E 218 -28.12 -30.73 -70.47
N SER E 219 -27.50 -31.64 -71.21
CA SER E 219 -26.04 -31.75 -71.27
C SER E 219 -25.27 -30.47 -71.67
N GLU E 220 -25.94 -29.57 -72.38
CA GLU E 220 -25.28 -28.33 -72.79
C GLU E 220 -24.72 -27.61 -71.56
N HIS E 221 -25.49 -27.63 -70.48
CA HIS E 221 -25.09 -26.96 -69.25
C HIS E 221 -23.84 -27.48 -68.58
N PHE E 222 -23.29 -28.58 -69.06
CA PHE E 222 -22.08 -29.10 -68.45
C PHE E 222 -20.85 -28.72 -69.24
N LYS E 223 -21.04 -27.81 -70.18
CA LYS E 223 -19.97 -27.30 -71.04
C LYS E 223 -18.79 -28.26 -71.23
N GLY E 224 -19.08 -29.48 -71.66
CA GLY E 224 -18.01 -30.44 -71.88
C GLY E 224 -17.52 -31.28 -70.70
N GLU E 225 -17.55 -30.72 -69.49
CA GLU E 225 -17.12 -31.47 -68.32
C GLU E 225 -18.33 -31.99 -67.57
N TYR E 226 -18.44 -33.31 -67.46
CA TYR E 226 -19.58 -33.93 -66.79
C TYR E 226 -19.41 -34.17 -65.29
N LYS E 227 -19.32 -33.07 -64.56
CA LYS E 227 -19.21 -33.05 -63.11
C LYS E 227 -20.21 -32.02 -62.62
N TYR E 228 -20.95 -32.34 -61.57
CA TYR E 228 -21.91 -31.40 -61.02
C TYR E 228 -21.17 -30.54 -60.01
N VAL E 229 -21.03 -29.25 -60.31
CA VAL E 229 -20.31 -28.33 -59.43
C VAL E 229 -21.23 -27.83 -58.31
N ASN E 230 -20.83 -28.09 -57.06
CA ASN E 230 -21.64 -27.73 -55.91
C ASN E 230 -22.42 -26.43 -56.00
N GLY E 231 -21.76 -25.30 -55.76
CA GLY E 231 -22.52 -24.06 -55.80
C GLY E 231 -23.01 -23.52 -57.13
N ARG E 232 -22.79 -24.24 -58.22
CA ARG E 232 -23.18 -23.76 -59.53
C ARG E 232 -24.67 -23.87 -59.80
N TYR E 233 -25.18 -22.95 -60.60
CA TYR E 233 -26.59 -22.95 -60.95
C TYR E 233 -26.88 -23.86 -62.15
N TYR E 234 -28.01 -24.56 -62.12
CA TYR E 234 -28.37 -25.44 -63.24
C TYR E 234 -29.88 -25.50 -63.48
N PRO E 235 -30.33 -25.17 -64.71
CA PRO E 235 -31.78 -25.24 -64.97
C PRO E 235 -32.03 -26.75 -64.88
N GLU E 236 -33.19 -27.21 -64.39
CA GLU E 236 -33.29 -28.65 -64.24
C GLU E 236 -34.47 -29.53 -64.66
N TRP E 237 -35.34 -29.09 -65.56
CA TRP E 237 -36.44 -29.98 -65.95
C TRP E 237 -37.19 -30.54 -64.74
N GLY E 238 -37.97 -29.70 -64.06
CA GLY E 238 -38.71 -30.17 -62.90
C GLY E 238 -39.75 -31.22 -63.20
N ARG E 239 -40.06 -32.05 -62.21
CA ARG E 239 -41.07 -33.09 -62.34
C ARG E 239 -42.39 -32.47 -61.91
N LYS E 240 -43.51 -33.15 -62.14
CA LYS E 240 -44.80 -32.60 -61.77
C LYS E 240 -45.43 -33.43 -60.64
N SER E 241 -45.60 -32.81 -59.48
CA SER E 241 -46.19 -33.47 -58.32
C SER E 241 -46.63 -32.43 -57.30
N ASN E 242 -47.57 -32.80 -56.43
CA ASN E 242 -48.02 -31.87 -55.40
C ASN E 242 -46.96 -31.76 -54.33
N TYR E 243 -46.07 -32.75 -54.30
CA TYR E 243 -45.00 -32.79 -53.34
C TYR E 243 -43.72 -32.27 -53.98
N GLU E 244 -42.80 -31.76 -53.16
CA GLU E 244 -41.52 -31.27 -53.65
C GLU E 244 -40.49 -32.35 -53.33
N PRO E 245 -39.53 -32.61 -54.24
CA PRO E 245 -38.54 -33.65 -53.91
C PRO E 245 -37.92 -33.38 -52.55
N GLY E 246 -37.82 -34.43 -51.74
CA GLY E 246 -37.28 -34.26 -50.41
C GLY E 246 -38.36 -34.66 -49.42
N GLU E 247 -39.61 -34.29 -49.70
CA GLU E 247 -40.74 -34.63 -48.84
C GLU E 247 -41.00 -36.10 -49.05
N PRO E 248 -41.25 -36.86 -47.98
CA PRO E 248 -41.50 -38.28 -48.20
C PRO E 248 -42.63 -38.58 -49.18
N GLY E 249 -43.50 -37.61 -49.41
CA GLY E 249 -44.59 -37.81 -50.34
C GLY E 249 -44.23 -37.79 -51.82
N PHE E 250 -43.00 -37.42 -52.16
CA PHE E 250 -42.59 -37.38 -53.55
C PHE E 250 -42.50 -38.79 -54.12
N PRO E 251 -43.14 -39.04 -55.29
CA PRO E 251 -43.17 -40.33 -55.99
C PRO E 251 -41.84 -40.76 -56.58
N TRP E 252 -41.15 -41.67 -55.91
CA TRP E 252 -39.88 -42.18 -56.43
C TRP E 252 -40.12 -43.67 -56.60
N ASN E 253 -39.78 -44.21 -57.75
CA ASN E 253 -39.98 -45.63 -57.99
C ASN E 253 -38.86 -46.43 -57.31
N ILE E 254 -38.96 -46.53 -55.99
CA ILE E 254 -37.98 -47.26 -55.20
C ILE E 254 -38.62 -48.51 -54.64
N LYS E 255 -37.86 -49.59 -54.61
CA LYS E 255 -38.33 -50.85 -54.05
C LYS E 255 -37.14 -51.45 -53.33
N LYS E 256 -37.39 -52.06 -52.17
CA LYS E 256 -36.28 -52.67 -51.44
C LYS E 256 -35.99 -53.93 -52.21
N ASP E 257 -34.84 -54.00 -52.86
CA ASP E 257 -34.56 -55.20 -53.63
C ASP E 257 -34.42 -56.47 -52.80
N LYS E 258 -34.53 -57.61 -53.49
CA LYS E 258 -34.43 -58.96 -52.94
C LYS E 258 -33.67 -59.05 -51.63
N ASP E 259 -34.02 -60.06 -50.83
CA ASP E 259 -33.40 -60.30 -49.52
C ASP E 259 -32.08 -59.58 -49.27
N ALA E 260 -32.19 -58.32 -48.85
CA ALA E 260 -31.03 -57.48 -48.57
C ALA E 260 -31.47 -56.18 -47.91
N ASN E 261 -30.50 -55.39 -47.46
CA ASN E 261 -30.79 -54.13 -46.79
C ASN E 261 -30.82 -52.98 -47.77
N THR E 262 -30.32 -53.25 -48.97
CA THR E 262 -30.25 -52.25 -50.02
C THR E 262 -31.55 -51.97 -50.79
N TYR E 263 -31.57 -50.86 -51.53
CA TYR E 263 -32.75 -50.46 -52.31
C TYR E 263 -32.39 -50.15 -53.76
N SER E 264 -33.40 -50.13 -54.63
CA SER E 264 -33.19 -49.84 -56.05
C SER E 264 -34.21 -48.84 -56.54
N LEU E 265 -33.82 -48.05 -57.53
CA LEU E 265 -34.69 -47.02 -58.09
C LEU E 265 -34.69 -46.96 -59.61
N THR E 266 -35.81 -46.51 -60.17
CA THR E 266 -35.96 -46.38 -61.62
C THR E 266 -36.68 -45.08 -61.92
N ASP E 267 -35.99 -44.13 -62.54
CA ASP E 267 -36.62 -42.86 -62.86
C ASP E 267 -36.72 -42.67 -64.36
N LEU E 268 -37.93 -42.43 -64.85
CA LEU E 268 -38.17 -42.27 -66.28
C LEU E 268 -38.41 -40.80 -66.64
N VAL E 269 -38.12 -40.44 -67.89
CA VAL E 269 -38.32 -39.07 -68.36
C VAL E 269 -38.78 -39.00 -69.81
N ARG E 270 -39.78 -38.16 -70.06
CA ARG E 270 -40.34 -37.99 -71.40
C ARG E 270 -39.47 -37.02 -72.20
N THR E 271 -38.60 -37.56 -73.07
CA THR E 271 -37.73 -36.71 -73.87
C THR E 271 -38.47 -35.95 -74.97
N THR E 272 -39.37 -35.06 -74.59
CA THR E 272 -40.12 -34.27 -75.56
C THR E 272 -39.14 -33.40 -76.34
N SER E 273 -39.55 -32.96 -77.53
CA SER E 273 -38.70 -32.14 -78.37
C SER E 273 -38.53 -30.69 -77.90
N LYS E 274 -39.19 -30.35 -76.80
CA LYS E 274 -39.11 -29.00 -76.24
C LYS E 274 -37.66 -28.63 -75.93
N MET E 275 -36.90 -29.58 -75.41
CA MET E 275 -35.51 -29.34 -75.04
C MET E 275 -34.60 -29.06 -76.22
N SER E 276 -33.30 -29.22 -76.01
CA SER E 276 -32.31 -28.98 -77.05
C SER E 276 -30.90 -29.46 -76.69
N SER E 277 -30.81 -30.52 -75.90
CA SER E 277 -29.50 -31.05 -75.50
C SER E 277 -29.57 -32.48 -74.99
N GLN E 278 -30.78 -32.99 -74.78
CA GLN E 278 -30.97 -34.34 -74.27
C GLN E 278 -30.43 -34.36 -72.84
N PRO E 279 -31.32 -34.52 -71.86
CA PRO E 279 -30.89 -34.52 -70.46
C PRO E 279 -29.90 -35.61 -70.13
N VAL E 280 -29.16 -35.36 -69.06
CA VAL E 280 -28.18 -36.28 -68.53
C VAL E 280 -28.72 -36.52 -67.11
N CYS E 281 -28.49 -37.70 -66.56
CA CYS E 281 -29.00 -37.99 -65.24
C CYS E 281 -27.99 -37.69 -64.12
N VAL E 282 -28.37 -36.83 -63.18
CA VAL E 282 -27.51 -36.50 -62.05
C VAL E 282 -28.09 -37.17 -60.81
N VAL E 283 -27.31 -38.07 -60.22
CA VAL E 283 -27.76 -38.83 -59.06
C VAL E 283 -27.20 -38.34 -57.73
N PHE E 284 -28.08 -37.98 -56.80
CA PHE E 284 -27.66 -37.52 -55.48
C PHE E 284 -27.87 -38.60 -54.44
N HIS E 285 -26.78 -39.06 -53.83
CA HIS E 285 -26.85 -40.09 -52.82
C HIS E 285 -25.68 -39.93 -51.86
N ASP E 286 -25.80 -40.48 -50.64
CA ASP E 286 -24.74 -40.37 -49.63
C ASP E 286 -23.41 -40.82 -50.16
N THR E 287 -23.38 -41.97 -50.84
CA THR E 287 -22.14 -42.44 -51.45
C THR E 287 -22.17 -41.61 -52.73
N LEU E 288 -21.02 -41.20 -53.25
CA LEU E 288 -20.99 -40.35 -54.44
C LEU E 288 -21.87 -39.10 -54.29
N GLU E 289 -21.38 -38.10 -53.55
CA GLU E 289 -22.11 -36.85 -53.31
C GLU E 289 -23.07 -36.44 -54.44
N ALA E 290 -22.59 -36.52 -55.68
CA ALA E 290 -23.41 -36.17 -56.82
C ALA E 290 -22.70 -36.53 -58.11
N GLN E 291 -23.14 -37.60 -58.78
CA GLN E 291 -22.52 -38.03 -60.02
C GLN E 291 -23.41 -37.86 -61.24
N VAL E 292 -22.78 -37.61 -62.39
CA VAL E 292 -23.53 -37.43 -63.63
C VAL E 292 -23.42 -38.70 -64.49
N TYR E 293 -24.53 -39.05 -65.15
CA TYR E 293 -24.58 -40.24 -66.00
C TYR E 293 -25.28 -39.92 -67.32
N THR E 294 -24.72 -40.44 -68.42
CA THR E 294 -25.27 -40.13 -69.73
C THR E 294 -25.82 -41.28 -70.58
N CYS E 295 -25.82 -41.01 -71.89
CA CYS E 295 -26.25 -41.87 -73.01
C CYS E 295 -27.70 -42.33 -73.15
N SER E 296 -28.13 -42.36 -74.40
CA SER E 296 -29.48 -42.77 -74.78
C SER E 296 -29.38 -43.82 -75.88
N GLU E 297 -30.42 -43.95 -76.69
CA GLU E 297 -30.44 -44.94 -77.76
C GLU E 297 -30.51 -46.31 -77.08
N GLY E 298 -29.91 -46.37 -75.90
CA GLY E 298 -29.86 -47.58 -75.11
C GLY E 298 -28.44 -47.69 -74.60
N CYS E 299 -27.70 -46.60 -74.72
CA CYS E 299 -26.31 -46.54 -74.31
C CYS E 299 -25.50 -47.59 -75.05
N ILE F 1 -21.97 7.95 -12.58
CA ILE F 1 -20.79 8.76 -12.16
C ILE F 1 -20.70 10.05 -12.96
N THR F 2 -19.95 11.00 -12.41
CA THR F 2 -19.80 12.31 -13.02
C THR F 2 -18.42 12.94 -12.88
N LEU F 3 -18.00 13.66 -13.92
CA LEU F 3 -16.72 14.36 -13.88
C LEU F 3 -17.00 15.77 -14.40
N LYS F 4 -16.81 16.77 -13.54
CA LYS F 4 -17.07 18.15 -13.92
C LYS F 4 -15.89 19.10 -13.69
N TYR F 5 -15.59 19.91 -14.71
CA TYR F 5 -14.52 20.90 -14.66
C TYR F 5 -15.18 22.29 -14.73
N ASN F 6 -14.83 23.16 -13.79
CA ASN F 6 -15.40 24.52 -13.72
C ASN F 6 -14.29 25.57 -13.63
N TYR F 7 -14.18 26.39 -14.66
CA TYR F 7 -13.18 27.46 -14.68
C TYR F 7 -13.98 28.76 -14.56
N THR F 8 -13.58 29.62 -13.63
CA THR F 8 -14.29 30.88 -13.46
C THR F 8 -13.43 32.09 -13.15
N VAL F 9 -13.59 33.16 -13.93
CA VAL F 9 -12.87 34.40 -13.69
C VAL F 9 -13.94 35.42 -13.33
N THR F 10 -13.68 36.20 -12.28
CA THR F 10 -14.64 37.20 -11.82
C THR F 10 -14.01 38.58 -11.72
N LEU F 11 -14.83 39.62 -11.91
CA LEU F 11 -14.33 40.97 -11.82
C LEU F 11 -14.23 41.38 -10.37
N LYS F 12 -14.73 40.54 -9.47
CA LYS F 12 -14.68 40.83 -8.04
C LYS F 12 -15.15 42.26 -7.81
N ASP F 13 -14.85 42.82 -6.64
CA ASP F 13 -15.23 44.19 -6.35
C ASP F 13 -14.61 45.10 -7.40
N ASP F 14 -13.74 46.01 -6.99
CA ASP F 14 -13.11 46.89 -7.95
C ASP F 14 -11.64 46.59 -8.16
N GLY F 15 -11.29 46.26 -9.41
CA GLY F 15 -9.91 46.00 -9.73
C GLY F 15 -9.58 44.79 -10.60
N LEU F 16 -8.87 43.87 -9.97
CA LEU F 16 -8.38 42.66 -10.61
C LEU F 16 -9.47 41.64 -10.95
N TYR F 17 -9.06 40.63 -11.71
CA TYR F 17 -9.96 39.56 -12.11
C TYR F 17 -9.50 38.31 -11.37
N ASP F 18 -10.38 37.73 -10.57
CA ASP F 18 -10.02 36.51 -9.86
C ASP F 18 -10.28 35.29 -10.72
N GLY F 19 -9.56 34.21 -10.44
CA GLY F 19 -9.75 33.01 -11.22
C GLY F 19 -9.71 31.77 -10.34
N VAL F 20 -10.65 30.88 -10.56
CA VAL F 20 -10.70 29.62 -9.81
C VAL F 20 -11.04 28.48 -10.73
N PHE F 21 -10.65 27.30 -10.31
CA PHE F 21 -10.93 26.10 -11.07
C PHE F 21 -11.29 24.99 -10.10
N TYR F 22 -12.34 24.25 -10.42
CA TYR F 22 -12.75 23.13 -9.57
C TYR F 22 -12.89 21.86 -10.40
N ASP F 23 -12.38 20.76 -9.84
CA ASP F 23 -12.45 19.45 -10.46
C ASP F 23 -13.31 18.61 -9.52
N HIS F 24 -14.50 18.22 -9.98
CA HIS F 24 -15.40 17.42 -9.16
C HIS F 24 -15.73 16.05 -9.76
N TYR F 25 -15.52 15.00 -8.96
CA TYR F 25 -15.85 13.64 -9.39
C TYR F 25 -17.10 13.38 -8.56
N ASN F 26 -18.25 13.23 -9.20
CA ASN F 26 -19.50 13.06 -8.47
C ASN F 26 -19.57 14.35 -7.65
N ASP F 27 -19.88 14.24 -6.36
CA ASP F 27 -19.95 15.42 -5.53
C ASP F 27 -18.66 15.62 -4.73
N GLN F 28 -17.62 14.87 -5.10
CA GLN F 28 -16.31 14.95 -4.43
C GLN F 28 -15.31 15.93 -5.05
N LEU F 29 -14.88 16.92 -4.28
CA LEU F 29 -13.90 17.86 -4.77
C LEU F 29 -12.58 17.12 -4.96
N VAL F 30 -11.97 17.27 -6.14
CA VAL F 30 -10.72 16.59 -6.42
C VAL F 30 -9.56 17.57 -6.48
N THR F 31 -9.82 18.74 -7.07
CA THR F 31 -8.79 19.75 -7.21
C THR F 31 -9.34 21.16 -7.22
N LYS F 32 -8.63 22.05 -6.54
CA LYS F 32 -9.01 23.45 -6.55
C LYS F 32 -7.78 24.24 -6.92
N ILE F 33 -7.94 25.19 -7.83
CA ILE F 33 -6.83 26.01 -8.27
C ILE F 33 -7.32 27.45 -8.34
N SER F 34 -6.47 28.37 -7.89
CA SER F 34 -6.84 29.78 -7.93
C SER F 34 -5.67 30.61 -8.44
N TYR F 35 -6.00 31.73 -9.07
CA TYR F 35 -5.00 32.63 -9.63
C TYR F 35 -4.31 33.47 -8.55
N ASN F 36 -3.00 33.30 -8.45
CA ASN F 36 -2.20 34.04 -7.47
C ASN F 36 -1.80 35.39 -8.07
N HIS F 37 -2.32 36.48 -7.52
CA HIS F 37 -2.03 37.81 -8.03
C HIS F 37 -0.60 38.28 -7.85
N GLU F 38 0.04 37.79 -6.80
CA GLU F 38 1.41 38.15 -6.52
C GLU F 38 2.30 37.49 -7.58
N THR F 39 2.17 36.17 -7.71
CA THR F 39 2.95 35.38 -8.66
C THR F 39 2.51 35.49 -10.12
N ARG F 40 1.22 35.74 -10.34
CA ARG F 40 0.67 35.86 -11.70
C ARG F 40 0.46 34.53 -12.43
N HIS F 41 0.19 33.48 -11.67
CA HIS F 41 -0.09 32.17 -12.23
C HIS F 41 -0.93 31.39 -11.21
N GLY F 42 -1.47 30.24 -11.60
CA GLY F 42 -2.31 29.50 -10.67
C GLY F 42 -1.57 28.66 -9.64
N ASN F 43 -2.27 28.31 -8.56
CA ASN F 43 -1.71 27.48 -7.50
C ASN F 43 -2.74 26.45 -7.10
N VAL F 44 -2.30 25.22 -6.86
CA VAL F 44 -3.23 24.19 -6.43
C VAL F 44 -3.47 24.41 -4.95
N ASN F 45 -4.71 24.71 -4.58
CA ASN F 45 -5.03 24.93 -3.18
C ASN F 45 -5.49 23.66 -2.51
N PHE F 46 -6.14 22.79 -3.29
CA PHE F 46 -6.64 21.55 -2.76
C PHE F 46 -6.44 20.37 -3.70
N ARG F 47 -6.20 19.21 -3.13
CA ARG F 47 -6.03 17.99 -3.90
C ARG F 47 -6.50 16.83 -3.06
N ALA F 48 -7.53 16.13 -3.51
CA ALA F 48 -8.04 14.99 -2.77
C ALA F 48 -6.93 13.98 -2.54
N ASP F 49 -6.87 13.44 -1.33
CA ASP F 49 -5.86 12.46 -0.96
C ASP F 49 -5.90 11.18 -1.77
N TRP F 50 -7.07 10.80 -2.26
CA TRP F 50 -7.21 9.56 -3.04
C TRP F 50 -6.88 9.65 -4.52
N PHE F 51 -6.67 10.87 -5.02
CA PHE F 51 -6.40 11.06 -6.43
C PHE F 51 -4.93 11.26 -6.76
N ASN F 52 -4.31 10.24 -7.34
CA ASN F 52 -2.90 10.33 -7.75
C ASN F 52 -2.99 10.77 -9.21
N ILE F 53 -2.80 12.07 -9.45
CA ILE F 53 -2.90 12.60 -10.81
C ILE F 53 -2.00 11.92 -11.84
N SER F 54 -0.98 11.20 -11.37
CA SER F 54 -0.07 10.49 -12.27
C SER F 54 -0.75 9.26 -12.84
N ARG F 55 -1.77 8.77 -12.15
CA ARG F 55 -2.49 7.59 -12.61
C ARG F 55 -3.68 7.98 -13.48
N SER F 56 -3.77 9.26 -13.85
CA SER F 56 -4.86 9.74 -14.69
C SER F 56 -4.33 10.50 -15.89
N PRO F 57 -3.72 9.76 -16.84
CA PRO F 57 -3.12 10.24 -18.09
C PRO F 57 -3.97 11.21 -18.86
N HIS F 58 -5.29 11.10 -18.72
CA HIS F 58 -6.18 11.95 -19.48
C HIS F 58 -6.70 13.19 -18.78
N THR F 59 -6.17 13.46 -17.60
CA THR F 59 -6.53 14.67 -16.88
C THR F 59 -5.53 15.66 -17.44
N PRO F 60 -6.00 16.80 -17.98
CA PRO F 60 -5.13 17.84 -18.57
C PRO F 60 -3.90 18.21 -17.75
N GLY F 61 -2.78 18.41 -18.42
CA GLY F 61 -1.55 18.78 -17.74
C GLY F 61 -1.45 20.28 -17.50
N ASN F 62 -0.35 20.74 -16.91
CA ASN F 62 -0.16 22.17 -16.62
C ASN F 62 -1.29 22.59 -15.70
N ASP F 63 -1.54 21.81 -14.66
CA ASP F 63 -2.62 22.12 -13.74
C ASP F 63 -3.86 22.49 -14.54
N TYR F 64 -4.34 21.52 -15.30
CA TYR F 64 -5.54 21.69 -16.12
C TYR F 64 -5.49 22.88 -17.08
N ASN F 65 -4.30 23.20 -17.59
CA ASN F 65 -4.15 24.32 -18.52
C ASN F 65 -4.77 25.55 -17.89
N PHE F 66 -4.62 25.68 -16.57
CA PHE F 66 -5.20 26.83 -15.87
C PHE F 66 -4.73 28.19 -16.34
N ASN F 67 -3.42 28.40 -16.41
CA ASN F 67 -2.88 29.68 -16.86
C ASN F 67 -3.45 30.02 -18.23
N PHE F 68 -3.51 29.03 -19.12
CA PHE F 68 -4.05 29.26 -20.46
C PHE F 68 -5.47 29.78 -20.38
N TRP F 69 -6.34 29.03 -19.70
CA TRP F 69 -7.74 29.42 -19.59
C TRP F 69 -7.97 30.72 -18.84
N TYR F 70 -7.33 30.86 -17.68
CA TYR F 70 -7.50 32.07 -16.90
C TYR F 70 -7.28 33.29 -17.78
N SER F 71 -6.14 33.31 -18.45
CA SER F 71 -5.75 34.40 -19.31
C SER F 71 -6.72 34.63 -20.45
N LEU F 72 -7.06 33.57 -21.19
CA LEU F 72 -7.97 33.69 -22.32
C LEU F 72 -9.38 34.06 -21.90
N MET F 73 -9.78 33.61 -20.72
CA MET F 73 -11.11 33.92 -20.21
C MET F 73 -11.13 35.36 -19.72
N LYS F 74 -10.01 35.78 -19.15
CA LYS F 74 -9.91 37.15 -18.67
C LYS F 74 -10.10 38.04 -19.89
N GLU F 75 -9.42 37.71 -20.98
CA GLU F 75 -9.51 38.47 -22.23
C GLU F 75 -10.96 38.50 -22.70
N THR F 76 -11.60 37.34 -22.71
CA THR F 76 -12.98 37.23 -23.15
C THR F 76 -13.95 38.05 -22.30
N LEU F 77 -13.71 38.06 -20.99
CA LEU F 77 -14.57 38.81 -20.11
C LEU F 77 -14.45 40.30 -20.37
N GLU F 78 -13.23 40.77 -20.61
CA GLU F 78 -13.00 42.18 -20.88
C GLU F 78 -13.75 42.62 -22.13
N GLU F 79 -13.62 41.84 -23.21
CA GLU F 79 -14.30 42.16 -24.46
C GLU F 79 -15.81 42.16 -24.25
N ILE F 80 -16.31 41.17 -23.53
CA ILE F 80 -17.74 41.06 -23.28
C ILE F 80 -18.28 42.29 -22.54
N ASN F 81 -17.46 42.87 -21.67
CA ASN F 81 -17.89 44.03 -20.92
C ASN F 81 -17.86 45.36 -21.66
N LYS F 82 -17.28 45.39 -22.85
CA LYS F 82 -17.22 46.63 -23.61
C LYS F 82 -18.61 47.05 -24.09
N ASN F 83 -19.39 46.11 -24.62
CA ASN F 83 -20.76 46.42 -25.05
C ASN F 83 -21.50 46.42 -23.71
N ASP F 84 -21.78 47.61 -23.19
CA ASP F 84 -22.44 47.75 -21.91
C ASP F 84 -23.77 47.01 -21.74
N SER F 85 -24.28 46.41 -22.80
CA SER F 85 -25.53 45.67 -22.72
C SER F 85 -25.27 44.19 -22.41
N THR F 86 -23.99 43.86 -22.20
CA THR F 86 -23.58 42.48 -21.91
C THR F 86 -22.82 42.41 -20.59
N LYS F 87 -22.20 43.53 -20.22
CA LYS F 87 -21.42 43.63 -19.00
C LYS F 87 -21.81 42.58 -17.96
N THR F 88 -20.84 41.79 -17.53
CA THR F 88 -21.09 40.74 -16.55
C THR F 88 -20.03 40.69 -15.46
N THR F 89 -20.44 40.16 -14.31
CA THR F 89 -19.56 40.03 -13.16
C THR F 89 -18.47 38.98 -13.40
N SER F 90 -18.89 37.84 -13.94
CA SER F 90 -17.96 36.74 -14.19
C SER F 90 -18.27 35.90 -15.42
N LEU F 91 -17.33 35.01 -15.73
CA LEU F 91 -17.44 34.12 -16.87
C LEU F 91 -17.00 32.73 -16.42
N SER F 92 -17.70 31.70 -16.90
CA SER F 92 -17.38 30.33 -16.53
C SER F 92 -17.30 29.36 -17.71
N LEU F 93 -16.33 28.47 -17.63
CA LEU F 93 -16.17 27.45 -18.66
C LEU F 93 -16.56 26.13 -18.00
N ILE F 94 -17.73 25.60 -18.37
CA ILE F 94 -18.20 24.35 -17.81
C ILE F 94 -18.02 23.20 -18.81
N THR F 95 -17.21 22.22 -18.42
CA THR F 95 -16.97 21.09 -19.29
C THR F 95 -16.81 19.83 -18.45
N GLY F 96 -17.24 18.69 -19.00
CA GLY F 96 -17.15 17.43 -18.29
C GLY F 96 -17.98 16.35 -18.97
N CYS F 97 -18.15 15.21 -18.30
CA CYS F 97 -18.93 14.13 -18.88
C CYS F 97 -19.67 13.35 -17.81
N TYR F 98 -20.43 12.34 -18.25
CA TYR F 98 -21.21 11.55 -17.32
C TYR F 98 -21.56 10.17 -17.84
N GLU F 99 -21.77 9.25 -16.90
CA GLU F 99 -22.18 7.90 -17.19
C GLU F 99 -23.27 7.64 -16.16
N THR F 100 -24.46 8.15 -16.47
CA THR F 100 -25.63 8.01 -15.60
C THR F 100 -26.45 6.80 -16.05
N GLY F 101 -26.23 5.65 -15.42
CA GLY F 101 -26.96 4.47 -15.84
C GLY F 101 -26.56 4.13 -17.27
N LEU F 102 -27.55 3.94 -18.14
CA LEU F 102 -27.27 3.62 -19.53
C LEU F 102 -26.85 4.86 -20.31
N LEU F 103 -27.34 6.03 -19.89
CA LEU F 103 -27.03 7.28 -20.57
C LEU F 103 -25.57 7.70 -20.35
N PHE F 104 -25.02 8.40 -21.34
CA PHE F 104 -23.64 8.87 -21.26
C PHE F 104 -23.41 9.97 -22.29
N GLY F 105 -22.60 10.95 -21.93
CA GLY F 105 -22.31 12.04 -22.83
C GLY F 105 -21.27 12.99 -22.26
N SER F 106 -20.95 14.05 -23.00
CA SER F 106 -19.98 15.03 -22.54
C SER F 106 -20.48 16.41 -22.92
N TYR F 107 -19.95 17.45 -22.28
CA TYR F 107 -20.39 18.81 -22.55
C TYR F 107 -19.27 19.81 -22.37
N GLY F 108 -19.49 21.00 -22.92
CA GLY F 108 -18.52 22.06 -22.82
C GLY F 108 -19.21 23.33 -23.25
N TYR F 109 -19.53 24.18 -22.29
CA TYR F 109 -20.19 25.42 -22.61
C TYR F 109 -19.69 26.57 -21.75
N VAL F 110 -20.00 27.78 -22.19
CA VAL F 110 -19.58 28.98 -21.48
C VAL F 110 -20.80 29.71 -20.97
N GLU F 111 -20.87 29.94 -19.67
CA GLU F 111 -21.99 30.67 -19.10
C GLU F 111 -21.51 31.96 -18.45
N THR F 112 -22.44 32.87 -18.29
CA THR F 112 -22.19 34.18 -17.72
C THR F 112 -22.99 34.32 -16.44
N ALA F 113 -22.69 35.33 -15.63
CA ALA F 113 -23.43 35.53 -14.39
C ALA F 113 -24.91 35.76 -14.76
N ASN F 114 -25.14 36.17 -16.00
CA ASN F 114 -26.48 36.43 -16.49
C ASN F 114 -27.17 35.19 -17.04
N GLY F 115 -26.39 34.11 -17.19
CA GLY F 115 -26.96 32.88 -17.71
C GLY F 115 -26.17 32.25 -18.85
N PRO F 116 -26.57 31.04 -19.29
CA PRO F 116 -25.88 30.34 -20.38
C PRO F 116 -25.61 31.23 -21.58
N LEU F 117 -24.42 31.09 -22.14
CA LEU F 117 -24.01 31.89 -23.29
C LEU F 117 -23.85 31.07 -24.56
N ALA F 118 -22.79 30.26 -24.63
CA ALA F 118 -22.52 29.43 -25.81
C ALA F 118 -22.06 28.02 -25.49
N ARG F 119 -22.50 27.08 -26.31
CA ARG F 119 -22.20 25.67 -26.18
C ARG F 119 -21.26 25.23 -27.31
N TYR F 120 -20.22 24.48 -26.97
CA TYR F 120 -19.25 24.01 -27.97
C TYR F 120 -19.67 22.67 -28.59
N HIS F 121 -19.81 22.63 -29.91
CA HIS F 121 -20.20 21.40 -30.56
C HIS F 121 -19.02 20.69 -31.21
N THR F 122 -18.80 19.47 -30.76
CA THR F 122 -17.72 18.63 -31.25
C THR F 122 -17.79 18.40 -32.76
N GLY F 123 -19.01 18.30 -33.28
CA GLY F 123 -19.18 18.10 -34.70
C GLY F 123 -18.75 19.29 -35.55
N ASP F 124 -19.43 20.42 -35.37
CA ASP F 124 -19.15 21.64 -36.12
C ASP F 124 -17.81 22.29 -35.77
N LYS F 125 -17.25 21.92 -34.61
CA LYS F 125 -15.97 22.49 -34.16
C LYS F 125 -16.08 24.00 -34.01
N ARG F 126 -17.14 24.45 -33.33
CA ARG F 126 -17.40 25.87 -33.10
C ARG F 126 -18.45 26.01 -31.98
N PHE F 127 -18.65 27.22 -31.49
CA PHE F 127 -19.64 27.44 -30.45
C PHE F 127 -20.99 27.75 -31.07
N THR F 128 -22.05 27.45 -30.32
CA THR F 128 -23.40 27.71 -30.77
C THR F 128 -24.21 28.34 -29.66
N LYS F 129 -25.03 29.33 -30.01
CA LYS F 129 -25.88 30.02 -29.05
C LYS F 129 -26.70 29.03 -28.20
N MET F 130 -26.83 29.33 -26.91
CA MET F 130 -27.61 28.49 -26.02
C MET F 130 -28.93 29.20 -25.73
N THR F 131 -29.03 30.45 -26.14
CA THR F 131 -30.21 31.29 -25.94
C THR F 131 -30.53 32.01 -27.24
N HIS F 132 -31.78 32.45 -27.38
CA HIS F 132 -32.21 33.18 -28.57
C HIS F 132 -31.34 34.44 -28.70
N LYS F 133 -31.00 34.99 -27.54
CA LYS F 133 -30.20 36.21 -27.42
C LYS F 133 -28.92 36.21 -28.24
N GLY F 134 -28.33 35.04 -28.43
CA GLY F 134 -27.08 34.94 -29.18
C GLY F 134 -25.90 35.19 -28.25
N PHE F 135 -24.68 35.20 -28.79
CA PHE F 135 -23.50 35.45 -27.97
C PHE F 135 -22.47 36.26 -28.75
N PRO F 136 -21.78 37.19 -28.06
CA PRO F 136 -20.76 38.05 -28.69
C PRO F 136 -19.54 37.25 -29.17
N LYS F 137 -19.25 37.36 -30.46
CA LYS F 137 -18.11 36.65 -31.03
C LYS F 137 -16.81 37.36 -30.71
N VAL F 138 -16.34 37.17 -29.48
CA VAL F 138 -15.11 37.78 -28.98
C VAL F 138 -14.31 36.77 -28.18
N GLY F 139 -13.07 37.11 -27.85
CA GLY F 139 -12.23 36.23 -27.07
C GLY F 139 -12.18 34.78 -27.51
N MET F 140 -12.34 33.87 -26.55
CA MET F 140 -12.30 32.43 -26.82
C MET F 140 -13.53 31.95 -27.58
N LEU F 141 -14.45 32.85 -27.90
CA LEU F 141 -15.66 32.45 -28.59
C LEU F 141 -15.68 32.55 -30.11
N THR F 142 -14.63 33.08 -30.73
CA THR F 142 -14.61 33.20 -32.19
C THR F 142 -13.41 32.52 -32.81
N VAL F 143 -13.59 32.07 -34.04
CA VAL F 143 -12.50 31.43 -34.75
C VAL F 143 -11.47 32.51 -35.09
N LYS F 144 -11.91 33.76 -35.06
CA LYS F 144 -11.05 34.91 -35.35
C LYS F 144 -9.87 34.99 -34.40
N ASN F 145 -10.08 34.54 -33.16
CA ASN F 145 -9.04 34.58 -32.13
C ASN F 145 -7.80 33.78 -32.47
N THR F 146 -6.65 34.40 -32.22
CA THR F 146 -5.36 33.78 -32.48
C THR F 146 -5.13 32.46 -31.72
N LEU F 147 -5.81 32.28 -30.58
CA LEU F 147 -5.65 31.06 -29.79
C LEU F 147 -6.73 30.00 -30.03
N TRP F 148 -7.61 30.26 -30.99
CA TRP F 148 -8.68 29.34 -31.32
C TRP F 148 -8.19 27.91 -31.43
N LYS F 149 -7.06 27.71 -32.09
CA LYS F 149 -6.52 26.37 -32.26
C LYS F 149 -6.33 25.67 -30.93
N ASP F 150 -5.93 26.42 -29.91
CA ASP F 150 -5.75 25.84 -28.58
C ASP F 150 -7.10 25.51 -27.93
N VAL F 151 -8.09 26.36 -28.19
CA VAL F 151 -9.42 26.15 -27.64
C VAL F 151 -9.93 24.82 -28.20
N LYS F 152 -9.88 24.67 -29.52
CA LYS F 152 -10.32 23.44 -30.19
C LYS F 152 -9.67 22.22 -29.56
N ALA F 153 -8.35 22.31 -29.36
CA ALA F 153 -7.59 21.20 -28.79
C ALA F 153 -7.87 20.92 -27.31
N TYR F 154 -7.84 21.94 -26.47
CA TYR F 154 -8.07 21.75 -25.04
C TYR F 154 -9.51 21.47 -24.69
N LEU F 155 -10.43 22.30 -25.19
CA LEU F 155 -11.84 22.12 -24.90
C LEU F 155 -12.48 21.06 -25.79
N GLY F 156 -12.32 21.21 -27.10
CA GLY F 156 -12.88 20.25 -28.03
C GLY F 156 -12.36 18.84 -27.79
N GLY F 157 -11.06 18.71 -27.61
CA GLY F 157 -10.49 17.39 -27.39
C GLY F 157 -11.03 16.68 -26.15
N PHE F 158 -11.06 17.42 -25.05
CA PHE F 158 -11.54 16.88 -23.79
C PHE F 158 -12.98 16.41 -23.95
N GLU F 159 -13.78 17.24 -24.60
CA GLU F 159 -15.18 16.95 -24.82
C GLU F 159 -15.37 15.83 -25.83
N TYR F 160 -14.47 15.74 -26.80
CA TYR F 160 -14.58 14.71 -27.82
C TYR F 160 -14.29 13.31 -27.30
N MET F 161 -13.32 13.19 -26.40
CA MET F 161 -13.00 11.88 -25.89
C MET F 161 -12.19 11.90 -24.60
N GLY F 162 -11.32 12.91 -24.47
CA GLY F 162 -10.48 12.99 -23.28
C GLY F 162 -11.19 12.75 -21.97
N CYS F 163 -12.28 13.48 -21.76
CA CYS F 163 -13.04 13.34 -20.53
C CYS F 163 -13.56 11.93 -20.29
N SER F 164 -14.27 11.37 -21.27
CA SER F 164 -14.83 10.03 -21.13
C SER F 164 -13.77 8.98 -20.77
N LEU F 165 -12.52 9.23 -21.16
CA LEU F 165 -11.45 8.29 -20.83
C LEU F 165 -10.97 8.56 -19.41
N ALA F 166 -10.81 9.84 -19.08
CA ALA F 166 -10.34 10.24 -17.78
C ALA F 166 -11.28 9.80 -16.65
N ILE F 167 -12.57 10.04 -16.83
CA ILE F 167 -13.54 9.70 -15.80
C ILE F 167 -13.36 8.28 -15.28
N LEU F 168 -12.86 7.39 -16.13
CA LEU F 168 -12.65 6.01 -15.72
C LEU F 168 -11.48 5.85 -14.74
N ASP F 169 -10.47 6.71 -14.88
CA ASP F 169 -9.31 6.66 -13.98
C ASP F 169 -9.73 7.17 -12.61
N TYR F 170 -10.57 8.21 -12.58
CA TYR F 170 -11.05 8.76 -11.32
C TYR F 170 -11.82 7.67 -10.58
N GLN F 171 -12.71 7.01 -11.30
CA GLN F 171 -13.52 5.95 -10.72
C GLN F 171 -12.65 4.91 -10.03
N LYS F 172 -11.58 4.47 -10.70
CA LYS F 172 -10.68 3.47 -10.13
C LYS F 172 -10.10 3.92 -8.80
N MET F 173 -9.54 5.12 -8.78
CA MET F 173 -8.94 5.64 -7.56
C MET F 173 -9.94 6.06 -6.51
N ALA F 174 -11.20 6.19 -6.88
CA ALA F 174 -12.21 6.60 -5.93
C ALA F 174 -12.89 5.41 -5.27
N LYS F 175 -12.92 4.29 -5.98
CA LYS F 175 -13.59 3.08 -5.49
C LYS F 175 -13.86 3.01 -4.00
N GLY F 176 -12.81 2.90 -3.19
CA GLY F 176 -13.04 2.79 -1.77
C GLY F 176 -13.15 4.06 -0.94
N LYS F 177 -12.62 5.18 -1.44
CA LYS F 177 -12.65 6.41 -0.65
C LYS F 177 -13.83 7.39 -0.74
N ILE F 178 -14.98 6.98 -1.28
CA ILE F 178 -16.12 7.89 -1.34
C ILE F 178 -17.42 7.15 -1.01
N PRO F 179 -18.54 7.90 -0.85
CA PRO F 179 -19.83 7.28 -0.52
C PRO F 179 -20.11 6.08 -1.41
N LYS F 180 -20.60 5.00 -0.80
CA LYS F 180 -20.92 3.80 -1.56
C LYS F 180 -22.20 4.02 -2.39
N ASP F 181 -22.37 3.23 -3.45
CA ASP F 181 -23.55 3.36 -4.29
C ASP F 181 -24.77 3.03 -3.46
N THR F 182 -25.87 3.74 -3.72
CA THR F 182 -27.09 3.51 -2.97
C THR F 182 -28.28 3.58 -3.91
N THR F 183 -29.03 2.48 -3.97
CA THR F 183 -30.19 2.39 -4.83
C THR F 183 -31.40 3.14 -4.30
N PRO F 184 -32.05 3.95 -5.14
CA PRO F 184 -33.21 4.72 -4.72
C PRO F 184 -34.51 3.95 -4.71
N THR F 185 -35.54 4.63 -4.22
CA THR F 185 -36.90 4.12 -4.13
C THR F 185 -37.66 5.03 -5.07
N VAL F 186 -38.46 4.45 -5.96
CA VAL F 186 -39.23 5.27 -6.90
C VAL F 186 -40.72 5.06 -6.76
N LYS F 187 -41.47 6.14 -7.00
CA LYS F 187 -42.92 6.14 -6.93
C LYS F 187 -43.39 7.24 -7.84
N VAL F 188 -44.37 6.96 -8.68
CA VAL F 188 -44.89 7.97 -9.58
C VAL F 188 -46.29 8.33 -9.10
N THR F 189 -46.57 9.61 -8.87
CA THR F 189 -47.90 10.00 -8.40
C THR F 189 -48.68 10.80 -9.43
N GLY F 190 -49.99 10.57 -9.46
CA GLY F 190 -50.83 11.28 -10.40
C GLY F 190 -51.69 12.33 -9.73
N ASN F 191 -51.05 13.36 -9.18
CA ASN F 191 -51.79 14.45 -8.53
C ASN F 191 -52.48 15.26 -9.62
N GLU F 192 -52.92 16.46 -9.27
CA GLU F 192 -53.58 17.32 -10.24
C GLU F 192 -53.62 18.77 -9.78
N LEU F 193 -52.83 19.60 -10.45
CA LEU F 193 -52.70 21.03 -10.14
C LEU F 193 -53.89 21.95 -10.43
N GLU F 194 -55.10 21.44 -10.24
CA GLU F 194 -56.34 22.21 -10.43
C GLU F 194 -56.70 22.78 -11.82
N ASP F 195 -56.03 23.85 -12.25
CA ASP F 195 -56.34 24.45 -13.55
C ASP F 195 -56.15 23.48 -14.72
N GLY F 196 -55.05 22.72 -14.68
CA GLY F 196 -54.78 21.76 -15.74
C GLY F 196 -55.42 20.42 -15.45
N ASN F 197 -55.56 19.55 -16.44
CA ASN F 197 -56.19 18.26 -16.19
C ASN F 197 -55.41 17.36 -15.22
N MET F 198 -54.35 16.72 -15.68
CA MET F 198 -53.57 15.83 -14.82
C MET F 198 -52.09 16.19 -14.71
N THR F 199 -51.46 15.78 -13.61
CA THR F 199 -50.04 16.03 -13.37
C THR F 199 -49.37 14.75 -12.84
N LEU F 200 -48.21 14.41 -13.40
CA LEU F 200 -47.48 13.23 -12.96
C LEU F 200 -46.22 13.64 -12.24
N GLU F 201 -45.95 12.97 -11.12
CA GLU F 201 -44.77 13.29 -10.33
C GLU F 201 -43.96 12.05 -10.03
N CYS F 202 -42.75 12.01 -10.57
CA CYS F 202 -41.84 10.89 -10.38
C CYS F 202 -40.90 11.31 -9.27
N THR F 203 -40.86 10.55 -8.18
CA THR F 203 -39.96 10.90 -7.09
C THR F 203 -39.02 9.74 -6.81
N VAL F 204 -37.72 10.07 -6.81
CA VAL F 204 -36.67 9.10 -6.58
C VAL F 204 -36.06 9.42 -5.22
N ASN F 205 -36.12 8.45 -4.31
CA ASN F 205 -35.63 8.66 -2.96
C ASN F 205 -34.30 8.07 -2.56
N SER F 206 -33.48 8.95 -1.99
CA SER F 206 -32.14 8.66 -1.52
C SER F 206 -31.31 7.65 -2.32
N PHE F 207 -30.59 8.18 -3.31
CA PHE F 207 -29.71 7.42 -4.21
C PHE F 207 -28.33 8.02 -4.04
N TYR F 208 -27.23 7.25 -4.12
CA TYR F 208 -25.96 7.93 -3.93
C TYR F 208 -25.39 8.72 -5.08
N PRO F 209 -24.71 8.05 -6.03
CA PRO F 209 -24.17 8.93 -7.07
C PRO F 209 -25.31 9.90 -7.42
N PRO F 210 -25.13 11.18 -7.07
CA PRO F 210 -26.11 12.27 -7.27
C PRO F 210 -26.65 12.52 -8.66
N ASP F 211 -25.99 11.98 -9.69
CA ASP F 211 -26.46 12.17 -11.05
C ASP F 211 -27.62 11.24 -11.32
N VAL F 212 -28.73 11.83 -11.73
CA VAL F 212 -29.92 11.05 -12.07
C VAL F 212 -30.60 11.74 -13.23
N ILE F 213 -31.10 10.94 -14.15
CA ILE F 213 -31.79 11.48 -15.29
C ILE F 213 -33.11 10.74 -15.43
N THR F 214 -34.11 11.48 -15.87
CA THR F 214 -35.43 10.93 -15.99
C THR F 214 -36.01 11.18 -17.37
N LYS F 215 -36.67 10.16 -17.91
CA LYS F 215 -37.31 10.24 -19.22
C LYS F 215 -38.77 9.86 -19.13
N TRP F 216 -39.64 10.70 -19.68
CA TRP F 216 -41.07 10.43 -19.69
C TRP F 216 -41.46 9.93 -21.06
N ILE F 217 -41.95 8.69 -21.12
CA ILE F 217 -42.32 8.08 -22.38
C ILE F 217 -43.74 7.54 -22.34
N GLU F 218 -44.52 7.78 -23.39
CA GLU F 218 -45.89 7.28 -23.44
C GLU F 218 -45.83 5.77 -23.37
N SER F 219 -46.65 5.18 -22.49
CA SER F 219 -46.68 3.73 -22.28
C SER F 219 -46.92 2.87 -23.51
N GLU F 220 -47.58 3.42 -24.54
CA GLU F 220 -47.84 2.66 -25.75
C GLU F 220 -46.54 2.11 -26.32
N HIS F 221 -45.48 2.91 -26.26
CA HIS F 221 -44.18 2.53 -26.79
C HIS F 221 -43.52 1.33 -26.11
N PHE F 222 -44.09 0.86 -25.01
CA PHE F 222 -43.51 -0.29 -24.35
C PHE F 222 -44.22 -1.58 -24.70
N LYS F 223 -45.07 -1.49 -25.73
CA LYS F 223 -45.83 -2.62 -26.23
C LYS F 223 -46.07 -3.74 -25.20
N GLY F 224 -46.63 -3.38 -24.05
CA GLY F 224 -46.91 -4.39 -23.03
C GLY F 224 -45.79 -4.77 -22.06
N GLU F 225 -44.54 -4.71 -22.50
CA GLU F 225 -43.42 -5.05 -21.63
C GLU F 225 -42.76 -3.77 -21.13
N TYR F 226 -42.79 -3.56 -19.80
CA TYR F 226 -42.20 -2.36 -19.21
C TYR F 226 -40.73 -2.45 -18.82
N LYS F 227 -39.90 -2.58 -19.86
CA LYS F 227 -38.45 -2.65 -19.73
C LYS F 227 -37.91 -1.71 -20.80
N TYR F 228 -36.91 -0.93 -20.45
CA TYR F 228 -36.32 0.01 -21.40
C TYR F 228 -35.20 -0.75 -22.11
N VAL F 229 -35.39 -1.01 -23.40
CA VAL F 229 -34.39 -1.76 -24.17
C VAL F 229 -33.25 -0.82 -24.64
N ASN F 230 -32.03 -1.14 -24.23
CA ASN F 230 -30.87 -0.31 -24.56
C ASN F 230 -30.87 0.36 -25.92
N GLY F 231 -30.53 -0.38 -26.96
CA GLY F 231 -30.46 0.27 -28.27
C GLY F 231 -31.76 0.67 -28.95
N ARG F 232 -32.90 0.45 -28.31
CA ARG F 232 -34.17 0.77 -28.93
C ARG F 232 -34.48 2.25 -28.96
N TYR F 233 -35.21 2.66 -29.99
CA TYR F 233 -35.60 4.06 -30.13
C TYR F 233 -36.90 4.35 -29.36
N TYR F 234 -36.99 5.53 -28.74
CA TYR F 234 -38.19 5.92 -28.00
C TYR F 234 -38.47 7.42 -28.08
N PRO F 235 -39.68 7.80 -28.53
CA PRO F 235 -39.99 9.24 -28.60
C PRO F 235 -40.03 9.61 -27.11
N GLU F 236 -39.63 10.81 -26.70
CA GLU F 236 -39.62 11.02 -25.27
C GLU F 236 -40.15 12.23 -24.52
N TRP F 237 -41.04 13.04 -25.10
CA TRP F 237 -41.55 14.18 -24.33
C TRP F 237 -40.44 15.02 -23.72
N GLY F 238 -39.70 15.74 -24.55
CA GLY F 238 -38.62 16.56 -24.03
C GLY F 238 -39.05 17.65 -23.07
N ARG F 239 -38.13 18.07 -22.21
CA ARG F 239 -38.39 19.15 -21.26
C ARG F 239 -37.94 20.45 -21.93
N LYS F 240 -38.29 21.60 -21.37
CA LYS F 240 -37.91 22.88 -21.96
C LYS F 240 -36.88 23.60 -21.09
N SER F 241 -35.68 23.79 -21.63
CA SER F 241 -34.59 24.45 -20.91
C SER F 241 -33.50 24.85 -21.88
N ASN F 242 -32.69 25.84 -21.50
CA ASN F 242 -31.60 26.26 -22.37
C ASN F 242 -30.48 25.24 -22.29
N TYR F 243 -30.52 24.44 -21.24
CA TYR F 243 -29.54 23.39 -21.03
C TYR F 243 -30.09 22.06 -21.51
N GLU F 244 -29.20 21.14 -21.86
CA GLU F 244 -29.59 19.81 -22.31
C GLU F 244 -29.33 18.88 -21.13
N PRO F 245 -30.23 17.91 -20.88
CA PRO F 245 -29.98 17.00 -19.75
C PRO F 245 -28.59 16.40 -19.83
N GLY F 246 -27.88 16.41 -18.72
CA GLY F 246 -26.52 15.91 -18.71
C GLY F 246 -25.61 17.06 -18.31
N GLU F 247 -25.89 18.27 -18.83
CA GLU F 247 -25.10 19.45 -18.50
C GLU F 247 -25.45 19.83 -17.06
N PRO F 248 -24.46 20.17 -16.23
CA PRO F 248 -24.81 20.51 -14.85
C PRO F 248 -25.84 21.62 -14.73
N GLY F 249 -26.01 22.41 -15.78
CA GLY F 249 -26.99 23.47 -15.74
C GLY F 249 -28.45 23.05 -15.88
N PHE F 250 -28.71 21.78 -16.16
CA PHE F 250 -30.08 21.33 -16.31
C PHE F 250 -30.78 21.31 -14.95
N PRO F 251 -31.98 21.91 -14.87
CA PRO F 251 -32.80 22.01 -13.66
C PRO F 251 -33.40 20.70 -13.19
N TRP F 252 -32.79 20.09 -12.18
CA TRP F 252 -33.30 18.85 -11.62
C TRP F 252 -33.61 19.18 -10.17
N ASN F 253 -34.81 18.84 -9.71
CA ASN F 253 -35.18 19.13 -8.34
C ASN F 253 -34.55 18.11 -7.39
N ILE F 254 -33.24 18.26 -7.18
CA ILE F 254 -32.50 17.37 -6.33
C ILE F 254 -32.07 18.11 -5.07
N LYS F 255 -32.11 17.42 -3.94
CA LYS F 255 -31.69 18.00 -2.67
C LYS F 255 -30.98 16.89 -1.94
N LYS F 256 -29.90 17.23 -1.24
CA LYS F 256 -29.19 16.21 -0.49
C LYS F 256 -30.06 15.97 0.72
N ASP F 257 -30.69 14.80 0.82
CA ASP F 257 -31.56 14.58 1.97
C ASP F 257 -30.85 14.56 3.31
N LYS F 258 -31.64 14.72 4.37
CA LYS F 258 -31.20 14.75 5.77
C LYS F 258 -29.88 14.05 6.04
N ASP F 259 -29.19 14.50 7.08
CA ASP F 259 -27.88 13.95 7.48
C ASP F 259 -27.53 12.60 6.89
N ALA F 260 -27.03 12.63 5.66
CA ALA F 260 -26.63 11.43 4.94
C ALA F 260 -25.86 11.80 3.67
N ASN F 261 -25.31 10.79 3.00
CA ASN F 261 -24.54 11.02 1.78
C ASN F 261 -25.42 10.95 0.56
N THR F 262 -26.60 10.40 0.75
CA THR F 262 -27.55 10.20 -0.33
C THR F 262 -28.32 11.45 -0.78
N TYR F 263 -28.97 11.39 -1.94
CA TYR F 263 -29.74 12.51 -2.50
C TYR F 263 -31.15 12.07 -2.90
N SER F 264 -32.04 13.04 -3.09
CA SER F 264 -33.41 12.75 -3.49
C SER F 264 -33.83 13.69 -4.60
N LEU F 265 -34.76 13.22 -5.43
CA LEU F 265 -35.23 13.97 -6.57
C LEU F 265 -36.75 13.91 -6.75
N THR F 266 -37.30 14.96 -7.35
CA THR F 266 -38.73 15.02 -7.62
C THR F 266 -38.92 15.64 -8.99
N ASP F 267 -39.45 14.87 -9.93
CA ASP F 267 -39.67 15.41 -11.26
C ASP F 267 -41.15 15.43 -11.60
N LEU F 268 -41.65 16.61 -11.96
CA LEU F 268 -43.05 16.79 -12.29
C LEU F 268 -43.29 16.91 -13.80
N VAL F 269 -44.49 16.56 -14.25
CA VAL F 269 -44.85 16.63 -15.67
C VAL F 269 -46.30 17.04 -15.89
N ARG F 270 -46.51 17.95 -16.83
CA ARG F 270 -47.84 18.43 -17.16
C ARG F 270 -48.53 17.46 -18.11
N THR F 271 -49.41 16.61 -17.60
CA THR F 271 -50.11 15.63 -18.44
C THR F 271 -51.14 16.29 -19.35
N THR F 272 -50.71 17.12 -20.28
CA THR F 272 -51.63 17.78 -21.19
C THR F 272 -52.29 16.72 -22.07
N SER F 273 -53.45 17.04 -22.63
CA SER F 273 -54.18 16.09 -23.46
C SER F 273 -53.56 15.85 -24.84
N LYS F 274 -52.45 16.52 -25.13
CA LYS F 274 -51.78 16.37 -26.42
C LYS F 274 -51.38 14.92 -26.67
N MET F 275 -50.92 14.24 -25.63
CA MET F 275 -50.50 12.85 -25.71
C MET F 275 -51.62 11.87 -26.02
N SER F 276 -51.39 10.60 -25.75
CA SER F 276 -52.39 9.56 -26.00
C SER F 276 -52.01 8.22 -25.39
N SER F 277 -51.32 8.23 -24.25
CA SER F 277 -50.92 6.97 -23.60
C SER F 277 -50.56 7.16 -22.14
N GLN F 278 -50.44 8.41 -21.71
CA GLN F 278 -50.04 8.70 -20.33
C GLN F 278 -48.61 8.23 -20.14
N PRO F 279 -47.67 9.17 -19.99
CA PRO F 279 -46.28 8.79 -19.81
C PRO F 279 -46.02 7.88 -18.63
N VAL F 280 -44.90 7.18 -18.72
CA VAL F 280 -44.44 6.31 -17.68
C VAL F 280 -43.08 6.90 -17.35
N CYS F 281 -42.63 6.76 -16.11
CA CYS F 281 -41.35 7.36 -15.74
C CYS F 281 -40.18 6.37 -15.88
N VAL F 282 -39.17 6.74 -16.68
CA VAL F 282 -37.98 5.91 -16.84
C VAL F 282 -36.83 6.59 -16.10
N VAL F 283 -36.29 5.91 -15.09
CA VAL F 283 -35.22 6.46 -14.27
C VAL F 283 -33.83 5.90 -14.60
N PHE F 284 -32.90 6.79 -14.94
CA PHE F 284 -31.54 6.37 -15.25
C PHE F 284 -30.61 6.71 -14.10
N HIS F 285 -29.98 5.68 -13.53
CA HIS F 285 -29.07 5.86 -12.42
C HIS F 285 -28.06 4.73 -12.41
N ASP F 286 -26.92 4.92 -11.76
CA ASP F 286 -25.88 3.90 -11.69
C ASP F 286 -26.43 2.58 -11.19
N THR F 287 -27.19 2.60 -10.09
CA THR F 287 -27.81 1.40 -9.58
C THR F 287 -29.01 1.30 -10.53
N LEU F 288 -29.44 0.10 -10.89
CA LEU F 288 -30.56 -0.03 -11.85
C LEU F 288 -30.32 0.75 -13.15
N GLU F 289 -29.47 0.23 -14.04
CA GLU F 289 -29.14 0.89 -15.31
C GLU F 289 -30.25 1.76 -15.89
N ALA F 290 -31.48 1.24 -15.88
CA ALA F 290 -32.62 2.00 -16.38
C ALA F 290 -33.90 1.25 -16.09
N GLN F 291 -34.68 1.74 -15.12
CA GLN F 291 -35.95 1.11 -14.75
C GLN F 291 -37.17 1.96 -15.11
N VAL F 292 -38.28 1.27 -15.39
CA VAL F 292 -39.51 1.96 -15.75
C VAL F 292 -40.48 1.91 -14.57
N TYR F 293 -41.21 3.01 -14.35
CA TYR F 293 -42.16 3.10 -13.25
C TYR F 293 -43.46 3.72 -13.74
N THR F 294 -44.59 3.16 -13.30
CA THR F 294 -45.90 3.63 -13.75
C THR F 294 -46.87 4.23 -12.73
N CYS F 295 -48.15 4.14 -13.12
CA CYS F 295 -49.34 4.59 -12.39
C CYS F 295 -49.57 6.07 -12.05
N SER F 296 -50.83 6.46 -12.18
CA SER F 296 -51.29 7.83 -11.90
C SER F 296 -52.48 7.75 -10.95
N GLU F 297 -53.35 8.77 -10.98
CA GLU F 297 -54.49 8.82 -10.08
C GLU F 297 -53.95 9.00 -8.67
N GLY F 298 -52.76 8.45 -8.46
CA GLY F 298 -52.08 8.51 -7.18
C GLY F 298 -51.53 7.14 -6.91
N CYS F 299 -51.52 6.32 -7.95
CA CYS F 299 -51.04 4.94 -7.87
C CYS F 299 -51.85 4.20 -6.85
N ARG G 10 5.95 22.91 58.65
CA ARG G 10 5.82 21.61 57.92
C ARG G 10 7.19 20.98 57.67
N THR G 11 7.35 19.73 58.07
CA THR G 11 8.62 19.01 57.89
C THR G 11 8.84 18.64 56.43
N PRO G 12 9.82 19.28 55.75
CA PRO G 12 10.01 18.88 54.36
C PRO G 12 10.03 17.35 54.30
N SER G 13 10.56 16.74 55.37
CA SER G 13 10.63 15.29 55.52
C SER G 13 11.67 14.82 56.53
N ASP G 14 12.80 15.52 56.60
CA ASP G 14 13.92 15.19 57.50
C ASP G 14 15.12 14.72 56.65
N LYS G 15 14.84 14.24 55.44
CA LYS G 15 15.85 13.76 54.49
C LYS G 15 16.66 14.88 53.84
N PRO G 16 17.99 14.75 53.78
CA PRO G 16 18.71 15.83 53.12
C PRO G 16 18.24 15.83 51.67
N VAL G 17 17.95 17.02 51.15
CA VAL G 17 17.45 17.14 49.79
C VAL G 17 17.78 18.50 49.22
N ALA G 18 17.77 18.60 47.89
CA ALA G 18 18.02 19.86 47.25
C ALA G 18 17.61 19.80 45.80
N HIS G 19 17.00 20.88 45.34
CA HIS G 19 16.60 21.00 43.94
C HIS G 19 16.90 22.46 43.61
N VAL G 20 18.06 22.69 43.04
CA VAL G 20 18.44 24.05 42.69
C VAL G 20 18.21 24.30 41.20
N VAL G 21 17.98 25.56 40.88
CA VAL G 21 17.69 25.91 39.51
C VAL G 21 18.65 26.97 39.04
N ALA G 22 18.76 27.13 37.71
CA ALA G 22 19.69 28.10 37.12
C ALA G 22 19.25 29.53 37.26
N ASN G 23 20.21 30.40 37.55
CA ASN G 23 19.95 31.83 37.70
C ASN G 23 19.92 32.50 36.32
N PRO G 24 18.76 33.04 35.90
CA PRO G 24 18.65 33.69 34.60
C PRO G 24 19.33 35.05 34.56
N GLN G 25 19.52 35.65 35.73
CA GLN G 25 20.15 36.96 35.83
C GLN G 25 21.68 36.89 35.71
N ALA G 26 22.20 35.70 35.43
CA ALA G 26 23.65 35.54 35.29
C ALA G 26 24.00 35.03 33.90
N GLU G 27 23.69 35.84 32.89
CA GLU G 27 23.96 35.48 31.50
C GLU G 27 25.37 34.98 31.28
N GLY G 28 25.51 34.07 30.31
CA GLY G 28 26.82 33.53 29.99
C GLY G 28 27.37 32.44 30.90
N GLN G 29 26.74 32.22 32.04
CA GLN G 29 27.21 31.19 32.97
C GLN G 29 26.07 30.38 33.59
N LEU G 30 26.43 29.32 34.29
CA LEU G 30 25.44 28.45 34.92
C LEU G 30 25.60 28.49 36.42
N GLN G 31 24.85 29.37 37.06
CA GLN G 31 24.92 29.53 38.51
C GLN G 31 23.65 28.99 39.15
N TRP G 32 23.79 28.11 40.12
CA TRP G 32 22.64 27.51 40.78
C TRP G 32 22.11 28.31 41.97
N LEU G 33 20.80 28.44 42.08
CA LEU G 33 20.21 29.11 43.23
C LEU G 33 19.11 28.26 43.81
N ASN G 34 18.80 28.52 45.08
CA ASN G 34 17.74 27.79 45.75
C ASN G 34 16.69 28.76 46.27
N ARG G 35 16.92 30.05 46.06
CA ARG G 35 15.97 31.07 46.54
C ARG G 35 14.83 31.37 45.57
N ARG G 36 14.22 30.32 45.01
CA ARG G 36 13.14 30.52 44.06
C ARG G 36 11.91 29.70 44.34
N ALA G 37 10.87 29.98 43.55
CA ALA G 37 9.57 29.34 43.61
C ALA G 37 9.54 27.91 44.16
N ASN G 38 9.77 26.95 43.28
CA ASN G 38 9.71 25.56 43.72
C ASN G 38 11.08 24.91 43.76
N ALA G 39 11.96 25.47 44.59
CA ALA G 39 13.31 24.95 44.72
C ALA G 39 13.53 24.45 46.14
N LEU G 40 14.63 23.75 46.36
CA LEU G 40 14.92 23.20 47.67
C LEU G 40 16.40 23.14 48.00
N LEU G 41 16.68 23.29 49.29
CA LEU G 41 18.03 23.22 49.84
C LEU G 41 17.81 23.03 51.35
N ALA G 42 17.57 21.78 51.76
CA ALA G 42 17.29 21.53 53.17
C ALA G 42 17.94 20.35 53.84
N ASN G 43 17.75 20.32 55.15
CA ASN G 43 18.24 19.25 56.00
C ASN G 43 19.72 18.94 55.90
N GLY G 44 20.53 19.99 55.82
CA GLY G 44 21.95 19.80 55.78
C GLY G 44 22.71 19.99 54.49
N VAL G 45 22.13 19.70 53.34
CA VAL G 45 22.91 19.89 52.14
C VAL G 45 23.15 21.39 51.96
N GLU G 46 24.36 21.73 51.54
CA GLU G 46 24.74 23.11 51.34
C GLU G 46 25.10 23.35 49.89
N LEU G 47 24.94 24.60 49.47
CA LEU G 47 25.27 25.00 48.12
C LEU G 47 26.50 25.87 48.32
N ARG G 48 27.66 25.31 48.05
CA ARG G 48 28.92 26.00 48.26
C ARG G 48 29.75 26.03 46.98
N ASP G 49 30.24 27.22 46.63
CA ASP G 49 31.05 27.40 45.41
C ASP G 49 30.36 26.76 44.21
N ASN G 50 29.04 26.88 44.16
CA ASN G 50 28.24 26.34 43.06
C ASN G 50 28.17 24.82 43.01
N GLN G 51 28.35 24.18 44.16
CA GLN G 51 28.30 22.74 44.22
C GLN G 51 27.45 22.35 45.40
N LEU G 52 26.77 21.20 45.29
CA LEU G 52 25.96 20.72 46.39
C LEU G 52 26.88 19.88 47.29
N VAL G 53 26.76 20.04 48.59
CA VAL G 53 27.60 19.30 49.51
C VAL G 53 26.77 18.39 50.41
N VAL G 54 27.02 17.10 50.31
CA VAL G 54 26.30 16.09 51.08
C VAL G 54 26.65 16.16 52.57
N PRO G 55 25.63 16.11 53.44
CA PRO G 55 25.83 16.18 54.89
C PRO G 55 25.97 14.84 55.63
N SER G 56 25.79 13.72 54.93
CA SER G 56 25.90 12.43 55.61
C SER G 56 26.10 11.24 54.67
N GLU G 57 26.65 10.14 55.23
CA GLU G 57 26.90 8.90 54.49
C GLU G 57 25.54 8.48 53.95
N GLY G 58 25.52 7.82 52.79
CA GLY G 58 24.24 7.38 52.28
C GLY G 58 24.09 7.21 50.79
N LEU G 59 22.95 6.64 50.43
CA LEU G 59 22.58 6.41 49.03
C LEU G 59 21.82 7.66 48.58
N TYR G 60 22.21 8.24 47.45
CA TYR G 60 21.54 9.45 46.98
C TYR G 60 21.10 9.36 45.54
N LEU G 61 19.95 9.95 45.24
CA LEU G 61 19.48 10.01 43.87
C LEU G 61 19.97 11.39 43.40
N ILE G 62 20.76 11.40 42.33
CA ILE G 62 21.32 12.64 41.80
C ILE G 62 20.79 12.83 40.40
N TYR G 63 20.40 14.06 40.06
CA TYR G 63 19.87 14.31 38.73
C TYR G 63 20.06 15.76 38.31
N SER G 64 19.96 16.00 37.01
CA SER G 64 20.12 17.34 36.46
C SER G 64 19.65 17.42 35.02
N GLN G 65 19.18 18.59 34.65
CA GLN G 65 18.74 18.83 33.28
C GLN G 65 19.13 20.21 32.81
N VAL G 66 19.66 20.28 31.60
CA VAL G 66 20.03 21.56 31.01
C VAL G 66 19.34 21.63 29.66
N LEU G 67 19.02 22.85 29.23
CA LEU G 67 18.37 23.03 27.95
C LEU G 67 19.24 23.96 27.12
N PHE G 68 19.78 23.46 26.02
CA PHE G 68 20.61 24.28 25.14
C PHE G 68 19.75 24.86 24.01
N LYS G 69 20.10 26.07 23.59
CA LYS G 69 19.38 26.74 22.51
C LYS G 69 20.34 27.57 21.69
N GLY G 70 20.18 27.52 20.38
CA GLY G 70 21.08 28.27 19.52
C GLY G 70 20.33 28.81 18.32
N GLN G 71 20.71 30.01 17.90
CA GLN G 71 20.09 30.64 16.73
C GLN G 71 20.89 30.19 15.52
N GLY G 72 20.20 29.55 14.57
CA GLY G 72 20.89 29.06 13.39
C GLY G 72 22.08 28.20 13.76
N CYS G 73 22.94 27.92 12.79
CA CYS G 73 24.11 27.07 13.06
C CYS G 73 25.49 27.71 12.94
N PRO G 74 26.40 27.32 13.84
CA PRO G 74 27.77 27.84 13.86
C PRO G 74 28.60 27.25 12.73
N SER G 75 29.90 27.14 12.96
CA SER G 75 30.81 26.60 11.96
C SER G 75 31.16 25.15 12.31
N THR G 76 31.95 24.52 11.45
CA THR G 76 32.38 23.14 11.61
C THR G 76 31.38 22.26 12.37
N HIS G 77 31.66 22.04 13.65
CA HIS G 77 30.80 21.21 14.47
C HIS G 77 30.85 21.64 15.93
N VAL G 78 29.69 21.64 16.59
CA VAL G 78 29.59 22.04 17.98
C VAL G 78 29.12 20.87 18.85
N LEU G 79 29.81 20.66 19.96
CA LEU G 79 29.45 19.58 20.88
C LEU G 79 28.95 20.14 22.19
N LEU G 80 27.85 19.57 22.67
CA LEU G 80 27.26 19.98 23.93
C LEU G 80 27.44 18.85 24.93
N THR G 81 27.99 19.16 26.10
CA THR G 81 28.17 18.13 27.12
C THR G 81 27.60 18.58 28.45
N HIS G 82 27.03 17.62 29.17
CA HIS G 82 26.44 17.87 30.47
C HIS G 82 27.01 16.76 31.30
N THR G 83 27.51 17.09 32.48
CA THR G 83 28.08 16.04 33.32
C THR G 83 28.05 16.35 34.81
N ILE G 84 27.74 15.34 35.62
CA ILE G 84 27.70 15.50 37.06
C ILE G 84 28.92 14.80 37.64
N SER G 85 29.74 15.57 38.36
CA SER G 85 30.95 15.05 38.95
C SER G 85 30.86 14.95 40.46
N ARG G 86 31.68 14.06 40.99
CA ARG G 86 31.78 13.89 42.43
C ARG G 86 33.25 14.16 42.81
N ILE G 87 33.45 14.96 43.84
CA ILE G 87 34.80 15.18 44.30
C ILE G 87 34.64 14.69 45.75
N ALA G 88 35.10 13.46 45.99
CA ALA G 88 34.99 12.82 47.29
C ALA G 88 35.89 13.37 48.36
N VAL G 89 35.46 13.29 49.61
CA VAL G 89 36.25 13.77 50.72
C VAL G 89 37.53 12.95 50.84
N SER G 90 37.44 11.68 50.47
CA SER G 90 38.59 10.79 50.54
C SER G 90 39.39 10.72 49.24
N TYR G 91 39.07 11.56 48.27
CA TYR G 91 39.78 11.59 46.99
C TYR G 91 39.42 12.86 46.24
N GLN G 92 39.94 14.00 46.70
CA GLN G 92 39.68 15.31 46.10
C GLN G 92 39.95 15.46 44.60
N THR G 93 39.13 14.85 43.76
CA THR G 93 39.31 15.00 42.32
C THR G 93 38.00 14.74 41.64
N LYS G 94 37.68 15.57 40.66
CA LYS G 94 36.45 15.40 39.92
C LYS G 94 36.49 14.06 39.21
N VAL G 95 35.49 13.22 39.47
CA VAL G 95 35.36 11.93 38.79
C VAL G 95 33.92 11.97 38.30
N ASN G 96 33.72 11.70 37.01
CA ASN G 96 32.38 11.75 36.44
C ASN G 96 31.44 10.63 36.90
N LEU G 97 30.24 10.99 37.31
CA LEU G 97 29.25 10.00 37.74
C LEU G 97 28.26 9.78 36.62
N LEU G 98 27.83 10.87 36.00
CA LEU G 98 26.86 10.83 34.92
C LEU G 98 27.31 11.84 33.89
N SER G 99 27.16 11.49 32.61
CA SER G 99 27.57 12.37 31.54
C SER G 99 26.94 12.02 30.21
N ALA G 100 26.65 13.04 29.41
CA ALA G 100 26.07 12.81 28.10
C ALA G 100 26.59 13.86 27.13
N ILE G 101 26.51 13.54 25.84
CA ILE G 101 26.98 14.46 24.80
C ILE G 101 25.89 14.56 23.74
N LYS G 102 25.79 15.73 23.11
CA LYS G 102 24.78 15.93 22.08
C LYS G 102 25.31 16.85 20.98
N SER G 103 25.09 16.47 19.72
CA SER G 103 25.56 17.25 18.58
C SER G 103 24.39 17.94 17.90
N PRO G 104 24.16 19.21 18.22
CA PRO G 104 23.06 20.00 17.65
C PRO G 104 23.19 20.20 16.14
N CYS G 105 24.07 21.11 15.76
CA CYS G 105 24.30 21.39 14.36
C CYS G 105 25.20 20.34 13.76
N GLN G 106 24.62 19.50 12.90
CA GLN G 106 25.36 18.44 12.23
C GLN G 106 26.14 19.05 11.07
N ARG G 107 26.76 20.20 11.33
CA ARG G 107 27.55 20.93 10.33
C ARG G 107 26.69 21.63 9.27
N GLU G 108 25.37 21.50 9.39
CA GLU G 108 24.45 22.12 8.44
C GLU G 108 24.87 23.54 8.06
N THR G 109 25.18 24.35 9.07
CA THR G 109 25.60 25.74 8.86
C THR G 109 24.69 26.51 7.90
N PRO G 110 24.03 27.57 8.39
CA PRO G 110 23.13 28.40 7.59
C PRO G 110 23.66 28.70 6.19
N GLU G 111 23.01 28.10 5.19
CA GLU G 111 23.39 28.29 3.80
C GLU G 111 23.65 29.76 3.46
N GLY G 112 22.80 30.64 4.01
CA GLY G 112 22.96 32.07 3.75
C GLY G 112 21.63 32.79 3.84
N ALA G 113 20.54 32.02 3.86
CA ALA G 113 19.20 32.57 3.95
C ALA G 113 18.38 31.76 4.95
N GLU G 114 17.94 32.42 6.03
CA GLU G 114 17.13 31.84 7.10
C GLU G 114 17.94 31.42 8.33
N ALA G 115 17.84 30.14 8.68
CA ALA G 115 18.54 29.56 9.85
C ALA G 115 17.71 29.68 11.12
N LYS G 116 16.74 28.78 11.29
CA LYS G 116 15.87 28.76 12.45
C LYS G 116 16.64 28.42 13.73
N PRO G 117 15.99 28.59 14.90
CA PRO G 117 16.64 28.28 16.18
C PRO G 117 16.51 26.79 16.49
N TRP G 118 17.40 26.28 17.35
CA TRP G 118 17.35 24.88 17.75
C TRP G 118 17.39 24.71 19.26
N TYR G 119 16.67 23.69 19.74
CA TYR G 119 16.63 23.38 21.16
C TYR G 119 17.09 21.94 21.37
N GLU G 120 17.92 21.75 22.39
CA GLU G 120 18.45 20.42 22.70
C GLU G 120 18.56 20.22 24.21
N PRO G 121 17.69 19.38 24.80
CA PRO G 121 17.72 19.12 26.24
C PRO G 121 18.52 17.87 26.56
N ILE G 122 19.02 17.79 27.79
CA ILE G 122 19.79 16.63 28.24
C ILE G 122 19.46 16.33 29.69
N TYR G 123 19.10 15.08 29.98
CA TYR G 123 18.76 14.69 31.34
C TYR G 123 19.78 13.69 31.84
N LEU G 124 20.09 13.78 33.14
CA LEU G 124 21.07 12.89 33.75
C LEU G 124 20.54 12.48 35.12
N GLY G 125 20.73 11.22 35.47
CA GLY G 125 20.26 10.77 36.77
C GLY G 125 20.64 9.36 37.16
N GLY G 126 20.98 9.16 38.43
CA GLY G 126 21.35 7.84 38.91
C GLY G 126 21.50 7.82 40.42
N VAL G 127 21.63 6.62 40.99
CA VAL G 127 21.80 6.48 42.44
C VAL G 127 23.26 6.21 42.80
N PHE G 128 23.76 6.87 43.84
CA PHE G 128 25.16 6.73 44.23
C PHE G 128 25.41 6.72 45.75
N GLN G 129 26.48 6.04 46.14
CA GLN G 129 26.90 5.95 47.54
C GLN G 129 27.78 7.17 47.75
N LEU G 130 27.41 8.03 48.70
CA LEU G 130 28.18 9.23 48.98
C LEU G 130 28.66 9.34 50.43
N GLU G 131 29.80 10.00 50.63
CA GLU G 131 30.40 10.21 51.96
C GLU G 131 30.02 11.59 52.48
N LYS G 132 29.95 11.73 53.79
CA LYS G 132 29.65 13.04 54.36
C LYS G 132 30.78 13.97 53.89
N GLY G 133 30.41 15.09 53.28
CA GLY G 133 31.41 16.03 52.82
C GLY G 133 31.64 16.04 51.32
N ASP G 134 31.14 15.04 50.61
CA ASP G 134 31.33 15.00 49.16
C ASP G 134 30.72 16.21 48.47
N ARG G 135 31.34 16.63 47.38
CA ARG G 135 30.89 17.78 46.60
C ARG G 135 30.41 17.32 45.23
N LEU G 136 29.19 17.69 44.86
CA LEU G 136 28.64 17.32 43.56
C LEU G 136 28.58 18.53 42.65
N SER G 137 28.98 18.35 41.39
CA SER G 137 28.97 19.43 40.40
C SER G 137 28.14 19.03 39.21
N ALA G 138 27.40 20.00 38.67
CA ALA G 138 26.57 19.77 37.48
C ALA G 138 27.04 20.86 36.51
N GLU G 139 27.95 20.49 35.60
CA GLU G 139 28.52 21.47 34.67
C GLU G 139 28.23 21.19 33.21
N ILE G 140 28.41 22.22 32.38
CA ILE G 140 28.21 22.12 30.92
C ILE G 140 29.42 22.78 30.28
N ASN G 141 29.64 22.50 29.00
CA ASN G 141 30.78 23.07 28.29
C ASN G 141 30.48 24.36 27.52
N ARG G 142 29.24 24.54 27.10
CA ARG G 142 28.86 25.73 26.33
C ARG G 142 27.77 26.56 27.01
N PRO G 143 28.10 27.20 28.14
CA PRO G 143 27.13 28.02 28.88
C PRO G 143 26.55 29.16 28.06
N ASP G 144 27.16 29.43 26.91
CA ASP G 144 26.68 30.49 26.03
C ASP G 144 25.41 30.07 25.27
N TYR G 145 25.08 28.78 25.34
CA TYR G 145 23.90 28.24 24.67
C TYR G 145 22.83 27.86 25.70
N LEU G 146 23.07 28.21 26.95
CA LEU G 146 22.14 27.90 28.02
C LEU G 146 20.81 28.63 27.93
N LEU G 147 19.71 27.90 27.75
CA LEU G 147 18.39 28.52 27.71
C LEU G 147 17.68 28.38 29.04
N PHE G 148 17.79 29.42 29.86
CA PHE G 148 17.14 29.40 31.16
C PHE G 148 16.13 30.54 31.19
N ALA G 149 15.44 30.73 30.07
CA ALA G 149 14.44 31.77 29.93
C ALA G 149 13.10 31.42 30.55
N GLU G 150 12.66 30.18 30.35
CA GLU G 150 11.38 29.76 30.88
C GLU G 150 11.35 29.58 32.38
N SER G 151 11.81 28.43 32.87
CA SER G 151 11.75 28.21 34.31
C SER G 151 12.27 26.83 34.76
N GLY G 152 11.46 25.80 34.54
CA GLY G 152 11.89 24.47 34.93
C GLY G 152 12.68 23.79 33.83
N GLN G 153 13.51 24.56 33.11
CA GLN G 153 14.31 24.05 31.99
C GLN G 153 15.74 23.66 32.38
N VAL G 154 16.24 24.22 33.48
CA VAL G 154 17.60 23.92 33.95
C VAL G 154 17.58 23.73 35.46
N TYR G 155 17.87 22.51 35.91
CA TYR G 155 17.87 22.20 37.33
C TYR G 155 18.89 21.13 37.68
N PHE G 156 19.13 21.01 38.97
CA PHE G 156 20.11 20.08 39.51
C PHE G 156 19.64 19.78 40.93
N GLY G 157 19.55 18.49 41.25
CA GLY G 157 19.09 18.14 42.59
C GLY G 157 19.52 16.77 43.07
N ILE G 158 19.34 16.55 44.37
CA ILE G 158 19.68 15.28 44.99
C ILE G 158 18.76 15.06 46.18
N ILE G 159 18.47 13.80 46.43
CA ILE G 159 17.60 13.42 47.54
C ILE G 159 18.21 12.18 48.18
N ALA G 160 18.29 12.17 49.50
CA ALA G 160 18.85 11.02 50.20
C ALA G 160 17.78 9.94 50.28
N LEU G 161 18.06 8.79 49.68
CA LEU G 161 17.10 7.70 49.72
C LEU G 161 17.35 6.81 50.94
N ARG H 10 30.30 0.65 56.70
CA ARG H 10 29.21 1.64 56.44
C ARG H 10 28.03 0.97 55.72
N THR H 11 26.83 1.13 56.28
CA THR H 11 25.62 0.53 55.70
C THR H 11 25.21 1.26 54.43
N PRO H 12 25.34 0.62 53.24
CA PRO H 12 24.91 1.36 52.06
C PRO H 12 23.53 1.96 52.35
N SER H 13 22.74 1.23 53.14
CA SER H 13 21.41 1.67 53.57
C SER H 13 20.52 0.53 54.07
N ASP H 14 20.64 -0.64 53.44
CA ASP H 14 19.83 -1.83 53.76
C ASP H 14 18.87 -2.11 52.59
N LYS H 15 18.59 -1.07 51.79
CA LYS H 15 17.70 -1.17 50.63
C LYS H 15 18.34 -1.87 49.43
N PRO H 16 17.63 -2.81 48.79
CA PRO H 16 18.28 -3.44 47.64
C PRO H 16 18.51 -2.32 46.63
N VAL H 17 19.70 -2.28 46.06
CA VAL H 17 20.04 -1.24 45.10
C VAL H 17 21.11 -1.72 44.14
N ALA H 18 21.21 -1.05 42.99
CA ALA H 18 22.21 -1.42 42.02
C ALA H 18 22.36 -0.35 40.97
N HIS H 19 23.60 -0.05 40.64
CA HIS H 19 23.92 0.92 39.61
C HIS H 19 25.08 0.29 38.87
N VAL H 20 24.79 -0.37 37.76
CA VAL H 20 25.82 -1.01 36.98
C VAL H 20 26.15 -0.15 35.78
N VAL H 21 27.38 -0.30 35.31
CA VAL H 21 27.84 0.50 34.21
C VAL H 21 28.37 -0.40 33.09
N ALA H 22 28.45 0.14 31.87
CA ALA H 22 28.90 -0.63 30.71
C ALA H 22 30.38 -0.91 30.70
N ASN H 23 30.74 -2.14 30.32
CA ASN H 23 32.13 -2.58 30.24
C ASN H 23 32.74 -2.09 28.92
N PRO H 24 33.76 -1.21 29.01
CA PRO H 24 34.38 -0.69 27.77
C PRO H 24 35.29 -1.72 27.11
N GLN H 25 35.72 -2.71 27.88
CA GLN H 25 36.62 -3.75 27.38
C GLN H 25 35.87 -4.82 26.57
N ALA H 26 34.57 -4.61 26.35
CA ALA H 26 33.76 -5.58 25.59
C ALA H 26 33.16 -4.93 24.36
N GLU H 27 34.03 -4.47 23.46
CA GLU H 27 33.61 -3.82 22.24
C GLU H 27 32.51 -4.59 21.51
N GLY H 28 31.67 -3.84 20.80
CA GLY H 28 30.59 -4.44 20.04
C GLY H 28 29.37 -4.88 20.82
N GLN H 29 29.46 -4.92 22.14
CA GLN H 29 28.33 -5.36 22.95
C GLN H 29 28.11 -4.50 24.19
N LEU H 30 26.99 -4.72 24.86
CA LEU H 30 26.65 -3.97 26.06
C LEU H 30 26.60 -4.90 27.27
N GLN H 31 27.72 -5.03 27.95
CA GLN H 31 27.84 -5.89 29.12
C GLN H 31 27.91 -5.05 30.39
N TRP H 32 27.04 -5.31 31.36
CA TRP H 32 27.03 -4.54 32.61
C TRP H 32 27.95 -5.09 33.68
N LEU H 33 28.66 -4.19 34.37
CA LEU H 33 29.53 -4.59 35.46
C LEU H 33 29.25 -3.71 36.67
N ASN H 34 29.61 -4.23 37.83
CA ASN H 34 29.42 -3.51 39.07
C ASN H 34 30.78 -3.34 39.78
N ARG H 35 31.83 -3.92 39.23
CA ARG H 35 33.15 -3.85 39.84
C ARG H 35 33.96 -2.60 39.46
N ARG H 36 33.32 -1.43 39.51
CA ARG H 36 34.00 -0.20 39.16
C ARG H 36 33.81 0.92 40.16
N ALA H 37 34.51 2.02 39.89
CA ALA H 37 34.52 3.23 40.71
C ALA H 37 33.26 3.51 41.49
N ASN H 38 32.30 4.15 40.85
CA ASN H 38 31.09 4.50 41.57
C ASN H 38 29.90 3.69 41.11
N ALA H 39 30.00 2.38 41.27
CA ALA H 39 28.94 1.47 40.87
C ALA H 39 28.37 0.78 42.11
N LEU H 40 27.23 0.12 41.95
CA LEU H 40 26.59 -0.56 43.08
C LEU H 40 25.90 -1.85 42.68
N LEU H 41 25.86 -2.78 43.64
CA LEU H 41 25.20 -4.07 43.50
C LEU H 41 25.11 -4.61 44.91
N ALA H 42 24.12 -4.16 45.66
CA ALA H 42 24.01 -4.58 47.04
C ALA H 42 22.65 -4.97 47.58
N ASN H 43 22.67 -5.46 48.80
CA ASN H 43 21.50 -5.88 49.53
C ASN H 43 20.56 -6.84 48.84
N GLY H 44 21.11 -7.82 48.14
CA GLY H 44 20.24 -8.78 47.51
C GLY H 44 20.12 -8.79 46.01
N VAL H 45 20.16 -7.64 45.36
CA VAL H 45 20.00 -7.71 43.92
C VAL H 45 21.23 -8.37 43.31
N GLU H 46 20.98 -9.21 42.32
CA GLU H 46 22.06 -9.92 41.66
C GLU H 46 22.15 -9.53 40.19
N LEU H 47 23.33 -9.68 39.62
CA LEU H 47 23.55 -9.38 38.22
C LEU H 47 23.78 -10.76 37.64
N ARG H 48 22.76 -11.30 36.98
CA ARG H 48 22.80 -12.63 36.41
C ARG H 48 22.47 -12.62 34.92
N ASP H 49 23.32 -13.25 34.12
CA ASP H 49 23.12 -13.31 32.67
C ASP H 49 22.86 -11.90 32.10
N ASN H 50 23.56 -10.92 32.65
CA ASN H 50 23.44 -9.52 32.21
C ASN H 50 22.11 -8.85 32.54
N GLN H 51 21.45 -9.33 33.59
CA GLN H 51 20.18 -8.77 33.99
C GLN H 51 20.20 -8.60 35.49
N LEU H 52 19.49 -7.59 35.97
CA LEU H 52 19.42 -7.36 37.41
C LEU H 52 18.26 -8.20 37.93
N VAL H 53 18.44 -8.84 39.07
CA VAL H 53 17.40 -9.67 39.64
C VAL H 53 16.96 -9.16 40.99
N VAL H 54 15.69 -8.78 41.08
CA VAL H 54 15.11 -8.26 42.30
C VAL H 54 14.99 -9.32 43.40
N PRO H 55 15.41 -8.98 44.62
CA PRO H 55 15.36 -9.90 45.77
C PRO H 55 14.10 -9.89 46.62
N SER H 56 13.18 -8.96 46.37
CA SER H 56 11.97 -8.91 47.17
C SER H 56 10.83 -8.11 46.55
N GLU H 57 9.61 -8.39 47.02
CA GLU H 57 8.40 -7.69 46.56
C GLU H 57 8.62 -6.22 46.84
N GLY H 58 8.06 -5.36 46.01
CA GLY H 58 8.23 -3.93 46.27
C GLY H 58 8.17 -2.98 45.09
N LEU H 59 8.18 -1.70 45.43
CA LEU H 59 8.16 -0.60 44.49
C LEU H 59 9.62 -0.31 44.18
N TYR H 60 9.97 -0.24 42.90
CA TYR H 60 11.36 0.05 42.51
C TYR H 60 11.49 1.16 41.49
N LEU H 61 12.53 1.97 41.66
CA LEU H 61 12.81 3.02 40.70
C LEU H 61 13.82 2.37 39.76
N ILE H 62 13.48 2.30 38.47
CA ILE H 62 14.35 1.69 37.48
C ILE H 62 14.77 2.76 36.50
N TYR H 63 16.03 2.74 36.08
CA TYR H 63 16.51 3.75 35.15
C TYR H 63 17.73 3.28 34.37
N SER H 64 17.99 3.95 33.26
CA SER H 64 19.11 3.58 32.43
C SER H 64 19.41 4.65 31.39
N GLN H 65 20.68 4.74 31.01
CA GLN H 65 21.07 5.69 29.99
C GLN H 65 22.12 5.08 29.09
N VAL H 66 21.96 5.31 27.79
CA VAL H 66 22.94 4.83 26.83
C VAL H 66 23.32 6.03 25.98
N LEU H 67 24.55 6.02 25.47
CA LEU H 67 25.03 7.11 24.64
C LEU H 67 25.48 6.52 23.32
N PHE H 68 24.80 6.89 22.24
CA PHE H 68 25.17 6.39 20.92
C PHE H 68 26.07 7.39 20.22
N LYS H 69 27.01 6.89 19.44
CA LYS H 69 27.95 7.74 18.70
C LYS H 69 28.24 7.09 17.36
N GLY H 70 28.28 7.92 16.32
CA GLY H 70 28.57 7.40 15.00
C GLY H 70 29.40 8.38 14.20
N GLN H 71 30.31 7.84 13.38
CA GLN H 71 31.15 8.67 12.53
C GLN H 71 30.40 8.87 11.24
N GLY H 72 30.14 10.13 10.88
CA GLY H 72 29.40 10.40 9.66
C GLY H 72 28.08 9.65 9.61
N CYS H 73 27.45 9.60 8.44
CA CYS H 73 26.18 8.92 8.32
C CYS H 73 26.12 7.69 7.43
N PRO H 74 25.36 6.67 7.87
CA PRO H 74 25.20 5.40 7.13
C PRO H 74 24.32 5.60 5.90
N SER H 75 23.63 4.54 5.52
CA SER H 75 22.74 4.57 4.37
C SER H 75 21.29 4.69 4.84
N THR H 76 20.38 4.79 3.87
CA THR H 76 18.95 4.90 4.13
C THR H 76 18.61 5.60 5.45
N HIS H 77 18.28 4.81 6.47
CA HIS H 77 17.91 5.36 7.76
C HIS H 77 18.28 4.40 8.88
N VAL H 78 18.79 4.93 9.97
CA VAL H 78 19.18 4.13 11.12
C VAL H 78 18.33 4.50 12.35
N LEU H 79 17.82 3.48 13.04
CA LEU H 79 17.02 3.69 14.23
C LEU H 79 17.73 3.18 15.47
N LEU H 80 17.72 3.98 16.52
CA LEU H 80 18.34 3.63 17.78
C LEU H 80 17.24 3.43 18.82
N THR H 81 17.25 2.27 19.47
CA THR H 81 16.24 1.99 20.48
C THR H 81 16.89 1.56 21.78
N HIS H 82 16.30 2.03 22.87
CA HIS H 82 16.76 1.71 24.21
C HIS H 82 15.50 1.25 24.93
N THR H 83 15.58 0.14 25.64
CA THR H 83 14.38 -0.34 26.32
C THR H 83 14.68 -1.22 27.53
N ILE H 84 13.91 -1.01 28.61
CA ILE H 84 14.07 -1.80 29.81
C ILE H 84 12.90 -2.77 29.88
N SER H 85 13.22 -4.06 29.94
CA SER H 85 12.19 -5.09 29.98
C SER H 85 12.10 -5.79 31.33
N ARG H 86 10.93 -6.34 31.62
CA ARG H 86 10.73 -7.08 32.84
C ARG H 86 10.31 -8.47 32.42
N ILE H 87 10.92 -9.48 33.02
CA ILE H 87 10.51 -10.85 32.75
C ILE H 87 10.14 -11.30 34.17
N ALA H 88 8.84 -11.29 34.43
CA ALA H 88 8.30 -11.62 35.73
C ALA H 88 8.37 -13.09 36.11
N VAL H 89 8.48 -13.37 37.40
CA VAL H 89 8.55 -14.74 37.88
C VAL H 89 7.24 -15.45 37.56
N SER H 90 6.14 -14.71 37.58
CA SER H 90 4.83 -15.27 37.30
C SER H 90 4.41 -15.19 35.83
N TYR H 91 5.32 -14.77 34.96
CA TYR H 91 5.04 -14.67 33.52
C TYR H 91 6.33 -14.48 32.73
N GLN H 92 7.11 -15.56 32.62
CA GLN H 92 8.40 -15.57 31.95
C GLN H 92 8.43 -15.03 30.52
N THR H 93 8.28 -13.74 30.33
CA THR H 93 8.34 -13.18 28.99
C THR H 93 8.72 -11.73 29.08
N LYS H 94 9.60 -11.30 28.19
CA LYS H 94 10.00 -9.91 28.18
C LYS H 94 8.79 -9.05 27.87
N VAL H 95 8.49 -8.10 28.77
CA VAL H 95 7.42 -7.14 28.54
C VAL H 95 8.09 -5.80 28.77
N ASN H 96 7.96 -4.89 27.82
CA ASN H 96 8.60 -3.59 27.95
C ASN H 96 8.00 -2.68 29.03
N LEU H 97 8.87 -2.11 29.86
CA LEU H 97 8.41 -1.20 30.91
C LEU H 97 8.69 0.23 30.46
N LEU H 98 9.86 0.44 29.91
CA LEU H 98 10.26 1.75 29.43
C LEU H 98 10.98 1.57 28.10
N SER H 99 10.73 2.47 27.16
CA SER H 99 11.36 2.38 25.86
C SER H 99 11.34 3.69 25.11
N ALA H 100 12.38 3.94 24.32
CA ALA H 100 12.43 5.16 23.53
C ALA H 100 13.15 4.85 22.22
N ILE H 101 12.90 5.70 21.21
CA ILE H 101 13.51 5.53 19.90
C ILE H 101 14.10 6.85 19.46
N LYS H 102 15.20 6.81 18.71
CA LYS H 102 15.83 8.05 18.26
C LYS H 102 16.43 7.84 16.88
N SER H 103 16.20 8.81 15.99
CA SER H 103 16.70 8.75 14.61
C SER H 103 17.85 9.73 14.41
N PRO H 104 19.10 9.24 14.52
CA PRO H 104 20.29 10.07 14.36
C PRO H 104 20.42 10.68 12.97
N CYS H 105 20.85 9.85 12.02
CA CYS H 105 21.01 10.31 10.65
C CYS H 105 19.66 10.33 9.95
N GLN H 106 19.18 11.54 9.69
CA GLN H 106 17.90 11.74 9.01
C GLN H 106 18.12 11.51 7.52
N ARG H 107 18.86 10.46 7.19
CA ARG H 107 19.16 10.09 5.79
C ARG H 107 20.19 11.04 5.13
N GLU H 108 20.66 12.03 5.88
CA GLU H 108 21.64 12.98 5.37
C GLU H 108 22.71 12.31 4.52
N THR H 109 23.30 11.23 5.04
CA THR H 109 24.35 10.47 4.36
C THR H 109 25.45 11.37 3.78
N PRO H 110 26.69 11.20 4.27
CA PRO H 110 27.84 11.99 3.81
C PRO H 110 27.87 12.19 2.30
N GLU H 111 27.64 13.43 1.89
CA GLU H 111 27.66 13.81 0.47
C GLU H 111 28.86 13.20 -0.26
N GLY H 112 30.02 13.21 0.39
CA GLY H 112 31.22 12.69 -0.21
C GLY H 112 32.47 13.37 0.32
N ALA H 113 32.27 14.49 1.01
CA ALA H 113 33.37 15.25 1.58
C ALA H 113 33.01 15.68 3.01
N GLU H 114 33.79 15.18 3.98
CA GLU H 114 33.61 15.47 5.41
C GLU H 114 32.88 14.38 6.19
N ALA H 115 31.77 14.76 6.82
CA ALA H 115 30.93 13.87 7.62
C ALA H 115 31.41 13.78 9.07
N LYS H 116 31.03 14.78 9.87
CA LYS H 116 31.39 14.85 11.28
C LYS H 116 30.73 13.74 12.09
N PRO H 117 31.16 13.55 13.36
CA PRO H 117 30.58 12.51 14.22
C PRO H 117 29.31 13.03 14.89
N TRP H 118 28.45 12.11 15.32
CA TRP H 118 27.21 12.49 15.99
C TRP H 118 27.03 11.74 17.29
N TYR H 119 26.44 12.42 18.27
CA TYR H 119 26.17 11.84 19.57
C TYR H 119 24.69 11.94 19.86
N GLU H 120 24.14 10.86 20.41
CA GLU H 120 22.72 10.81 20.74
C GLU H 120 22.48 10.01 22.02
N PRO H 121 22.12 10.69 23.11
CA PRO H 121 21.85 10.01 24.39
C PRO H 121 20.37 9.71 24.58
N ILE H 122 20.08 8.72 25.41
CA ILE H 122 18.70 8.35 25.70
C ILE H 122 18.55 7.97 27.17
N TYR H 123 17.61 8.60 27.86
CA TYR H 123 17.39 8.30 29.27
C TYR H 123 16.03 7.64 29.46
N LEU H 124 15.97 6.70 30.39
CA LEU H 124 14.74 5.97 30.66
C LEU H 124 14.59 5.81 32.17
N GLY H 125 13.39 5.99 32.70
CA GLY H 125 13.20 5.85 34.13
C GLY H 125 11.77 5.90 34.60
N GLY H 126 11.43 5.06 35.56
CA GLY H 126 10.08 5.03 36.10
C GLY H 126 9.98 4.13 37.32
N VAL H 127 8.85 4.20 38.03
CA VAL H 127 8.63 3.39 39.22
C VAL H 127 7.73 2.19 38.90
N PHE H 128 8.08 1.02 39.41
CA PHE H 128 7.32 -0.20 39.12
C PHE H 128 7.19 -1.18 40.28
N GLN H 129 6.08 -1.92 40.28
CA GLN H 129 5.79 -2.94 41.29
C GLN H 129 6.49 -4.19 40.78
N LEU H 130 7.40 -4.77 41.58
CA LEU H 130 8.15 -5.96 41.17
C LEU H 130 8.02 -7.10 42.16
N GLU H 131 8.10 -8.33 41.65
CA GLU H 131 8.01 -9.55 42.46
C GLU H 131 9.39 -10.07 42.77
N LYS H 132 9.56 -10.74 43.91
CA LYS H 132 10.84 -11.33 44.24
C LYS H 132 11.17 -12.30 43.11
N GLY H 133 12.34 -12.14 42.50
CA GLY H 133 12.73 -13.02 41.41
C GLY H 133 12.66 -12.41 40.02
N ASP H 134 12.00 -11.26 39.88
CA ASP H 134 11.88 -10.65 38.57
C ASP H 134 13.25 -10.31 37.99
N ARG H 135 13.35 -10.38 36.65
CA ARG H 135 14.57 -10.09 35.93
C ARG H 135 14.40 -8.83 35.09
N LEU H 136 15.28 -7.85 35.26
CA LEU H 136 15.20 -6.62 34.49
C LEU H 136 16.33 -6.55 33.48
N SER H 137 15.99 -6.13 32.26
CA SER H 137 16.96 -6.03 31.18
C SER H 137 17.00 -4.63 30.62
N ALA H 138 18.20 -4.16 30.30
CA ALA H 138 18.38 -2.84 29.71
C ALA H 138 19.14 -3.12 28.42
N GLU H 139 18.41 -3.16 27.30
CA GLU H 139 19.02 -3.48 26.02
C GLU H 139 18.92 -2.40 24.96
N ILE H 140 19.76 -2.52 23.93
CA ILE H 140 19.77 -1.57 22.80
C ILE H 140 19.83 -2.40 21.54
N ASN H 141 19.48 -1.81 20.41
CA ASN H 141 19.47 -2.53 19.15
C ASN H 141 20.76 -2.40 18.34
N ARG H 142 21.49 -1.29 18.52
CA ARG H 142 22.73 -1.07 17.77
C ARG H 142 23.96 -0.91 18.67
N PRO H 143 24.38 -2.00 19.34
CA PRO H 143 25.54 -1.97 20.23
C PRO H 143 26.83 -1.55 19.52
N ASP H 144 26.80 -1.51 18.20
CA ASP H 144 27.98 -1.12 17.44
C ASP H 144 28.18 0.40 17.49
N TYR H 145 27.16 1.11 17.99
CA TYR H 145 27.22 2.57 18.09
C TYR H 145 27.37 3.01 19.55
N LEU H 146 27.53 2.04 20.44
CA LEU H 146 27.68 2.31 21.85
C LEU H 146 28.94 3.08 22.23
N LEU H 147 28.78 4.31 22.74
CA LEU H 147 29.94 5.08 23.17
C LEU H 147 30.12 4.98 24.68
N PHE H 148 30.99 4.07 25.10
CA PHE H 148 31.26 3.90 26.51
C PHE H 148 32.73 4.22 26.78
N ALA H 149 33.22 5.25 26.07
CA ALA H 149 34.61 5.68 26.19
C ALA H 149 34.88 6.51 27.43
N GLU H 150 33.99 7.44 27.73
CA GLU H 150 34.17 8.31 28.88
C GLU H 150 34.01 7.61 30.22
N SER H 151 32.77 7.46 30.70
CA SER H 151 32.59 6.83 32.00
C SER H 151 31.13 6.74 32.45
N GLY H 152 30.58 7.87 32.89
CA GLY H 152 29.19 7.85 33.31
C GLY H 152 28.25 8.08 32.14
N GLN H 153 28.56 7.52 30.97
CA GLN H 153 27.75 7.69 29.77
C GLN H 153 26.75 6.56 29.52
N VAL H 154 27.01 5.40 30.10
CA VAL H 154 26.13 4.25 29.94
C VAL H 154 25.96 3.55 31.28
N TYR H 155 24.74 3.59 31.81
CA TYR H 155 24.46 2.96 33.08
C TYR H 155 23.04 2.40 33.16
N PHE H 156 22.82 1.57 34.16
CA PHE H 156 21.55 0.91 34.39
C PHE H 156 21.47 0.65 35.89
N GLY H 157 20.36 1.06 36.51
CA GLY H 157 20.24 0.84 37.95
C GLY H 157 18.82 0.75 38.45
N ILE H 158 18.69 0.35 39.71
CA ILE H 158 17.40 0.26 40.37
C ILE H 158 17.61 0.43 41.86
N ILE H 159 16.61 1.01 42.51
CA ILE H 159 16.67 1.24 43.94
C ILE H 159 15.27 0.92 44.48
N ALA H 160 15.23 0.20 45.59
CA ALA H 160 13.95 -0.15 46.20
C ALA H 160 13.45 1.02 47.01
N LEU H 161 12.31 1.57 46.62
CA LEU H 161 11.76 2.70 47.34
C LEU H 161 10.85 2.24 48.47
N ARG I 10 -0.49 -8.41 48.55
CA ARG I 10 0.88 -7.83 48.61
C ARG I 10 0.84 -6.31 48.74
N THR I 11 1.53 -5.78 49.74
CA THR I 11 1.57 -4.34 49.97
C THR I 11 2.41 -3.62 48.92
N PRO I 12 1.79 -2.83 48.03
CA PRO I 12 2.64 -2.17 47.05
C PRO I 12 3.82 -1.53 47.80
N SER I 13 3.53 -1.09 49.04
CA SER I 13 4.53 -0.49 49.92
C SER I 13 3.93 0.35 51.04
N ASP I 14 2.85 1.06 50.74
CA ASP I 14 2.16 1.96 51.68
C ASP I 14 2.36 3.42 51.23
N LYS I 15 3.40 3.66 50.42
CA LYS I 15 3.74 4.99 49.90
C LYS I 15 2.84 5.41 48.77
N PRO I 16 2.33 6.66 48.79
CA PRO I 16 1.48 7.05 47.67
C PRO I 16 2.36 7.00 46.41
N VAL I 17 1.84 6.39 45.36
CA VAL I 17 2.61 6.25 44.14
C VAL I 17 1.70 6.16 42.93
N ALA I 18 2.27 6.41 41.77
CA ALA I 18 1.48 6.33 40.55
C ALA I 18 2.37 6.35 39.34
N HIS I 19 2.05 5.51 38.38
CA HIS I 19 2.79 5.46 37.13
C HIS I 19 1.70 5.25 36.10
N VAL I 20 1.26 6.32 35.48
CA VAL I 20 0.22 6.21 34.49
C VAL I 20 0.82 6.26 33.11
N VAL I 21 0.12 5.67 32.16
CA VAL I 21 0.61 5.60 30.80
C VAL I 21 -0.43 6.18 29.84
N ALA I 22 0.02 6.54 28.65
CA ALA I 22 -0.86 7.13 27.63
C ALA I 22 -1.80 6.14 26.98
N ASN I 23 -3.04 6.56 26.77
CA ASN I 23 -4.08 5.75 26.15
C ASN I 23 -3.93 5.81 24.62
N PRO I 24 -3.60 4.68 23.99
CA PRO I 24 -3.44 4.66 22.53
C PRO I 24 -4.75 4.75 21.78
N GLN I 25 -5.84 4.39 22.47
CA GLN I 25 -7.18 4.40 21.89
C GLN I 25 -7.77 5.81 21.83
N ALA I 26 -7.00 6.81 22.22
CA ALA I 26 -7.48 8.20 22.20
C ALA I 26 -6.60 9.04 21.29
N GLU I 27 -6.61 8.70 20.01
CA GLU I 27 -5.82 9.42 19.02
C GLU I 27 -6.00 10.94 19.11
N GLY I 28 -4.95 11.66 18.76
CA GLY I 28 -4.98 13.11 18.78
C GLY I 28 -4.83 13.80 20.12
N GLN I 29 -4.90 13.03 21.21
CA GLN I 29 -4.76 13.62 22.54
C GLN I 29 -3.90 12.78 23.48
N LEU I 30 -3.59 13.34 24.63
CA LEU I 30 -2.77 12.65 25.62
C LEU I 30 -3.59 12.40 26.88
N GLN I 31 -4.20 11.23 26.95
CA GLN I 31 -5.02 10.85 28.10
C GLN I 31 -4.29 9.77 28.90
N TRP I 32 -4.16 9.99 30.20
CA TRP I 32 -3.47 9.03 31.07
C TRP I 32 -4.39 7.98 31.66
N LEU I 33 -3.93 6.73 31.70
CA LEU I 33 -4.70 5.67 32.32
C LEU I 33 -3.81 4.89 33.25
N ASN I 34 -4.44 4.18 34.17
CA ASN I 34 -3.71 3.37 35.13
C ASN I 34 -4.20 1.91 35.05
N ARG I 35 -5.17 1.65 34.19
CA ARG I 35 -5.71 0.31 34.05
C ARG I 35 -4.97 -0.56 33.04
N ARG I 36 -3.64 -0.58 33.12
CA ARG I 36 -2.87 -1.38 32.19
C ARG I 36 -1.80 -2.23 32.85
N ALA I 37 -1.15 -3.04 32.02
CA ALA I 37 -0.09 -3.96 32.41
C ALA I 37 0.73 -3.55 33.61
N ASN I 38 1.77 -2.75 33.38
CA ASN I 38 2.64 -2.37 34.49
C ASN I 38 2.47 -0.91 34.87
N ALA I 39 1.25 -0.55 35.27
CA ALA I 39 0.95 0.81 35.66
C ALA I 39 0.57 0.83 37.14
N LEU I 40 0.51 2.03 37.72
CA LEU I 40 0.18 2.16 39.13
C LEU I 40 -0.62 3.41 39.46
N LEU I 41 -1.42 3.29 40.50
CA LEU I 41 -2.26 4.37 41.02
C LEU I 41 -2.72 3.88 42.39
N ALA I 42 -1.86 4.04 43.39
CA ALA I 42 -2.20 3.54 44.71
C ALA I 42 -1.91 4.43 45.92
N ASN I 43 -2.39 3.93 47.05
CA ASN I 43 -2.20 4.58 48.33
C ASN I 43 -2.61 6.04 48.42
N GLY I 44 -3.74 6.37 47.81
CA GLY I 44 -4.21 7.73 47.92
C GLY I 44 -4.15 8.64 46.73
N VAL I 45 -3.13 8.51 45.89
CA VAL I 45 -3.09 9.42 44.76
C VAL I 45 -4.24 9.09 43.80
N GLU I 46 -4.88 10.14 43.31
CA GLU I 46 -6.02 9.99 42.40
C GLU I 46 -5.70 10.57 41.03
N LEU I 47 -6.36 10.03 40.02
CA LEU I 47 -6.18 10.51 38.67
C LEU I 47 -7.50 11.20 38.39
N ARG I 48 -7.50 12.52 38.47
CA ARG I 48 -8.69 13.32 38.29
C ARG I 48 -8.52 14.35 37.18
N ASP I 49 -9.48 14.42 36.27
CA ASP I 49 -9.42 15.36 35.17
C ASP I 49 -8.07 15.33 34.46
N ASN I 50 -7.50 14.13 34.36
CA ASN I 50 -6.22 13.90 33.70
C ASN I 50 -5.01 14.43 34.44
N GLN I 51 -5.16 14.57 35.75
CA GLN I 51 -4.08 15.08 36.58
C GLN I 51 -3.93 14.19 37.80
N LEU I 52 -2.71 14.05 38.29
CA LEU I 52 -2.48 13.24 39.46
C LEU I 52 -2.70 14.14 40.66
N VAL I 53 -3.36 13.64 41.69
CA VAL I 53 -3.61 14.45 42.87
C VAL I 53 -2.96 13.84 44.11
N VAL I 54 -2.05 14.61 44.71
CA VAL I 54 -1.32 14.18 45.88
C VAL I 54 -2.22 14.09 47.12
N PRO I 55 -2.10 12.98 47.87
CA PRO I 55 -2.90 12.77 49.09
C PRO I 55 -2.31 13.23 50.40
N SER I 56 -1.05 13.69 50.39
CA SER I 56 -0.43 14.13 51.65
C SER I 56 0.81 15.01 51.48
N GLU I 57 1.12 15.78 52.52
CA GLU I 57 2.28 16.67 52.54
C GLU I 57 3.48 15.77 52.29
N GLY I 58 4.53 16.30 51.68
CA GLY I 58 5.70 15.48 51.47
C GLY I 58 6.58 15.78 50.28
N LEU I 59 7.70 15.08 50.24
CA LEU I 59 8.68 15.19 49.18
C LEU I 59 8.29 14.14 48.14
N TYR I 60 8.19 14.54 46.87
CA TYR I 60 7.81 13.60 45.83
C TYR I 60 8.74 13.61 44.63
N LEU I 61 8.97 12.42 44.06
CA LEU I 61 9.78 12.33 42.87
C LEU I 61 8.75 12.34 41.76
N ILE I 62 8.84 13.31 40.86
CA ILE I 62 7.90 13.43 39.75
C ILE I 62 8.66 13.23 38.45
N TYR I 63 8.05 12.52 37.50
CA TYR I 63 8.72 12.28 36.24
C TYR I 63 7.73 11.98 35.11
N SER I 64 8.22 12.12 33.89
CA SER I 64 7.39 11.87 32.73
C SER I 64 8.20 11.78 31.46
N GLN I 65 7.69 11.01 30.51
CA GLN I 65 8.36 10.89 29.23
C GLN I 65 7.35 10.82 28.11
N VAL I 66 7.63 11.57 27.04
CA VAL I 66 6.76 11.54 25.88
C VAL I 66 7.64 11.22 24.68
N LEU I 67 7.06 10.58 23.67
CA LEU I 67 7.81 10.24 22.48
C LEU I 67 7.09 10.85 21.29
N PHE I 68 7.74 11.80 20.62
CA PHE I 68 7.15 12.44 19.45
C PHE I 68 7.62 11.74 18.18
N LYS I 69 6.73 11.67 17.18
CA LYS I 69 7.05 11.04 15.92
C LYS I 69 6.37 11.80 14.80
N GLY I 70 7.08 11.99 13.70
CA GLY I 70 6.50 12.70 12.57
C GLY I 70 6.98 12.12 11.27
N GLN I 71 6.10 12.10 10.28
CA GLN I 71 6.45 11.60 8.95
C GLN I 71 6.97 12.79 8.17
N GLY I 72 8.21 12.67 7.68
CA GLY I 72 8.80 13.77 6.94
C GLY I 72 8.74 15.07 7.71
N CYS I 73 9.00 16.19 7.05
CA CYS I 73 8.98 17.48 7.72
C CYS I 73 7.92 18.48 7.31
N PRO I 74 7.36 19.21 8.30
CA PRO I 74 6.32 20.22 8.04
C PRO I 74 6.91 21.46 7.39
N SER I 75 6.28 22.60 7.67
CA SER I 75 6.73 23.87 7.11
C SER I 75 7.49 24.65 8.17
N THR I 76 8.00 25.81 7.76
CA THR I 76 8.77 26.70 8.65
C THR I 76 9.54 25.97 9.75
N HIS I 77 8.98 25.98 10.95
CA HIS I 77 9.64 25.34 12.09
C HIS I 77 8.61 24.85 13.09
N VAL I 78 8.84 23.65 13.64
CA VAL I 78 7.95 23.06 14.62
C VAL I 78 8.66 22.88 15.96
N LEU I 79 7.99 23.30 17.04
CA LEU I 79 8.56 23.17 18.38
C LEU I 79 7.75 22.18 19.20
N LEU I 80 8.47 21.31 19.90
CA LEU I 80 7.85 20.31 20.74
C LEU I 80 8.17 20.63 22.19
N THR I 81 7.15 20.74 23.02
CA THR I 81 7.36 21.05 24.43
C THR I 81 6.67 20.03 25.32
N HIS I 82 7.36 19.69 26.41
CA HIS I 82 6.84 18.76 27.40
C HIS I 82 7.02 19.50 28.71
N THR I 83 6.00 19.49 29.55
CA THR I 83 6.12 20.21 30.81
C THR I 83 5.20 19.69 31.92
N ILE I 84 5.74 19.60 33.13
CA ILE I 84 4.97 19.15 34.27
C ILE I 84 4.64 20.37 35.13
N SER I 85 3.35 20.59 35.35
CA SER I 85 2.90 21.73 36.13
C SER I 85 2.32 21.33 37.48
N ARG I 86 2.37 22.26 38.41
CA ARG I 86 1.79 22.05 39.72
C ARG I 86 0.77 23.14 39.90
N ILE I 87 -0.41 22.76 40.38
CA ILE I 87 -1.43 23.74 40.68
C ILE I 87 -1.66 23.44 42.17
N ALA I 88 -1.04 24.26 43.00
CA ALA I 88 -1.11 24.09 44.45
C ALA I 88 -2.44 24.42 45.08
N VAL I 89 -2.74 23.76 46.19
CA VAL I 89 -3.99 23.99 46.89
C VAL I 89 -4.01 25.41 47.43
N SER I 90 -2.85 25.92 47.78
CA SER I 90 -2.76 27.28 48.30
C SER I 90 -2.47 28.35 47.26
N TYR I 91 -2.52 27.97 45.98
CA TYR I 91 -2.28 28.92 44.89
C TYR I 91 -2.71 28.28 43.57
N GLN I 92 -4.04 28.19 43.37
CA GLN I 92 -4.63 27.59 42.18
C GLN I 92 -4.18 28.12 40.83
N THR I 93 -2.95 27.85 40.41
CA THR I 93 -2.48 28.32 39.11
C THR I 93 -1.37 27.43 38.65
N LYS I 94 -1.39 27.06 37.38
CA LYS I 94 -0.35 26.23 36.84
C LYS I 94 0.99 26.96 36.96
N VAL I 95 1.96 26.33 37.61
CA VAL I 95 3.30 26.89 37.69
C VAL I 95 4.18 25.73 37.23
N ASN I 96 5.05 25.97 36.27
CA ASN I 96 5.91 24.91 35.76
C ASN I 96 6.98 24.43 36.71
N LEU I 97 7.09 23.11 36.87
CA LEU I 97 8.10 22.53 37.73
C LEU I 97 9.24 22.01 36.89
N LEU I 98 8.88 21.34 35.80
CA LEU I 98 9.87 20.77 34.89
C LEU I 98 9.38 21.02 33.47
N SER I 99 10.30 21.37 32.59
CA SER I 99 9.94 21.66 31.21
C SER I 99 11.11 21.58 30.25
N ALA I 100 10.85 21.11 29.04
CA ALA I 100 11.90 21.01 28.04
C ALA I 100 11.32 21.31 26.67
N ILE I 101 12.19 21.70 25.73
CA ILE I 101 11.77 22.02 24.38
C ILE I 101 12.67 21.28 23.41
N LYS I 102 12.13 20.89 22.26
CA LYS I 102 12.92 20.17 21.27
C LYS I 102 12.48 20.56 19.87
N SER I 103 13.44 20.82 18.99
CA SER I 103 13.17 21.22 17.60
C SER I 103 13.50 20.08 16.65
N PRO I 104 12.50 19.29 16.25
CA PRO I 104 12.69 18.15 15.35
C PRO I 104 13.17 18.58 13.98
N CYS I 105 12.25 19.11 13.17
CA CYS I 105 12.58 19.54 11.83
C CYS I 105 13.23 20.91 11.87
N GLN I 106 14.53 20.93 11.58
CA GLN I 106 15.30 22.16 11.58
C GLN I 106 15.01 22.91 10.28
N ARG I 107 13.74 22.95 9.89
CA ARG I 107 13.28 23.61 8.67
C ARG I 107 13.63 22.83 7.40
N GLU I 108 14.30 21.69 7.55
CA GLU I 108 14.69 20.87 6.41
C GLU I 108 13.60 20.78 5.35
N THR I 109 12.37 20.48 5.78
CA THR I 109 11.22 20.36 4.89
C THR I 109 11.51 19.50 3.66
N PRO I 110 10.78 18.38 3.51
CA PRO I 110 10.95 17.46 2.39
C PRO I 110 11.12 18.17 1.04
N GLU I 111 12.34 18.08 0.49
CA GLU I 111 12.66 18.69 -0.79
C GLU I 111 11.59 18.42 -1.85
N GLY I 112 11.06 17.20 -1.85
CA GLY I 112 10.03 16.84 -2.82
C GLY I 112 10.06 15.35 -3.13
N ALA I 113 11.14 14.69 -2.72
CA ALA I 113 11.31 13.26 -2.94
C ALA I 113 11.84 12.60 -1.68
N GLU I 114 11.04 11.69 -1.11
CA GLU I 114 11.37 10.93 0.09
C GLU I 114 10.74 11.49 1.38
N ALA I 115 11.58 11.83 2.35
CA ALA I 115 11.17 12.37 3.65
C ALA I 115 10.88 11.27 4.66
N LYS I 116 11.93 10.73 5.27
CA LYS I 116 11.81 9.67 6.27
C LYS I 116 11.13 10.16 7.54
N PRO I 117 10.76 9.23 8.44
CA PRO I 117 10.10 9.60 9.70
C PRO I 117 11.14 9.98 10.76
N TRP I 118 10.72 10.76 11.75
CA TRP I 118 11.62 11.18 12.82
C TRP I 118 11.03 10.90 14.20
N TYR I 119 11.91 10.54 15.13
CA TYR I 119 11.52 10.26 16.49
C TYR I 119 12.28 11.17 17.43
N GLU I 120 11.58 11.72 18.42
CA GLU I 120 12.19 12.63 19.38
C GLU I 120 11.59 12.44 20.77
N PRO I 121 12.35 11.84 21.70
CA PRO I 121 11.87 11.62 23.07
C PRO I 121 12.29 12.75 24.01
N ILE I 122 11.54 12.91 25.10
CA ILE I 122 11.85 13.93 26.09
C ILE I 122 11.57 13.39 27.49
N TYR I 123 12.55 13.46 28.37
CA TYR I 123 12.37 12.99 29.74
C TYR I 123 12.42 14.18 30.71
N LEU I 124 11.61 14.09 31.75
CA LEU I 124 11.53 15.14 32.76
C LEU I 124 11.45 14.49 34.14
N GLY I 125 12.15 15.06 35.12
CA GLY I 125 12.10 14.49 36.45
C GLY I 125 12.82 15.29 37.51
N GLY I 126 12.25 15.33 38.70
CA GLY I 126 12.84 16.07 39.81
C GLY I 126 12.08 15.84 41.10
N VAL I 127 12.65 16.28 42.22
CA VAL I 127 12.02 16.12 43.52
C VAL I 127 11.39 17.44 43.97
N PHE I 128 10.18 17.36 44.51
CA PHE I 128 9.44 18.53 44.94
C PHE I 128 8.64 18.39 46.24
N GLN I 129 8.51 19.49 46.96
CA GLN I 129 7.72 19.56 48.20
C GLN I 129 6.29 19.82 47.74
N LEU I 130 5.35 18.93 48.11
CA LEU I 130 3.95 19.07 47.70
C LEU I 130 2.99 19.08 48.89
N GLU I 131 1.86 19.77 48.71
CA GLU I 131 0.83 19.88 49.74
C GLU I 131 -0.27 18.87 49.46
N LYS I 132 -0.96 18.44 50.51
CA LYS I 132 -2.07 17.51 50.31
C LYS I 132 -3.08 18.26 49.43
N GLY I 133 -3.48 17.64 48.32
CA GLY I 133 -4.43 18.29 47.45
C GLY I 133 -3.85 18.86 46.17
N ASP I 134 -2.53 18.97 46.08
CA ASP I 134 -1.91 19.51 44.87
C ASP I 134 -2.24 18.69 43.62
N ARG I 135 -2.34 19.35 42.48
CA ARG I 135 -2.65 18.70 41.21
C ARG I 135 -1.45 18.80 40.28
N LEU I 136 -0.99 17.67 39.76
CA LEU I 136 0.16 17.67 38.86
C LEU I 136 -0.29 17.35 37.44
N SER I 137 0.25 18.09 36.48
CA SER I 137 -0.12 17.90 35.08
C SER I 137 1.10 17.62 34.25
N ALA I 138 0.97 16.71 33.29
CA ALA I 138 2.05 16.39 32.38
C ALA I 138 1.48 16.63 30.99
N GLU I 139 1.75 17.80 30.42
CA GLU I 139 1.20 18.15 29.11
C GLU I 139 2.20 18.38 27.98
N ILE I 140 1.72 18.34 26.75
CA ILE I 140 2.55 18.56 25.57
C ILE I 140 1.78 19.54 24.68
N ASN I 141 2.49 20.17 23.75
CA ASN I 141 1.86 21.15 22.87
C ASN I 141 1.38 20.57 21.53
N ARG I 142 2.02 19.50 21.07
CA ARG I 142 1.65 18.88 19.79
C ARG I 142 1.23 17.42 19.92
N PRO I 143 0.06 17.16 20.54
CA PRO I 143 -0.45 15.80 20.73
C PRO I 143 -0.67 15.06 19.41
N ASP I 144 -0.63 15.78 18.30
CA ASP I 144 -0.81 15.14 17.01
C ASP I 144 0.45 14.37 16.59
N TYR I 145 1.55 14.58 17.30
CA TYR I 145 2.81 13.90 17.00
C TYR I 145 3.12 12.84 18.05
N LEU I 146 2.17 12.62 18.96
CA LEU I 146 2.37 11.65 20.02
C LEU I 146 2.46 10.21 19.54
N LEU I 147 3.62 9.58 19.75
CA LEU I 147 3.77 8.17 19.38
C LEU I 147 3.59 7.26 20.59
N PHE I 148 2.38 6.75 20.75
CA PHE I 148 2.09 5.86 21.85
C PHE I 148 1.69 4.49 21.27
N ALA I 149 2.38 4.10 20.22
CA ALA I 149 2.13 2.84 19.53
C ALA I 149 2.72 1.64 20.24
N GLU I 150 3.96 1.78 20.70
CA GLU I 150 4.63 0.68 21.36
C GLU I 150 4.08 0.35 22.75
N SER I 151 4.52 1.08 23.78
CA SER I 151 4.06 0.75 25.12
C SER I 151 4.65 1.63 26.23
N GLY I 152 5.91 1.39 26.58
CA GLY I 152 6.51 2.20 27.62
C GLY I 152 7.17 3.44 27.03
N GLN I 153 6.53 4.04 26.02
CA GLN I 153 7.07 5.24 25.34
C GLN I 153 6.52 6.55 25.88
N VAL I 154 5.37 6.49 26.56
CA VAL I 154 4.75 7.68 27.11
C VAL I 154 4.21 7.36 28.49
N TYR I 155 4.79 7.98 29.50
CA TYR I 155 4.37 7.77 30.89
C TYR I 155 4.54 9.01 31.76
N PHE I 156 3.90 8.95 32.93
CA PHE I 156 3.89 10.03 33.88
C PHE I 156 3.69 9.38 35.24
N GLY I 157 4.53 9.72 36.21
CA GLY I 157 4.39 9.12 37.52
C GLY I 157 4.99 9.94 38.64
N ILE I 158 4.69 9.54 39.87
CA ILE I 158 5.21 10.17 41.06
C ILE I 158 5.26 9.14 42.17
N ILE I 159 6.22 9.30 43.06
CA ILE I 159 6.39 8.40 44.17
C ILE I 159 6.75 9.27 45.37
N ALA I 160 6.12 9.01 46.51
CA ALA I 160 6.41 9.77 47.72
C ALA I 160 7.67 9.23 48.35
N LEU I 161 8.69 10.08 48.45
CA LEU I 161 9.95 9.66 49.05
C LEU I 161 9.96 9.91 50.55
N ILE J 1 16.45 42.55 45.91
CA ILE J 1 15.21 43.15 45.37
C ILE J 1 14.03 42.97 46.32
N THR J 2 13.03 43.82 46.15
CA THR J 2 11.86 43.84 47.01
C THR J 2 10.55 44.13 46.31
N LEU J 3 9.48 43.48 46.77
CA LEU J 3 8.14 43.72 46.23
C LEU J 3 7.22 43.91 47.44
N LYS J 4 6.63 45.10 47.56
CA LYS J 4 5.75 45.38 48.69
C LYS J 4 4.37 45.91 48.31
N TYR J 5 3.33 45.32 48.90
CA TYR J 5 1.94 45.72 48.67
C TYR J 5 1.41 46.31 49.99
N ASN J 6 0.84 47.51 49.90
CA ASN J 6 0.31 48.20 51.07
C ASN J 6 -1.13 48.65 50.84
N TYR J 7 -2.07 48.06 51.59
CA TYR J 7 -3.47 48.45 51.48
C TYR J 7 -3.80 49.21 52.76
N THR J 8 -4.41 50.38 52.64
CA THR J 8 -4.75 51.15 53.83
C THR J 8 -6.09 51.87 53.80
N VAL J 9 -6.92 51.63 54.80
CA VAL J 9 -8.19 52.35 54.90
C VAL J 9 -8.08 53.23 56.15
N THR J 10 -8.50 54.49 56.04
CA THR J 10 -8.40 55.42 57.15
C THR J 10 -9.76 56.05 57.45
N LEU J 11 -9.98 56.42 58.72
CA LEU J 11 -11.22 57.06 59.10
C LEU J 11 -11.17 58.54 58.75
N LYS J 12 -10.00 58.99 58.31
CA LYS J 12 -9.85 60.40 57.94
C LYS J 12 -10.46 61.28 59.03
N ASP J 13 -10.72 62.53 58.71
CA ASP J 13 -11.32 63.43 59.70
C ASP J 13 -12.65 62.84 60.14
N ASP J 14 -13.75 63.53 59.86
CA ASP J 14 -15.04 63.01 60.25
C ASP J 14 -15.89 62.55 59.06
N GLY J 15 -16.25 61.27 59.06
CA GLY J 15 -17.08 60.74 58.02
C GLY J 15 -16.72 59.40 57.39
N LEU J 16 -16.38 59.50 56.12
CA LEU J 16 -16.03 58.37 55.30
C LEU J 16 -14.69 57.71 55.60
N TYR J 17 -14.50 56.54 55.01
CA TYR J 17 -13.27 55.77 55.16
C TYR J 17 -12.52 55.85 53.83
N ASP J 18 -11.30 56.38 53.86
CA ASP J 18 -10.53 56.46 52.64
C ASP J 18 -9.76 55.18 52.43
N GLY J 19 -9.44 54.87 51.19
CA GLY J 19 -8.67 53.67 50.93
C GLY J 19 -7.61 53.90 49.87
N VAL J 20 -6.40 53.43 50.13
CA VAL J 20 -5.31 53.55 49.17
C VAL J 20 -4.55 52.24 49.12
N PHE J 21 -3.89 52.04 47.99
CA PHE J 21 -3.08 50.87 47.76
C PHE J 21 -1.81 51.29 47.06
N TYR J 22 -0.68 50.76 47.51
CA TYR J 22 0.60 51.06 46.87
C TYR J 22 1.33 49.78 46.51
N ASP J 23 1.92 49.75 45.31
CA ASP J 23 2.70 48.63 44.82
C ASP J 23 4.13 49.19 44.66
N HIS J 24 5.07 48.69 45.46
CA HIS J 24 6.44 49.16 45.36
C HIS J 24 7.43 48.05 45.02
N TYR J 25 8.23 48.27 43.97
CA TYR J 25 9.28 47.33 43.58
C TYR J 25 10.52 48.09 44.06
N ASN J 26 11.25 47.54 45.03
CA ASN J 26 12.40 48.24 45.58
C ASN J 26 11.78 49.53 46.07
N ASP J 27 12.44 50.65 45.80
CA ASP J 27 11.87 51.93 46.24
C ASP J 27 11.07 52.60 45.12
N GLN J 28 10.76 51.86 44.07
CA GLN J 28 10.03 52.38 42.92
C GLN J 28 8.50 52.17 42.97
N LEU J 29 7.74 53.26 42.93
CA LEU J 29 6.30 53.17 42.93
C LEU J 29 5.87 52.56 41.61
N VAL J 30 5.03 51.52 41.66
CA VAL J 30 4.59 50.85 40.45
C VAL J 30 3.13 51.14 40.19
N THR J 31 2.33 51.12 41.24
CA THR J 31 0.89 51.36 41.13
C THR J 31 0.32 52.03 42.35
N LYS J 32 -0.60 52.97 42.13
CA LYS J 32 -1.29 53.60 43.23
C LYS J 32 -2.79 53.51 42.91
N ILE J 33 -3.57 53.10 43.89
CA ILE J 33 -5.00 52.99 43.71
C ILE J 33 -5.69 53.60 44.91
N SER J 34 -6.78 54.33 44.66
CA SER J 34 -7.51 54.94 45.75
C SER J 34 -9.00 54.75 45.55
N TYR J 35 -9.73 54.69 46.66
CA TYR J 35 -11.16 54.50 46.63
C TYR J 35 -11.90 55.77 46.23
N ASN J 36 -12.63 55.69 45.14
CA ASN J 36 -13.42 56.80 44.63
C ASN J 36 -14.78 56.84 45.33
N HIS J 37 -15.03 57.85 46.17
CA HIS J 37 -16.29 57.94 46.90
C HIS J 37 -17.52 58.19 46.05
N GLU J 38 -17.33 58.86 44.91
CA GLU J 38 -18.42 59.17 44.00
C GLU J 38 -18.85 57.85 43.36
N THR J 39 -17.91 57.17 42.73
CA THR J 39 -18.14 55.90 42.05
C THR J 39 -18.30 54.67 42.95
N ARG J 40 -17.68 54.70 44.13
CA ARG J 40 -17.77 53.59 45.08
C ARG J 40 -16.91 52.37 44.73
N HIS J 41 -15.79 52.60 44.05
CA HIS J 41 -14.86 51.55 43.69
C HIS J 41 -13.48 52.18 43.50
N GLY J 42 -12.42 51.38 43.38
CA GLY J 42 -11.09 51.95 43.24
C GLY J 42 -10.71 52.46 41.86
N ASN J 43 -9.70 53.32 41.79
CA ASN J 43 -9.25 53.84 40.51
C ASN J 43 -7.74 53.83 40.53
N VAL J 44 -7.13 53.50 39.41
CA VAL J 44 -5.67 53.51 39.35
C VAL J 44 -5.28 54.96 39.13
N ASN J 45 -4.51 55.52 40.06
CA ASN J 45 -4.08 56.91 39.93
C ASN J 45 -2.72 56.99 39.30
N PHE J 46 -1.89 55.97 39.56
CA PHE J 46 -0.55 55.95 39.02
C PHE J 46 -0.15 54.58 38.55
N ARG J 47 0.65 54.55 37.48
CA ARG J 47 1.16 53.31 36.93
C ARG J 47 2.51 53.61 36.31
N ALA J 48 3.56 52.97 36.81
CA ALA J 48 4.90 53.19 36.27
C ALA J 48 4.90 52.83 34.77
N ASP J 49 5.53 53.69 33.98
CA ASP J 49 5.64 53.51 32.54
C ASP J 49 6.34 52.21 32.14
N TRP J 50 7.25 51.70 32.97
CA TRP J 50 7.98 50.49 32.62
C TRP J 50 7.29 49.19 32.96
N PHE J 51 6.19 49.25 33.68
CA PHE J 51 5.49 48.05 34.09
C PHE J 51 4.27 47.72 33.23
N ASN J 52 4.39 46.68 32.41
CA ASN J 52 3.28 46.22 31.57
C ASN J 52 2.63 45.12 32.41
N ILE J 53 1.53 45.44 33.09
CA ILE J 53 0.87 44.49 33.95
C ILE J 53 0.45 43.20 33.26
N SER J 54 0.41 43.21 31.93
CA SER J 54 0.04 42.02 31.18
C SER J 54 1.20 41.02 31.17
N ARG J 55 2.41 41.52 31.40
CA ARG J 55 3.56 40.66 31.42
C ARG J 55 3.86 40.16 32.83
N SER J 56 2.94 40.39 33.76
CA SER J 56 3.12 39.93 35.14
C SER J 56 1.91 39.15 35.59
N PRO J 57 1.75 37.92 35.07
CA PRO J 57 0.67 36.98 35.34
C PRO J 57 0.37 36.78 36.81
N HIS J 58 1.38 36.95 37.67
CA HIS J 58 1.18 36.73 39.08
C HIS J 58 0.86 37.95 39.94
N THR J 59 0.66 39.09 39.29
CA THR J 59 0.26 40.29 40.01
C THR J 59 -1.25 40.12 40.03
N PRO J 60 -1.87 40.19 41.22
CA PRO J 60 -3.33 40.05 41.40
C PRO J 60 -4.20 40.84 40.42
N GLY J 61 -5.27 40.22 39.92
CA GLY J 61 -6.17 40.89 38.98
C GLY J 61 -7.17 41.76 39.71
N ASN J 62 -8.08 42.40 38.97
CA ASN J 62 -9.11 43.28 39.56
C ASN J 62 -8.40 44.37 40.31
N ASP J 63 -7.42 45.00 39.67
CA ASP J 63 -6.67 46.05 40.32
C ASP J 63 -6.30 45.59 41.72
N TYR J 64 -5.52 44.52 41.79
CA TYR J 64 -5.03 43.95 43.05
C TYR J 64 -6.14 43.60 44.04
N ASN J 65 -7.29 43.19 43.53
CA ASN J 65 -8.42 42.86 44.40
C ASN J 65 -8.68 44.01 45.35
N PHE J 66 -8.52 45.23 44.85
CA PHE J 66 -8.72 46.41 45.69
C PHE J 66 -10.12 46.55 46.28
N ASN J 67 -11.14 46.43 45.44
CA ASN J 67 -12.50 46.56 45.96
C ASN J 67 -12.73 45.54 47.08
N PHE J 68 -12.29 44.31 46.86
CA PHE J 68 -12.44 43.28 47.87
C PHE J 68 -11.81 43.68 49.19
N TRP J 69 -10.53 44.03 49.16
CA TRP J 69 -9.83 44.44 50.37
C TRP J 69 -10.37 45.71 51.01
N TYR J 70 -10.58 46.75 50.22
CA TYR J 70 -11.08 48.00 50.75
C TYR J 70 -12.31 47.71 51.61
N SER J 71 -13.25 47.03 51.00
CA SER J 71 -14.48 46.70 51.67
C SER J 71 -14.31 45.88 52.93
N LEU J 72 -13.57 44.77 52.82
CA LEU J 72 -13.34 43.89 53.97
C LEU J 72 -12.51 44.56 55.06
N MET J 73 -11.63 45.47 54.68
CA MET J 73 -10.82 46.16 55.66
C MET J 73 -11.67 47.23 56.33
N LYS J 74 -12.56 47.83 55.55
CA LYS J 74 -13.44 48.84 56.09
C LYS J 74 -14.24 48.17 57.18
N GLU J 75 -14.78 46.99 56.88
CA GLU J 75 -15.58 46.24 57.83
C GLU J 75 -14.75 45.96 59.09
N THR J 76 -13.53 45.48 58.88
CA THR J 76 -12.65 45.17 60.00
C THR J 76 -12.33 46.38 60.87
N LEU J 77 -12.12 47.52 60.23
CA LEU J 77 -11.81 48.72 60.99
C LEU J 77 -13.00 49.13 61.86
N GLU J 78 -14.20 49.02 61.31
CA GLU J 78 -15.40 49.37 62.05
C GLU J 78 -15.55 48.50 63.30
N GLU J 79 -15.40 47.19 63.14
CA GLU J 79 -15.49 46.27 64.27
C GLU J 79 -14.43 46.59 65.32
N ILE J 80 -13.20 46.82 64.85
CA ILE J 80 -12.10 47.15 65.75
C ILE J 80 -12.40 48.39 66.57
N ASN J 81 -13.11 49.36 66.00
CA ASN J 81 -13.41 50.58 66.72
C ASN J 81 -14.55 50.50 67.73
N LYS J 82 -15.28 49.38 67.74
CA LYS J 82 -16.37 49.25 68.70
C LYS J 82 -15.85 49.13 70.13
N ASN J 83 -14.84 48.30 70.35
CA ASN J 83 -14.24 48.19 71.69
C ASN J 83 -13.38 49.44 71.76
N ASP J 84 -13.87 50.45 72.47
CA ASP J 84 -13.18 51.73 72.58
C ASP J 84 -11.72 51.66 73.07
N SER J 85 -11.25 50.48 73.47
CA SER J 85 -9.87 50.34 73.93
C SER J 85 -8.95 49.95 72.78
N THR J 86 -9.52 49.87 71.57
CA THR J 86 -8.77 49.50 70.38
C THR J 86 -8.88 50.58 69.31
N LYS J 87 -9.96 51.36 69.37
CA LYS J 87 -10.23 52.43 68.41
C LYS J 87 -8.96 52.94 67.74
N THR J 88 -8.95 52.88 66.40
CA THR J 88 -7.81 53.30 65.61
C THR J 88 -8.20 54.18 64.43
N THR J 89 -7.24 55.01 64.00
CA THR J 89 -7.42 55.91 62.88
C THR J 89 -7.48 55.13 61.56
N SER J 90 -6.58 54.16 61.42
CA SER J 90 -6.51 53.38 60.19
C SER J 90 -6.08 51.94 60.38
N LEU J 91 -6.19 51.19 59.29
CA LEU J 91 -5.81 49.79 59.25
C LEU J 91 -5.01 49.55 57.95
N SER J 92 -3.96 48.73 58.04
CA SER J 92 -3.13 48.43 56.89
C SER J 92 -2.85 46.96 56.69
N LEU J 93 -2.85 46.52 55.44
CA LEU J 93 -2.54 45.14 55.09
C LEU J 93 -1.19 45.21 54.36
N ILE J 94 -0.14 44.74 55.04
CA ILE J 94 1.21 44.75 54.47
C ILE J 94 1.58 43.34 54.03
N THR J 95 1.84 43.18 52.74
CA THR J 95 2.21 41.87 52.24
C THR J 95 3.23 42.05 51.12
N GLY J 96 4.11 41.08 50.94
CA GLY J 96 5.12 41.18 49.91
C GLY J 96 6.23 40.17 50.12
N CYS J 97 7.30 40.28 49.35
CA CYS J 97 8.41 39.34 49.48
C CYS J 97 9.75 40.01 49.21
N TYR J 98 10.82 39.24 49.33
CA TYR J 98 12.14 39.80 49.12
C TYR J 98 13.18 38.75 48.76
N GLU J 99 14.21 39.20 48.05
CA GLU J 99 15.35 38.38 47.67
C GLU J 99 16.54 39.29 47.96
N THR J 100 16.93 39.35 49.23
CA THR J 100 18.03 40.17 49.70
C THR J 100 19.29 39.29 49.76
N GLY J 101 20.11 39.34 48.72
CA GLY J 101 21.28 38.49 48.70
C GLY J 101 20.84 37.03 48.75
N LEU J 102 21.44 36.25 49.65
CA LEU J 102 21.07 34.84 49.78
C LEU J 102 19.73 34.66 50.48
N LEU J 103 19.37 35.61 51.33
CA LEU J 103 18.12 35.52 52.07
C LEU J 103 16.90 35.77 51.18
N PHE J 104 15.77 35.15 51.54
CA PHE J 104 14.55 35.30 50.77
C PHE J 104 13.36 34.83 51.57
N GLY J 105 12.24 35.54 51.45
CA GLY J 105 11.05 35.17 52.18
C GLY J 105 9.87 36.02 51.78
N SER J 106 8.72 35.79 52.40
CA SER J 106 7.52 36.56 52.11
C SER J 106 6.80 36.90 53.40
N TYR J 107 5.89 37.87 53.36
CA TYR J 107 5.19 38.26 54.56
C TYR J 107 3.78 38.76 54.25
N GLY J 108 2.96 38.80 55.29
CA GLY J 108 1.60 39.26 55.16
C GLY J 108 1.08 39.48 56.57
N TYR J 109 0.97 40.74 56.95
CA TYR J 109 0.48 41.06 58.28
C TYR J 109 -0.40 42.30 58.27
N VAL J 110 -1.16 42.47 59.34
CA VAL J 110 -2.06 43.59 59.49
C VAL J 110 -1.60 44.48 60.63
N GLU J 111 -1.37 45.75 60.34
CA GLU J 111 -0.96 46.68 61.40
C GLU J 111 -2.01 47.77 61.54
N THR J 112 -1.94 48.43 62.69
CA THR J 112 -2.87 49.49 63.05
C THR J 112 -2.07 50.77 63.25
N ALA J 113 -2.76 51.90 63.35
CA ALA J 113 -2.06 53.15 63.57
C ALA J 113 -1.33 53.05 64.91
N ASN J 114 -1.78 52.14 65.76
CA ASN J 114 -1.19 51.94 67.08
C ASN J 114 -0.01 50.96 67.05
N GLY J 115 0.17 50.27 65.93
CA GLY J 115 1.27 49.32 65.79
C GLY J 115 0.84 47.96 65.27
N PRO J 116 1.81 47.07 65.02
CA PRO J 116 1.54 45.71 64.50
C PRO J 116 0.41 45.01 65.24
N LEU J 117 -0.45 44.34 64.48
CA LEU J 117 -1.58 43.65 65.06
C LEU J 117 -1.47 42.12 64.91
N ALA J 118 -1.67 41.62 63.69
CA ALA J 118 -1.58 40.18 63.44
C ALA J 118 -0.84 39.80 62.16
N ARG J 119 -0.13 38.68 62.23
CA ARG J 119 0.69 38.15 61.15
C ARG J 119 0.05 36.88 60.61
N TYR J 120 -0.02 36.76 59.29
CA TYR J 120 -0.63 35.58 58.69
C TYR J 120 0.39 34.48 58.42
N HIS J 121 0.16 33.29 58.98
CA HIS J 121 1.09 32.19 58.78
C HIS J 121 0.60 31.20 57.74
N THR J 122 1.41 31.05 56.70
CA THR J 122 1.13 30.15 55.60
C THR J 122 0.90 28.72 56.06
N GLY J 123 1.66 28.30 57.07
CA GLY J 123 1.52 26.95 57.59
C GLY J 123 0.19 26.69 58.29
N ASP J 124 -0.07 27.40 59.37
CA ASP J 124 -1.31 27.24 60.13
C ASP J 124 -2.56 27.74 59.41
N LYS J 125 -2.38 28.54 58.36
CA LYS J 125 -3.50 29.09 57.60
C LYS J 125 -4.44 29.90 58.52
N ARG J 126 -3.84 30.80 59.28
CA ARG J 126 -4.58 31.66 60.21
C ARG J 126 -3.67 32.81 60.66
N PHE J 127 -4.24 33.79 61.34
CA PHE J 127 -3.43 34.91 61.83
C PHE J 127 -2.90 34.61 63.23
N THR J 128 -1.78 35.25 63.56
CA THR J 128 -1.16 35.05 64.87
C THR J 128 -0.74 36.39 65.43
N LYS J 129 -0.98 36.59 66.73
CA LYS J 129 -0.60 37.83 67.40
C LYS J 129 0.84 38.23 67.11
N MET J 130 1.06 39.52 66.94
CA MET J 130 2.42 40.03 66.72
C MET J 130 2.90 40.71 67.99
N THR J 131 1.98 40.89 68.93
CA THR J 131 2.27 41.54 70.20
C THR J 131 1.64 40.72 71.32
N HIS J 132 2.14 40.89 72.54
CA HIS J 132 1.61 40.19 73.70
C HIS J 132 0.12 40.56 73.84
N LYS J 133 -0.17 41.82 73.51
CA LYS J 133 -1.52 42.40 73.58
C LYS J 133 -2.61 41.55 72.92
N GLY J 134 -2.25 40.81 71.86
CA GLY J 134 -3.22 40.00 71.16
C GLY J 134 -3.93 40.84 70.11
N PHE J 135 -4.91 40.25 69.41
CA PHE J 135 -5.65 40.98 68.39
C PHE J 135 -7.12 40.56 68.38
N PRO J 136 -8.03 41.51 68.17
CA PRO J 136 -9.47 41.24 68.14
C PRO J 136 -9.87 40.35 66.97
N LYS J 137 -10.52 39.23 67.28
CA LYS J 137 -10.96 38.32 66.23
C LYS J 137 -12.25 38.81 65.57
N VAL J 138 -12.08 39.78 64.69
CA VAL J 138 -13.18 40.39 63.96
C VAL J 138 -12.79 40.60 62.50
N GLY J 139 -13.77 40.90 61.67
CA GLY J 139 -13.52 41.15 60.26
C GLY J 139 -12.69 40.11 59.55
N MET J 140 -11.70 40.58 58.79
CA MET J 140 -10.81 39.71 58.04
C MET J 140 -9.85 38.92 58.93
N LEU J 141 -9.95 39.12 60.24
CA LEU J 141 -9.06 38.44 61.16
C LEU J 141 -9.53 37.13 61.78
N THR J 142 -10.77 36.71 61.51
CA THR J 142 -11.26 35.45 62.07
C THR J 142 -11.77 34.50 61.03
N VAL J 143 -11.68 33.22 61.33
CA VAL J 143 -12.15 32.20 60.42
C VAL J 143 -13.68 32.28 60.41
N LYS J 144 -14.22 32.91 61.44
CA LYS J 144 -15.66 33.07 61.58
C LYS J 144 -16.26 33.84 60.41
N ASN J 145 -15.47 34.79 59.87
CA ASN J 145 -15.91 35.62 58.76
C ASN J 145 -16.30 34.85 57.50
N THR J 146 -17.42 35.25 56.93
CA THR J 146 -17.95 34.64 55.72
C THR J 146 -16.99 34.72 54.53
N LEU J 147 -16.09 35.71 54.51
CA LEU J 147 -15.15 35.86 53.41
C LEU J 147 -13.77 35.29 53.68
N TRP J 148 -13.62 34.61 54.81
CA TRP J 148 -12.35 34.01 55.18
C TRP J 148 -11.71 33.23 54.05
N LYS J 149 -12.52 32.45 53.32
CA LYS J 149 -12.00 31.66 52.21
C LYS J 149 -11.29 32.53 51.21
N ASP J 150 -11.79 33.75 50.98
CA ASP J 150 -11.16 34.65 50.03
C ASP J 150 -9.86 35.18 50.61
N VAL J 151 -9.86 35.46 51.91
CA VAL J 151 -8.66 35.96 52.57
C VAL J 151 -7.56 34.92 52.37
N LYS J 152 -7.84 33.67 52.72
CA LYS J 152 -6.86 32.59 52.56
C LYS J 152 -6.30 32.56 51.15
N ALA J 153 -7.20 32.66 50.17
CA ALA J 153 -6.79 32.61 48.79
C ALA J 153 -5.99 33.81 48.31
N TYR J 154 -6.50 35.01 48.58
CA TYR J 154 -5.81 36.22 48.13
C TYR J 154 -4.54 36.51 48.90
N LEU J 155 -4.65 36.54 50.22
CA LEU J 155 -3.48 36.84 51.05
C LEU J 155 -2.58 35.64 51.23
N GLY J 156 -3.17 34.52 51.66
CA GLY J 156 -2.39 33.32 51.84
C GLY J 156 -1.70 32.88 50.56
N GLY J 157 -2.44 32.87 49.44
CA GLY J 157 -1.85 32.44 48.19
C GLY J 157 -0.66 33.28 47.75
N PHE J 158 -0.84 34.59 47.80
CA PHE J 158 0.20 35.52 47.40
C PHE J 158 1.45 35.30 48.24
N GLU J 159 1.24 35.14 49.54
CA GLU J 159 2.32 34.93 50.48
C GLU J 159 2.95 33.55 50.32
N TYR J 160 2.14 32.58 49.96
CA TYR J 160 2.65 31.22 49.81
C TYR J 160 3.54 31.05 48.60
N MET J 161 3.21 31.71 47.50
CA MET J 161 4.04 31.56 46.33
C MET J 161 3.86 32.66 45.28
N GLY J 162 2.62 33.15 45.16
CA GLY J 162 2.32 34.17 44.18
C GLY J 162 3.33 35.30 44.10
N CYS J 163 3.60 35.93 45.26
CA CYS J 163 4.54 37.02 45.29
C CYS J 163 5.92 36.65 44.78
N SER J 164 6.51 35.58 45.34
CA SER J 164 7.84 35.16 44.92
C SER J 164 7.95 34.95 43.41
N LEU J 165 6.85 34.59 42.77
CA LEU J 165 6.87 34.39 41.32
C LEU J 165 6.76 35.74 40.63
N ALA J 166 5.85 36.57 41.13
CA ALA J 166 5.63 37.88 40.54
C ALA J 166 6.85 38.78 40.58
N ILE J 167 7.48 38.85 41.74
CA ILE J 167 8.66 39.69 41.89
C ILE J 167 9.66 39.51 40.74
N LEU J 168 9.72 38.30 40.17
CA LEU J 168 10.66 38.06 39.07
C LEU J 168 10.23 38.77 37.78
N ASP J 169 8.93 38.92 37.57
CA ASP J 169 8.43 39.60 36.37
C ASP J 169 8.74 41.10 36.49
N TYR J 170 8.62 41.64 37.70
CA TYR J 170 8.89 43.06 37.92
C TYR J 170 10.35 43.30 37.59
N GLN J 171 11.20 42.46 38.13
CA GLN J 171 12.63 42.57 37.91
C GLN J 171 12.94 42.65 36.41
N LYS J 172 12.37 41.76 35.61
CA LYS J 172 12.60 41.75 34.16
C LYS J 172 12.25 43.11 33.54
N MET J 173 11.05 43.61 33.83
CA MET J 173 10.62 44.86 33.24
C MET J 173 11.29 46.07 33.85
N ALA J 174 11.96 45.89 34.98
CA ALA J 174 12.60 47.03 35.61
C ALA J 174 14.06 47.16 35.19
N LYS J 175 14.66 46.05 34.80
CA LYS J 175 16.07 45.99 34.43
C LYS J 175 16.71 47.31 34.05
N GLY J 176 16.29 47.88 32.93
CA GLY J 176 16.92 49.13 32.53
C GLY J 176 16.34 50.44 33.07
N LYS J 177 15.09 50.45 33.49
CA LYS J 177 14.48 51.70 33.96
C LYS J 177 14.59 52.16 35.41
N ILE J 178 15.48 51.59 36.20
CA ILE J 178 15.61 52.04 37.60
C ILE J 178 17.09 52.12 38.01
N PRO J 179 17.40 52.69 39.19
CA PRO J 179 18.78 52.82 39.69
C PRO J 179 19.55 51.53 39.52
N LYS J 180 20.77 51.64 39.04
CA LYS J 180 21.60 50.45 38.84
C LYS J 180 22.08 49.90 40.19
N ASP J 181 22.44 48.64 40.23
CA ASP J 181 22.93 48.04 41.47
C ASP J 181 24.21 48.74 41.89
N THR J 182 24.38 48.93 43.19
CA THR J 182 25.56 49.59 43.70
C THR J 182 26.08 48.87 44.94
N THR J 183 27.31 48.40 44.87
CA THR J 183 27.92 47.70 46.00
C THR J 183 28.35 48.63 47.13
N PRO J 184 28.01 48.25 48.36
CA PRO J 184 28.37 49.08 49.51
C PRO J 184 29.79 48.87 50.03
N THR J 185 30.14 49.70 51.00
CA THR J 185 31.43 49.67 51.67
C THR J 185 31.06 49.28 53.09
N VAL J 186 31.75 48.31 53.66
CA VAL J 186 31.43 47.90 55.01
C VAL J 186 32.61 48.07 55.95
N LYS J 187 32.31 48.40 57.21
CA LYS J 187 33.31 48.58 58.25
C LYS J 187 32.60 48.30 59.57
N VAL J 188 33.24 47.50 60.42
CA VAL J 188 32.66 47.17 61.73
C VAL J 188 33.50 47.88 62.78
N THR J 189 32.87 48.67 63.64
CA THR J 189 33.63 49.39 64.67
C THR J 189 33.31 48.90 66.07
N GLY J 190 34.34 48.88 66.91
CA GLY J 190 34.16 48.43 68.27
C GLY J 190 34.20 49.56 69.28
N ASN J 191 33.21 50.44 69.22
CA ASN J 191 33.12 51.58 70.14
C ASN J 191 32.74 51.02 71.51
N GLU J 192 32.34 51.90 72.42
CA GLU J 192 31.92 51.47 73.77
C GLU J 192 31.06 52.52 74.47
N LEU J 193 29.78 52.21 74.58
CA LEU J 193 28.78 53.11 75.19
C LEU J 193 28.87 53.34 76.70
N GLU J 194 30.09 53.38 77.22
CA GLU J 194 30.35 53.66 78.65
C GLU J 194 29.81 52.71 79.72
N ASP J 195 28.52 52.74 80.01
CA ASP J 195 27.95 51.88 81.05
C ASP J 195 28.16 50.39 80.75
N GLY J 196 27.96 50.00 79.49
CA GLY J 196 28.15 48.62 79.10
C GLY J 196 29.59 48.37 78.66
N ASN J 197 30.01 47.12 78.68
CA ASN J 197 31.38 46.79 78.30
C ASN J 197 31.74 47.19 76.86
N MET J 198 31.33 46.39 75.88
CA MET J 198 31.66 46.71 74.49
C MET J 198 30.45 46.83 73.56
N THR J 199 30.61 47.60 72.48
CA THR J 199 29.55 47.80 71.49
C THR J 199 30.10 47.66 70.07
N LEU J 200 29.40 46.88 69.24
CA LEU J 200 29.84 46.68 67.86
C LEU J 200 28.91 47.40 66.91
N GLU J 201 29.50 48.07 65.92
CA GLU J 201 28.73 48.83 64.95
C GLU J 201 29.10 48.48 63.53
N CYS J 202 28.18 47.86 62.82
CA CYS J 202 28.39 47.48 61.43
C CYS J 202 27.78 48.58 60.59
N THR J 203 28.59 49.20 59.74
CA THR J 203 28.04 50.25 58.89
C THR J 203 28.25 49.92 57.42
N VAL J 204 27.15 49.95 56.68
CA VAL J 204 27.17 49.64 55.25
C VAL J 204 26.93 50.95 54.51
N ASN J 205 27.87 51.32 53.66
CA ASN J 205 27.78 52.58 52.94
C ASN J 205 27.39 52.57 51.48
N SER J 206 26.39 53.41 51.19
CA SER J 206 25.81 53.59 49.87
C SER J 206 25.73 52.36 48.97
N PHE J 207 24.60 51.66 49.09
CA PHE J 207 24.29 50.45 48.31
C PHE J 207 22.98 50.74 47.58
N TYR J 208 22.76 50.23 46.37
CA TYR J 208 21.48 50.59 45.77
C TYR J 208 20.25 49.85 46.21
N PRO J 209 20.00 48.65 45.65
CA PRO J 209 18.74 48.06 46.14
C PRO J 209 18.76 48.28 47.66
N PRO J 210 17.84 49.13 48.14
CA PRO J 210 17.69 49.51 49.55
C PRO J 210 17.50 48.43 50.59
N ASP J 211 17.17 47.21 50.15
CA ASP J 211 16.98 46.12 51.09
C ASP J 211 18.33 45.56 51.52
N VAL J 212 18.56 45.56 52.82
CA VAL J 212 19.79 45.03 53.38
C VAL J 212 19.45 44.34 54.67
N ILE J 213 20.09 43.21 54.91
CA ILE J 213 19.86 42.50 56.15
C ILE J 213 21.21 42.16 56.72
N THR J 214 21.26 42.19 58.05
CA THR J 214 22.50 41.95 58.75
C THR J 214 22.35 40.87 59.80
N LYS J 215 23.34 39.99 59.89
CA LYS J 215 23.36 38.93 60.88
C LYS J 215 24.63 38.97 61.69
N TRP J 216 24.49 38.92 63.02
CA TRP J 216 25.64 38.91 63.92
C TRP J 216 25.85 37.48 64.40
N ILE J 217 27.00 36.91 64.06
CA ILE J 217 27.33 35.54 64.43
C ILE J 217 28.69 35.46 65.14
N GLU J 218 28.74 34.71 66.23
CA GLU J 218 29.99 34.56 66.96
C GLU J 218 31.04 33.97 66.01
N SER J 219 32.23 34.58 65.99
CA SER J 219 33.30 34.13 65.09
C SER J 219 33.72 32.67 65.20
N GLU J 220 33.50 32.05 66.37
CA GLU J 220 33.87 30.65 66.56
C GLU J 220 33.22 29.77 65.49
N HIS J 221 31.97 30.10 65.14
CA HIS J 221 31.21 29.36 64.15
C HIS J 221 31.77 29.38 62.74
N PHE J 222 32.79 30.20 62.50
CA PHE J 222 33.36 30.23 61.16
C PHE J 222 34.63 29.40 61.08
N LYS J 223 34.87 28.60 62.12
CA LYS J 223 36.03 27.72 62.19
C LYS J 223 37.22 28.17 61.36
N GLY J 224 37.66 29.41 61.56
CA GLY J 224 38.82 29.89 60.82
C GLY J 224 38.60 30.49 59.44
N GLU J 225 37.60 30.01 58.71
CA GLU J 225 37.33 30.56 57.38
C GLU J 225 36.14 31.50 57.46
N TYR J 226 36.38 32.78 57.13
CA TYR J 226 35.33 33.79 57.18
C TYR J 226 34.50 33.97 55.92
N LYS J 227 33.75 32.91 55.59
CA LYS J 227 32.86 32.87 54.45
C LYS J 227 31.55 32.27 54.98
N TYR J 228 30.42 32.85 54.57
CA TYR J 228 29.12 32.36 54.99
C TYR J 228 28.68 31.29 54.01
N VAL J 229 28.65 30.05 54.45
CA VAL J 229 28.27 28.94 53.56
C VAL J 229 26.74 28.85 53.44
N ASN J 230 26.25 28.96 52.20
CA ASN J 230 24.83 28.94 51.95
C ASN J 230 23.98 28.02 52.81
N GLY J 231 23.93 26.73 52.49
CA GLY J 231 23.06 25.88 53.31
C GLY J 231 23.48 25.56 54.74
N ARG J 232 24.60 26.10 55.21
CA ARG J 232 25.07 25.78 56.55
C ARG J 232 24.25 26.44 57.64
N TYR J 233 24.17 25.77 58.78
CA TYR J 233 23.45 26.29 59.93
C TYR J 233 24.33 27.22 60.78
N TYR J 234 23.74 28.29 61.29
CA TYR J 234 24.49 29.24 62.14
C TYR J 234 23.64 29.84 63.25
N PRO J 235 24.07 29.72 64.52
CA PRO J 235 23.28 30.32 65.60
C PRO J 235 23.46 31.81 65.33
N GLU J 236 22.49 32.66 65.57
CA GLU J 236 22.74 34.05 65.18
C GLU J 236 22.47 35.30 66.01
N TRP J 237 22.34 35.20 67.33
CA TRP J 237 22.12 36.44 68.08
C TRP J 237 20.94 37.27 67.54
N GLY J 238 19.72 36.78 67.71
CA GLY J 238 18.57 37.50 67.20
C GLY J 238 18.36 38.87 67.81
N ARG J 239 17.71 39.76 67.07
CA ARG J 239 17.40 41.10 67.55
C ARG J 239 16.02 41.02 68.20
N LYS J 240 15.63 42.07 68.93
CA LYS J 240 14.33 42.06 69.59
C LYS J 240 13.38 43.08 68.94
N SER J 241 12.29 42.58 68.35
CA SER J 241 11.30 43.43 67.69
C SER J 241 10.03 42.65 67.44
N ASN J 242 8.90 43.34 67.30
CA ASN J 242 7.65 42.64 67.04
C ASN J 242 7.62 42.16 65.60
N TYR J 243 8.48 42.75 64.79
CA TYR J 243 8.58 42.40 63.39
C TYR J 243 9.74 41.44 63.21
N GLU J 244 9.68 40.63 62.15
CA GLU J 244 10.74 39.68 61.83
C GLU J 244 11.53 40.30 60.68
N PRO J 245 12.87 40.19 60.70
CA PRO J 245 13.63 40.79 59.60
C PRO J 245 13.07 40.31 58.26
N GLY J 246 12.91 41.25 57.33
CA GLY J 246 12.32 40.91 56.05
C GLY J 246 11.02 41.68 55.89
N GLU J 247 10.25 41.79 56.99
CA GLU J 247 9.01 42.54 56.96
C GLU J 247 9.39 44.01 56.93
N PRO J 248 8.71 44.84 56.11
CA PRO J 248 9.09 46.25 56.08
C PRO J 248 9.06 46.94 57.44
N GLY J 249 8.34 46.36 58.39
CA GLY J 249 8.26 46.94 59.72
C GLY J 249 9.51 46.77 60.57
N PHE J 250 10.46 45.95 60.16
CA PHE J 250 11.67 45.74 60.94
C PHE J 250 12.54 47.00 60.96
N PRO J 251 12.94 47.46 62.18
CA PRO J 251 13.76 48.65 62.40
C PRO J 251 15.19 48.53 61.90
N TRP J 252 15.49 49.13 60.75
CA TRP J 252 16.84 49.12 60.21
C TRP J 252 17.21 50.60 60.12
N ASN J 253 18.36 50.97 60.64
CA ASN J 253 18.78 52.36 60.57
C ASN J 253 19.31 52.70 59.18
N ILE J 254 18.38 52.84 58.24
CA ILE J 254 18.73 53.16 56.87
C ILE J 254 18.29 54.58 56.54
N LYS J 255 19.10 55.28 55.76
CA LYS J 255 18.78 56.63 55.35
C LYS J 255 19.27 56.75 53.94
N LYS J 256 18.50 57.41 53.07
CA LYS J 256 18.92 57.58 51.69
C LYS J 256 19.99 58.64 51.77
N ASP J 257 21.24 58.28 51.51
CA ASP J 257 22.30 59.27 51.62
C ASP J 257 22.19 60.40 50.61
N LYS J 258 22.90 61.48 50.93
CA LYS J 258 22.98 62.71 50.11
C LYS J 258 22.65 62.53 48.64
N ASP J 259 22.16 63.59 48.03
CA ASP J 259 21.78 63.59 46.62
C ASP J 259 22.31 62.44 45.79
N ALA J 260 21.60 61.31 45.85
CA ALA J 260 21.96 60.10 45.13
C ALA J 260 20.85 59.07 45.23
N ASN J 261 20.98 57.99 44.47
CA ASN J 261 19.97 56.93 44.47
C ASN J 261 20.29 55.87 45.49
N THR J 262 21.51 55.91 46.01
CA THR J 262 21.99 54.94 46.96
C THR J 262 21.54 55.17 48.43
N TYR J 263 21.68 54.14 49.26
CA TYR J 263 21.29 54.20 50.68
C TYR J 263 22.43 53.76 51.60
N SER J 264 22.33 54.11 52.88
CA SER J 264 23.34 53.76 53.87
C SER J 264 22.68 53.21 55.13
N LEU J 265 23.40 52.32 55.81
CA LEU J 265 22.88 51.66 57.01
C LEU J 265 23.89 51.59 58.15
N THR J 266 23.38 51.60 59.38
CA THR J 266 24.20 51.51 60.56
C THR J 266 23.54 50.58 61.55
N ASP J 267 24.17 49.43 61.81
CA ASP J 267 23.57 48.48 62.75
C ASP J 267 24.47 48.33 63.98
N LEU J 268 23.89 48.56 65.15
CA LEU J 268 24.63 48.48 66.41
C LEU J 268 24.29 47.20 67.20
N VAL J 269 25.23 46.75 68.03
CA VAL J 269 25.02 45.54 68.84
C VAL J 269 25.67 45.64 70.21
N ARG J 270 24.93 45.24 71.24
CA ARG J 270 25.39 45.27 72.62
C ARG J 270 26.25 44.04 72.89
N THR J 271 27.57 44.20 72.86
CA THR J 271 28.48 43.07 73.11
C THR J 271 28.49 42.64 74.56
N THR J 272 27.35 42.14 75.07
CA THR J 272 27.28 41.70 76.45
C THR J 272 28.21 40.50 76.63
N SER J 273 28.61 40.24 77.87
CA SER J 273 29.54 39.15 78.15
C SER J 273 28.91 37.75 78.05
N LYS J 274 27.62 37.69 77.73
CA LYS J 274 26.92 36.42 77.60
C LYS J 274 27.59 35.52 76.56
N MET J 275 28.02 36.12 75.47
CA MET J 275 28.67 35.40 74.38
C MET J 275 30.01 34.78 74.76
N SER J 276 30.80 34.45 73.74
CA SER J 276 32.11 33.85 73.97
C SER J 276 32.97 33.77 72.71
N SER J 277 32.80 34.72 71.79
CA SER J 277 33.58 34.73 70.55
C SER J 277 33.59 36.09 69.86
N GLN J 278 32.78 37.02 70.35
CA GLN J 278 32.69 38.33 69.74
C GLN J 278 32.10 38.16 68.34
N PRO J 279 30.87 38.66 68.15
CA PRO J 279 30.24 38.52 66.84
C PRO J 279 31.02 39.17 65.71
N VAL J 280 30.72 38.67 64.52
CA VAL J 280 31.29 39.16 63.28
C VAL J 280 30.04 39.60 62.50
N CYS J 281 30.16 40.62 61.66
CA CYS J 281 29.00 41.09 60.93
C CYS J 281 28.86 40.45 59.56
N VAL J 282 27.71 39.80 59.32
CA VAL J 282 27.44 39.19 58.01
C VAL J 282 26.39 40.05 57.29
N VAL J 283 26.77 40.59 56.14
CA VAL J 283 25.91 41.48 55.38
C VAL J 283 25.27 40.82 54.16
N PHE J 284 23.94 40.81 54.11
CA PHE J 284 23.22 40.24 52.99
C PHE J 284 22.67 41.34 52.09
N HIS J 285 23.13 41.37 50.85
CA HIS J 285 22.69 42.37 49.88
C HIS J 285 22.78 41.79 48.47
N ASP J 286 22.07 42.38 47.51
CA ASP J 286 22.09 41.88 46.14
C ASP J 286 23.51 41.79 45.60
N THR J 287 24.29 42.84 45.77
CA THR J 287 25.68 42.82 45.35
C THR J 287 26.30 42.05 46.51
N LEU J 288 27.31 41.22 46.27
CA LEU J 288 27.90 40.40 47.35
C LEU J 288 26.85 39.56 48.09
N GLU J 289 26.40 38.47 47.49
CA GLU J 289 25.37 37.59 48.08
C GLU J 289 25.35 37.56 49.61
N ALA J 290 26.53 37.43 50.22
CA ALA J 290 26.65 37.41 51.67
C ALA J 290 28.11 37.45 52.07
N GLN J 291 28.56 38.59 52.58
CA GLN J 291 29.95 38.75 53.01
C GLN J 291 30.09 38.89 54.51
N VAL J 292 31.23 38.43 55.03
CA VAL J 292 31.50 38.53 56.47
C VAL J 292 32.50 39.65 56.74
N TYR J 293 32.29 40.39 57.82
CA TYR J 293 33.16 41.51 58.20
C TYR J 293 33.48 41.46 59.68
N THR J 294 34.74 41.72 60.04
CA THR J 294 35.17 41.64 61.42
C THR J 294 35.70 42.90 62.11
N CYS J 295 36.50 42.63 63.14
CA CYS J 295 37.21 43.58 64.02
C CYS J 295 36.44 44.54 64.93
N SER J 296 36.98 44.71 66.12
CA SER J 296 36.43 45.59 67.15
C SER J 296 37.54 46.52 67.63
N GLU J 297 37.41 47.01 68.87
CA GLU J 297 38.38 47.94 69.43
C GLU J 297 38.27 49.22 68.62
N GLY J 298 37.90 49.06 67.36
CA GLY J 298 37.75 50.17 66.44
C GLY J 298 38.41 49.75 65.16
N CYS J 299 38.70 48.46 65.05
CA CYS J 299 39.36 47.90 63.88
C CYS J 299 40.70 48.56 63.67
N ILE K 1 43.15 -8.91 37.12
CA ILE K 1 44.26 -7.94 37.03
C ILE K 1 44.65 -7.38 38.39
N THR K 2 45.88 -6.89 38.46
CA THR K 2 46.44 -6.38 39.70
C THR K 2 47.30 -5.14 39.54
N LEU K 3 47.23 -4.24 40.52
CA LEU K 3 48.08 -3.04 40.54
C LEU K 3 48.66 -2.93 41.96
N LYS K 4 49.98 -3.04 42.06
CA LYS K 4 50.64 -2.99 43.36
C LYS K 4 51.74 -1.95 43.48
N TYR K 5 51.70 -1.16 44.55
CA TYR K 5 52.71 -0.12 44.84
C TYR K 5 53.47 -0.56 46.10
N ASN K 6 54.80 -0.57 46.03
CA ASN K 6 55.63 -0.99 47.14
C ASN K 6 56.72 0.05 47.42
N TYR K 7 56.65 0.69 48.58
CA TYR K 7 57.64 1.68 48.98
C TYR K 7 58.44 1.05 50.09
N THR K 8 59.76 1.06 49.98
CA THR K 8 60.59 0.46 51.03
C THR K 8 61.85 1.22 51.41
N VAL K 9 62.02 1.52 52.69
CA VAL K 9 63.25 2.18 53.16
C VAL K 9 63.95 1.15 54.05
N THR K 10 65.25 1.00 53.88
CA THR K 10 66.03 0.03 54.64
C THR K 10 67.21 0.69 55.33
N LEU K 11 67.62 0.14 56.47
CA LEU K 11 68.77 0.67 57.19
C LEU K 11 70.07 0.17 56.56
N LYS K 12 69.93 -0.74 55.60
CA LYS K 12 71.09 -1.30 54.90
C LYS K 12 72.13 -1.68 55.94
N ASP K 13 73.38 -1.87 55.51
CA ASP K 13 74.45 -2.21 56.45
C ASP K 13 74.52 -1.12 57.52
N ASP K 14 75.64 -0.41 57.58
CA ASP K 14 75.76 0.65 58.56
C ASP K 14 75.81 2.04 57.96
N GLY K 15 74.85 2.86 58.37
CA GLY K 15 74.79 4.21 57.89
C GLY K 15 73.43 4.79 57.45
N LEU K 16 73.37 5.06 56.14
CA LEU K 16 72.21 5.64 55.50
C LEU K 16 71.00 4.73 55.38
N TYR K 17 69.89 5.33 54.97
CA TYR K 17 68.65 4.61 54.77
C TYR K 17 68.39 4.57 53.28
N ASP K 18 68.29 3.39 52.70
CA ASP K 18 68.00 3.31 51.27
C ASP K 18 66.50 3.35 51.04
N GLY K 19 66.09 3.80 49.86
CA GLY K 19 64.68 3.85 49.54
C GLY K 19 64.41 3.36 48.12
N VAL K 20 63.40 2.52 47.96
CA VAL K 20 63.02 2.03 46.64
C VAL K 20 61.51 2.01 46.52
N PHE K 21 61.04 2.08 45.29
CA PHE K 21 59.64 2.04 45.00
C PHE K 21 59.42 1.17 43.76
N TYR K 22 58.39 0.33 43.79
CA TYR K 22 58.09 -0.52 42.64
C TYR K 22 56.62 -0.40 42.30
N ASP K 23 56.34 -0.31 41.00
CA ASP K 23 54.98 -0.21 40.50
C ASP K 23 54.82 -1.47 39.64
N HIS K 24 53.93 -2.36 40.06
CA HIS K 24 53.71 -3.61 39.32
C HIS K 24 52.27 -3.76 38.86
N TYR K 25 52.10 -3.98 37.55
CA TYR K 25 50.78 -4.23 36.98
C TYR K 25 50.85 -5.75 36.76
N ASN K 26 50.02 -6.52 37.44
CA ASN K 26 50.09 -7.98 37.32
C ASN K 26 51.51 -8.26 37.74
N ASP K 27 52.21 -9.13 37.01
CA ASP K 27 53.59 -9.43 37.36
C ASP K 27 54.58 -8.60 36.52
N GLN K 28 54.07 -7.55 35.88
CA GLN K 28 54.88 -6.67 35.05
C GLN K 28 55.41 -5.42 35.77
N LEU K 29 56.73 -5.28 35.84
CA LEU K 29 57.30 -4.08 36.45
C LEU K 29 56.98 -2.89 35.55
N VAL K 30 56.45 -1.82 36.16
CA VAL K 30 56.09 -0.62 35.40
C VAL K 30 57.02 0.52 35.71
N THR K 31 57.38 0.66 36.97
CA THR K 31 58.26 1.72 37.41
C THR K 31 59.12 1.34 38.59
N LYS K 32 60.37 1.78 38.58
CA LYS K 32 61.25 1.56 39.70
C LYS K 32 61.86 2.91 40.03
N ILE K 33 61.89 3.24 41.31
CA ILE K 33 62.45 4.50 41.74
C ILE K 33 63.31 4.23 42.97
N SER K 34 64.45 4.90 43.04
CA SER K 34 65.32 4.71 44.20
C SER K 34 65.84 6.06 44.67
N TYR K 35 66.13 6.14 45.97
CA TYR K 35 66.61 7.36 46.56
C TYR K 35 68.09 7.58 46.25
N ASN K 36 68.38 8.69 45.60
CA ASN K 36 69.75 9.07 45.23
C ASN K 36 70.40 9.80 46.42
N HIS K 37 71.43 9.19 47.02
CA HIS K 37 72.09 9.79 48.18
C HIS K 37 72.88 11.05 47.88
N GLU K 38 73.38 11.15 46.65
CA GLU K 38 74.17 12.30 46.24
C GLU K 38 73.22 13.49 46.11
N THR K 39 72.17 13.31 45.30
CA THR K 39 71.17 14.34 45.05
C THR K 39 70.15 14.57 46.17
N ARG K 40 69.86 13.53 46.95
CA ARG K 40 68.92 13.63 48.05
C ARG K 40 67.45 13.65 47.63
N HIS K 41 67.15 12.97 46.52
CA HIS K 41 65.77 12.84 46.05
C HIS K 41 65.69 11.57 45.20
N GLY K 42 64.50 11.16 44.83
CA GLY K 42 64.38 9.93 44.04
C GLY K 42 64.66 10.06 42.56
N ASN K 43 64.96 8.93 41.90
CA ASN K 43 65.23 8.92 40.47
C ASN K 43 64.50 7.72 39.87
N VAL K 44 63.94 7.89 38.68
CA VAL K 44 63.28 6.79 38.04
C VAL K 44 64.36 5.96 37.38
N ASN K 45 64.49 4.70 37.79
CA ASN K 45 65.52 3.83 37.22
C ASN K 45 64.94 3.02 36.09
N PHE K 46 63.66 2.71 36.17
CA PHE K 46 63.03 1.91 35.16
C PHE K 46 61.61 2.38 34.84
N ARG K 47 61.23 2.25 33.58
CA ARG K 47 59.90 2.62 33.15
C ARG K 47 59.55 1.72 31.99
N ALA K 48 58.50 0.93 32.16
CA ALA K 48 58.07 0.05 31.08
C ALA K 48 57.78 0.86 29.83
N ASP K 49 58.22 0.35 28.68
CA ASP K 49 58.03 1.01 27.39
C ASP K 49 56.56 1.21 27.00
N TRP K 50 55.67 0.34 27.47
CA TRP K 50 54.26 0.42 27.12
C TRP K 50 53.41 1.35 27.96
N PHE K 51 53.99 1.87 29.04
CA PHE K 51 53.25 2.74 29.95
C PHE K 51 53.54 4.22 29.74
N ASN K 52 52.57 4.93 29.16
CA ASN K 52 52.71 6.38 28.97
C ASN K 52 52.04 6.97 30.21
N ILE K 53 52.85 7.37 31.19
CA ILE K 53 52.29 7.93 32.43
C ILE K 53 51.36 9.12 32.24
N SER K 54 51.39 9.74 31.06
CA SER K 54 50.52 10.88 30.80
C SER K 54 49.10 10.41 30.52
N ARG K 55 48.98 9.15 30.13
CA ARG K 55 47.68 8.59 29.86
C ARG K 55 47.08 7.92 31.09
N SER K 56 47.71 8.13 32.25
CA SER K 56 47.21 7.54 33.49
C SER K 56 47.06 8.60 34.57
N PRO K 57 46.07 9.49 34.39
CA PRO K 57 45.72 10.61 35.28
C PRO K 57 45.68 10.27 36.75
N HIS K 58 45.36 9.02 37.07
CA HIS K 58 45.24 8.61 38.45
C HIS K 58 46.44 7.94 39.08
N THR K 59 47.55 7.95 38.35
CA THR K 59 48.79 7.43 38.91
C THR K 59 49.35 8.67 39.59
N PRO K 60 49.67 8.57 40.89
CA PRO K 60 50.22 9.69 41.66
C PRO K 60 51.34 10.50 40.97
N GLY K 61 51.31 11.82 41.13
CA GLY K 61 52.32 12.68 40.54
C GLY K 61 53.55 12.79 41.42
N ASN K 62 54.55 13.55 40.98
CA ASN K 62 55.79 13.71 41.74
C ASN K 62 56.43 12.35 41.89
N ASP K 63 56.52 11.61 40.79
CA ASP K 63 57.10 10.28 40.84
C ASP K 63 56.51 9.56 42.02
N TYR K 64 55.20 9.36 41.97
CA TYR K 64 54.45 8.65 43.03
C TYR K 64 54.67 9.20 44.43
N ASN K 65 54.82 10.51 44.54
CA ASN K 65 55.05 11.12 45.85
C ASN K 65 56.20 10.43 46.58
N PHE K 66 57.22 10.00 45.81
CA PHE K 66 58.33 9.29 46.39
C PHE K 66 59.09 10.07 47.46
N ASN K 67 59.50 11.30 47.15
CA ASN K 67 60.24 12.07 48.14
C ASN K 67 59.43 12.17 49.42
N PHE K 68 58.14 12.41 49.29
CA PHE K 68 57.29 12.51 50.46
C PHE K 68 57.35 11.25 51.30
N TRP K 69 57.06 10.11 50.69
CA TRP K 69 57.06 8.84 51.40
C TRP K 69 58.43 8.43 51.94
N TYR K 70 59.46 8.52 51.09
CA TYR K 70 60.79 8.15 51.53
C TYR K 70 61.10 8.85 52.85
N SER K 71 60.96 10.16 52.83
CA SER K 71 61.23 10.97 54.00
C SER K 71 60.39 10.62 55.24
N LEU K 72 59.08 10.51 55.05
CA LEU K 72 58.19 10.20 56.15
C LEU K 72 58.39 8.78 56.65
N MET K 73 58.76 7.88 55.75
CA MET K 73 59.00 6.50 56.16
C MET K 73 60.32 6.43 56.87
N LYS K 74 61.28 7.22 56.42
CA LYS K 74 62.58 7.23 57.05
C LYS K 74 62.37 7.65 58.49
N GLU K 75 61.55 8.69 58.68
CA GLU K 75 61.25 9.21 60.02
C GLU K 75 60.60 8.11 60.88
N THR K 76 59.63 7.43 60.30
CA THR K 76 58.91 6.37 60.99
C THR K 76 59.82 5.22 61.38
N LEU K 77 60.74 4.86 60.50
CA LEU K 77 61.65 3.76 60.80
C LEU K 77 62.55 4.13 61.97
N GLU K 78 63.03 5.37 62.00
CA GLU K 78 63.90 5.84 63.08
C GLU K 78 63.19 5.75 64.43
N GLU K 79 61.96 6.25 64.49
CA GLU K 79 61.17 6.20 65.72
C GLU K 79 60.94 4.76 66.14
N ILE K 80 60.57 3.91 65.19
CA ILE K 80 60.34 2.50 65.46
C ILE K 80 61.56 1.83 66.08
N ASN K 81 62.76 2.24 65.65
CA ASN K 81 63.98 1.63 66.17
C ASN K 81 64.43 2.11 67.54
N LYS K 82 63.80 3.15 68.08
CA LYS K 82 64.18 3.62 69.41
C LYS K 82 63.80 2.62 70.51
N ASN K 83 62.60 2.05 70.44
CA ASN K 83 62.20 1.03 71.41
C ASN K 83 62.90 -0.22 70.87
N ASP K 84 64.01 -0.57 71.49
CA ASP K 84 64.82 -1.71 71.05
C ASP K 84 64.08 -3.05 70.92
N SER K 85 62.81 -3.09 71.31
CA SER K 85 62.03 -4.33 71.19
C SER K 85 61.26 -4.34 69.87
N THR K 86 61.48 -3.32 69.05
CA THR K 86 60.82 -3.22 67.75
C THR K 86 61.83 -3.09 66.62
N LYS K 87 63.02 -2.60 66.96
CA LYS K 87 64.11 -2.42 66.00
C LYS K 87 63.96 -3.31 64.77
N THR K 88 63.94 -2.68 63.59
CA THR K 88 63.79 -3.41 62.35
C THR K 88 64.75 -2.93 61.27
N THR K 89 65.06 -3.83 60.35
CA THR K 89 65.95 -3.55 59.22
C THR K 89 65.30 -2.58 58.24
N SER K 90 64.03 -2.81 57.92
CA SER K 90 63.32 -1.99 56.96
C SER K 90 61.84 -1.81 57.25
N LEU K 91 61.24 -0.92 56.45
CA LEU K 91 59.82 -0.60 56.56
C LEU K 91 59.24 -0.55 55.14
N SER K 92 58.02 -1.06 54.97
CA SER K 92 57.39 -1.04 53.66
C SER K 92 55.94 -0.55 53.67
N LEU K 93 55.59 0.21 52.64
CA LEU K 93 54.23 0.69 52.49
C LEU K 93 53.65 -0.07 51.29
N ILE K 94 52.75 -1.01 51.56
CA ILE K 94 52.13 -1.79 50.50
C ILE K 94 50.73 -1.30 50.24
N THR K 95 50.47 -0.84 49.02
CA THR K 95 49.14 -0.35 48.70
C THR K 95 48.85 -0.71 47.25
N GLY K 96 47.58 -0.95 46.93
CA GLY K 96 47.21 -1.31 45.57
C GLY K 96 45.80 -1.85 45.52
N CYS K 97 45.40 -2.37 44.37
CA CYS K 97 44.04 -2.90 44.23
C CYS K 97 44.01 -4.10 43.30
N TYR K 98 42.83 -4.68 43.14
CA TYR K 98 42.69 -5.86 42.28
C TYR K 98 41.28 -6.06 41.76
N GLU K 99 41.21 -6.75 40.63
CA GLU K 99 39.96 -7.12 39.98
C GLU K 99 40.21 -8.57 39.57
N THR K 100 40.06 -9.47 40.54
CA THR K 100 40.26 -10.91 40.34
C THR K 100 38.90 -11.54 40.07
N GLY K 101 38.57 -11.74 38.80
CA GLY K 101 37.27 -12.31 38.48
C GLY K 101 36.18 -11.36 38.98
N LEU K 102 35.22 -11.90 39.72
CA LEU K 102 34.13 -11.08 40.27
C LEU K 102 34.58 -10.27 41.47
N LEU K 103 35.56 -10.78 42.20
CA LEU K 103 36.07 -10.08 43.37
C LEU K 103 36.85 -8.82 43.02
N PHE K 104 36.83 -7.84 43.90
CA PHE K 104 37.57 -6.59 43.68
C PHE K 104 37.72 -5.85 45.00
N GLY K 105 38.87 -5.21 45.19
CA GLY K 105 39.11 -4.47 46.41
C GLY K 105 40.41 -3.71 46.36
N SER K 106 40.75 -3.01 47.44
CA SER K 106 41.97 -2.24 47.49
C SER K 106 42.58 -2.41 48.86
N TYR K 107 43.86 -2.09 49.01
CA TYR K 107 44.52 -2.24 50.30
C TYR K 107 45.61 -1.20 50.51
N GLY K 108 46.04 -1.07 51.75
CA GLY K 108 47.09 -0.13 52.08
C GLY K 108 47.53 -0.45 53.48
N TYR K 109 48.68 -1.07 53.61
CA TYR K 109 49.18 -1.41 54.93
C TYR K 109 50.68 -1.22 55.02
N VAL K 110 51.17 -1.21 56.26
CA VAL K 110 52.59 -1.03 56.52
C VAL K 110 53.14 -2.29 57.17
N GLU K 111 54.16 -2.88 56.56
CA GLU K 111 54.78 -4.06 57.13
C GLU K 111 56.25 -3.79 57.45
N THR K 112 56.77 -4.62 58.34
CA THR K 112 58.14 -4.52 58.82
C THR K 112 58.88 -5.78 58.42
N ALA K 113 60.20 -5.75 58.54
CA ALA K 113 60.98 -6.94 58.20
C ALA K 113 60.54 -8.08 59.12
N ASN K 114 59.94 -7.74 60.26
CA ASN K 114 59.47 -8.71 61.23
C ASN K 114 58.05 -9.18 60.93
N GLY K 115 57.38 -8.53 59.99
CA GLY K 115 56.03 -8.92 59.64
C GLY K 115 55.02 -7.79 59.60
N PRO K 116 53.78 -8.06 59.17
CA PRO K 116 52.73 -7.03 59.08
C PRO K 116 52.65 -6.20 60.35
N LEU K 117 52.46 -4.90 60.17
CA LEU K 117 52.37 -3.98 61.28
C LEU K 117 50.97 -3.37 61.41
N ALA K 118 50.61 -2.45 60.52
CA ALA K 118 49.29 -1.80 60.56
C ALA K 118 48.63 -1.67 59.20
N ARG K 119 47.31 -1.78 59.21
CA ARG K 119 46.48 -1.69 58.00
C ARG K 119 45.66 -0.39 58.05
N TYR K 120 45.60 0.32 56.92
CA TYR K 120 44.85 1.56 56.87
C TYR K 120 43.40 1.35 56.45
N HIS K 121 42.45 1.79 57.28
CA HIS K 121 41.04 1.63 56.95
C HIS K 121 40.41 2.89 56.43
N THR K 122 39.95 2.79 55.19
CA THR K 122 39.28 3.88 54.50
C THR K 122 38.11 4.45 55.31
N GLY K 123 37.36 3.56 55.98
CA GLY K 123 36.24 4.00 56.79
C GLY K 123 36.63 4.85 57.99
N ASP K 124 37.38 4.26 58.91
CA ASP K 124 37.80 4.95 60.13
C ASP K 124 38.82 6.05 59.89
N LYS K 125 39.46 6.05 58.72
CA LYS K 125 40.47 7.05 58.39
C LYS K 125 41.61 7.03 59.42
N ARG K 126 42.11 5.83 59.69
CA ARG K 126 43.19 5.63 60.65
C ARG K 126 43.77 4.22 60.45
N PHE K 127 44.92 3.94 61.07
CA PHE K 127 45.54 2.62 60.96
C PHE K 127 45.03 1.69 62.04
N THR K 128 45.04 0.40 61.75
CA THR K 128 44.57 -0.59 62.70
C THR K 128 45.53 -1.75 62.75
N LYS K 129 45.82 -2.23 63.95
CA LYS K 129 46.73 -3.36 64.16
C LYS K 129 46.41 -4.54 63.23
N MET K 130 47.45 -5.19 62.73
CA MET K 130 47.30 -6.35 61.87
C MET K 130 47.66 -7.60 62.66
N THR K 131 48.20 -7.38 63.84
CA THR K 131 48.63 -8.46 64.72
C THR K 131 48.19 -8.13 66.15
N HIS K 132 48.09 -9.15 66.99
CA HIS K 132 47.71 -8.96 68.39
C HIS K 132 48.73 -8.02 69.03
N LYS K 133 49.97 -8.16 68.59
CA LYS K 133 51.11 -7.38 69.08
C LYS K 133 50.89 -5.86 69.11
N GLY K 134 50.08 -5.37 68.18
CA GLY K 134 49.82 -3.93 68.12
C GLY K 134 50.89 -3.25 67.32
N PHE K 135 50.83 -1.92 67.21
CA PHE K 135 51.84 -1.18 66.47
C PHE K 135 52.16 0.15 67.13
N PRO K 136 53.44 0.56 67.12
CA PRO K 136 53.86 1.82 67.73
C PRO K 136 53.28 3.05 67.04
N LYS K 137 52.59 3.89 67.80
CA LYS K 137 51.99 5.09 67.22
C LYS K 137 53.04 6.18 67.07
N VAL K 138 53.83 6.06 66.01
CA VAL K 138 54.89 7.00 65.69
C VAL K 138 54.91 7.26 64.20
N GLY K 139 55.65 8.30 63.80
CA GLY K 139 55.75 8.64 62.39
C GLY K 139 54.46 8.74 61.63
N MET K 140 54.42 8.09 60.47
CA MET K 140 53.26 8.11 59.60
C MET K 140 52.11 7.28 60.17
N LEU K 141 52.31 6.69 61.33
CA LEU K 141 51.28 5.85 61.91
C LEU K 141 50.34 6.50 62.94
N THR K 142 50.56 7.77 63.29
CA THR K 142 49.67 8.43 64.25
C THR K 142 49.08 9.70 63.72
N VAL K 143 47.89 10.03 64.21
CA VAL K 143 47.22 11.24 63.79
C VAL K 143 48.00 12.41 64.37
N LYS K 144 48.79 12.12 65.41
CA LYS K 144 49.61 13.12 66.08
C LYS K 144 50.59 13.79 65.12
N ASN K 145 51.05 13.02 64.13
CA ASN K 145 52.02 13.51 63.15
C ASN K 145 51.55 14.71 62.34
N THR K 146 52.44 15.67 62.20
CA THR K 146 52.15 16.89 61.47
C THR K 146 51.77 16.64 60.01
N LEU K 147 52.24 15.55 59.44
CA LEU K 147 51.95 15.23 58.05
C LEU K 147 50.80 14.25 57.84
N TRP K 148 50.11 13.91 58.92
CA TRP K 148 48.98 13.00 58.85
C TRP K 148 48.01 13.35 57.73
N LYS K 149 47.67 14.63 57.59
CA LYS K 149 46.74 15.07 56.54
C LYS K 149 47.22 14.60 55.16
N ASP K 150 48.53 14.60 54.93
CA ASP K 150 49.04 14.15 53.64
C ASP K 150 48.91 12.64 53.52
N VAL K 151 49.10 11.93 54.64
CA VAL K 151 48.99 10.49 54.62
C VAL K 151 47.57 10.13 54.20
N LYS K 152 46.58 10.73 54.88
CA LYS K 152 45.17 10.49 54.57
C LYS K 152 44.89 10.72 53.09
N ALA K 153 45.41 11.82 52.56
CA ALA K 153 45.19 12.16 51.18
C ALA K 153 45.89 11.24 50.18
N TYR K 154 47.19 11.02 50.39
CA TYR K 154 47.95 10.18 49.47
C TYR K 154 47.61 8.71 49.58
N LEU K 155 47.67 8.17 50.79
CA LEU K 155 47.40 6.76 50.99
C LEU K 155 45.91 6.47 51.02
N GLY K 156 45.18 7.21 51.84
CA GLY K 156 43.76 7.01 51.94
C GLY K 156 43.05 7.24 50.61
N GLY K 157 43.40 8.33 49.94
CA GLY K 157 42.75 8.62 48.67
C GLY K 157 42.96 7.55 47.62
N PHE K 158 44.20 7.11 47.49
CA PHE K 158 44.54 6.08 46.52
C PHE K 158 43.77 4.81 46.79
N GLU K 159 43.69 4.44 48.06
CA GLU K 159 43.00 3.24 48.49
C GLU K 159 41.48 3.42 48.38
N TYR K 160 40.98 4.63 48.60
CA TYR K 160 39.56 4.85 48.53
C TYR K 160 39.00 4.76 47.12
N MET K 161 39.76 5.22 46.14
CA MET K 161 39.25 5.19 44.77
C MET K 161 40.32 5.37 43.71
N GLY K 162 41.33 6.19 44.03
CA GLY K 162 42.39 6.44 43.09
C GLY K 162 42.90 5.23 42.37
N CYS K 163 43.30 4.23 43.14
CA CYS K 163 43.84 3.02 42.56
C CYS K 163 42.88 2.32 41.62
N SER K 164 41.66 2.05 42.10
CA SER K 164 40.67 1.38 41.26
C SER K 164 40.44 2.08 39.93
N LEU K 165 40.65 3.40 39.88
CA LEU K 165 40.49 4.13 38.63
C LEU K 165 41.76 3.99 37.76
N ALA K 166 42.90 4.08 38.41
CA ALA K 166 44.16 3.98 37.71
C ALA K 166 44.36 2.62 37.06
N ILE K 167 44.11 1.56 37.82
CA ILE K 167 44.32 0.21 37.30
C ILE K 167 43.70 0.03 35.91
N LEU K 168 42.62 0.75 35.62
CA LEU K 168 41.97 0.64 34.32
C LEU K 168 42.81 1.27 33.20
N ASP K 169 43.57 2.32 33.52
CA ASP K 169 44.42 2.96 32.52
C ASP K 169 45.59 2.05 32.19
N TYR K 170 46.11 1.35 33.20
CA TYR K 170 47.23 0.43 32.99
C TYR K 170 46.78 -0.66 32.05
N GLN K 171 45.60 -1.22 32.34
CA GLN K 171 45.05 -2.29 31.53
C GLN K 171 44.99 -1.91 30.07
N LYS K 172 44.49 -0.71 29.77
CA LYS K 172 44.40 -0.22 28.40
C LYS K 172 45.75 -0.23 27.70
N MET K 173 46.74 0.38 28.33
CA MET K 173 48.06 0.45 27.74
C MET K 173 48.81 -0.86 27.75
N ALA K 174 48.34 -1.83 28.52
CA ALA K 174 49.05 -3.09 28.58
C ALA K 174 48.47 -4.11 27.60
N LYS K 175 47.20 -3.93 27.24
CA LYS K 175 46.49 -4.84 26.35
C LYS K 175 47.38 -5.73 25.49
N GLY K 176 48.08 -5.15 24.53
CA GLY K 176 48.90 -5.98 23.67
C GLY K 176 50.31 -6.32 24.11
N LYS K 177 50.90 -5.54 25.01
CA LYS K 177 52.28 -5.79 25.40
C LYS K 177 52.62 -6.73 26.56
N ILE K 178 51.68 -7.55 27.03
CA ILE K 178 52.01 -8.48 28.12
C ILE K 178 51.40 -9.85 27.88
N PRO K 179 51.75 -10.87 28.69
CA PRO K 179 51.22 -12.22 28.53
C PRO K 179 49.72 -12.21 28.34
N LYS K 180 49.24 -13.00 27.37
CA LYS K 180 47.80 -13.06 27.11
C LYS K 180 47.09 -13.83 28.23
N ASP K 181 45.79 -13.60 28.39
CA ASP K 181 45.03 -14.29 29.41
C ASP K 181 45.05 -15.78 29.11
N THR K 182 45.12 -16.58 30.16
CA THR K 182 45.14 -18.03 30.01
C THR K 182 44.27 -18.69 31.06
N THR K 183 43.28 -19.42 30.60
CA THR K 183 42.38 -20.10 31.51
C THR K 183 42.95 -21.36 32.13
N PRO K 184 42.78 -21.50 33.44
CA PRO K 184 43.30 -22.67 34.15
C PRO K 184 42.45 -23.93 34.09
N THR K 185 43.00 -25.00 34.62
CA THR K 185 42.36 -26.29 34.69
C THR K 185 42.19 -26.49 36.20
N VAL K 186 41.00 -26.89 36.63
CA VAL K 186 40.78 -27.08 38.05
C VAL K 186 40.35 -28.50 38.36
N LYS K 187 40.77 -28.98 39.53
CA LYS K 187 40.45 -30.33 40.00
C LYS K 187 40.50 -30.26 41.50
N VAL K 188 39.49 -30.80 42.17
CA VAL K 188 39.46 -30.80 43.63
C VAL K 188 39.69 -32.24 44.10
N THR K 189 40.68 -32.46 44.96
CA THR K 189 40.95 -33.82 45.42
C THR K 189 40.65 -34.00 46.90
N GLY K 190 40.13 -35.19 47.23
CA GLY K 190 39.81 -35.48 48.62
C GLY K 190 40.78 -36.44 49.26
N ASN K 191 42.03 -36.02 49.43
CA ASN K 191 43.05 -36.85 50.05
C ASN K 191 42.71 -36.95 51.53
N GLU K 192 43.67 -37.37 52.33
CA GLU K 192 43.46 -37.49 53.78
C GLU K 192 44.79 -37.58 54.53
N LEU K 193 45.11 -36.50 55.23
CA LEU K 193 46.34 -36.35 55.99
C LEU K 193 46.51 -37.22 57.26
N GLU K 194 45.97 -38.44 57.22
CA GLU K 194 46.09 -39.40 58.32
C GLU K 194 45.48 -39.09 59.70
N ASP K 195 46.12 -38.22 60.47
CA ASP K 195 45.62 -37.89 61.81
C ASP K 195 44.20 -37.30 61.76
N GLY K 196 43.97 -36.40 60.80
CA GLY K 196 42.66 -35.79 60.66
C GLY K 196 41.77 -36.63 59.75
N ASN K 197 40.46 -36.43 59.83
CA ASN K 197 39.54 -37.20 59.00
C ASN K 197 39.75 -36.99 57.49
N MET K 198 39.23 -35.89 56.94
CA MET K 198 39.37 -35.62 55.51
C MET K 198 40.05 -34.30 55.14
N THR K 199 40.66 -34.27 53.96
CA THR K 199 41.35 -33.07 53.49
C THR K 199 40.97 -32.79 52.04
N LEU K 200 40.65 -31.55 51.73
CA LEU K 200 40.30 -31.17 50.36
C LEU K 200 41.39 -30.32 49.74
N GLU K 201 41.72 -30.62 48.50
CA GLU K 201 42.76 -29.89 47.79
C GLU K 201 42.29 -29.40 46.43
N CYS K 202 42.20 -28.08 46.30
CA CYS K 202 41.77 -27.45 45.07
C CYS K 202 43.05 -27.05 44.34
N THR K 203 43.24 -27.55 43.13
CA THR K 203 44.44 -27.17 42.38
C THR K 203 44.06 -26.53 41.06
N VAL K 204 44.61 -25.34 40.84
CA VAL K 204 44.33 -24.58 39.64
C VAL K 204 45.60 -24.58 38.79
N ASN K 205 45.48 -25.09 37.57
CA ASN K 205 46.64 -25.23 36.71
C ASN K 205 46.83 -24.26 35.58
N SER K 206 48.02 -23.69 35.56
CA SER K 206 48.48 -22.72 34.58
C SER K 206 47.43 -21.72 34.06
N PHE K 207 47.34 -20.61 34.78
CA PHE K 207 46.44 -19.49 34.46
C PHE K 207 47.32 -18.25 34.29
N TYR K 208 46.98 -17.32 33.39
CA TYR K 208 47.90 -16.19 33.30
C TYR K 208 47.83 -15.12 34.34
N PRO K 209 46.90 -14.15 34.19
CA PRO K 209 46.96 -13.15 35.26
C PRO K 209 47.13 -13.94 36.57
N PRO K 210 48.29 -13.80 37.21
CA PRO K 210 48.68 -14.48 38.45
C PRO K 210 47.79 -14.36 39.67
N ASP K 211 46.90 -13.38 39.67
CA ASP K 211 46.01 -13.21 40.80
C ASP K 211 44.88 -14.23 40.74
N VAL K 212 44.74 -15.00 41.81
CA VAL K 212 43.68 -15.99 41.89
C VAL K 212 43.21 -16.04 43.32
N ILE K 213 41.92 -16.17 43.50
CA ILE K 213 41.38 -16.25 44.84
C ILE K 213 40.44 -17.44 44.88
N THR K 214 40.45 -18.11 46.02
CA THR K 214 39.66 -19.30 46.20
C THR K 214 38.76 -19.20 47.42
N LYS K 215 37.52 -19.65 47.26
CA LYS K 215 36.56 -19.64 48.36
C LYS K 215 35.98 -21.03 48.56
N TRP K 216 35.99 -21.51 49.80
CA TRP K 216 35.43 -22.81 50.13
C TRP K 216 34.07 -22.59 50.76
N ILE K 217 33.04 -23.11 50.10
CA ILE K 217 31.67 -22.97 50.58
C ILE K 217 30.97 -24.31 50.68
N GLU K 218 30.25 -24.56 51.78
CA GLU K 218 29.52 -25.80 51.97
C GLU K 218 28.50 -25.92 50.83
N SER K 219 28.48 -27.08 50.18
CA SER K 219 27.60 -27.32 49.04
C SER K 219 26.11 -27.09 49.28
N GLU K 220 25.68 -27.17 50.53
CA GLU K 220 24.27 -26.97 50.85
C GLU K 220 23.80 -25.61 50.34
N HIS K 221 24.66 -24.62 50.47
CA HIS K 221 24.36 -23.25 50.05
C HIS K 221 24.13 -23.06 48.57
N PHE K 222 24.39 -24.07 47.75
CA PHE K 222 24.16 -23.93 46.33
C PHE K 222 22.84 -24.52 45.90
N LYS K 223 22.02 -24.86 46.89
CA LYS K 223 20.70 -25.44 46.66
C LYS K 223 20.56 -26.20 45.34
N GLY K 224 21.43 -27.17 45.10
CA GLY K 224 21.31 -27.94 43.86
C GLY K 224 21.95 -27.38 42.60
N GLU K 225 22.02 -26.05 42.46
CA GLU K 225 22.64 -25.45 41.29
C GLU K 225 24.05 -24.95 41.63
N TYR K 226 25.07 -25.55 40.99
CA TYR K 226 26.45 -25.16 41.26
C TYR K 226 27.00 -24.01 40.43
N LYS K 227 26.43 -22.84 40.65
CA LYS K 227 26.83 -21.60 40.00
C LYS K 227 26.91 -20.57 41.11
N TYR K 228 27.95 -19.73 41.08
CA TYR K 228 28.13 -18.70 42.10
C TYR K 228 27.40 -17.46 41.61
N VAL K 229 26.31 -17.12 42.26
CA VAL K 229 25.51 -15.96 41.86
C VAL K 229 26.13 -14.68 42.38
N ASN K 230 26.47 -13.77 41.48
CA ASN K 230 27.12 -12.52 41.83
C ASN K 230 26.69 -11.87 43.14
N GLY K 231 25.57 -11.14 43.12
CA GLY K 231 25.15 -10.49 44.35
C GLY K 231 24.68 -11.33 45.53
N ARG K 232 24.67 -12.65 45.40
CA ARG K 232 24.18 -13.50 46.47
C ARG K 232 25.12 -13.64 47.65
N TYR K 233 24.55 -13.81 48.84
CA TYR K 233 25.35 -13.98 50.05
C TYR K 233 25.74 -15.44 50.24
N TYR K 234 26.96 -15.68 50.74
CA TYR K 234 27.44 -17.04 50.98
C TYR K 234 28.36 -17.14 52.19
N PRO K 235 28.03 -17.98 53.18
CA PRO K 235 28.92 -18.12 54.35
C PRO K 235 30.16 -18.76 53.71
N GLU K 236 31.38 -18.46 54.17
CA GLU K 236 32.49 -19.05 53.45
C GLU K 236 33.71 -19.74 54.04
N TRP K 237 33.67 -20.21 55.28
CA TRP K 237 34.86 -20.90 55.79
C TRP K 237 36.13 -20.08 55.60
N GLY K 238 36.28 -18.99 56.36
CA GLY K 238 37.45 -18.16 56.22
C GLY K 238 38.75 -18.85 56.58
N ARG K 239 39.85 -18.37 56.01
CA ARG K 239 41.18 -18.92 56.29
C ARG K 239 41.75 -18.11 57.45
N LYS K 240 42.85 -18.57 58.04
CA LYS K 240 43.45 -17.86 59.16
C LYS K 240 44.80 -17.24 58.76
N SER K 241 44.87 -15.90 58.78
CA SER K 241 46.08 -15.19 58.42
C SER K 241 45.99 -13.74 58.89
N ASN K 242 47.13 -13.08 59.06
CA ASN K 242 47.12 -11.69 59.49
C ASN K 242 46.74 -10.81 58.32
N TYR K 243 46.86 -11.37 57.13
CA TYR K 243 46.52 -10.67 55.91
C TYR K 243 45.12 -11.08 55.47
N GLU K 244 44.46 -10.20 54.72
CA GLU K 244 43.12 -10.49 54.20
C GLU K 244 43.33 -10.86 52.73
N PRO K 245 42.58 -11.87 52.22
CA PRO K 245 42.77 -12.22 50.80
C PRO K 245 42.62 -10.97 49.95
N GLY K 246 43.54 -10.81 48.99
CA GLY K 246 43.54 -9.63 48.15
C GLY K 246 44.83 -8.87 48.37
N GLU K 247 45.26 -8.79 49.63
CA GLU K 247 46.52 -8.11 49.97
C GLU K 247 47.65 -9.01 49.50
N PRO K 248 48.68 -8.45 48.87
CA PRO K 248 49.75 -9.34 48.41
C PRO K 248 50.35 -10.24 49.50
N GLY K 249 50.17 -9.86 50.76
CA GLY K 249 50.72 -10.66 51.83
C GLY K 249 49.98 -11.96 52.14
N PHE K 250 48.82 -12.17 51.52
CA PHE K 250 48.06 -13.39 51.77
C PHE K 250 48.78 -14.61 51.19
N PRO K 251 48.97 -15.66 52.00
CA PRO K 251 49.65 -16.91 51.63
C PRO K 251 48.89 -17.76 50.63
N TRP K 252 49.28 -17.70 49.38
CA TRP K 252 48.64 -18.52 48.36
C TRP K 252 49.76 -19.39 47.83
N ASN K 253 49.53 -20.69 47.73
CA ASN K 253 50.56 -21.58 47.22
C ASN K 253 50.64 -21.49 45.70
N ILE K 254 51.20 -20.39 45.21
CA ILE K 254 51.33 -20.19 43.77
C ILE K 254 52.78 -20.28 43.38
N LYS K 255 53.05 -20.88 42.21
CA LYS K 255 54.41 -21.00 41.70
C LYS K 255 54.29 -20.77 40.21
N LYS K 256 55.25 -20.05 39.63
CA LYS K 256 55.20 -19.83 38.19
C LYS K 256 55.65 -21.16 37.61
N ASP K 257 54.74 -21.86 36.95
CA ASP K 257 55.13 -23.15 36.41
C ASP K 257 56.18 -23.09 35.32
N LYS K 258 56.80 -24.24 35.07
CA LYS K 258 57.86 -24.45 34.08
C LYS K 258 57.88 -23.44 32.94
N ASP K 259 59.06 -23.23 32.36
CA ASP K 259 59.25 -22.28 31.27
C ASP K 259 57.99 -21.83 30.55
N ALA K 260 57.33 -20.82 31.12
CA ALA K 260 56.11 -20.28 30.56
C ALA K 260 55.72 -19.00 31.32
N ASN K 261 54.70 -18.32 30.83
CA ASN K 261 54.23 -17.09 31.47
C ASN K 261 53.14 -17.36 32.47
N THR K 262 52.62 -18.56 32.43
CA THR K 262 51.52 -18.96 33.29
C THR K 262 51.91 -19.36 34.71
N TYR K 263 50.92 -19.46 35.60
CA TYR K 263 51.13 -19.81 37.01
C TYR K 263 50.20 -20.94 37.44
N SER K 264 50.54 -21.57 38.57
CA SER K 264 49.74 -22.67 39.12
C SER K 264 49.57 -22.49 40.61
N LEU K 265 48.45 -22.99 41.11
CA LEU K 265 48.10 -22.87 42.52
C LEU K 265 47.55 -24.15 43.14
N THR K 266 47.78 -24.30 44.44
CA THR K 266 47.30 -25.46 45.18
C THR K 266 46.76 -24.98 46.52
N ASP K 267 45.47 -25.13 46.75
CA ASP K 267 44.89 -24.70 48.01
C ASP K 267 44.32 -25.88 48.77
N LEU K 268 44.79 -26.06 50.01
CA LEU K 268 44.35 -27.19 50.83
C LEU K 268 43.37 -26.75 51.92
N VAL K 269 42.51 -27.68 52.36
CA VAL K 269 41.53 -27.37 53.41
C VAL K 269 41.31 -28.55 54.36
N ARG K 270 41.28 -28.25 55.65
CA ARG K 270 41.08 -29.26 56.70
C ARG K 270 39.58 -29.54 56.85
N THR K 271 39.12 -30.62 56.25
CA THR K 271 37.69 -30.99 56.33
C THR K 271 37.28 -31.47 57.71
N THR K 272 37.38 -30.59 58.71
CA THR K 272 36.99 -30.98 60.07
C THR K 272 35.50 -31.28 60.08
N SER K 273 35.06 -32.06 61.07
CA SER K 273 33.66 -32.45 61.19
C SER K 273 32.73 -31.32 61.63
N LYS K 274 33.29 -30.14 61.87
CA LYS K 274 32.50 -29.00 62.31
C LYS K 274 31.40 -28.68 61.31
N MET K 275 31.74 -28.77 60.02
CA MET K 275 30.81 -28.48 58.94
C MET K 275 29.63 -29.45 58.85
N SER K 276 28.98 -29.46 57.70
CA SER K 276 27.82 -30.34 57.49
C SER K 276 27.36 -30.39 56.02
N SER K 277 28.31 -30.27 55.09
CA SER K 277 27.96 -30.30 53.67
C SER K 277 29.16 -30.57 52.77
N GLN K 278 30.35 -30.54 53.35
CA GLN K 278 31.57 -30.74 52.57
C GLN K 278 31.70 -29.57 51.61
N PRO K 279 32.72 -28.73 51.82
CA PRO K 279 32.90 -27.58 50.95
C PRO K 279 33.12 -27.94 49.51
N VAL K 280 32.83 -26.96 48.66
CA VAL K 280 33.02 -27.06 47.24
C VAL K 280 34.00 -25.92 46.96
N CYS K 281 34.85 -26.05 45.96
CA CYS K 281 35.82 -25.00 45.69
C CYS K 281 35.34 -24.01 44.65
N VAL K 282 35.31 -22.72 45.03
CA VAL K 282 34.91 -21.66 44.10
C VAL K 282 36.18 -20.89 43.72
N VAL K 283 36.49 -20.89 42.43
CA VAL K 283 37.70 -20.23 41.93
C VAL K 283 37.42 -18.90 41.23
N PHE K 284 38.05 -17.83 41.73
CA PHE K 284 37.89 -16.51 41.13
C PHE K 284 39.12 -16.14 40.33
N HIS K 285 38.93 -15.90 39.04
CA HIS K 285 40.03 -15.55 38.15
C HIS K 285 39.49 -14.73 36.97
N ASP K 286 40.34 -13.99 36.31
CA ASP K 286 39.91 -13.16 35.17
C ASP K 286 39.18 -14.00 34.13
N THR K 287 39.75 -15.14 33.75
CA THR K 287 39.08 -16.03 32.82
C THR K 287 38.09 -16.71 33.77
N LEU K 288 36.90 -17.05 33.30
CA LEU K 288 35.89 -17.66 34.19
C LEU K 288 35.63 -16.82 35.43
N GLU K 289 34.87 -15.72 35.30
CA GLU K 289 34.56 -14.82 36.43
C GLU K 289 34.53 -15.49 37.82
N ALA K 290 33.86 -16.65 37.90
CA ALA K 290 33.78 -17.39 39.15
C ALA K 290 33.15 -18.75 38.90
N GLN K 291 33.95 -19.80 38.94
CA GLN K 291 33.43 -21.16 38.72
C GLN K 291 33.48 -22.02 39.96
N VAL K 292 32.53 -22.95 40.07
CA VAL K 292 32.47 -23.84 41.22
C VAL K 292 32.99 -25.22 40.82
N TYR K 293 33.72 -25.87 41.73
CA TYR K 293 34.28 -27.19 41.47
C TYR K 293 34.08 -28.09 42.67
N THR K 294 33.70 -29.35 42.41
CA THR K 294 33.40 -30.29 43.48
C THR K 294 34.27 -31.54 43.63
N CYS K 295 33.65 -32.54 44.27
CA CYS K 295 34.14 -33.89 44.58
C CYS K 295 35.35 -34.11 45.50
N SER K 296 35.23 -35.16 46.30
CA SER K 296 36.25 -35.56 47.25
C SER K 296 36.55 -37.05 47.05
N GLU K 297 37.04 -37.71 48.09
CA GLU K 297 37.39 -39.12 48.00
C GLU K 297 38.59 -39.21 47.07
N GLY K 298 38.64 -38.29 46.13
CA GLY K 298 39.70 -38.22 45.15
C GLY K 298 39.03 -37.99 43.81
N CYS K 299 37.77 -37.60 43.88
CA CYS K 299 36.97 -37.35 42.68
C CYS K 299 36.93 -38.58 41.81
N ILE L 1 -14.31 -3.45 27.38
CA ILE L 1 -13.98 -4.64 26.55
C ILE L 1 -13.76 -5.88 27.39
N THR L 2 -13.88 -7.04 26.74
CA THR L 2 -13.75 -8.32 27.41
C THR L 2 -13.05 -9.40 26.60
N LEU L 3 -12.29 -10.25 27.30
CA LEU L 3 -11.60 -11.38 26.67
C LEU L 3 -11.87 -12.59 27.57
N LYS L 4 -12.57 -13.58 27.02
CA LYS L 4 -12.90 -14.77 27.80
C LYS L 4 -12.50 -16.08 27.13
N TYR L 5 -11.87 -16.96 27.90
CA TYR L 5 -11.44 -18.28 27.46
C TYR L 5 -12.25 -19.32 28.24
N ASN L 6 -12.85 -20.26 27.51
CA ASN L 6 -13.68 -21.29 28.12
C ASN L 6 -13.26 -22.67 27.62
N TYR L 7 -12.74 -23.49 28.54
CA TYR L 7 -12.35 -24.86 28.20
C TYR L 7 -13.35 -25.78 28.88
N THR L 8 -13.94 -26.71 28.14
CA THR L 8 -14.91 -27.61 28.73
C THR L 8 -14.85 -29.07 28.25
N VAL L 9 -14.74 -30.00 29.20
CA VAL L 9 -14.76 -31.42 28.86
C VAL L 9 -16.05 -31.97 29.47
N THR L 10 -16.76 -32.77 28.69
CA THR L 10 -18.02 -33.33 29.16
C THR L 10 -18.04 -34.85 29.03
N LEU L 11 -18.78 -35.52 29.91
CA LEU L 11 -18.88 -36.96 29.85
C LEU L 11 -19.87 -37.38 28.77
N LYS L 12 -20.56 -36.40 28.21
CA LYS L 12 -21.54 -36.67 27.16
C LYS L 12 -22.43 -37.82 27.60
N ASP L 13 -23.14 -38.44 26.66
CA ASP L 13 -23.99 -39.57 26.99
C ASP L 13 -23.13 -40.66 27.63
N ASP L 14 -23.04 -41.81 27.00
CA ASP L 14 -22.23 -42.86 27.55
C ASP L 14 -20.97 -43.14 26.75
N GLY L 15 -19.82 -42.98 27.41
CA GLY L 15 -18.56 -43.24 26.75
C GLY L 15 -17.42 -42.27 26.93
N LEU L 16 -17.07 -41.66 25.80
CA LEU L 16 -15.96 -40.71 25.71
C LEU L 16 -16.21 -39.38 26.40
N TYR L 17 -15.14 -38.60 26.50
CA TYR L 17 -15.21 -37.27 27.09
C TYR L 17 -15.01 -36.28 25.96
N ASP L 18 -15.98 -35.40 25.74
CA ASP L 18 -15.85 -34.40 24.70
C ASP L 18 -15.11 -33.18 25.23
N GLY L 19 -14.47 -32.44 24.34
CA GLY L 19 -13.76 -31.25 24.76
C GLY L 19 -13.94 -30.12 23.78
N VAL L 20 -14.23 -28.93 24.31
CA VAL L 20 -14.38 -27.74 23.48
C VAL L 20 -13.71 -26.57 24.14
N PHE L 21 -13.36 -25.60 23.31
CA PHE L 21 -12.71 -24.38 23.76
C PHE L 21 -13.29 -23.21 22.98
N TYR L 22 -13.60 -22.13 23.68
CA TYR L 22 -14.12 -20.94 23.04
C TYR L 22 -13.32 -19.73 23.45
N ASP L 23 -13.02 -18.88 22.46
CA ASP L 23 -12.28 -17.64 22.66
C ASP L 23 -13.27 -16.53 22.28
N HIS L 24 -13.67 -15.73 23.26
CA HIS L 24 -14.62 -14.64 23.01
C HIS L 24 -14.07 -13.26 23.35
N TYR L 25 -14.11 -12.36 22.37
CA TYR L 25 -13.70 -10.98 22.58
C TYR L 25 -15.06 -10.27 22.65
N ASN L 26 -15.40 -9.70 23.80
CA ASN L 26 -16.72 -9.08 23.95
C ASN L 26 -17.67 -10.23 23.67
N ASP L 27 -18.69 -10.01 22.86
CA ASP L 27 -19.61 -11.09 22.54
C ASP L 27 -19.28 -11.72 21.19
N GLN L 28 -18.08 -11.44 20.68
CA GLN L 28 -17.63 -11.98 19.39
C GLN L 28 -16.81 -13.26 19.48
N LEU L 29 -17.29 -14.33 18.85
CA LEU L 29 -16.54 -15.58 18.86
C LEU L 29 -15.27 -15.37 18.03
N VAL L 30 -14.12 -15.74 18.58
CA VAL L 30 -12.87 -15.58 17.88
C VAL L 30 -12.30 -16.93 17.44
N THR L 31 -12.41 -17.92 18.32
CA THR L 31 -11.89 -19.24 18.04
C THR L 31 -12.69 -20.34 18.73
N LYS L 32 -12.88 -21.44 18.00
CA LYS L 32 -13.56 -22.59 18.56
C LYS L 32 -12.66 -23.78 18.27
N ILE L 33 -12.45 -24.59 19.30
CA ILE L 33 -11.63 -25.79 19.16
C ILE L 33 -12.34 -26.95 19.83
N SER L 34 -12.30 -28.11 19.19
CA SER L 34 -12.93 -29.30 19.77
C SER L 34 -12.01 -30.51 19.62
N TYR L 35 -12.16 -31.43 20.56
CA TYR L 35 -11.35 -32.63 20.59
C TYR L 35 -11.80 -33.64 19.54
N ASN L 36 -10.90 -33.99 18.64
CA ASN L 36 -11.17 -34.96 17.58
C ASN L 36 -10.89 -36.36 18.11
N HIS L 37 -11.93 -37.17 18.26
CA HIS L 37 -11.78 -38.52 18.78
C HIS L 37 -11.02 -39.49 17.88
N GLU L 38 -11.10 -39.25 16.58
CA GLU L 38 -10.43 -40.09 15.61
C GLU L 38 -8.92 -39.82 15.74
N THR L 39 -8.56 -38.55 15.60
CA THR L 39 -7.17 -38.11 15.67
C THR L 39 -6.55 -38.06 17.07
N ARG L 40 -7.39 -37.82 18.07
CA ARG L 40 -6.93 -37.75 19.46
C ARG L 40 -6.23 -36.45 19.83
N HIS L 41 -6.62 -35.36 19.18
CA HIS L 41 -6.06 -34.04 19.47
C HIS L 41 -7.10 -32.99 19.02
N GLY L 42 -6.89 -31.73 19.38
CA GLY L 42 -7.87 -30.72 19.02
C GLY L 42 -7.79 -30.21 17.59
N ASN L 43 -8.88 -29.62 17.12
CA ASN L 43 -8.94 -29.03 15.77
C ASN L 43 -9.63 -27.69 15.86
N VAL L 44 -9.14 -26.71 15.11
CA VAL L 44 -9.77 -25.41 15.12
C VAL L 44 -10.96 -25.51 14.18
N ASN L 45 -12.16 -25.31 14.71
CA ASN L 45 -13.37 -25.39 13.90
C ASN L 45 -13.76 -24.03 13.39
N PHE L 46 -13.45 -23.00 14.17
CA PHE L 46 -13.80 -21.65 13.78
C PHE L 46 -12.72 -20.64 14.12
N ARG L 47 -12.58 -19.65 13.25
CA ARG L 47 -11.61 -18.59 13.46
C ARG L 47 -12.16 -17.33 12.82
N ALA L 48 -12.39 -16.30 13.64
CA ALA L 48 -12.90 -15.04 13.13
C ALA L 48 -11.97 -14.50 12.03
N ASP L 49 -12.57 -14.03 10.95
CA ASP L 49 -11.82 -13.48 9.82
C ASP L 49 -10.95 -12.27 10.16
N TRP L 50 -11.34 -11.49 11.16
CA TRP L 50 -10.59 -10.30 11.55
C TRP L 50 -9.42 -10.52 12.50
N PHE L 51 -9.31 -11.73 13.03
CA PHE L 51 -8.25 -12.04 13.99
C PHE L 51 -7.05 -12.76 13.39
N ASN L 52 -5.94 -12.04 13.23
CA ASN L 52 -4.72 -12.65 12.70
C ASN L 52 -3.96 -13.04 13.97
N ILE L 53 -4.03 -14.32 14.33
CA ILE L 53 -3.36 -14.80 15.53
C ILE L 53 -1.87 -14.52 15.61
N SER L 54 -1.25 -14.20 14.46
CA SER L 54 0.17 -13.89 14.44
C SER L 54 0.43 -12.50 15.00
N ARG L 55 -0.60 -11.66 14.99
CA ARG L 55 -0.47 -10.31 15.52
C ARG L 55 -0.86 -10.25 16.98
N SER L 56 -1.05 -11.40 17.60
CA SER L 56 -1.41 -11.46 19.02
C SER L 56 -0.46 -12.37 19.79
N PRO L 57 0.78 -11.92 19.96
CA PRO L 57 1.88 -12.60 20.65
C PRO L 57 1.50 -13.19 22.00
N HIS L 58 0.52 -12.59 22.67
CA HIS L 58 0.15 -13.07 23.98
C HIS L 58 -1.03 -14.03 24.04
N THR L 59 -1.51 -14.46 22.89
CA THR L 59 -2.58 -15.44 22.85
C THR L 59 -1.79 -16.73 22.90
N PRO L 60 -2.09 -17.62 23.86
CA PRO L 60 -1.40 -18.90 24.02
C PRO L 60 -1.16 -19.70 22.73
N GLY L 61 0.01 -20.31 22.60
CA GLY L 61 0.33 -21.11 21.42
C GLY L 61 -0.20 -22.53 21.53
N ASN L 62 0.06 -23.36 20.52
CA ASN L 62 -0.41 -24.75 20.53
C ASN L 62 -1.92 -24.74 20.62
N ASP L 63 -2.54 -23.90 19.80
CA ASP L 63 -3.99 -23.79 19.82
C ASP L 63 -4.45 -23.67 21.27
N TYR L 64 -4.01 -22.61 21.92
CA TYR L 64 -4.37 -22.33 23.31
C TYR L 64 -4.07 -23.46 24.28
N ASN L 65 -2.97 -24.18 24.03
CA ASN L 65 -2.59 -25.30 24.90
C ASN L 65 -3.79 -26.22 25.09
N PHE L 66 -4.58 -26.40 24.02
CA PHE L 66 -5.76 -27.23 24.10
C PHE L 66 -5.51 -28.68 24.49
N ASN L 67 -4.60 -29.34 23.79
CA ASN L 67 -4.31 -30.73 24.10
C ASN L 67 -3.93 -30.86 25.57
N PHE L 68 -3.09 -29.94 26.04
CA PHE L 68 -2.68 -29.96 27.44
C PHE L 68 -3.88 -29.94 28.38
N TRP L 69 -4.71 -28.90 28.23
CA TRP L 69 -5.88 -28.74 29.09
C TRP L 69 -6.91 -29.86 28.96
N TYR L 70 -7.26 -30.21 27.72
CA TYR L 70 -8.24 -31.26 27.51
C TYR L 70 -7.86 -32.49 28.32
N SER L 71 -6.63 -32.93 28.12
CA SER L 71 -6.11 -34.08 28.81
C SER L 71 -6.10 -33.95 30.32
N LEU L 72 -5.57 -32.84 30.83
CA LEU L 72 -5.49 -32.65 32.27
C LEU L 72 -6.87 -32.46 32.89
N MET L 73 -7.79 -31.88 32.13
CA MET L 73 -9.14 -31.68 32.63
C MET L 73 -9.88 -33.01 32.60
N LYS L 74 -9.59 -33.80 31.58
CA LYS L 74 -10.21 -35.11 31.48
C LYS L 74 -9.82 -35.89 32.73
N GLU L 75 -8.53 -35.83 33.07
CA GLU L 75 -8.02 -36.52 34.25
C GLU L 75 -8.73 -36.03 35.50
N THR L 76 -8.84 -34.71 35.64
CA THR L 76 -9.49 -34.10 36.79
C THR L 76 -10.95 -34.50 36.90
N LEU L 77 -11.65 -34.57 35.77
CA LEU L 77 -13.05 -34.94 35.79
C LEU L 77 -13.22 -36.38 36.28
N GLU L 78 -12.35 -37.27 35.81
CA GLU L 78 -12.41 -38.68 36.20
C GLU L 78 -12.24 -38.82 37.72
N GLU L 79 -11.24 -38.15 38.27
CA GLU L 79 -10.98 -38.21 39.71
C GLU L 79 -12.19 -37.66 40.48
N ILE L 80 -12.72 -36.53 40.00
CA ILE L 80 -13.87 -35.91 40.64
C ILE L 80 -15.07 -36.85 40.70
N ASN L 81 -15.23 -37.69 39.68
CA ASN L 81 -16.35 -38.60 39.63
C ASN L 81 -16.22 -39.86 40.48
N LYS L 82 -15.05 -40.10 41.05
CA LYS L 82 -14.87 -41.28 41.88
C LYS L 82 -15.66 -41.16 43.18
N ASN L 83 -15.59 -40.01 43.85
CA ASN L 83 -16.37 -39.80 45.07
C ASN L 83 -17.75 -39.51 44.50
N ASP L 84 -18.64 -40.51 44.57
CA ASP L 84 -19.99 -40.39 44.02
C ASP L 84 -20.81 -39.20 44.53
N SER L 85 -20.29 -38.46 45.51
CA SER L 85 -21.02 -37.30 46.03
C SER L 85 -20.61 -36.03 45.29
N THR L 86 -19.76 -36.19 44.28
CA THR L 86 -19.27 -35.06 43.49
C THR L 86 -19.56 -35.27 42.01
N LYS L 87 -19.69 -36.53 41.61
CA LYS L 87 -19.97 -36.90 40.23
C LYS L 87 -20.62 -35.77 39.43
N THR L 88 -19.98 -35.39 38.33
CA THR L 88 -20.48 -34.31 37.49
C THR L 88 -20.45 -34.66 36.01
N THR L 89 -21.31 -33.99 35.26
CA THR L 89 -21.43 -34.16 33.82
C THR L 89 -20.21 -33.60 33.10
N SER L 90 -19.81 -32.40 33.52
CA SER L 90 -18.69 -31.72 32.88
C SER L 90 -17.86 -30.85 33.83
N LEU L 91 -16.76 -30.36 33.28
CA LEU L 91 -15.82 -29.51 33.99
C LEU L 91 -15.40 -28.37 33.06
N SER L 92 -15.31 -27.16 33.61
CA SER L 92 -14.92 -26.00 32.82
C SER L 92 -13.82 -25.14 33.45
N LEU L 93 -12.93 -24.66 32.59
CA LEU L 93 -11.85 -23.78 33.03
C LEU L 93 -12.17 -22.41 32.46
N ILE L 94 -12.60 -21.50 33.33
CA ILE L 94 -12.96 -20.15 32.88
C ILE L 94 -11.85 -19.18 33.26
N THR L 95 -11.27 -18.54 32.25
CA THR L 95 -10.20 -17.58 32.50
C THR L 95 -10.28 -16.45 31.48
N GLY L 96 -9.88 -15.25 31.89
CA GLY L 96 -9.94 -14.11 31.00
C GLY L 96 -9.77 -12.81 31.77
N CYS L 97 -9.98 -11.67 31.10
CA CYS L 97 -9.84 -10.39 31.76
C CYS L 97 -10.84 -9.38 31.24
N TYR L 98 -10.80 -8.18 31.77
CA TYR L 98 -11.73 -7.13 31.36
C TYR L 98 -11.23 -5.72 31.65
N GLU L 99 -11.74 -4.79 30.85
CA GLU L 99 -11.45 -3.38 31.00
C GLU L 99 -12.81 -2.72 30.82
N THR L 100 -13.60 -2.76 31.88
CA THR L 100 -14.95 -2.20 31.90
C THR L 100 -14.88 -0.78 32.47
N GLY L 101 -14.82 0.22 31.59
CA GLY L 101 -14.70 1.58 32.07
C GLY L 101 -13.40 1.73 32.85
N LEU L 102 -13.47 2.28 34.05
CA LEU L 102 -12.28 2.44 34.88
C LEU L 102 -11.84 1.13 35.49
N LEU L 103 -12.79 0.23 35.75
CA LEU L 103 -12.48 -1.05 36.36
C LEU L 103 -11.72 -1.97 35.41
N PHE L 104 -10.89 -2.82 36.00
CA PHE L 104 -10.10 -3.78 35.22
C PHE L 104 -9.59 -4.90 36.12
N GLY L 105 -9.54 -6.11 35.58
CA GLY L 105 -9.07 -7.25 36.35
C GLY L 105 -8.99 -8.50 35.50
N SER L 106 -8.59 -9.61 36.12
CA SER L 106 -8.49 -10.88 35.41
C SER L 106 -9.00 -12.00 36.32
N TYR L 107 -9.30 -13.14 35.74
CA TYR L 107 -9.83 -14.25 36.53
C TYR L 107 -9.44 -15.59 35.94
N GLY L 108 -9.56 -16.62 36.77
CA GLY L 108 -9.25 -17.97 36.34
C GLY L 108 -9.81 -18.90 37.39
N TYR L 109 -10.91 -19.55 37.06
CA TYR L 109 -11.52 -20.46 38.01
C TYR L 109 -12.05 -21.70 37.30
N VAL L 110 -12.35 -22.70 38.10
CA VAL L 110 -12.86 -23.97 37.61
C VAL L 110 -14.27 -24.20 38.14
N GLU L 111 -15.22 -24.37 37.24
CA GLU L 111 -16.59 -24.64 37.65
C GLU L 111 -17.04 -26.00 37.15
N THR L 112 -18.08 -26.51 37.81
CA THR L 112 -18.64 -27.81 37.53
C THR L 112 -20.08 -27.62 37.06
N ALA L 113 -20.67 -28.67 36.51
CA ALA L 113 -22.06 -28.58 36.06
C ALA L 113 -22.93 -28.26 37.28
N ASN L 114 -22.40 -28.55 38.47
CA ASN L 114 -23.10 -28.32 39.72
C ASN L 114 -22.86 -26.91 40.26
N GLY L 115 -21.92 -26.19 39.66
CA GLY L 115 -21.63 -24.83 40.11
C GLY L 115 -20.15 -24.56 40.34
N PRO L 116 -19.80 -23.31 40.65
CA PRO L 116 -18.41 -22.91 40.90
C PRO L 116 -17.69 -23.85 41.86
N LEU L 117 -16.44 -24.17 41.52
CA LEU L 117 -15.64 -25.07 42.32
C LEU L 117 -14.46 -24.38 43.01
N ALA L 118 -13.43 -24.03 42.23
CA ALA L 118 -12.25 -23.36 42.78
C ALA L 118 -11.73 -22.22 41.92
N ARG L 119 -11.23 -21.20 42.61
CA ARG L 119 -10.70 -19.99 41.98
C ARG L 119 -9.18 -19.95 42.17
N TYR L 120 -8.45 -19.61 41.11
CA TYR L 120 -6.99 -19.55 41.17
C TYR L 120 -6.49 -18.16 41.56
N HIS L 121 -5.74 -18.08 42.66
CA HIS L 121 -5.22 -16.80 43.11
C HIS L 121 -3.77 -16.58 42.73
N THR L 122 -3.55 -15.52 41.96
CA THR L 122 -2.25 -15.14 41.47
C THR L 122 -1.24 -14.93 42.61
N GLY L 123 -1.73 -14.40 43.73
CA GLY L 123 -0.88 -14.16 44.87
C GLY L 123 -0.37 -15.42 45.53
N ASP L 124 -1.28 -16.22 46.07
CA ASP L 124 -0.95 -17.46 46.76
C ASP L 124 -0.42 -18.56 45.83
N LYS L 125 -0.65 -18.42 44.53
CA LYS L 125 -0.22 -19.42 43.55
C LYS L 125 -0.83 -20.79 43.87
N ARG L 126 -2.15 -20.79 44.07
CA ARG L 126 -2.89 -22.00 44.39
C ARG L 126 -4.38 -21.74 44.21
N PHE L 127 -5.20 -22.79 44.23
CA PHE L 127 -6.64 -22.64 44.09
C PHE L 127 -7.27 -22.43 45.45
N THR L 128 -8.42 -21.76 45.45
CA THR L 128 -9.15 -21.49 46.68
C THR L 128 -10.62 -21.77 46.48
N LYS L 129 -11.24 -22.39 47.47
CA LYS L 129 -12.67 -22.70 47.41
C LYS L 129 -13.51 -21.48 47.02
N MET L 130 -14.54 -21.70 46.20
CA MET L 130 -15.44 -20.63 45.79
C MET L 130 -16.76 -20.79 46.53
N THR L 131 -16.91 -21.92 47.22
CA THR L 131 -18.10 -22.25 47.97
C THR L 131 -17.70 -22.82 49.32
N HIS L 132 -18.61 -22.77 50.29
CA HIS L 132 -18.34 -23.30 51.63
C HIS L 132 -18.01 -24.79 51.48
N LYS L 133 -18.69 -25.43 50.53
CA LYS L 133 -18.55 -26.85 50.24
C LYS L 133 -17.11 -27.32 50.07
N GLY L 134 -16.24 -26.45 49.57
CA GLY L 134 -14.85 -26.83 49.36
C GLY L 134 -14.70 -27.49 48.00
N PHE L 135 -13.49 -27.95 47.69
CA PHE L 135 -13.25 -28.61 46.41
C PHE L 135 -12.26 -29.76 46.55
N PRO L 136 -12.48 -30.86 45.83
CA PRO L 136 -11.61 -32.03 45.89
C PRO L 136 -10.20 -31.75 45.35
N LYS L 137 -9.19 -32.00 46.16
CA LYS L 137 -7.81 -31.76 45.74
C LYS L 137 -7.30 -32.92 44.87
N VAL L 138 -7.73 -32.89 43.61
CA VAL L 138 -7.36 -33.90 42.63
C VAL L 138 -7.05 -33.24 41.29
N GLY L 139 -6.47 -34.01 40.37
CA GLY L 139 -6.13 -33.50 39.05
C GLY L 139 -5.39 -32.18 39.02
N MET L 140 -5.86 -31.26 38.18
CA MET L 140 -5.26 -29.94 38.03
C MET L 140 -5.49 -29.04 39.24
N LEU L 141 -6.19 -29.54 40.26
CA LEU L 141 -6.48 -28.74 41.43
C LEU L 141 -5.54 -28.85 42.62
N THR L 142 -4.54 -29.74 42.56
CA THR L 142 -3.60 -29.88 43.68
C THR L 142 -2.16 -29.71 43.28
N VAL L 143 -1.36 -29.21 44.20
CA VAL L 143 0.05 -29.02 43.94
C VAL L 143 0.68 -30.39 43.82
N LYS L 144 -0.01 -31.39 44.36
CA LYS L 144 0.46 -32.77 44.34
C LYS L 144 0.65 -33.28 42.90
N ASN L 145 -0.18 -32.77 41.99
CA ASN L 145 -0.13 -33.18 40.59
C ASN L 145 1.19 -32.90 39.91
N THR L 146 1.65 -33.89 39.15
CA THR L 146 2.91 -33.80 38.42
C THR L 146 2.96 -32.66 37.41
N LEU L 147 1.81 -32.24 36.91
CA LEU L 147 1.76 -31.14 35.93
C LEU L 147 1.45 -29.76 36.52
N TRP L 148 1.40 -29.69 37.85
CA TRP L 148 1.11 -28.44 38.54
C TRP L 148 1.93 -27.29 38.00
N LYS L 149 3.21 -27.53 37.75
CA LYS L 149 4.08 -26.48 37.25
C LYS L 149 3.55 -25.89 35.95
N ASP L 150 2.94 -26.73 35.12
CA ASP L 150 2.39 -26.23 33.86
C ASP L 150 1.12 -25.44 34.11
N VAL L 151 0.33 -25.87 35.09
CA VAL L 151 -0.89 -25.16 35.43
C VAL L 151 -0.51 -23.74 35.85
N LYS L 152 0.42 -23.63 36.79
CA LYS L 152 0.90 -22.33 37.28
C LYS L 152 1.30 -21.45 36.12
N ALA L 153 2.08 -22.01 35.20
CA ALA L 153 2.55 -21.25 34.05
C ALA L 153 1.48 -20.86 33.04
N TYR L 154 0.67 -21.81 32.60
CA TYR L 154 -0.37 -21.53 31.62
C TYR L 154 -1.54 -20.73 32.19
N LEU L 155 -2.11 -21.18 33.30
CA LEU L 155 -3.23 -20.49 33.90
C LEU L 155 -2.78 -19.28 34.71
N GLY L 156 -1.86 -19.51 35.63
CA GLY L 156 -1.38 -18.42 36.45
C GLY L 156 -0.78 -17.30 35.63
N GLY L 157 0.07 -17.64 34.68
CA GLY L 157 0.70 -16.62 33.86
C GLY L 157 -0.28 -15.77 33.09
N PHE L 158 -1.22 -16.42 32.43
CA PHE L 158 -2.23 -15.74 31.64
C PHE L 158 -3.03 -14.78 32.53
N GLU L 159 -3.40 -15.27 33.70
CA GLU L 159 -4.16 -14.47 34.65
C GLU L 159 -3.33 -13.37 35.27
N TYR L 160 -2.03 -13.61 35.45
CA TYR L 160 -1.15 -12.62 36.05
C TYR L 160 -0.89 -11.44 35.15
N MET L 161 -0.75 -11.67 33.86
CA MET L 161 -0.47 -10.57 32.96
C MET L 161 -0.74 -10.87 31.50
N GLY L 162 -0.51 -12.11 31.10
CA GLY L 162 -0.71 -12.49 29.72
C GLY L 162 -2.01 -11.99 29.11
N CYS L 163 -3.12 -12.27 29.76
CA CYS L 163 -4.40 -11.86 29.26
C CYS L 163 -4.52 -10.35 29.06
N SER L 164 -4.21 -9.58 30.10
CA SER L 164 -4.31 -8.13 30.03
C SER L 164 -3.50 -7.54 28.88
N LEU L 165 -2.45 -8.23 28.46
CA LEU L 165 -1.65 -7.74 27.36
C LEU L 165 -2.29 -8.15 26.04
N ALA L 166 -2.77 -9.39 25.99
CA ALA L 166 -3.40 -9.91 24.79
C ALA L 166 -4.67 -9.15 24.42
N ILE L 167 -5.54 -8.93 25.39
CA ILE L 167 -6.79 -8.24 25.11
C ILE L 167 -6.59 -6.97 24.28
N LEU L 168 -5.44 -6.33 24.43
CA LEU L 168 -5.17 -5.11 23.67
C LEU L 168 -4.91 -5.41 22.19
N ASP L 169 -4.36 -6.58 21.87
CA ASP L 169 -4.13 -6.94 20.48
C ASP L 169 -5.46 -7.25 19.81
N TYR L 170 -6.37 -7.89 20.54
CA TYR L 170 -7.69 -8.23 19.99
C TYR L 170 -8.39 -6.93 19.64
N GLN L 171 -8.37 -5.99 20.57
CA GLN L 171 -9.01 -4.71 20.37
C GLN L 171 -8.54 -4.05 19.08
N LYS L 172 -7.23 -4.02 18.85
CA LYS L 172 -6.68 -3.43 17.63
C LYS L 172 -7.26 -4.05 16.38
N MET L 173 -7.22 -5.38 16.29
CA MET L 173 -7.73 -6.07 15.13
C MET L 173 -9.25 -6.09 15.04
N ALA L 174 -9.93 -5.75 16.11
CA ALA L 174 -11.38 -5.76 16.08
C ALA L 174 -11.96 -4.39 15.73
N LYS L 175 -11.21 -3.33 16.02
CA LYS L 175 -11.64 -1.97 15.78
C LYS L 175 -12.78 -1.77 14.80
N GLY L 176 -12.54 -2.04 13.52
CA GLY L 176 -13.59 -1.84 12.55
C GLY L 176 -14.58 -2.97 12.30
N LYS L 177 -14.19 -4.21 12.60
CA LYS L 177 -15.07 -5.34 12.32
C LYS L 177 -16.12 -5.82 13.33
N ILE L 178 -16.45 -5.02 14.33
CA ILE L 178 -17.48 -5.45 15.30
C ILE L 178 -18.40 -4.28 15.66
N PRO L 179 -19.51 -4.57 16.38
CA PRO L 179 -20.44 -3.51 16.77
C PRO L 179 -19.73 -2.29 17.35
N LYS L 180 -20.14 -1.09 16.93
CA LYS L 180 -19.54 0.13 17.42
C LYS L 180 -19.96 0.38 18.87
N ASP L 181 -19.17 1.16 19.59
CA ASP L 181 -19.50 1.47 20.97
C ASP L 181 -20.81 2.24 21.01
N THR L 182 -21.62 1.96 22.03
CA THR L 182 -22.90 2.64 22.17
C THR L 182 -23.16 3.01 23.62
N THR L 183 -23.32 4.31 23.85
CA THR L 183 -23.56 4.81 25.19
C THR L 183 -24.98 4.55 25.68
N PRO L 184 -25.11 4.06 26.92
CA PRO L 184 -26.42 3.77 27.50
C PRO L 184 -27.13 4.96 28.10
N THR L 185 -28.36 4.70 28.50
CA THR L 185 -29.23 5.68 29.14
C THR L 185 -29.41 5.11 30.54
N VAL L 186 -29.26 5.93 31.56
CA VAL L 186 -29.41 5.43 32.92
C VAL L 186 -30.49 6.17 33.67
N LYS L 187 -31.16 5.46 34.56
CA LYS L 187 -32.23 5.99 35.39
C LYS L 187 -32.29 5.13 36.62
N VAL L 188 -32.35 5.75 37.79
CA VAL L 188 -32.42 5.00 39.03
C VAL L 188 -33.81 5.18 39.61
N THR L 189 -34.52 4.10 39.88
CA THR L 189 -35.87 4.23 40.43
C THR L 189 -35.99 3.76 41.87
N GLY L 190 -36.81 4.46 42.63
CA GLY L 190 -37.00 4.10 44.03
C GLY L 190 -38.34 3.45 44.29
N ASN L 191 -38.55 2.26 43.73
CA ASN L 191 -39.80 1.52 43.92
C ASN L 191 -39.81 1.01 45.36
N GLU L 192 -40.70 0.08 45.66
CA GLU L 192 -40.79 -0.49 47.01
C GLU L 192 -41.52 -1.83 47.01
N LEU L 193 -40.76 -2.90 47.23
CA LEU L 193 -41.28 -4.26 47.22
C LEU L 193 -42.19 -4.68 48.39
N GLU L 194 -43.00 -3.75 48.87
CA GLU L 194 -43.97 -4.01 49.95
C GLU L 194 -43.50 -4.42 51.34
N ASP L 195 -43.06 -5.67 51.51
CA ASP L 195 -42.61 -6.13 52.82
C ASP L 195 -41.43 -5.32 53.36
N GLY L 196 -40.48 -5.00 52.49
CA GLY L 196 -39.33 -4.23 52.90
C GLY L 196 -39.59 -2.75 52.73
N ASN L 197 -38.81 -1.90 53.40
CA ASN L 197 -39.03 -0.47 53.29
C ASN L 197 -38.84 0.08 51.88
N MET L 198 -37.60 0.30 51.44
CA MET L 198 -37.36 0.84 50.11
C MET L 198 -36.49 -0.04 49.21
N THR L 199 -36.65 0.13 47.89
CA THR L 199 -35.88 -0.63 46.92
C THR L 199 -35.38 0.30 45.80
N LEU L 200 -34.11 0.17 45.46
CA LEU L 200 -33.52 1.00 44.41
C LEU L 200 -33.22 0.16 43.18
N GLU L 201 -33.57 0.70 42.01
CA GLU L 201 -33.37 0.00 40.76
C GLU L 201 -32.63 0.85 39.75
N CYS L 202 -31.41 0.43 39.43
CA CYS L 202 -30.59 1.14 38.46
C CYS L 202 -30.77 0.42 37.14
N THR L 203 -31.22 1.13 36.12
CA THR L 203 -31.40 0.48 34.83
C THR L 203 -30.58 1.20 33.76
N VAL L 204 -29.77 0.43 33.07
CA VAL L 204 -28.89 0.94 32.02
C VAL L 204 -29.44 0.44 30.69
N ASN L 205 -29.79 1.37 29.81
CA ASN L 205 -30.39 1.02 28.54
C ASN L 205 -29.53 1.07 27.29
N SER L 206 -29.58 -0.04 26.57
CA SER L 206 -28.87 -0.27 25.32
C SER L 206 -27.48 0.37 25.20
N PHE L 207 -26.48 -0.41 25.62
CA PHE L 207 -25.06 -0.04 25.58
C PHE L 207 -24.35 -1.12 24.76
N TYR L 208 -23.33 -0.79 23.97
CA TYR L 208 -22.75 -1.90 23.22
C TYR L 208 -21.81 -2.85 23.93
N PRO L 209 -20.51 -2.50 24.08
CA PRO L 209 -19.72 -3.51 24.77
C PRO L 209 -20.58 -4.00 25.94
N PRO L 210 -21.04 -5.26 25.87
CA PRO L 210 -21.89 -5.91 26.86
C PRO L 210 -21.45 -5.98 28.31
N ASP L 211 -20.17 -5.71 28.56
CA ASP L 211 -19.67 -5.72 29.93
C ASP L 211 -20.04 -4.42 30.63
N VAL L 212 -20.72 -4.55 31.75
CA VAL L 212 -21.12 -3.40 32.54
C VAL L 212 -21.04 -3.79 33.99
N ILE L 213 -20.57 -2.88 34.82
CA ILE L 213 -20.49 -3.16 36.23
C ILE L 213 -21.11 -1.99 36.96
N THR L 214 -21.76 -2.31 38.07
CA THR L 214 -22.46 -1.31 38.84
C THR L 214 -22.03 -1.33 40.31
N LYS L 215 -21.86 -0.14 40.87
CA LYS L 215 -21.47 -0.01 42.27
C LYS L 215 -22.45 0.88 43.00
N TRP L 216 -22.93 0.41 44.14
CA TRP L 216 -23.85 1.19 44.96
C TRP L 216 -23.08 1.79 46.13
N ILE L 217 -23.04 3.12 46.18
CA ILE L 217 -22.31 3.81 47.22
C ILE L 217 -23.18 4.85 47.92
N GLU L 218 -23.13 4.88 49.24
CA GLU L 218 -23.91 5.86 50.00
C GLU L 218 -23.49 7.26 49.56
N SER L 219 -24.46 8.11 49.25
CA SER L 219 -24.19 9.46 48.77
C SER L 219 -23.33 10.36 49.66
N GLU L 220 -23.28 10.05 50.96
CA GLU L 220 -22.46 10.84 51.87
C GLU L 220 -21.01 10.88 51.40
N HIS L 221 -20.54 9.75 50.88
CA HIS L 221 -19.17 9.62 50.41
C HIS L 221 -18.80 10.48 49.22
N PHE L 222 -19.78 11.14 48.62
CA PHE L 222 -19.48 12.00 47.48
C PHE L 222 -19.38 13.46 47.90
N LYS L 223 -19.33 13.70 49.21
CA LYS L 223 -19.22 15.03 49.79
C LYS L 223 -19.74 16.17 48.91
N GLY L 224 -20.97 16.05 48.43
CA GLY L 224 -21.53 17.10 47.60
C GLY L 224 -21.28 17.04 46.10
N GLU L 225 -20.13 16.53 45.68
CA GLU L 225 -19.82 16.44 44.26
C GLU L 225 -20.04 15.01 43.77
N TYR L 226 -20.98 14.83 42.84
CA TYR L 226 -21.29 13.51 42.32
C TYR L 226 -20.48 13.07 41.12
N LYS L 227 -19.18 12.87 41.36
CA LYS L 227 -18.24 12.39 40.36
C LYS L 227 -17.43 11.31 41.06
N TYR L 228 -17.18 10.22 40.35
CA TYR L 228 -16.41 9.12 40.93
C TYR L 228 -14.94 9.41 40.63
N VAL L 229 -14.16 9.71 41.67
CA VAL L 229 -12.74 10.01 41.49
C VAL L 229 -11.91 8.72 41.38
N ASN L 230 -11.23 8.57 40.24
CA ASN L 230 -10.44 7.38 39.97
C ASN L 230 -9.74 6.72 41.15
N GLY L 231 -8.61 7.26 41.57
CA GLY L 231 -7.92 6.60 42.67
C GLY L 231 -8.50 6.74 44.07
N ARG L 232 -9.66 7.36 44.21
CA ARG L 232 -10.24 7.54 45.54
C ARG L 232 -10.86 6.27 46.10
N TYR L 233 -10.82 6.14 47.42
CA TYR L 233 -11.40 4.99 48.08
C TYR L 233 -12.89 5.20 48.35
N TYR L 234 -13.69 4.13 48.21
CA TYR L 234 -15.13 4.23 48.47
C TYR L 234 -15.71 2.94 49.05
N PRO L 235 -16.37 3.03 50.22
CA PRO L 235 -16.95 1.82 50.79
C PRO L 235 -18.05 1.51 49.78
N GLU L 236 -18.38 0.26 49.50
CA GLU L 236 -19.38 0.06 48.45
C GLU L 236 -20.59 -0.87 48.50
N TRP L 237 -21.07 -1.29 49.66
CA TRP L 237 -22.26 -2.16 49.66
C TRP L 237 -22.11 -3.35 48.70
N GLY L 238 -21.25 -4.30 49.06
CA GLY L 238 -21.05 -5.46 48.20
C GLY L 238 -22.28 -6.31 48.01
N ARG L 239 -22.33 -7.02 46.88
CA ARG L 239 -23.44 -7.92 46.57
C ARG L 239 -23.05 -9.29 47.12
N LYS L 240 -23.99 -10.23 47.15
CA LYS L 240 -23.70 -11.56 47.67
C LYS L 240 -23.75 -12.60 46.55
N SER L 241 -22.61 -13.22 46.26
CA SER L 241 -22.51 -14.24 45.22
C SER L 241 -21.22 -15.02 45.39
N ASN L 242 -21.17 -16.23 44.84
CA ASN L 242 -19.96 -17.03 44.93
C ASN L 242 -18.93 -16.50 43.96
N TYR L 243 -19.42 -15.73 42.98
CA TYR L 243 -18.57 -15.12 41.99
C TYR L 243 -18.25 -13.67 42.38
N GLU L 244 -17.14 -13.15 41.90
CA GLU L 244 -16.74 -11.77 42.16
C GLU L 244 -17.06 -11.00 40.89
N PRO L 245 -17.58 -9.77 41.02
CA PRO L 245 -17.88 -9.01 39.80
C PRO L 245 -16.65 -8.97 38.89
N GLY L 246 -16.89 -9.22 37.61
CA GLY L 246 -15.79 -9.26 36.65
C GLY L 246 -15.73 -10.65 36.05
N GLU L 247 -15.95 -11.67 36.90
CA GLU L 247 -15.94 -13.06 36.45
C GLU L 247 -17.25 -13.25 35.66
N PRO L 248 -17.19 -13.94 34.50
CA PRO L 248 -18.44 -14.12 33.76
C PRO L 248 -19.56 -14.77 34.56
N GLY L 249 -19.21 -15.44 35.65
CA GLY L 249 -20.23 -16.08 36.47
C GLY L 249 -21.05 -15.15 37.34
N PHE L 250 -20.69 -13.88 37.42
CA PHE L 250 -21.43 -12.95 38.25
C PHE L 250 -22.81 -12.67 37.65
N PRO L 251 -23.87 -12.79 38.47
CA PRO L 251 -25.26 -12.55 38.06
C PRO L 251 -25.60 -11.10 37.76
N TRP L 252 -25.67 -10.76 36.47
CA TRP L 252 -26.04 -9.41 36.07
C TRP L 252 -27.29 -9.59 35.24
N ASN L 253 -28.34 -8.82 35.55
CA ASN L 253 -29.58 -8.94 34.78
C ASN L 253 -29.45 -8.21 33.44
N ILE L 254 -28.71 -8.85 32.53
CA ILE L 254 -28.49 -8.28 31.20
C ILE L 254 -29.21 -9.12 30.16
N LYS L 255 -29.79 -8.46 29.17
CA LYS L 255 -30.48 -9.14 28.10
C LYS L 255 -30.14 -8.35 26.85
N LYS L 256 -29.91 -9.05 25.74
CA LYS L 256 -29.62 -8.36 24.51
C LYS L 256 -30.96 -7.81 24.05
N ASP L 257 -31.13 -6.50 24.10
CA ASP L 257 -32.43 -5.95 23.70
C ASP L 257 -32.79 -6.18 22.23
N LYS L 258 -34.08 -6.03 21.95
CA LYS L 258 -34.68 -6.20 20.63
C LYS L 258 -33.73 -6.04 19.46
N ASP L 259 -34.05 -6.71 18.36
CA ASP L 259 -33.24 -6.67 17.14
C ASP L 259 -32.21 -5.54 17.05
N ALA L 260 -31.05 -5.77 17.69
CA ALA L 260 -29.96 -4.80 17.70
C ALA L 260 -28.71 -5.46 18.29
N ASN L 261 -27.60 -4.74 18.22
CA ASN L 261 -26.33 -5.24 18.73
C ASN L 261 -26.13 -4.85 20.19
N THR L 262 -26.94 -3.90 20.63
CA THR L 262 -26.84 -3.38 21.99
C THR L 262 -27.47 -4.27 23.08
N TYR L 263 -27.15 -3.97 24.35
CA TYR L 263 -27.66 -4.72 25.50
C TYR L 263 -28.26 -3.80 26.55
N SER L 264 -29.03 -4.37 27.47
CA SER L 264 -29.66 -3.60 28.54
C SER L 264 -29.51 -4.33 29.87
N LEU L 265 -29.49 -3.55 30.94
CA LEU L 265 -29.30 -4.11 32.27
C LEU L 265 -30.22 -3.50 33.32
N THR L 266 -30.54 -4.29 34.34
CA THR L 266 -31.38 -3.84 35.43
C THR L 266 -30.80 -4.34 36.74
N ASP L 267 -30.33 -3.43 37.59
CA ASP L 267 -29.76 -3.84 38.86
C ASP L 267 -30.60 -3.32 40.03
N LEU L 268 -31.05 -4.24 40.89
CA LEU L 268 -31.88 -3.88 42.03
C LEU L 268 -31.11 -3.93 43.34
N VAL L 269 -31.56 -3.16 44.33
CA VAL L 269 -30.90 -3.12 45.63
C VAL L 269 -31.89 -2.96 46.77
N ARG L 270 -31.70 -3.75 47.83
CA ARG L 270 -32.55 -3.72 49.01
C ARG L 270 -32.12 -2.57 49.93
N THR L 271 -32.84 -1.46 49.87
CA THR L 271 -32.51 -0.30 50.71
C THR L 271 -32.84 -0.52 52.18
N THR L 272 -32.16 -1.47 52.81
CA THR L 272 -32.41 -1.75 54.23
C THR L 272 -32.01 -0.53 55.04
N SER L 273 -32.54 -0.41 56.25
CA SER L 273 -32.25 0.73 57.10
C SER L 273 -30.85 0.71 57.73
N LYS L 274 -30.07 -0.33 57.43
CA LYS L 274 -28.71 -0.45 57.96
C LYS L 274 -27.86 0.76 57.57
N MET L 275 -28.02 1.22 56.33
CA MET L 275 -27.26 2.36 55.82
C MET L 275 -27.57 3.68 56.52
N SER L 276 -27.22 4.78 55.87
CA SER L 276 -27.46 6.11 56.42
C SER L 276 -27.21 7.23 55.43
N SER L 277 -27.47 6.99 54.14
CA SER L 277 -27.27 8.01 53.12
C SER L 277 -28.01 7.71 51.83
N GLN L 278 -28.56 6.51 51.72
CA GLN L 278 -29.27 6.10 50.51
C GLN L 278 -28.24 6.02 49.39
N PRO L 279 -27.96 4.80 48.91
CA PRO L 279 -26.99 4.64 47.84
C PRO L 279 -27.32 5.39 46.57
N VAL L 280 -26.26 5.63 45.80
CA VAL L 280 -26.35 6.30 44.52
C VAL L 280 -25.76 5.25 43.57
N CYS L 281 -26.23 5.21 42.33
CA CYS L 281 -25.73 4.21 41.41
C CYS L 281 -24.55 4.69 40.57
N VAL L 282 -23.43 3.96 40.65
CA VAL L 282 -22.24 4.29 39.86
C VAL L 282 -22.12 3.24 38.77
N VAL L 283 -22.18 3.69 37.52
CA VAL L 283 -22.12 2.79 36.37
C VAL L 283 -20.78 2.80 35.65
N PHE L 284 -20.15 1.63 35.55
CA PHE L 284 -18.88 1.51 34.86
C PHE L 284 -19.07 0.86 33.50
N HIS L 285 -18.69 1.59 32.46
CA HIS L 285 -18.82 1.10 31.09
C HIS L 285 -17.79 1.78 30.21
N ASP L 286 -17.48 1.18 29.06
CA ASP L 286 -16.49 1.76 28.14
C ASP L 286 -16.83 3.20 27.77
N THR L 287 -18.08 3.46 27.43
CA THR L 287 -18.49 4.82 27.13
C THR L 287 -18.70 5.32 28.56
N LEU L 288 -18.42 6.59 28.83
CA LEU L 288 -18.55 7.12 30.19
C LEU L 288 -17.77 6.29 31.21
N GLU L 289 -16.45 6.46 31.25
CA GLU L 289 -15.58 5.72 32.17
C GLU L 289 -16.23 5.32 33.49
N ALA L 290 -16.96 6.24 34.11
CA ALA L 290 -17.64 5.96 35.36
C ALA L 290 -18.52 7.13 35.75
N GLN L 291 -19.84 6.97 35.60
CA GLN L 291 -20.78 8.04 35.94
C GLN L 291 -21.65 7.69 37.14
N VAL L 292 -22.04 8.72 37.88
CA VAL L 292 -22.88 8.53 39.05
C VAL L 292 -24.33 8.94 38.72
N TYR L 293 -25.29 8.19 39.25
CA TYR L 293 -26.70 8.46 39.03
C TYR L 293 -27.47 8.37 40.34
N THR L 294 -28.40 9.31 40.56
CA THR L 294 -29.16 9.36 41.80
C THR L 294 -30.68 9.18 41.75
N CYS L 295 -31.31 9.71 42.80
CA CYS L 295 -32.75 9.75 43.08
C CYS L 295 -33.55 8.46 43.30
N SER L 296 -34.47 8.57 44.26
CA SER L 296 -35.36 7.48 44.64
C SER L 296 -36.80 7.98 44.62
N GLU L 297 -37.68 7.35 45.39
CA GLU L 297 -39.09 7.74 45.42
C GLU L 297 -39.67 7.39 44.06
N GLY L 298 -38.81 7.45 43.05
CA GLY L 298 -39.18 7.15 41.69
C GLY L 298 -38.58 8.25 40.83
N CYS L 299 -37.66 8.99 41.44
CA CYS L 299 -36.99 10.10 40.77
C CYS L 299 -38.03 11.10 40.30
#